data_9C29
#
_entry.id   9C29
#
loop_
_entity.id
_entity.type
_entity.pdbx_description
1 polymer Integrase
2 polymer "DNA (5'-D(*AP*CP*TP*GP*CP*TP*AP*GP*AP*GP*AP*TP*TP*TP*TP*CP*CP*CP*G)-3')"
3 polymer "DNA (5'-D(P*CP*GP*GP*GP*AP*AP*AP*AP*TP*CP*TP*CP*TP*AP*GP*CP*A)-3')"
4 non-polymer 'MAGNESIUM ION'
#
loop_
_entity_poly.entity_id
_entity_poly.type
_entity_poly.pdbx_seq_one_letter_code
_entity_poly.pdbx_strand_id
1 'polypeptide(L)'
;FLDGIDKAQEEHEKYHSNWRAMASDFNLPPVVAKEIVASCDKCQLKGEAMHGQVDCSPGIWQLDCTHLEGKVILVAVHVA
SGYIEAEVIPAETGQETAYFLLKLAGRWPVKTVHTDNGSNFTSTTVKAACWWAGIKQEFGIPYNPQSQGVIESMNKELKK
IIGQVRDQAEHLKTAVQMAVFIHNFKRKGGIGGYSAGERIVDIIATDIQTKELQKQITKIQNFRVYYRDSRDPVWKGPAK
LLWKGEGAVVIQDNSDIKVVPRRKAKIIRDYGKQMAGDDCVASRQDED
;
A,B,C,D,E,F,G,H,I,J,K,L,M,N,O,P
2 'polydeoxyribonucleotide' (DA)(DC)(DT)(DG)(DC)(DT)(DA)(DG)(DA)(DG)(DA)(DT)(DT)(DT)(DT)(DC)(DC)(DC)(DG) Q,S
3 'polydeoxyribonucleotide' (DC)(DG)(DG)(DG)(DA)(DA)(DA)(DA)(DT)(DC)(DT)(DC)(DT)(DA)(DG)(DC)(DA) R,T
#
# COMPACT_ATOMS: atom_id res chain seq x y z
N PHE A 1 -10.58 -6.28 38.73
CA PHE A 1 -11.41 -5.98 37.57
C PHE A 1 -12.75 -6.69 37.66
N LEU A 2 -12.90 -7.52 38.70
CA LEU A 2 -14.10 -8.35 38.82
C LEU A 2 -15.38 -7.53 38.73
N ASP A 3 -15.40 -6.36 39.36
CA ASP A 3 -16.56 -5.47 39.25
C ASP A 3 -16.76 -5.01 37.81
N GLY A 4 -15.68 -4.55 37.16
CA GLY A 4 -15.83 -3.93 35.86
C GLY A 4 -16.21 -4.90 34.76
N ILE A 5 -15.86 -6.17 34.93
CA ILE A 5 -16.17 -7.16 33.89
C ILE A 5 -17.68 -7.32 33.74
N ASP A 6 -18.40 -7.37 34.86
CA ASP A 6 -19.84 -7.58 34.80
C ASP A 6 -20.54 -6.37 34.18
N LYS A 7 -20.03 -5.17 34.44
CA LYS A 7 -20.65 -3.96 33.92
C LYS A 7 -20.38 -3.77 32.44
N ALA A 8 -19.14 -4.00 32.01
CA ALA A 8 -18.79 -3.87 30.61
C ALA A 8 -19.58 -4.84 29.74
N GLN A 9 -19.92 -6.02 30.28
CA GLN A 9 -20.72 -6.95 29.51
C GLN A 9 -22.14 -6.46 29.36
N GLU A 10 -22.72 -5.95 30.44
CA GLU A 10 -24.06 -5.38 30.34
C GLU A 10 -24.09 -4.22 29.36
N GLU A 11 -23.09 -3.33 29.42
CA GLU A 11 -23.03 -2.24 28.46
C GLU A 11 -22.80 -2.74 27.04
N HIS A 12 -22.07 -3.86 26.88
CA HIS A 12 -21.81 -4.37 25.55
C HIS A 12 -23.05 -4.99 24.91
N GLU A 13 -23.92 -5.59 25.71
CA GLU A 13 -25.15 -6.16 25.16
C GLU A 13 -26.13 -5.07 24.72
N LYS A 14 -25.97 -3.85 25.24
CA LYS A 14 -26.72 -2.73 24.71
C LYS A 14 -25.99 -2.07 23.55
N TYR A 15 -24.73 -1.70 23.77
CA TYR A 15 -24.06 -0.77 22.89
C TYR A 15 -23.14 -1.44 21.89
N HIS A 16 -22.64 -2.63 22.21
CA HIS A 16 -21.58 -3.30 21.44
C HIS A 16 -20.37 -2.39 21.28
N SER A 17 -19.96 -1.79 22.37
CA SER A 17 -18.80 -0.91 22.36
C SER A 17 -17.52 -1.71 22.12
N ASN A 18 -16.62 -1.14 21.30
CA ASN A 18 -15.39 -1.84 20.98
C ASN A 18 -14.50 -1.92 22.22
N TRP A 19 -13.37 -2.60 22.09
CA TRP A 19 -12.62 -2.97 23.29
C TRP A 19 -11.99 -1.75 23.97
N ARG A 20 -11.49 -0.79 23.20
CA ARG A 20 -10.95 0.44 23.77
C ARG A 20 -12.00 1.19 24.59
N ALA A 21 -13.25 1.18 24.15
CA ALA A 21 -14.29 1.87 24.90
C ALA A 21 -14.51 1.21 26.25
N MET A 22 -14.56 -0.13 26.28
CA MET A 22 -14.70 -0.84 27.55
C MET A 22 -13.48 -0.67 28.44
N ALA A 23 -12.29 -0.66 27.84
CA ALA A 23 -11.06 -0.54 28.63
C ALA A 23 -10.94 0.85 29.24
N SER A 24 -11.32 1.88 28.49
CA SER A 24 -11.29 3.23 29.04
C SER A 24 -12.36 3.41 30.10
N ASP A 25 -13.60 3.04 29.80
CA ASP A 25 -14.69 3.24 30.74
C ASP A 25 -14.57 2.41 32.00
N PHE A 26 -14.36 1.11 31.91
CA PHE A 26 -14.44 0.24 33.07
C PHE A 26 -13.06 -0.20 33.56
N ASN A 27 -12.00 0.54 33.22
CA ASN A 27 -10.66 0.29 33.74
C ASN A 27 -10.25 -1.17 33.56
N LEU A 28 -9.97 -1.52 32.31
CA LEU A 28 -9.73 -2.92 32.07
C LEU A 28 -8.39 -3.11 31.35
N PRO A 29 -7.67 -4.18 31.65
CA PRO A 29 -6.55 -4.55 30.81
C PRO A 29 -7.03 -4.78 29.39
N PRO A 30 -6.24 -4.38 28.40
CA PRO A 30 -6.71 -4.52 27.01
C PRO A 30 -7.09 -5.94 26.64
N VAL A 31 -6.45 -6.94 27.26
CA VAL A 31 -6.74 -8.34 26.92
C VAL A 31 -8.14 -8.74 27.40
N VAL A 32 -8.59 -8.22 28.54
CA VAL A 32 -9.93 -8.57 29.04
C VAL A 32 -11.02 -7.95 28.18
N ALA A 33 -10.89 -6.66 27.87
CA ALA A 33 -11.86 -6.01 26.98
C ALA A 33 -11.90 -6.70 25.63
N LYS A 34 -10.73 -7.09 25.11
CA LYS A 34 -10.71 -7.79 23.84
C LYS A 34 -11.45 -9.11 23.94
N GLU A 35 -11.31 -9.82 25.07
CA GLU A 35 -12.06 -11.05 25.26
C GLU A 35 -13.56 -10.80 25.30
N ILE A 36 -13.99 -9.70 25.90
CA ILE A 36 -15.43 -9.39 25.87
C ILE A 36 -15.91 -9.23 24.44
N VAL A 37 -15.20 -8.44 23.63
CA VAL A 37 -15.60 -8.28 22.23
C VAL A 37 -15.59 -9.62 21.52
N ALA A 38 -14.51 -10.38 21.66
CA ALA A 38 -14.31 -11.62 20.92
C ALA A 38 -15.43 -12.62 21.12
N SER A 39 -15.98 -12.72 22.32
CA SER A 39 -17.06 -13.66 22.58
C SER A 39 -18.44 -13.11 22.25
N CYS A 40 -18.52 -11.97 21.56
CA CYS A 40 -19.79 -11.45 21.09
C CYS A 40 -19.99 -11.90 19.64
N ASP A 41 -21.08 -12.61 19.39
CA ASP A 41 -21.37 -13.09 18.04
C ASP A 41 -21.83 -11.97 17.12
N LYS A 42 -22.45 -10.93 17.67
CA LYS A 42 -22.91 -9.81 16.87
C LYS A 42 -21.79 -8.84 16.50
N CYS A 43 -20.61 -8.98 17.09
CA CYS A 43 -19.52 -8.07 16.81
C CYS A 43 -18.46 -8.65 15.87
N GLN A 44 -18.74 -9.78 15.23
CA GLN A 44 -17.79 -10.43 14.31
C GLN A 44 -18.23 -10.09 12.90
N LEU A 45 -17.70 -9.00 12.37
CA LEU A 45 -18.19 -8.43 11.13
C LEU A 45 -17.11 -8.07 10.13
N LYS A 46 -15.87 -8.53 10.32
CA LYS A 46 -14.79 -8.10 9.45
C LYS A 46 -13.79 -9.22 9.26
N GLY A 47 -13.42 -9.45 8.01
CA GLY A 47 -12.44 -10.45 7.68
C GLY A 47 -11.05 -9.97 7.98
N GLU A 48 -10.08 -10.82 7.69
CA GLU A 48 -8.71 -10.41 7.90
C GLU A 48 -8.18 -9.74 6.64
N ALA A 49 -7.29 -8.78 6.86
CA ALA A 49 -6.80 -7.90 5.81
C ALA A 49 -5.56 -8.51 5.16
N MET A 50 -5.78 -9.27 4.09
CA MET A 50 -4.72 -9.91 3.33
C MET A 50 -5.27 -10.26 1.96
N HIS A 51 -4.39 -10.63 1.05
CA HIS A 51 -4.86 -11.23 -0.20
C HIS A 51 -4.12 -12.54 -0.36
N GLY A 52 -4.80 -13.52 -0.94
CA GLY A 52 -4.16 -14.76 -1.32
C GLY A 52 -3.26 -14.57 -2.53
N GLN A 53 -2.79 -15.67 -3.05
CA GLN A 53 -1.99 -15.64 -4.27
C GLN A 53 -2.51 -16.73 -5.18
N VAL A 54 -2.73 -16.41 -6.46
CA VAL A 54 -3.19 -17.46 -7.37
C VAL A 54 -2.02 -18.37 -7.77
N ASP A 55 -2.37 -19.58 -8.18
CA ASP A 55 -1.42 -20.53 -8.74
C ASP A 55 -0.87 -20.03 -10.07
N CYS A 56 0.45 -19.94 -10.17
CA CYS A 56 1.08 -19.51 -11.42
C CYS A 56 1.98 -20.59 -12.01
N SER A 57 1.65 -21.86 -11.75
CA SER A 57 2.37 -22.99 -12.33
C SER A 57 2.42 -22.87 -13.86
N PRO A 58 3.46 -23.43 -14.49
CA PRO A 58 3.62 -23.24 -15.94
C PRO A 58 2.49 -23.83 -16.79
N GLY A 59 1.70 -24.75 -16.26
CA GLY A 59 0.60 -25.34 -17.00
C GLY A 59 -0.80 -24.87 -16.69
N ILE A 60 -1.00 -23.80 -15.94
CA ILE A 60 -2.32 -23.37 -15.50
C ILE A 60 -2.83 -22.26 -16.40
N TRP A 61 -4.04 -22.41 -16.89
CA TRP A 61 -4.76 -21.36 -17.60
C TRP A 61 -5.98 -20.94 -16.79
N GLN A 62 -6.32 -19.65 -16.84
CA GLN A 62 -7.53 -19.12 -16.26
C GLN A 62 -8.48 -18.71 -17.38
N LEU A 63 -9.73 -19.10 -17.27
CA LEU A 63 -10.72 -18.86 -18.31
C LEU A 63 -11.89 -18.07 -17.76
N ASP A 64 -12.53 -17.31 -18.63
CA ASP A 64 -13.73 -16.56 -18.29
C ASP A 64 -14.29 -15.93 -19.55
N CYS A 65 -15.61 -15.78 -19.57
CA CYS A 65 -16.27 -15.00 -20.60
C CYS A 65 -16.39 -13.54 -20.15
N THR A 66 -16.36 -12.65 -21.13
CA THR A 66 -16.57 -11.24 -20.89
C THR A 66 -17.53 -10.76 -21.98
N HIS A 67 -18.26 -9.69 -21.70
CA HIS A 67 -19.30 -9.23 -22.58
C HIS A 67 -18.96 -7.86 -23.15
N LEU A 68 -19.18 -7.70 -24.44
CA LEU A 68 -18.89 -6.44 -25.12
C LEU A 68 -19.83 -6.28 -26.31
N GLU A 69 -20.49 -5.11 -26.38
CA GLU A 69 -21.44 -4.76 -27.44
C GLU A 69 -22.42 -5.90 -27.71
N GLY A 70 -22.84 -6.57 -26.64
CA GLY A 70 -23.85 -7.59 -26.74
C GLY A 70 -23.37 -8.95 -27.19
N LYS A 71 -22.06 -9.11 -27.42
CA LYS A 71 -21.49 -10.39 -27.82
C LYS A 71 -20.69 -10.99 -26.68
N VAL A 72 -20.49 -12.31 -26.73
CA VAL A 72 -19.78 -13.03 -25.70
C VAL A 72 -18.37 -13.34 -26.20
N ILE A 73 -17.36 -12.93 -25.44
CA ILE A 73 -15.97 -13.17 -25.76
C ILE A 73 -15.42 -14.14 -24.73
N LEU A 74 -14.96 -15.31 -25.19
CA LEU A 74 -14.36 -16.31 -24.34
C LEU A 74 -12.85 -16.09 -24.30
N VAL A 75 -12.35 -15.68 -23.14
CA VAL A 75 -10.95 -15.28 -22.96
C VAL A 75 -10.25 -16.27 -22.03
N ALA A 76 -9.08 -16.72 -22.46
CA ALA A 76 -8.19 -17.55 -21.65
C ALA A 76 -6.83 -16.87 -21.53
N VAL A 77 -6.19 -17.06 -20.38
CA VAL A 77 -4.85 -16.53 -20.13
C VAL A 77 -3.98 -17.59 -19.49
N HIS A 78 -2.75 -17.74 -20.00
CA HIS A 78 -1.72 -18.56 -19.39
C HIS A 78 -1.13 -17.78 -18.21
N VAL A 79 -1.31 -18.28 -16.99
CA VAL A 79 -1.06 -17.44 -15.82
C VAL A 79 0.40 -17.00 -15.73
N ALA A 80 1.33 -17.92 -16.03
CA ALA A 80 2.74 -17.63 -15.82
C ALA A 80 3.25 -16.53 -16.76
N SER A 81 2.69 -16.42 -17.96
CA SER A 81 3.26 -15.53 -18.96
C SER A 81 2.43 -14.30 -19.28
N GLY A 82 1.12 -14.34 -19.10
CA GLY A 82 0.27 -13.29 -19.57
C GLY A 82 -0.19 -13.43 -21.00
N TYR A 83 0.23 -14.47 -21.71
CA TYR A 83 -0.27 -14.80 -23.05
C TYR A 83 -1.78 -15.06 -23.02
N ILE A 84 -2.47 -14.76 -24.10
CA ILE A 84 -3.91 -14.86 -24.14
C ILE A 84 -4.39 -15.46 -25.46
N GLU A 85 -5.55 -16.09 -25.35
CA GLU A 85 -6.32 -16.67 -26.45
C GLU A 85 -7.71 -16.11 -26.26
N ALA A 86 -8.38 -15.75 -27.35
CA ALA A 86 -9.72 -15.21 -27.23
C ALA A 86 -10.46 -15.35 -28.54
N GLU A 87 -11.74 -15.66 -28.44
CA GLU A 87 -12.64 -15.71 -29.59
C GLU A 87 -14.01 -15.23 -29.17
N VAL A 88 -14.72 -14.66 -30.13
CA VAL A 88 -16.16 -14.46 -29.99
C VAL A 88 -16.83 -15.82 -30.15
N ILE A 89 -17.72 -16.15 -29.23
CA ILE A 89 -18.51 -17.37 -29.33
C ILE A 89 -19.97 -16.95 -29.50
N PRO A 90 -20.83 -17.79 -30.10
CA PRO A 90 -22.22 -17.35 -30.30
C PRO A 90 -23.03 -17.27 -29.01
N ALA A 91 -22.83 -18.19 -28.08
CA ALA A 91 -23.51 -18.14 -26.80
C ALA A 91 -22.63 -18.76 -25.74
N GLU A 92 -22.81 -18.31 -24.50
CA GLU A 92 -22.15 -18.86 -23.33
C GLU A 92 -22.68 -20.26 -23.01
N THR A 93 -22.38 -21.20 -23.90
CA THR A 93 -22.82 -22.57 -23.74
C THR A 93 -21.66 -23.49 -23.37
N GLY A 94 -22.00 -24.62 -22.77
CA GLY A 94 -21.00 -25.64 -22.49
C GLY A 94 -20.34 -26.17 -23.75
N GLN A 95 -21.06 -26.20 -24.87
CA GLN A 95 -20.51 -26.72 -26.12
C GLN A 95 -19.44 -25.80 -26.69
N GLU A 96 -19.76 -24.51 -26.83
CA GLU A 96 -18.76 -23.54 -27.25
C GLU A 96 -17.54 -23.59 -26.35
N THR A 97 -17.74 -23.84 -25.06
CA THR A 97 -16.63 -23.84 -24.12
C THR A 97 -15.77 -25.08 -24.29
N ALA A 98 -16.40 -26.23 -24.45
CA ALA A 98 -15.67 -27.46 -24.74
C ALA A 98 -14.83 -27.29 -26.01
N TYR A 99 -15.38 -26.62 -27.01
CA TYR A 99 -14.65 -26.46 -28.26
C TYR A 99 -13.43 -25.57 -28.08
N PHE A 100 -13.65 -24.39 -27.47
CA PHE A 100 -12.56 -23.48 -27.16
C PHE A 100 -11.46 -24.17 -26.36
N LEU A 101 -11.83 -24.95 -25.35
CA LEU A 101 -10.84 -25.58 -24.49
C LEU A 101 -10.07 -26.66 -25.24
N LEU A 102 -10.76 -27.39 -26.12
CA LEU A 102 -10.08 -28.39 -26.93
C LEU A 102 -9.08 -27.74 -27.89
N LYS A 103 -9.47 -26.61 -28.51
CA LYS A 103 -8.53 -25.91 -29.39
C LYS A 103 -7.30 -25.43 -28.61
N LEU A 104 -7.53 -24.81 -27.45
CA LEU A 104 -6.45 -24.36 -26.59
C LEU A 104 -5.51 -25.50 -26.22
N ALA A 105 -6.06 -26.65 -25.83
CA ALA A 105 -5.24 -27.79 -25.41
C ALA A 105 -4.48 -28.40 -26.56
N GLY A 106 -5.05 -28.37 -27.77
CA GLY A 106 -4.32 -28.84 -28.92
C GLY A 106 -3.28 -27.88 -29.45
N ARG A 107 -3.32 -26.63 -29.01
CA ARG A 107 -2.25 -25.74 -29.45
C ARG A 107 -1.18 -25.52 -28.40
N TRP A 108 -1.53 -25.56 -27.11
CA TRP A 108 -0.59 -25.30 -26.04
C TRP A 108 -0.70 -26.40 -24.99
N PRO A 109 0.37 -26.64 -24.24
CA PRO A 109 0.27 -27.57 -23.10
C PRO A 109 -0.63 -27.01 -22.00
N VAL A 110 -1.70 -27.71 -21.68
CA VAL A 110 -2.65 -27.24 -20.69
C VAL A 110 -2.85 -28.36 -19.68
N LYS A 111 -2.30 -28.17 -18.47
CA LYS A 111 -2.43 -29.12 -17.38
C LYS A 111 -3.66 -28.87 -16.52
N THR A 112 -3.98 -27.61 -16.26
CA THR A 112 -5.11 -27.28 -15.42
C THR A 112 -5.75 -26.01 -15.94
N VAL A 113 -7.07 -25.96 -15.85
CA VAL A 113 -7.85 -24.78 -16.18
C VAL A 113 -8.57 -24.32 -14.92
N HIS A 114 -8.54 -23.02 -14.67
CA HIS A 114 -9.18 -22.42 -13.51
C HIS A 114 -10.23 -21.42 -13.96
N THR A 115 -11.48 -21.67 -13.57
CA THR A 115 -12.62 -20.86 -13.96
C THR A 115 -13.49 -20.59 -12.75
N ASP A 116 -14.47 -19.71 -12.94
CA ASP A 116 -15.54 -19.54 -11.95
C ASP A 116 -16.55 -20.67 -12.12
N ASN A 117 -17.70 -20.55 -11.47
CA ASN A 117 -18.66 -21.64 -11.36
C ASN A 117 -19.84 -21.45 -12.29
N GLY A 118 -19.68 -20.65 -13.33
CA GLY A 118 -20.73 -20.47 -14.30
C GLY A 118 -21.17 -21.78 -14.92
N SER A 119 -22.39 -21.74 -15.44
CA SER A 119 -23.03 -22.95 -15.95
C SER A 119 -22.23 -23.59 -17.08
N ASN A 120 -21.54 -22.78 -17.89
CA ASN A 120 -20.84 -23.34 -19.04
C ASN A 120 -19.58 -24.11 -18.63
N PHE A 121 -18.85 -23.63 -17.60
CA PHE A 121 -17.63 -24.32 -17.19
C PHE A 121 -17.91 -25.54 -16.35
N THR A 122 -19.06 -25.59 -15.68
CA THR A 122 -19.39 -26.70 -14.81
C THR A 122 -20.07 -27.84 -15.55
N SER A 123 -20.36 -27.65 -16.83
CA SER A 123 -21.17 -28.58 -17.59
C SER A 123 -20.44 -29.88 -17.86
N THR A 124 -21.24 -30.92 -18.14
CA THR A 124 -20.69 -32.25 -18.37
C THR A 124 -19.93 -32.33 -19.69
N THR A 125 -20.30 -31.51 -20.68
CA THR A 125 -19.55 -31.52 -21.93
C THR A 125 -18.15 -30.96 -21.73
N VAL A 126 -18.01 -29.87 -20.96
CA VAL A 126 -16.69 -29.35 -20.66
C VAL A 126 -15.88 -30.36 -19.85
N LYS A 127 -16.55 -31.08 -18.94
CA LYS A 127 -15.87 -32.13 -18.18
C LYS A 127 -15.34 -33.21 -19.11
N ALA A 128 -16.17 -33.70 -20.02
CA ALA A 128 -15.74 -34.71 -20.97
C ALA A 128 -14.59 -34.22 -21.85
N ALA A 129 -14.62 -32.97 -22.28
CA ALA A 129 -13.49 -32.42 -23.03
C ALA A 129 -12.22 -32.41 -22.17
N CYS A 130 -12.34 -31.96 -20.92
CA CYS A 130 -11.18 -31.89 -20.04
C CYS A 130 -10.66 -33.28 -19.70
N TRP A 131 -11.55 -34.27 -19.61
CA TRP A 131 -11.07 -35.62 -19.34
C TRP A 131 -10.29 -36.16 -20.53
N TRP A 132 -10.73 -35.84 -21.76
CA TRP A 132 -10.08 -36.37 -22.95
C TRP A 132 -8.67 -35.80 -23.15
N ALA A 133 -8.49 -34.50 -22.90
CA ALA A 133 -7.21 -33.84 -23.10
C ALA A 133 -6.31 -33.92 -21.87
N GLY A 134 -6.78 -34.48 -20.77
CA GLY A 134 -6.00 -34.62 -19.56
C GLY A 134 -5.86 -33.33 -18.78
N ILE A 135 -6.94 -32.57 -18.66
CA ILE A 135 -6.89 -31.25 -18.04
C ILE A 135 -7.61 -31.28 -16.71
N LYS A 136 -6.90 -30.98 -15.64
CA LYS A 136 -7.54 -30.74 -14.35
C LYS A 136 -8.31 -29.44 -14.38
N GLN A 137 -9.50 -29.46 -13.80
CA GLN A 137 -10.32 -28.26 -13.64
C GLN A 137 -10.30 -27.80 -12.20
N GLU A 138 -9.98 -26.52 -12.00
CA GLU A 138 -10.06 -25.87 -10.71
C GLU A 138 -11.20 -24.86 -10.76
N PHE A 139 -12.16 -25.01 -9.87
CA PHE A 139 -13.28 -24.09 -9.79
C PHE A 139 -13.02 -23.08 -8.69
N GLY A 140 -13.21 -21.81 -9.02
CA GLY A 140 -13.01 -20.77 -8.04
C GLY A 140 -14.14 -20.79 -7.01
N ILE A 141 -13.86 -20.23 -5.85
CA ILE A 141 -14.91 -20.03 -4.84
C ILE A 141 -16.01 -19.17 -5.44
N PRO A 142 -17.29 -19.52 -5.30
CA PRO A 142 -18.35 -18.70 -5.89
C PRO A 142 -18.36 -17.27 -5.37
N TYR A 143 -18.69 -16.34 -6.27
CA TYR A 143 -18.80 -14.91 -5.93
C TYR A 143 -17.48 -14.31 -5.46
N ASN A 144 -16.37 -14.88 -5.94
CA ASN A 144 -15.03 -14.40 -5.61
C ASN A 144 -14.20 -14.20 -6.87
N PRO A 145 -14.37 -13.07 -7.57
CA PRO A 145 -13.63 -12.86 -8.83
C PRO A 145 -12.11 -12.68 -8.66
N GLN A 146 -11.68 -12.28 -7.47
CA GLN A 146 -10.25 -12.21 -7.18
C GLN A 146 -9.57 -13.55 -7.33
N SER A 147 -10.31 -14.65 -7.12
CA SER A 147 -9.79 -15.97 -7.42
C SER A 147 -9.30 -16.07 -8.87
N GLN A 148 -9.95 -15.36 -9.79
CA GLN A 148 -9.50 -15.29 -11.17
C GLN A 148 -9.05 -13.89 -11.54
N GLY A 149 -8.45 -13.21 -10.57
CA GLY A 149 -7.77 -11.94 -10.81
C GLY A 149 -6.98 -11.80 -12.10
N VAL A 150 -6.23 -12.82 -12.50
CA VAL A 150 -5.41 -12.66 -13.71
C VAL A 150 -6.30 -12.51 -14.94
N ILE A 151 -7.28 -13.40 -15.10
CA ILE A 151 -8.10 -13.30 -16.29
C ILE A 151 -9.03 -12.09 -16.19
N GLU A 152 -9.33 -11.60 -14.98
CA GLU A 152 -10.18 -10.41 -14.88
C GLU A 152 -9.39 -9.15 -15.24
N SER A 153 -8.18 -9.03 -14.73
CA SER A 153 -7.22 -8.05 -15.20
C SER A 153 -6.97 -8.13 -16.71
N MET A 154 -6.85 -9.34 -17.26
CA MET A 154 -6.59 -9.46 -18.70
C MET A 154 -7.83 -9.09 -19.51
N ASN A 155 -9.03 -9.32 -18.97
CA ASN A 155 -10.24 -8.90 -19.66
C ASN A 155 -10.33 -7.38 -19.72
N LYS A 156 -9.90 -6.70 -18.66
CA LYS A 156 -9.77 -5.25 -18.72
C LYS A 156 -8.75 -4.82 -19.79
N GLU A 157 -7.55 -5.42 -19.77
CA GLU A 157 -6.53 -5.07 -20.76
C GLU A 157 -7.04 -5.29 -22.19
N LEU A 158 -7.76 -6.39 -22.41
CA LEU A 158 -8.25 -6.72 -23.74
C LEU A 158 -9.39 -5.80 -24.17
N LYS A 159 -10.24 -5.40 -23.23
CA LYS A 159 -11.30 -4.45 -23.55
C LYS A 159 -10.70 -3.09 -23.91
N LYS A 160 -9.65 -2.68 -23.21
CA LYS A 160 -9.01 -1.42 -23.54
C LYS A 160 -8.37 -1.46 -24.93
N ILE A 161 -7.68 -2.54 -25.27
CA ILE A 161 -7.06 -2.60 -26.60
C ILE A 161 -8.11 -2.72 -27.69
N ILE A 162 -9.20 -3.49 -27.45
CA ILE A 162 -10.29 -3.53 -28.42
C ILE A 162 -10.85 -2.13 -28.64
N GLY A 163 -11.02 -1.37 -27.56
CA GLY A 163 -11.47 0.01 -27.71
C GLY A 163 -10.51 0.84 -28.54
N GLN A 164 -9.21 0.57 -28.39
CA GLN A 164 -8.23 1.34 -29.15
C GLN A 164 -8.28 1.02 -30.64
N VAL A 165 -8.57 -0.22 -31.01
CA VAL A 165 -8.51 -0.61 -32.42
C VAL A 165 -9.89 -0.84 -33.03
N ARG A 166 -10.96 -0.49 -32.31
CA ARG A 166 -12.31 -0.78 -32.77
C ARG A 166 -12.58 -0.18 -34.15
N ASP A 167 -12.16 1.06 -34.38
CA ASP A 167 -12.45 1.71 -35.65
C ASP A 167 -11.50 1.31 -36.77
N GLN A 168 -10.62 0.33 -36.54
CA GLN A 168 -9.83 -0.26 -37.59
C GLN A 168 -10.47 -1.49 -38.18
N ALA A 169 -11.64 -1.88 -37.72
CA ALA A 169 -12.28 -3.13 -38.13
C ALA A 169 -13.80 -2.99 -38.07
N GLU A 170 -14.47 -3.66 -39.00
CA GLU A 170 -15.92 -3.70 -39.05
C GLU A 170 -16.52 -4.51 -37.91
N HIS A 171 -16.31 -5.81 -37.91
CA HIS A 171 -16.95 -6.70 -36.95
C HIS A 171 -16.15 -6.79 -35.66
N LEU A 172 -16.83 -7.24 -34.60
CA LEU A 172 -16.19 -7.34 -33.30
C LEU A 172 -15.18 -8.48 -33.23
N LYS A 173 -15.48 -9.62 -33.85
CA LYS A 173 -14.56 -10.76 -33.81
C LYS A 173 -13.16 -10.37 -34.33
N THR A 174 -13.11 -9.54 -35.36
CA THR A 174 -11.84 -9.12 -35.93
C THR A 174 -11.09 -8.18 -35.00
N ALA A 175 -11.81 -7.24 -34.36
CA ALA A 175 -11.19 -6.40 -33.35
C ALA A 175 -10.63 -7.26 -32.22
N VAL A 176 -11.33 -8.35 -31.87
CA VAL A 176 -10.84 -9.21 -30.79
C VAL A 176 -9.53 -9.88 -31.20
N GLN A 177 -9.43 -10.33 -32.44
CA GLN A 177 -8.20 -10.96 -32.89
C GLN A 177 -7.05 -9.96 -33.05
N MET A 178 -7.35 -8.75 -33.51
CA MET A 178 -6.36 -7.68 -33.56
C MET A 178 -5.85 -7.34 -32.16
N ALA A 179 -6.74 -7.31 -31.18
CA ALA A 179 -6.32 -7.01 -29.82
C ALA A 179 -5.49 -8.14 -29.24
N VAL A 180 -5.86 -9.39 -29.54
CA VAL A 180 -5.07 -10.54 -29.11
C VAL A 180 -3.64 -10.45 -29.66
N PHE A 181 -3.52 -10.26 -30.97
CA PHE A 181 -2.22 -10.02 -31.59
C PHE A 181 -1.46 -8.92 -30.85
N ILE A 182 -2.11 -7.78 -30.65
CA ILE A 182 -1.42 -6.63 -30.08
C ILE A 182 -0.89 -6.95 -28.70
N HIS A 183 -1.74 -7.52 -27.85
CA HIS A 183 -1.32 -7.84 -26.50
C HIS A 183 -0.16 -8.83 -26.50
N ASN A 184 -0.28 -9.91 -27.27
CA ASN A 184 0.73 -10.96 -27.26
C ASN A 184 2.08 -10.49 -27.82
N PHE A 185 2.10 -9.66 -28.85
CA PHE A 185 3.37 -9.32 -29.48
C PHE A 185 3.70 -7.84 -29.54
N LYS A 186 2.76 -6.93 -29.31
CA LYS A 186 3.05 -5.50 -29.47
C LYS A 186 2.99 -4.73 -28.16
N ARG A 187 3.19 -5.38 -27.01
CA ARG A 187 3.20 -4.71 -25.70
C ARG A 187 4.27 -5.36 -24.85
N LYS A 188 5.28 -4.60 -24.47
CA LYS A 188 6.38 -5.18 -23.70
C LYS A 188 6.39 -4.63 -22.29
N GLY A 189 6.82 -5.48 -21.37
CA GLY A 189 6.85 -5.20 -19.94
C GLY A 189 6.86 -6.50 -19.18
N GLY A 190 6.72 -6.38 -17.86
CA GLY A 190 6.70 -7.56 -17.02
C GLY A 190 8.10 -8.07 -16.74
N ILE A 191 8.19 -9.34 -16.34
CA ILE A 191 9.38 -9.79 -15.62
C ILE A 191 10.64 -9.66 -16.47
N GLY A 192 10.60 -10.10 -17.72
CA GLY A 192 11.81 -10.03 -18.51
C GLY A 192 11.84 -8.99 -19.62
N GLY A 193 11.11 -7.89 -19.45
CA GLY A 193 10.93 -6.92 -20.52
C GLY A 193 10.35 -7.51 -21.77
N TYR A 194 9.56 -8.55 -21.64
CA TYR A 194 9.07 -9.35 -22.74
C TYR A 194 7.74 -8.82 -23.25
N SER A 195 7.39 -9.23 -24.46
CA SER A 195 5.99 -9.35 -24.80
C SER A 195 5.47 -10.70 -24.31
N ALA A 196 4.15 -10.84 -24.21
CA ALA A 196 3.59 -12.07 -23.68
C ALA A 196 3.90 -13.28 -24.57
N GLY A 197 3.94 -13.11 -25.89
CA GLY A 197 4.30 -14.24 -26.75
C GLY A 197 5.71 -14.74 -26.50
N GLU A 198 6.68 -13.83 -26.53
CA GLU A 198 8.04 -14.15 -26.15
C GLU A 198 8.08 -14.82 -24.79
N ARG A 199 7.31 -14.29 -23.83
CA ARG A 199 7.38 -14.78 -22.46
C ARG A 199 6.83 -16.20 -22.34
N ILE A 200 5.73 -16.53 -23.03
CA ILE A 200 5.20 -17.88 -22.93
C ILE A 200 6.15 -18.88 -23.60
N VAL A 201 6.73 -18.47 -24.72
CA VAL A 201 7.72 -19.35 -25.34
C VAL A 201 8.87 -19.61 -24.38
N ASP A 202 9.38 -18.57 -23.71
CA ASP A 202 10.48 -18.75 -22.79
C ASP A 202 10.07 -19.64 -21.61
N ILE A 203 8.87 -19.40 -21.04
CA ILE A 203 8.44 -20.21 -19.90
C ILE A 203 8.36 -21.68 -20.29
N ILE A 204 7.79 -21.98 -21.45
CA ILE A 204 7.56 -23.37 -21.82
C ILE A 204 8.87 -24.06 -22.22
N ALA A 205 9.76 -23.33 -22.91
CA ALA A 205 11.06 -23.90 -23.26
C ALA A 205 11.91 -24.11 -22.02
N THR A 206 11.89 -23.17 -21.09
CA THR A 206 12.60 -23.31 -19.82
C THR A 206 12.12 -24.52 -19.05
N ASP A 207 10.80 -24.74 -19.01
CA ASP A 207 10.27 -25.92 -18.37
C ASP A 207 10.85 -27.18 -18.99
N ILE A 208 10.77 -27.28 -20.33
CA ILE A 208 11.30 -28.46 -21.03
C ILE A 208 12.77 -28.67 -20.71
N GLN A 209 13.57 -27.62 -20.88
CA GLN A 209 15.02 -27.75 -20.79
C GLN A 209 15.48 -28.07 -19.38
N THR A 210 14.89 -27.41 -18.37
CA THR A 210 15.28 -27.70 -17.00
C THR A 210 14.88 -29.09 -16.59
N LYS A 211 13.68 -29.53 -17.00
CA LYS A 211 13.30 -30.91 -16.75
C LYS A 211 14.37 -31.87 -17.26
N GLU A 212 14.79 -31.69 -18.51
CA GLU A 212 15.78 -32.59 -19.11
C GLU A 212 17.13 -32.50 -18.40
N LEU A 213 17.63 -31.28 -18.21
CA LEU A 213 18.91 -31.06 -17.54
C LEU A 213 18.95 -31.77 -16.19
N GLN A 214 17.98 -31.47 -15.32
CA GLN A 214 18.02 -32.02 -13.96
C GLN A 214 17.74 -33.52 -13.95
N LYS A 215 16.94 -34.04 -14.88
CA LYS A 215 16.78 -35.49 -14.97
C LYS A 215 18.11 -36.16 -15.25
N GLN A 216 18.85 -35.65 -16.23
CA GLN A 216 20.15 -36.22 -16.52
C GLN A 216 21.08 -36.09 -15.32
N ILE A 217 21.05 -34.94 -14.65
CA ILE A 217 21.92 -34.70 -13.50
C ILE A 217 21.64 -35.72 -12.40
N THR A 218 20.37 -36.00 -12.14
CA THR A 218 20.03 -36.97 -11.10
C THR A 218 20.32 -38.39 -11.54
N LYS A 219 20.27 -38.66 -12.84
CA LYS A 219 20.64 -39.98 -13.32
C LYS A 219 22.12 -40.26 -13.08
N ILE A 220 22.98 -39.32 -13.44
CA ILE A 220 24.42 -39.57 -13.34
C ILE A 220 24.91 -39.38 -11.90
N GLN A 221 24.50 -38.28 -11.26
CA GLN A 221 24.89 -38.00 -9.89
C GLN A 221 24.05 -38.85 -8.95
N ASN A 222 24.69 -39.49 -7.97
CA ASN A 222 23.99 -40.32 -7.00
C ASN A 222 24.79 -40.31 -5.70
N PHE A 223 24.16 -39.82 -4.64
CA PHE A 223 24.80 -39.78 -3.33
C PHE A 223 23.73 -39.93 -2.25
N ARG A 224 24.18 -39.92 -1.01
CA ARG A 224 23.33 -39.97 0.18
C ARG A 224 23.92 -39.09 1.26
N VAL A 225 23.14 -38.11 1.70
CA VAL A 225 23.57 -37.16 2.72
C VAL A 225 23.02 -37.60 4.06
N TYR A 226 23.88 -37.60 5.08
CA TYR A 226 23.46 -37.77 6.46
C TYR A 226 23.71 -36.48 7.20
N TYR A 227 22.66 -35.92 7.79
CA TYR A 227 22.73 -34.66 8.51
C TYR A 227 22.24 -34.88 9.93
N ARG A 228 22.64 -33.97 10.81
CA ARG A 228 22.16 -33.96 12.19
C ARG A 228 22.29 -35.32 12.89
N LYS A 236 20.73 -38.01 11.11
CA LYS A 236 19.42 -38.43 10.62
C LYS A 236 19.53 -39.55 9.60
N GLY A 237 18.43 -39.82 8.90
CA GLY A 237 18.38 -40.91 7.97
C GLY A 237 19.16 -40.64 6.71
N PRO A 238 19.06 -41.57 5.75
CA PRO A 238 19.75 -41.42 4.46
C PRO A 238 19.04 -40.46 3.52
N ALA A 239 19.29 -39.17 3.72
CA ALA A 239 18.67 -38.16 2.88
C ALA A 239 19.31 -38.14 1.50
N LYS A 240 18.47 -38.05 0.47
CA LYS A 240 18.95 -37.96 -0.90
C LYS A 240 19.46 -36.54 -1.18
N LEU A 241 20.58 -36.46 -1.89
CA LEU A 241 21.23 -35.18 -2.15
C LEU A 241 20.58 -34.47 -3.33
N LEU A 242 20.32 -33.18 -3.16
CA LEU A 242 19.79 -32.33 -4.23
C LEU A 242 20.82 -31.32 -4.74
N TRP A 243 21.46 -30.58 -3.84
CA TRP A 243 22.44 -29.59 -4.27
C TRP A 243 23.42 -29.32 -3.14
N LYS A 244 24.60 -28.83 -3.51
CA LYS A 244 25.61 -28.44 -2.54
C LYS A 244 26.40 -27.26 -3.06
N GLY A 245 26.75 -26.36 -2.14
CA GLY A 245 27.58 -25.23 -2.48
C GLY A 245 27.55 -24.11 -1.46
N GLU A 246 28.64 -23.32 -1.42
CA GLU A 246 28.72 -22.12 -0.60
C GLU A 246 28.44 -22.42 0.88
N GLY A 247 28.92 -23.57 1.34
CA GLY A 247 28.65 -23.97 2.70
C GLY A 247 27.20 -24.31 2.97
N ALA A 248 26.60 -25.16 2.13
CA ALA A 248 25.21 -25.55 2.29
C ALA A 248 24.97 -26.82 1.48
N VAL A 249 23.88 -27.52 1.81
CA VAL A 249 23.48 -28.72 1.10
C VAL A 249 21.96 -28.70 1.02
N VAL A 250 21.40 -29.20 -0.09
CA VAL A 250 19.96 -29.34 -0.25
C VAL A 250 19.64 -30.82 -0.35
N ILE A 251 18.65 -31.26 0.43
CA ILE A 251 18.33 -32.67 0.58
C ILE A 251 16.83 -32.86 0.46
N GLN A 252 16.43 -34.09 0.12
CA GLN A 252 15.02 -34.49 0.10
C GLN A 252 14.88 -35.67 1.06
N ASP A 253 14.64 -35.36 2.34
CA ASP A 253 14.48 -36.37 3.38
C ASP A 253 13.00 -36.58 3.66
N ASN A 254 12.48 -37.73 3.23
CA ASN A 254 11.07 -38.09 3.39
C ASN A 254 10.17 -37.02 2.78
N SER A 255 10.45 -36.68 1.51
CA SER A 255 9.67 -35.70 0.76
C SER A 255 9.65 -34.34 1.46
N ASP A 256 10.77 -33.98 2.08
CA ASP A 256 10.91 -32.69 2.74
C ASP A 256 12.24 -32.08 2.34
N ILE A 257 12.20 -30.88 1.79
CA ILE A 257 13.38 -30.17 1.31
C ILE A 257 13.78 -29.16 2.37
N LYS A 258 15.02 -29.26 2.85
CA LYS A 258 15.53 -28.35 3.87
C LYS A 258 16.95 -27.94 3.52
N VAL A 259 17.27 -26.70 3.86
CA VAL A 259 18.59 -26.12 3.61
C VAL A 259 19.41 -26.29 4.88
N VAL A 260 20.49 -27.07 4.81
CA VAL A 260 21.33 -27.30 5.97
C VAL A 260 22.72 -26.72 5.69
N PRO A 261 23.39 -26.17 6.70
CA PRO A 261 24.79 -25.75 6.51
C PRO A 261 25.70 -26.96 6.32
N ARG A 262 26.91 -26.68 5.82
CA ARG A 262 27.83 -27.77 5.52
C ARG A 262 28.21 -28.53 6.78
N ARG A 263 28.36 -27.83 7.89
CA ARG A 263 28.63 -28.48 9.17
C ARG A 263 27.42 -29.29 9.61
N LYS A 264 27.69 -30.36 10.36
CA LYS A 264 26.66 -31.33 10.72
C LYS A 264 25.95 -31.86 9.48
N ALA A 265 26.74 -32.24 8.48
CA ALA A 265 26.23 -32.80 7.24
C ALA A 265 27.38 -33.51 6.54
N LYS A 266 27.22 -34.81 6.31
CA LYS A 266 28.24 -35.64 5.69
C LYS A 266 27.63 -36.37 4.50
N ILE A 267 28.30 -36.30 3.35
CA ILE A 267 27.80 -36.86 2.11
C ILE A 267 28.42 -38.25 1.90
N ILE A 268 27.60 -39.20 1.48
CA ILE A 268 28.07 -40.53 1.13
C ILE A 268 27.68 -40.85 -0.32
N LEU B 2 37.27 -14.09 -21.35
CA LEU B 2 38.10 -12.98 -21.78
C LEU B 2 39.42 -13.50 -22.34
N ASP B 3 39.94 -14.56 -21.72
CA ASP B 3 41.16 -15.19 -22.18
C ASP B 3 40.89 -16.40 -23.06
N GLY B 4 39.66 -16.57 -23.54
CA GLY B 4 39.31 -17.59 -24.49
C GLY B 4 39.12 -17.10 -25.90
N ILE B 5 39.29 -15.79 -26.13
CA ILE B 5 39.11 -15.24 -27.47
C ILE B 5 40.11 -15.86 -28.44
N ASP B 6 41.37 -16.01 -28.00
CA ASP B 6 42.35 -16.71 -28.84
C ASP B 6 42.04 -18.20 -28.92
N LYS B 7 41.62 -18.80 -27.81
CA LYS B 7 41.21 -20.19 -27.83
C LYS B 7 40.03 -20.40 -28.76
N ALA B 8 39.03 -19.52 -28.69
CA ALA B 8 37.89 -19.62 -29.59
C ALA B 8 38.30 -19.41 -31.04
N GLN B 9 39.23 -18.48 -31.28
CA GLN B 9 39.70 -18.25 -32.64
C GLN B 9 40.35 -19.50 -33.21
N GLU B 10 41.23 -20.14 -32.44
CA GLU B 10 41.88 -21.35 -32.92
C GLU B 10 40.88 -22.48 -33.07
N GLU B 11 39.91 -22.58 -32.15
CA GLU B 11 38.90 -23.62 -32.25
C GLU B 11 38.05 -23.45 -33.50
N HIS B 12 37.78 -22.21 -33.88
CA HIS B 12 37.00 -21.98 -35.10
C HIS B 12 37.84 -22.17 -36.35
N GLU B 13 39.14 -21.85 -36.27
CA GLU B 13 40.00 -22.09 -37.42
C GLU B 13 40.18 -23.59 -37.65
N LYS B 14 40.11 -24.39 -36.59
CA LYS B 14 40.23 -25.83 -36.74
C LYS B 14 38.91 -26.47 -37.14
N TYR B 15 37.83 -26.14 -36.44
CA TYR B 15 36.58 -26.87 -36.56
C TYR B 15 35.43 -26.07 -37.17
N HIS B 16 35.61 -24.77 -37.42
CA HIS B 16 34.58 -23.94 -38.04
C HIS B 16 33.27 -23.98 -37.24
N SER B 17 33.39 -24.05 -35.92
CA SER B 17 32.21 -24.18 -35.09
C SER B 17 31.46 -22.85 -34.98
N ASN B 18 30.14 -22.93 -34.94
CA ASN B 18 29.31 -21.75 -34.89
C ASN B 18 29.47 -21.04 -33.55
N TRP B 19 28.89 -19.83 -33.46
CA TRP B 19 29.15 -18.99 -32.29
C TRP B 19 28.52 -19.56 -31.03
N ARG B 20 27.49 -20.38 -31.17
CA ARG B 20 26.81 -20.91 -29.99
C ARG B 20 27.71 -21.87 -29.21
N ALA B 21 28.46 -22.72 -29.93
CA ALA B 21 29.42 -23.58 -29.27
C ALA B 21 30.59 -22.76 -28.71
N MET B 22 31.11 -21.81 -29.48
CA MET B 22 32.24 -21.01 -29.02
C MET B 22 31.88 -20.20 -27.78
N ALA B 23 30.60 -19.90 -27.60
CA ALA B 23 30.19 -19.13 -26.43
C ALA B 23 29.84 -20.04 -25.25
N SER B 24 29.20 -21.18 -25.51
CA SER B 24 28.87 -22.08 -24.42
C SER B 24 30.11 -22.76 -23.85
N ASP B 25 31.17 -22.88 -24.65
CA ASP B 25 32.36 -23.60 -24.22
C ASP B 25 33.41 -22.66 -23.62
N PHE B 26 33.73 -21.57 -24.30
CA PHE B 26 34.83 -20.70 -23.93
C PHE B 26 34.40 -19.52 -23.07
N ASN B 27 33.13 -19.47 -22.67
CA ASN B 27 32.59 -18.43 -21.80
C ASN B 27 32.90 -17.03 -22.35
N LEU B 28 32.36 -16.77 -23.53
CA LEU B 28 32.51 -15.47 -24.17
C LEU B 28 31.13 -14.91 -24.52
N PRO B 29 30.93 -13.60 -24.35
CA PRO B 29 29.66 -12.99 -24.73
C PRO B 29 29.27 -13.35 -26.14
N PRO B 30 27.98 -13.66 -26.38
CA PRO B 30 27.58 -14.13 -27.72
C PRO B 30 27.98 -13.20 -28.84
N VAL B 31 28.16 -11.91 -28.56
CA VAL B 31 28.57 -10.97 -29.60
C VAL B 31 30.01 -11.22 -30.03
N VAL B 32 30.90 -11.49 -29.08
CA VAL B 32 32.29 -11.79 -29.42
C VAL B 32 32.37 -13.06 -30.27
N ALA B 33 31.61 -14.08 -29.91
CA ALA B 33 31.64 -15.31 -30.69
C ALA B 33 31.05 -15.09 -32.07
N LYS B 34 29.96 -14.32 -32.15
CA LYS B 34 29.38 -13.97 -33.44
C LYS B 34 30.38 -13.20 -34.30
N GLU B 35 31.23 -12.40 -33.67
CA GLU B 35 32.27 -11.70 -34.43
C GLU B 35 33.35 -12.66 -34.91
N ILE B 36 33.78 -13.57 -34.04
CA ILE B 36 34.78 -14.56 -34.44
C ILE B 36 34.28 -15.36 -35.63
N VAL B 37 32.97 -15.66 -35.64
CA VAL B 37 32.40 -16.41 -36.76
C VAL B 37 32.09 -15.51 -37.95
N ALA B 38 32.00 -14.20 -37.74
CA ALA B 38 31.69 -13.27 -38.81
C ALA B 38 32.91 -12.55 -39.34
N SER B 39 34.11 -12.99 -38.97
CA SER B 39 35.35 -12.39 -39.44
C SER B 39 36.20 -13.36 -40.26
N CYS B 40 35.61 -14.45 -40.75
CA CYS B 40 36.31 -15.43 -41.56
C CYS B 40 35.48 -15.73 -42.80
N ASP B 41 36.13 -15.70 -43.96
CA ASP B 41 35.42 -16.01 -45.20
C ASP B 41 35.28 -17.50 -45.44
N LYS B 42 36.32 -18.29 -45.11
CA LYS B 42 36.26 -19.72 -45.34
C LYS B 42 35.18 -20.40 -44.51
N CYS B 43 34.58 -19.69 -43.55
CA CYS B 43 33.48 -20.21 -42.75
C CYS B 43 32.14 -19.59 -43.12
N GLN B 44 31.85 -19.47 -44.42
CA GLN B 44 30.58 -18.90 -44.85
C GLN B 44 29.93 -19.77 -45.94
N SER B 57 12.72 -18.63 -41.37
CA SER B 57 12.32 -20.03 -41.22
C SER B 57 11.51 -20.31 -39.95
N PRO B 58 11.86 -19.72 -38.82
CA PRO B 58 10.97 -19.84 -37.65
C PRO B 58 9.66 -19.10 -37.83
N GLY B 59 9.53 -18.27 -38.87
CA GLY B 59 8.32 -17.51 -39.11
C GLY B 59 7.56 -17.85 -40.37
N ILE B 60 7.86 -18.97 -41.02
CA ILE B 60 7.26 -19.32 -42.29
C ILE B 60 6.20 -20.40 -42.06
N TRP B 61 4.99 -20.15 -42.54
CA TRP B 61 3.88 -21.07 -42.43
C TRP B 61 3.35 -21.41 -43.80
N GLN B 62 2.93 -22.66 -43.97
CA GLN B 62 2.25 -23.09 -45.19
C GLN B 62 0.76 -23.23 -44.92
N LEU B 63 -0.05 -22.56 -45.72
CA LEU B 63 -1.50 -22.54 -45.60
C LEU B 63 -2.13 -23.36 -46.71
N ASP B 64 -3.14 -24.14 -46.38
CA ASP B 64 -3.89 -24.86 -47.40
C ASP B 64 -5.23 -25.28 -46.82
N CYS B 65 -6.13 -25.65 -47.72
CA CYS B 65 -7.49 -25.98 -47.34
C CYS B 65 -7.85 -27.33 -47.94
N THR B 66 -7.93 -28.35 -47.10
CA THR B 66 -8.37 -29.68 -47.48
C THR B 66 -9.88 -29.80 -47.34
N HIS B 67 -10.41 -30.91 -47.81
CA HIS B 67 -11.84 -31.17 -47.83
C HIS B 67 -12.12 -32.56 -47.27
N LEU B 68 -13.08 -32.63 -46.35
CA LEU B 68 -13.43 -33.87 -45.70
C LEU B 68 -14.90 -33.82 -45.31
N GLU B 69 -15.68 -34.74 -45.88
CA GLU B 69 -17.11 -34.88 -45.59
C GLU B 69 -17.87 -33.61 -45.90
N GLY B 70 -17.69 -33.10 -47.12
CA GLY B 70 -18.38 -31.91 -47.56
C GLY B 70 -18.08 -30.66 -46.77
N LYS B 71 -16.97 -30.61 -46.04
CA LYS B 71 -16.63 -29.47 -45.23
C LYS B 71 -15.19 -29.05 -45.49
N VAL B 72 -14.90 -27.78 -45.28
CA VAL B 72 -13.59 -27.22 -45.53
C VAL B 72 -12.79 -27.21 -44.25
N ILE B 73 -11.64 -27.88 -44.27
CA ILE B 73 -10.65 -27.79 -43.21
C ILE B 73 -9.51 -26.92 -43.71
N LEU B 74 -9.41 -25.71 -43.16
CA LEU B 74 -8.28 -24.83 -43.39
C LEU B 74 -7.14 -25.23 -42.46
N VAL B 75 -5.97 -25.52 -43.02
CA VAL B 75 -4.83 -26.09 -42.31
C VAL B 75 -3.63 -25.14 -42.45
N ALA B 76 -2.90 -24.97 -41.35
CA ALA B 76 -1.69 -24.15 -41.33
C ALA B 76 -0.57 -24.95 -40.69
N VAL B 77 0.49 -25.20 -41.44
CA VAL B 77 1.65 -25.94 -40.95
C VAL B 77 2.81 -24.99 -40.74
N HIS B 78 3.46 -25.10 -39.59
CA HIS B 78 4.74 -24.44 -39.35
C HIS B 78 5.84 -25.32 -39.95
N VAL B 79 6.50 -24.81 -40.99
CA VAL B 79 7.35 -25.65 -41.83
C VAL B 79 8.52 -26.22 -41.03
N ALA B 80 9.18 -25.37 -40.25
CA ALA B 80 10.41 -25.78 -39.57
C ALA B 80 10.14 -26.85 -38.51
N SER B 81 8.95 -26.89 -37.94
CA SER B 81 8.69 -27.80 -36.83
C SER B 81 7.67 -28.87 -37.13
N GLY B 82 6.82 -28.69 -38.14
CA GLY B 82 5.71 -29.60 -38.32
C GLY B 82 4.52 -29.37 -37.42
N TYR B 83 4.54 -28.31 -36.60
CA TYR B 83 3.42 -27.95 -35.76
C TYR B 83 2.24 -27.49 -36.60
N ILE B 84 1.06 -27.96 -36.24
CA ILE B 84 -0.15 -27.77 -37.03
C ILE B 84 -1.15 -26.93 -36.24
N GLU B 85 -1.80 -26.00 -36.94
CA GLU B 85 -3.03 -25.35 -36.52
C GLU B 85 -4.08 -25.58 -37.60
N ALA B 86 -5.29 -25.96 -37.21
CA ALA B 86 -6.32 -26.34 -38.18
C ALA B 86 -7.70 -26.06 -37.60
N GLU B 87 -8.69 -25.95 -38.50
CA GLU B 87 -10.05 -25.62 -38.09
C GLU B 87 -11.01 -25.79 -39.25
N VAL B 88 -12.12 -26.48 -38.98
CA VAL B 88 -13.27 -26.51 -39.87
C VAL B 88 -13.77 -25.09 -40.05
N ILE B 89 -13.72 -24.57 -41.27
CA ILE B 89 -14.23 -23.23 -41.54
C ILE B 89 -15.51 -23.36 -42.35
N PRO B 90 -16.47 -22.45 -42.21
CA PRO B 90 -17.82 -22.68 -42.76
C PRO B 90 -17.89 -22.55 -44.27
N ALA B 91 -16.98 -21.78 -44.86
CA ALA B 91 -17.01 -21.48 -46.28
C ALA B 91 -15.64 -21.04 -46.76
N GLU B 92 -15.13 -21.74 -47.77
CA GLU B 92 -13.83 -21.43 -48.37
C GLU B 92 -13.88 -20.06 -49.03
N THR B 93 -13.75 -19.03 -48.21
CA THR B 93 -13.87 -17.65 -48.65
C THR B 93 -12.75 -16.81 -48.07
N GLY B 94 -12.41 -15.74 -48.78
CA GLY B 94 -11.37 -14.84 -48.31
C GLY B 94 -11.68 -14.26 -46.94
N GLN B 95 -12.95 -14.19 -46.58
CA GLN B 95 -13.33 -13.68 -45.26
C GLN B 95 -12.87 -14.62 -44.15
N GLU B 96 -13.33 -15.87 -44.19
CA GLU B 96 -12.95 -16.83 -43.15
C GLU B 96 -11.46 -17.13 -43.20
N THR B 97 -10.85 -17.04 -44.37
CA THR B 97 -9.41 -17.23 -44.48
C THR B 97 -8.64 -16.09 -43.82
N ALA B 98 -9.04 -14.85 -44.09
CA ALA B 98 -8.39 -13.72 -43.45
C ALA B 98 -8.59 -13.78 -41.94
N TYR B 99 -9.72 -14.30 -41.49
CA TYR B 99 -9.94 -14.46 -40.06
C TYR B 99 -9.01 -15.52 -39.47
N PHE B 100 -8.93 -16.69 -40.11
CA PHE B 100 -8.01 -17.73 -39.65
C PHE B 100 -6.58 -17.22 -39.60
N LEU B 101 -6.19 -16.39 -40.57
CA LEU B 101 -4.83 -15.89 -40.64
C LEU B 101 -4.57 -14.85 -39.57
N LEU B 102 -5.55 -14.00 -39.28
CA LEU B 102 -5.39 -13.03 -38.21
C LEU B 102 -5.27 -13.74 -36.87
N LYS B 103 -6.07 -14.79 -36.65
CA LYS B 103 -5.96 -15.59 -35.43
C LYS B 103 -4.58 -16.20 -35.29
N LEU B 104 -4.16 -16.93 -36.33
CA LEU B 104 -2.83 -17.54 -36.35
C LEU B 104 -1.75 -16.51 -36.01
N ALA B 105 -1.79 -15.34 -36.65
CA ALA B 105 -0.71 -14.38 -36.44
C ALA B 105 -0.77 -13.74 -35.05
N GLY B 106 -1.95 -13.74 -34.42
CA GLY B 106 -2.03 -13.29 -33.05
C GLY B 106 -1.60 -14.33 -32.04
N ARG B 107 -1.49 -15.60 -32.44
CA ARG B 107 -1.03 -16.62 -31.52
C ARG B 107 0.43 -17.04 -31.72
N TRP B 108 0.98 -16.91 -32.92
CA TRP B 108 2.36 -17.28 -33.17
C TRP B 108 3.01 -16.17 -33.98
N PRO B 109 4.32 -16.05 -33.94
CA PRO B 109 4.99 -15.00 -34.71
C PRO B 109 5.12 -15.38 -36.18
N VAL B 110 4.11 -15.07 -36.98
CA VAL B 110 4.04 -15.42 -38.39
C VAL B 110 4.69 -14.30 -39.19
N LYS B 111 5.66 -14.63 -40.03
CA LYS B 111 6.25 -13.65 -40.92
C LYS B 111 6.00 -13.92 -42.41
N THR B 112 5.71 -15.16 -42.78
CA THR B 112 5.54 -15.52 -44.17
C THR B 112 4.58 -16.68 -44.28
N VAL B 113 3.62 -16.58 -45.19
CA VAL B 113 2.72 -17.68 -45.49
C VAL B 113 2.82 -18.02 -46.97
N HIS B 114 2.87 -19.33 -47.27
CA HIS B 114 2.80 -19.87 -48.63
C HIS B 114 1.45 -20.51 -48.89
N THR B 115 0.80 -20.06 -49.97
CA THR B 115 -0.47 -20.59 -50.45
C THR B 115 -0.36 -20.90 -51.94
N ASP B 116 -1.39 -21.57 -52.48
CA ASP B 116 -1.33 -22.21 -53.79
C ASP B 116 -2.16 -21.49 -54.86
N ASN B 117 -2.35 -20.19 -54.72
CA ASN B 117 -3.09 -19.37 -55.69
C ASN B 117 -4.55 -19.78 -55.82
N GLY B 118 -5.16 -20.25 -54.74
CA GLY B 118 -6.60 -20.37 -54.70
C GLY B 118 -7.27 -19.01 -54.68
N SER B 119 -8.59 -19.01 -54.56
CA SER B 119 -9.31 -17.75 -54.53
C SER B 119 -9.44 -17.21 -53.12
N ASN B 120 -9.57 -18.09 -52.12
CA ASN B 120 -9.65 -17.63 -50.73
C ASN B 120 -8.34 -16.99 -50.31
N PHE B 121 -7.24 -17.32 -50.98
CA PHE B 121 -5.93 -16.84 -50.60
C PHE B 121 -5.53 -15.59 -51.35
N THR B 122 -6.21 -15.26 -52.44
CA THR B 122 -5.83 -14.14 -53.28
C THR B 122 -6.77 -12.95 -53.14
N SER B 123 -7.76 -13.03 -52.26
CA SER B 123 -8.74 -11.97 -52.15
C SER B 123 -8.12 -10.70 -51.56
N THR B 124 -8.90 -9.63 -51.59
CA THR B 124 -8.46 -8.40 -50.96
C THR B 124 -8.53 -8.47 -49.43
N THR B 125 -9.44 -9.28 -48.89
CA THR B 125 -9.56 -9.36 -47.44
C THR B 125 -8.33 -10.02 -46.82
N VAL B 126 -7.87 -11.11 -47.42
CA VAL B 126 -6.69 -11.79 -46.93
C VAL B 126 -5.45 -10.92 -47.07
N LYS B 127 -5.35 -10.20 -48.18
CA LYS B 127 -4.20 -9.34 -48.39
C LYS B 127 -4.22 -8.15 -47.42
N ALA B 128 -5.41 -7.67 -47.09
CA ALA B 128 -5.54 -6.61 -46.09
C ALA B 128 -5.15 -7.10 -44.71
N ALA B 129 -5.56 -8.31 -44.36
CA ALA B 129 -5.19 -8.88 -43.06
C ALA B 129 -3.70 -9.10 -42.95
N CYS B 130 -3.09 -9.68 -44.00
CA CYS B 130 -1.65 -9.86 -44.02
C CYS B 130 -0.93 -8.53 -43.93
N TRP B 131 -1.51 -7.49 -44.56
CA TRP B 131 -0.92 -6.16 -44.48
C TRP B 131 -0.98 -5.61 -43.05
N TRP B 132 -2.16 -5.72 -42.42
CA TRP B 132 -2.31 -5.25 -41.05
C TRP B 132 -1.34 -5.95 -40.11
N ALA B 133 -1.17 -7.26 -40.28
CA ALA B 133 -0.37 -8.05 -39.35
C ALA B 133 1.11 -8.14 -39.71
N GLY B 134 1.54 -7.52 -40.80
CA GLY B 134 2.95 -7.54 -41.17
C GLY B 134 3.38 -8.85 -41.80
N ILE B 135 2.45 -9.57 -42.40
CA ILE B 135 2.70 -10.90 -42.98
C ILE B 135 2.96 -10.73 -44.46
N LYS B 136 4.06 -11.32 -44.92
CA LYS B 136 4.35 -11.37 -46.35
C LYS B 136 3.75 -12.64 -46.95
N GLN B 137 3.02 -12.49 -48.04
CA GLN B 137 2.42 -13.64 -48.72
C GLN B 137 3.39 -14.17 -49.77
N GLU B 138 3.27 -15.45 -50.08
CA GLU B 138 4.04 -16.09 -51.14
C GLU B 138 3.16 -17.11 -51.84
N PHE B 139 3.21 -17.10 -53.17
CA PHE B 139 2.38 -17.97 -53.98
C PHE B 139 3.21 -18.95 -54.81
N GLY B 149 5.29 -29.14 -50.57
CA GLY B 149 5.16 -30.59 -50.58
C GLY B 149 4.91 -31.16 -49.20
N VAL B 150 5.33 -30.43 -48.17
CA VAL B 150 5.13 -30.90 -46.80
C VAL B 150 3.68 -30.74 -46.40
N ILE B 151 2.98 -29.78 -47.01
CA ILE B 151 1.58 -29.53 -46.68
C ILE B 151 0.71 -30.72 -47.09
N GLU B 152 1.02 -31.35 -48.23
CA GLU B 152 0.25 -32.50 -48.68
C GLU B 152 0.42 -33.68 -47.73
N SER B 153 1.66 -33.98 -47.36
CA SER B 153 1.93 -35.06 -46.40
C SER B 153 1.25 -34.79 -45.07
N MET B 154 1.29 -33.53 -44.62
CA MET B 154 0.67 -33.22 -43.33
C MET B 154 -0.84 -33.29 -43.41
N ASN B 155 -1.43 -32.90 -44.54
CA ASN B 155 -2.85 -33.14 -44.76
C ASN B 155 -3.17 -34.62 -44.64
N LYS B 156 -2.31 -35.48 -45.21
CA LYS B 156 -2.54 -36.91 -45.13
C LYS B 156 -2.52 -37.40 -43.69
N GLU B 157 -1.53 -36.96 -42.91
CA GLU B 157 -1.43 -37.39 -41.52
C GLU B 157 -2.62 -36.90 -40.70
N LEU B 158 -2.96 -35.62 -40.85
CA LEU B 158 -4.13 -35.06 -40.20
C LEU B 158 -5.39 -35.86 -40.52
N LYS B 159 -5.61 -36.17 -41.80
CA LYS B 159 -6.77 -36.95 -42.19
C LYS B 159 -6.75 -38.33 -41.55
N LYS B 160 -5.56 -38.93 -41.42
CA LYS B 160 -5.47 -40.25 -40.82
C LYS B 160 -5.82 -40.23 -39.34
N ILE B 161 -5.30 -39.24 -38.61
CA ILE B 161 -5.69 -39.11 -37.20
C ILE B 161 -7.18 -38.85 -37.09
N ILE B 162 -7.71 -38.00 -37.97
CA ILE B 162 -9.15 -37.76 -38.01
C ILE B 162 -9.90 -39.06 -38.19
N GLY B 163 -9.37 -39.94 -39.04
CA GLY B 163 -10.01 -41.23 -39.20
C GLY B 163 -9.97 -42.07 -37.94
N GLN B 164 -8.87 -41.99 -37.18
CA GLN B 164 -8.76 -42.77 -35.96
C GLN B 164 -9.67 -42.25 -34.86
N VAL B 165 -10.00 -40.96 -34.87
CA VAL B 165 -10.73 -40.36 -33.75
C VAL B 165 -12.10 -39.83 -34.16
N ARG B 166 -12.54 -40.09 -35.40
CA ARG B 166 -13.82 -39.56 -35.84
C ARG B 166 -14.99 -40.20 -35.09
N ASP B 167 -14.80 -41.42 -34.60
CA ASP B 167 -15.81 -42.05 -33.77
C ASP B 167 -15.97 -41.35 -32.42
N GLN B 168 -14.87 -40.87 -31.85
CA GLN B 168 -14.81 -40.27 -30.53
C GLN B 168 -15.49 -38.91 -30.44
N ALA B 169 -16.19 -38.49 -31.48
CA ALA B 169 -16.83 -37.18 -31.49
C ALA B 169 -18.12 -37.27 -32.29
N GLU B 170 -19.06 -36.44 -31.93
CA GLU B 170 -20.26 -36.29 -32.75
C GLU B 170 -19.97 -35.48 -34.00
N HIS B 171 -19.45 -34.27 -33.85
CA HIS B 171 -19.25 -33.37 -34.96
C HIS B 171 -17.80 -33.42 -35.45
N LEU B 172 -17.59 -32.90 -36.65
CA LEU B 172 -16.31 -33.07 -37.29
C LEU B 172 -15.31 -31.99 -36.86
N LYS B 173 -15.79 -30.85 -36.38
CA LYS B 173 -14.89 -29.84 -35.84
C LYS B 173 -14.20 -30.32 -34.57
N THR B 174 -14.92 -31.09 -33.74
CA THR B 174 -14.31 -31.66 -32.55
C THR B 174 -13.31 -32.73 -32.93
N ALA B 175 -13.63 -33.54 -33.94
CA ALA B 175 -12.68 -34.52 -34.44
C ALA B 175 -11.42 -33.84 -34.99
N VAL B 176 -11.58 -32.72 -35.69
CA VAL B 176 -10.42 -32.00 -36.21
C VAL B 176 -9.55 -31.49 -35.07
N GLN B 177 -10.16 -30.93 -34.03
CA GLN B 177 -9.33 -30.39 -32.96
C GLN B 177 -8.65 -31.50 -32.16
N MET B 178 -9.34 -32.63 -31.96
CA MET B 178 -8.69 -33.77 -31.31
C MET B 178 -7.52 -34.28 -32.15
N ALA B 179 -7.68 -34.35 -33.47
CA ALA B 179 -6.60 -34.78 -34.34
C ALA B 179 -5.42 -33.82 -34.27
N VAL B 180 -5.69 -32.52 -34.22
CA VAL B 180 -4.64 -31.52 -34.08
C VAL B 180 -3.89 -31.72 -32.76
N PHE B 181 -4.65 -31.86 -31.67
CA PHE B 181 -4.03 -32.16 -30.38
C PHE B 181 -3.10 -33.37 -30.48
N ILE B 182 -3.60 -34.47 -31.06
CA ILE B 182 -2.81 -35.69 -31.13
C ILE B 182 -1.55 -35.49 -31.95
N HIS B 183 -1.67 -34.82 -33.09
CA HIS B 183 -0.52 -34.53 -33.92
C HIS B 183 0.52 -33.72 -33.16
N ASN B 184 0.13 -32.58 -32.60
CA ASN B 184 1.10 -31.67 -32.00
C ASN B 184 1.73 -32.25 -30.73
N PHE B 185 0.96 -32.96 -29.89
CA PHE B 185 1.50 -33.31 -28.59
C PHE B 185 1.62 -34.80 -28.30
N LYS B 186 0.93 -35.68 -29.02
CA LYS B 186 0.97 -37.11 -28.71
C LYS B 186 1.85 -37.92 -29.65
N ARG B 187 2.35 -37.32 -30.72
CA ARG B 187 3.15 -38.02 -31.70
C ARG B 187 4.61 -37.60 -31.54
N LYS B 188 5.34 -38.31 -30.69
CA LYS B 188 6.77 -38.09 -30.49
C LYS B 188 7.53 -38.74 -31.64
N GLY B 189 8.43 -37.98 -32.23
CA GLY B 189 9.19 -38.48 -33.36
C GLY B 189 10.36 -37.59 -33.70
N GLY B 190 11.09 -37.98 -34.73
CA GLY B 190 12.25 -37.22 -35.15
C GLY B 190 13.53 -37.73 -34.51
N ILE B 191 14.57 -36.91 -34.60
CA ILE B 191 15.88 -37.28 -34.07
C ILE B 191 15.81 -37.43 -32.55
N GLY B 192 15.57 -36.33 -31.85
CA GLY B 192 15.49 -36.32 -30.40
C GLY B 192 14.26 -36.97 -29.82
N GLY B 193 13.27 -37.29 -30.64
CA GLY B 193 12.04 -37.89 -30.17
C GLY B 193 11.06 -36.90 -29.56
N TYR B 194 10.98 -35.69 -30.09
CA TYR B 194 10.10 -34.66 -29.59
C TYR B 194 8.79 -34.63 -30.37
N SER B 195 7.78 -33.98 -29.78
CA SER B 195 6.58 -33.67 -30.53
C SER B 195 6.71 -32.32 -31.22
N ALA B 196 5.79 -32.05 -32.15
CA ALA B 196 5.81 -30.80 -32.88
C ALA B 196 5.61 -29.59 -31.96
N GLY B 197 4.90 -29.77 -30.85
CA GLY B 197 4.76 -28.68 -29.89
C GLY B 197 6.09 -28.27 -29.29
N GLU B 198 6.88 -29.24 -28.84
CA GLU B 198 8.19 -28.93 -28.28
C GLU B 198 9.13 -28.38 -29.34
N ARG B 199 9.04 -28.89 -30.57
CA ARG B 199 9.90 -28.40 -31.62
C ARG B 199 9.58 -26.95 -31.97
N ILE B 200 8.30 -26.60 -32.06
CA ILE B 200 8.00 -25.22 -32.40
C ILE B 200 8.39 -24.29 -31.25
N VAL B 201 8.28 -24.76 -30.01
CA VAL B 201 8.68 -23.92 -28.90
C VAL B 201 10.20 -23.68 -28.93
N ASP B 202 10.97 -24.76 -29.11
CA ASP B 202 12.43 -24.62 -29.20
C ASP B 202 12.84 -23.74 -30.36
N ILE B 203 12.21 -23.88 -31.52
CA ILE B 203 12.56 -23.08 -32.69
C ILE B 203 12.26 -21.62 -32.44
N ILE B 204 11.09 -21.30 -31.88
CA ILE B 204 10.74 -19.90 -31.66
C ILE B 204 11.66 -19.28 -30.60
N ALA B 205 12.06 -20.06 -29.61
CA ALA B 205 12.96 -19.53 -28.60
C ALA B 205 14.34 -19.25 -29.17
N THR B 206 14.87 -20.17 -29.99
CA THR B 206 16.09 -19.87 -30.73
C THR B 206 15.94 -18.60 -31.55
N ASP B 207 14.77 -18.41 -32.17
CA ASP B 207 14.56 -17.22 -32.97
C ASP B 207 14.51 -15.95 -32.12
N ILE B 208 13.99 -16.06 -30.90
CA ILE B 208 14.02 -14.91 -30.00
C ILE B 208 15.45 -14.57 -29.66
N GLN B 209 16.27 -15.60 -29.41
CA GLN B 209 17.71 -15.37 -29.22
C GLN B 209 18.33 -14.69 -30.45
N THR B 210 18.04 -15.20 -31.65
CA THR B 210 18.59 -14.61 -32.86
C THR B 210 18.27 -13.12 -32.92
N LYS B 211 17.01 -12.77 -32.66
CA LYS B 211 16.61 -11.37 -32.79
C LYS B 211 17.17 -10.49 -31.69
N GLU B 212 17.28 -10.99 -30.46
CA GLU B 212 17.85 -10.13 -29.43
C GLU B 212 19.35 -9.94 -29.63
N LEU B 213 20.06 -10.99 -30.07
CA LEU B 213 21.46 -10.83 -30.43
C LEU B 213 21.62 -9.81 -31.55
N GLN B 214 20.73 -9.85 -32.54
CA GLN B 214 20.77 -8.86 -33.61
C GLN B 214 20.52 -7.46 -33.07
N LYS B 215 19.60 -7.33 -32.11
CA LYS B 215 19.35 -6.03 -31.50
C LYS B 215 20.59 -5.49 -30.82
N GLN B 216 21.27 -6.33 -30.04
CA GLN B 216 22.51 -5.91 -29.41
C GLN B 216 23.53 -5.43 -30.45
N ILE B 217 23.78 -6.26 -31.46
CA ILE B 217 24.78 -5.94 -32.48
C ILE B 217 24.42 -4.66 -33.21
N THR B 218 23.16 -4.53 -33.63
CA THR B 218 22.67 -3.34 -34.31
C THR B 218 22.88 -2.11 -33.46
N LYS B 219 22.56 -2.19 -32.16
CA LYS B 219 22.82 -1.07 -31.27
C LYS B 219 24.29 -0.68 -31.29
N ILE B 220 25.17 -1.59 -30.89
CA ILE B 220 26.57 -1.20 -30.67
C ILE B 220 27.37 -1.06 -31.95
N GLN B 221 26.75 -1.23 -33.13
CA GLN B 221 27.49 -1.00 -34.35
C GLN B 221 27.54 0.47 -34.76
N ASN B 222 26.81 1.33 -34.06
CA ASN B 222 26.85 2.76 -34.30
C ASN B 222 27.87 3.50 -33.44
N PHE B 223 28.91 2.81 -32.96
CA PHE B 223 29.90 3.39 -32.08
C PHE B 223 31.31 3.31 -32.68
N ARG B 224 32.22 4.06 -32.08
CA ARG B 224 33.65 4.00 -32.37
C ARG B 224 34.42 4.14 -31.07
N VAL B 225 35.45 3.32 -30.89
CA VAL B 225 36.27 3.35 -29.69
C VAL B 225 37.64 3.92 -30.05
N TYR B 226 38.48 4.11 -29.05
CA TYR B 226 39.84 4.60 -29.19
C TYR B 226 40.65 4.08 -28.02
N TYR B 227 41.46 3.05 -28.25
CA TYR B 227 42.19 2.39 -27.18
C TYR B 227 43.66 2.78 -27.23
N ARG B 228 44.24 2.94 -26.03
CA ARG B 228 45.65 3.28 -25.88
C ARG B 228 46.00 4.59 -26.58
N TRP B 235 46.61 8.16 -29.01
CA TRP B 235 45.47 7.26 -29.17
C TRP B 235 45.49 6.55 -30.52
N LYS B 236 45.15 5.27 -30.52
CA LYS B 236 45.09 4.50 -31.75
C LYS B 236 43.87 4.91 -32.57
N GLY B 237 43.73 4.31 -33.75
CA GLY B 237 42.66 4.66 -34.66
C GLY B 237 41.31 4.23 -34.14
N PRO B 238 40.26 4.63 -34.88
CA PRO B 238 38.90 4.23 -34.50
C PRO B 238 38.72 2.73 -34.66
N ALA B 239 38.09 2.11 -33.67
CA ALA B 239 37.96 0.67 -33.61
C ALA B 239 36.51 0.29 -33.31
N LYS B 240 36.06 -0.78 -33.97
CA LYS B 240 34.70 -1.28 -33.80
C LYS B 240 34.48 -1.73 -32.36
N LEU B 241 33.31 -1.42 -31.81
CA LEU B 241 32.99 -1.83 -30.45
C LEU B 241 32.26 -3.17 -30.46
N LEU B 242 32.68 -4.07 -29.58
CA LEU B 242 32.13 -5.42 -29.50
C LEU B 242 31.50 -5.72 -28.15
N TRP B 243 32.15 -5.37 -27.06
CA TRP B 243 31.57 -5.54 -25.73
C TRP B 243 32.01 -4.38 -24.86
N LYS B 244 31.32 -4.24 -23.72
CA LYS B 244 31.54 -3.13 -22.79
C LYS B 244 31.21 -3.67 -21.40
N GLY B 245 32.03 -4.61 -20.93
CA GLY B 245 31.80 -5.25 -19.65
C GLY B 245 32.07 -4.35 -18.47
N GLU B 246 32.03 -4.95 -17.28
CA GLU B 246 32.27 -4.23 -16.03
C GLU B 246 33.74 -4.01 -15.75
N GLY B 247 34.63 -4.82 -16.30
CA GLY B 247 36.05 -4.69 -16.04
C GLY B 247 36.90 -4.55 -17.29
N ALA B 248 36.25 -4.54 -18.45
CA ALA B 248 36.97 -4.45 -19.71
C ALA B 248 36.04 -3.92 -20.78
N VAL B 249 36.62 -3.65 -21.95
CA VAL B 249 35.90 -3.21 -23.14
C VAL B 249 36.48 -3.95 -24.32
N VAL B 250 35.73 -4.94 -24.83
CA VAL B 250 36.19 -5.75 -25.95
C VAL B 250 35.87 -5.01 -27.24
N ILE B 251 36.84 -4.98 -28.15
CA ILE B 251 36.74 -4.20 -29.38
C ILE B 251 37.26 -5.04 -30.54
N GLN B 252 37.32 -4.41 -31.72
CA GLN B 252 37.94 -5.00 -32.89
C GLN B 252 38.63 -3.89 -33.68
N ASP B 253 39.77 -4.20 -34.27
CA ASP B 253 40.54 -3.26 -35.06
C ASP B 253 41.49 -4.04 -35.95
N ASN B 254 41.45 -3.75 -37.25
CA ASN B 254 42.27 -4.46 -38.24
C ASN B 254 42.01 -5.97 -38.17
N SER B 255 40.72 -6.33 -38.13
CA SER B 255 40.29 -7.72 -38.06
C SER B 255 40.91 -8.47 -36.90
N ASP B 256 41.21 -7.75 -35.82
CA ASP B 256 41.84 -8.32 -34.63
C ASP B 256 41.09 -7.86 -33.39
N ILE B 257 40.88 -8.78 -32.45
CA ILE B 257 40.06 -8.53 -31.28
C ILE B 257 40.98 -8.31 -30.09
N LYS B 258 40.86 -7.14 -29.47
CA LYS B 258 41.71 -6.75 -28.35
C LYS B 258 40.86 -6.38 -27.16
N VAL B 259 41.32 -6.74 -25.97
CA VAL B 259 40.62 -6.47 -24.71
C VAL B 259 41.41 -5.43 -23.95
N VAL B 260 40.81 -4.25 -23.75
CA VAL B 260 41.51 -3.16 -23.06
C VAL B 260 40.67 -2.71 -21.86
N PRO B 261 41.30 -2.18 -20.81
CA PRO B 261 40.53 -1.68 -19.67
C PRO B 261 39.64 -0.50 -20.04
N ARG B 262 38.56 -0.34 -19.27
CA ARG B 262 37.59 0.70 -19.57
C ARG B 262 38.19 2.09 -19.44
N ARG B 263 39.10 2.28 -18.50
CA ARG B 263 39.70 3.59 -18.29
C ARG B 263 40.64 3.95 -19.44
N LYS B 264 41.29 2.97 -20.05
CA LYS B 264 42.30 3.20 -21.07
C LYS B 264 41.71 3.43 -22.46
N ALA B 265 40.39 3.32 -22.61
CA ALA B 265 39.74 3.47 -23.90
C ALA B 265 38.63 4.51 -23.81
N LYS B 266 38.27 5.08 -24.96
CA LYS B 266 37.28 6.14 -25.03
C LYS B 266 36.28 5.81 -26.13
N ILE B 267 35.01 5.70 -25.76
CA ILE B 267 33.95 5.31 -26.67
C ILE B 267 33.10 6.52 -26.98
N ILE B 268 32.98 6.85 -28.25
CA ILE B 268 32.21 8.00 -28.69
C ILE B 268 31.18 7.56 -29.72
N ARG B 269 30.03 8.23 -29.70
CA ARG B 269 28.93 7.88 -30.58
C ARG B 269 29.12 8.54 -31.94
N ASP B 270 29.16 7.73 -32.99
CA ASP B 270 29.28 8.24 -34.34
C ASP B 270 28.17 7.70 -35.23
N PHE C 1 11.88 -75.59 -27.66
CA PHE C 1 13.16 -74.93 -27.89
C PHE C 1 13.83 -75.45 -29.16
N LEU C 2 13.10 -76.27 -29.93
CA LEU C 2 13.66 -76.76 -31.18
C LEU C 2 13.94 -75.61 -32.15
N ASP C 3 13.07 -74.61 -32.17
CA ASP C 3 13.38 -73.40 -32.90
C ASP C 3 14.63 -72.73 -32.34
N GLY C 4 14.74 -72.65 -31.01
CA GLY C 4 15.93 -72.08 -30.41
C GLY C 4 17.18 -72.90 -30.72
N ILE C 5 17.05 -74.23 -30.70
CA ILE C 5 18.19 -75.10 -31.01
C ILE C 5 18.63 -74.91 -32.46
N ASP C 6 17.66 -74.89 -33.38
CA ASP C 6 17.99 -74.68 -34.79
C ASP C 6 18.64 -73.32 -34.99
N LYS C 7 18.13 -72.28 -34.32
CA LYS C 7 18.70 -70.95 -34.48
C LYS C 7 20.12 -70.91 -33.96
N ALA C 8 20.37 -71.52 -32.80
CA ALA C 8 21.74 -71.55 -32.29
C ALA C 8 22.66 -72.32 -33.22
N GLN C 9 22.19 -73.44 -33.77
CA GLN C 9 23.03 -74.21 -34.68
C GLN C 9 23.36 -73.43 -35.94
N GLU C 10 22.36 -72.73 -36.51
CA GLU C 10 22.65 -71.88 -37.66
C GLU C 10 23.65 -70.80 -37.30
N GLU C 11 23.46 -70.16 -36.15
CA GLU C 11 24.40 -69.15 -35.71
C GLU C 11 25.82 -69.70 -35.65
N HIS C 12 25.97 -70.92 -35.14
CA HIS C 12 27.32 -71.48 -35.09
C HIS C 12 27.81 -71.88 -36.47
N GLU C 13 26.89 -72.15 -37.41
CA GLU C 13 27.33 -72.35 -38.77
C GLU C 13 27.92 -71.06 -39.35
N LYS C 14 27.31 -69.92 -39.04
CA LYS C 14 27.72 -68.62 -39.59
C LYS C 14 28.81 -67.94 -38.79
N TYR C 15 28.74 -68.00 -37.47
CA TYR C 15 29.57 -67.16 -36.63
C TYR C 15 30.59 -67.91 -35.80
N HIS C 16 30.31 -69.13 -35.36
CA HIS C 16 31.16 -69.84 -34.40
C HIS C 16 31.41 -68.98 -33.16
N SER C 17 30.39 -68.27 -32.69
CA SER C 17 30.56 -67.45 -31.50
C SER C 17 30.77 -68.35 -30.29
N ASN C 18 30.96 -67.71 -29.14
CA ASN C 18 31.12 -68.46 -27.90
C ASN C 18 29.86 -69.24 -27.57
N TRP C 19 30.05 -70.45 -27.03
CA TRP C 19 28.94 -71.22 -26.50
C TRP C 19 28.13 -70.44 -25.47
N ARG C 20 28.76 -69.56 -24.69
CA ARG C 20 27.99 -68.79 -23.73
C ARG C 20 27.04 -67.83 -24.41
N ALA C 21 27.41 -67.32 -25.59
CA ALA C 21 26.45 -66.59 -26.40
C ALA C 21 25.34 -67.49 -26.91
N MET C 22 25.71 -68.67 -27.43
CA MET C 22 24.72 -69.57 -28.02
C MET C 22 23.73 -70.09 -26.99
N ALA C 23 24.07 -70.05 -25.70
CA ALA C 23 23.10 -70.40 -24.67
C ALA C 23 21.89 -69.48 -24.71
N SER C 24 22.07 -68.23 -25.18
CA SER C 24 20.94 -67.31 -25.29
C SER C 24 20.00 -67.73 -26.41
N ASP C 25 20.52 -68.10 -27.57
CA ASP C 25 19.67 -68.60 -28.65
C ASP C 25 19.00 -69.91 -28.25
N PHE C 26 19.73 -70.78 -27.57
CA PHE C 26 19.13 -72.02 -27.07
C PHE C 26 18.03 -71.73 -26.07
N ASN C 27 18.22 -70.71 -25.23
CA ASN C 27 17.33 -70.44 -24.10
C ASN C 27 17.22 -71.68 -23.20
N LEU C 28 18.34 -72.36 -23.04
CA LEU C 28 18.39 -73.64 -22.34
C LEU C 28 19.58 -73.64 -21.39
N PRO C 29 19.53 -74.48 -20.35
CA PRO C 29 20.66 -74.58 -19.42
C PRO C 29 21.95 -74.98 -20.12
N PRO C 30 23.09 -74.84 -19.45
CA PRO C 30 24.38 -74.98 -20.13
C PRO C 30 24.65 -76.34 -20.75
N VAL C 31 24.01 -77.40 -20.24
CA VAL C 31 24.41 -78.76 -20.62
C VAL C 31 24.22 -78.98 -22.12
N VAL C 32 23.08 -78.58 -22.66
CA VAL C 32 22.87 -78.68 -24.10
C VAL C 32 23.72 -77.66 -24.86
N ALA C 33 23.84 -76.44 -24.33
CA ALA C 33 24.52 -75.38 -25.07
C ALA C 33 26.00 -75.70 -25.30
N LYS C 34 26.60 -76.49 -24.41
CA LYS C 34 27.97 -76.93 -24.66
C LYS C 34 28.08 -77.83 -25.87
N GLU C 35 27.00 -78.50 -26.25
CA GLU C 35 27.06 -79.46 -27.35
C GLU C 35 27.29 -78.79 -28.70
N ILE C 36 26.89 -77.53 -28.86
CA ILE C 36 27.15 -76.86 -30.14
C ILE C 36 28.64 -76.70 -30.39
N VAL C 37 29.40 -76.33 -29.35
CA VAL C 37 30.85 -76.29 -29.48
C VAL C 37 31.40 -77.71 -29.55
N ALA C 38 30.85 -78.63 -28.76
CA ALA C 38 31.38 -79.99 -28.71
C ALA C 38 31.32 -80.67 -30.08
N SER C 39 30.24 -80.43 -30.83
CA SER C 39 30.10 -81.02 -32.16
C SER C 39 30.78 -80.20 -33.24
N CYS C 40 31.23 -78.98 -32.92
CA CYS C 40 31.78 -78.09 -33.93
C CYS C 40 33.19 -78.53 -34.31
N ASP C 41 33.41 -78.76 -35.60
CA ASP C 41 34.71 -79.22 -36.07
C ASP C 41 35.78 -78.17 -35.85
N LYS C 42 35.44 -76.90 -36.05
CA LYS C 42 36.37 -75.79 -35.84
C LYS C 42 36.44 -75.36 -34.38
N CYS C 43 36.01 -76.23 -33.47
CA CYS C 43 35.76 -75.86 -32.09
C CYS C 43 36.25 -76.99 -31.20
N GLN C 44 35.70 -77.08 -30.00
CA GLN C 44 36.06 -78.02 -28.93
C GLN C 44 37.37 -77.57 -28.28
N LEU C 45 37.61 -76.27 -28.29
CA LEU C 45 38.71 -75.66 -27.58
C LEU C 45 38.19 -75.07 -26.28
N CYS C 56 40.10 -47.32 -16.02
CA CYS C 56 40.78 -46.65 -17.11
C CYS C 56 39.85 -45.64 -17.76
N SER C 57 40.45 -44.58 -18.29
CA SER C 57 39.65 -43.54 -18.92
C SER C 57 38.94 -44.08 -20.16
N PRO C 58 37.70 -43.68 -20.41
CA PRO C 58 37.02 -44.09 -21.65
C PRO C 58 37.71 -43.59 -22.90
N GLY C 59 38.56 -42.57 -22.79
CA GLY C 59 39.23 -41.97 -23.92
C GLY C 59 40.55 -42.60 -24.29
N ILE C 60 40.82 -43.82 -23.85
CA ILE C 60 42.07 -44.49 -24.15
C ILE C 60 41.85 -45.48 -25.30
N TRP C 61 42.77 -45.46 -26.25
CA TRP C 61 42.77 -46.38 -27.37
C TRP C 61 44.22 -46.67 -27.71
N GLN C 62 44.43 -47.77 -28.43
CA GLN C 62 45.77 -48.07 -28.93
C GLN C 62 45.68 -48.66 -30.33
N LEU C 63 46.65 -48.30 -31.16
CA LEU C 63 46.70 -48.72 -32.55
C LEU C 63 48.01 -49.46 -32.78
N ASP C 64 47.91 -50.66 -33.37
CA ASP C 64 49.08 -51.48 -33.64
C ASP C 64 48.96 -52.06 -35.04
N CYS C 65 49.95 -52.86 -35.42
CA CYS C 65 50.04 -53.41 -36.77
C CYS C 65 50.38 -54.88 -36.73
N THR C 66 50.06 -55.57 -37.82
CA THR C 66 50.44 -56.96 -38.01
C THR C 66 50.61 -57.23 -39.50
N HIS C 67 51.31 -58.32 -39.81
CA HIS C 67 51.74 -58.62 -41.16
C HIS C 67 51.24 -59.98 -41.61
N LEU C 68 49.95 -60.23 -41.40
CA LEU C 68 49.35 -61.50 -41.80
C LEU C 68 49.43 -61.67 -43.31
N GLU C 69 49.94 -62.82 -43.75
CA GLU C 69 49.95 -63.21 -45.16
C GLU C 69 50.61 -62.14 -46.05
N GLY C 70 51.62 -61.46 -45.52
CA GLY C 70 52.34 -60.47 -46.30
C GLY C 70 51.66 -59.14 -46.47
N LYS C 71 50.49 -58.95 -45.85
CA LYS C 71 49.73 -57.71 -45.95
C LYS C 71 49.75 -57.00 -44.61
N VAL C 72 49.56 -55.68 -44.65
CA VAL C 72 49.64 -54.85 -43.45
C VAL C 72 48.24 -54.58 -42.93
N ILE C 73 48.02 -54.82 -41.64
CA ILE C 73 46.74 -54.62 -40.99
C ILE C 73 46.93 -53.73 -39.78
N LEU C 74 46.21 -52.61 -39.75
CA LEU C 74 46.13 -51.79 -38.55
C LEU C 74 44.99 -52.29 -37.69
N VAL C 75 45.20 -52.35 -36.38
CA VAL C 75 44.20 -52.84 -35.45
C VAL C 75 44.10 -51.85 -34.31
N ALA C 76 42.88 -51.41 -33.99
CA ALA C 76 42.63 -50.56 -32.84
C ALA C 76 41.77 -51.32 -31.84
N VAL C 77 42.03 -51.08 -30.56
CA VAL C 77 41.31 -51.77 -29.48
C VAL C 77 40.97 -50.75 -28.41
N HIS C 78 39.72 -50.75 -27.96
CA HIS C 78 39.37 -50.01 -26.76
C HIS C 78 39.71 -50.88 -25.56
N VAL C 79 40.70 -50.44 -24.79
CA VAL C 79 41.33 -51.27 -23.77
C VAL C 79 40.31 -51.69 -22.71
N ALA C 80 39.37 -50.82 -22.38
CA ALA C 80 38.48 -51.07 -21.26
C ALA C 80 37.40 -52.11 -21.55
N SER C 81 37.25 -52.56 -22.79
CA SER C 81 36.12 -53.44 -23.09
C SER C 81 36.36 -54.49 -24.17
N GLY C 82 37.56 -54.60 -24.73
CA GLY C 82 37.79 -55.58 -25.78
C GLY C 82 37.07 -55.31 -27.09
N TYR C 83 36.95 -54.04 -27.46
CA TYR C 83 36.38 -53.62 -28.75
C TYR C 83 37.47 -53.69 -29.81
N ILE C 84 37.06 -53.77 -31.07
CA ILE C 84 38.00 -53.87 -32.18
C ILE C 84 37.59 -52.92 -33.29
N GLU C 85 38.56 -52.15 -33.80
CA GLU C 85 38.42 -51.43 -35.06
C GLU C 85 39.65 -51.71 -35.92
N ALA C 86 39.43 -52.21 -37.12
CA ALA C 86 40.57 -52.61 -37.94
C ALA C 86 40.28 -52.36 -39.40
N GLU C 87 41.35 -52.31 -40.18
CA GLU C 87 41.27 -52.05 -41.61
C GLU C 87 42.57 -52.52 -42.25
N VAL C 88 42.44 -53.28 -43.35
CA VAL C 88 43.60 -53.63 -44.14
C VAL C 88 44.11 -52.38 -44.84
N ILE C 89 45.38 -52.07 -44.64
CA ILE C 89 45.97 -50.83 -45.13
C ILE C 89 46.86 -51.17 -46.33
N PRO C 90 46.79 -50.41 -47.43
CA PRO C 90 47.64 -50.72 -48.58
C PRO C 90 49.13 -50.66 -48.29
N ALA C 91 49.57 -49.76 -47.42
CA ALA C 91 50.99 -49.58 -47.17
C ALA C 91 51.19 -49.06 -45.74
N GLU C 92 52.43 -49.16 -45.28
CA GLU C 92 52.78 -48.74 -43.92
C GLU C 92 53.07 -47.25 -43.82
N THR C 93 52.81 -46.47 -44.87
CA THR C 93 53.10 -45.05 -44.83
C THR C 93 52.22 -44.35 -43.81
N GLY C 94 52.77 -43.28 -43.22
CA GLY C 94 52.03 -42.53 -42.22
C GLY C 94 50.82 -41.81 -42.76
N GLN C 95 50.78 -41.57 -44.08
CA GLN C 95 49.64 -40.86 -44.68
C GLN C 95 48.35 -41.66 -44.52
N GLU C 96 48.39 -42.96 -44.79
CA GLU C 96 47.18 -43.78 -44.69
C GLU C 96 46.81 -44.05 -43.24
N THR C 97 47.80 -44.23 -42.37
CA THR C 97 47.51 -44.34 -40.95
C THR C 97 46.87 -43.07 -40.42
N ALA C 98 47.24 -41.91 -40.99
CA ALA C 98 46.59 -40.66 -40.61
C ALA C 98 45.10 -40.70 -40.92
N TYR C 99 44.75 -41.16 -42.11
CA TYR C 99 43.34 -41.28 -42.48
C TYR C 99 42.61 -42.25 -41.56
N PHE C 100 43.25 -43.38 -41.26
CA PHE C 100 42.59 -44.37 -40.41
C PHE C 100 42.39 -43.85 -38.99
N LEU C 101 43.37 -43.12 -38.46
CA LEU C 101 43.18 -42.49 -37.17
C LEU C 101 42.13 -41.40 -37.24
N LEU C 102 42.01 -40.74 -38.38
CA LEU C 102 40.94 -39.75 -38.54
C LEU C 102 39.59 -40.40 -38.38
N LYS C 103 39.39 -41.56 -39.01
CA LYS C 103 38.14 -42.27 -38.84
C LYS C 103 37.93 -42.68 -37.38
N LEU C 104 38.98 -43.23 -36.76
CA LEU C 104 38.89 -43.63 -35.36
C LEU C 104 38.40 -42.49 -34.49
N ALA C 105 38.94 -41.29 -34.71
CA ALA C 105 38.59 -40.16 -33.86
C ALA C 105 37.21 -39.63 -34.19
N GLY C 106 36.82 -39.69 -35.45
CA GLY C 106 35.49 -39.20 -35.80
C GLY C 106 34.38 -40.04 -35.21
N ARG C 107 34.54 -41.37 -35.24
CA ARG C 107 33.45 -42.26 -34.87
C ARG C 107 33.15 -42.27 -33.38
N TRP C 108 34.16 -42.17 -32.53
CA TRP C 108 33.98 -42.21 -31.08
C TRP C 108 34.82 -41.11 -30.48
N PRO C 109 34.46 -40.61 -29.29
CA PRO C 109 35.28 -39.56 -28.66
C PRO C 109 36.56 -40.10 -28.04
N VAL C 110 37.61 -40.17 -28.86
CA VAL C 110 38.90 -40.75 -28.47
C VAL C 110 39.80 -39.64 -27.94
N LYS C 111 40.40 -39.88 -26.78
CA LYS C 111 41.21 -38.89 -26.08
C LYS C 111 42.70 -39.14 -26.17
N THR C 112 43.17 -40.36 -25.85
CA THR C 112 44.59 -40.67 -25.86
C THR C 112 44.83 -41.97 -26.61
N VAL C 113 45.99 -42.04 -27.28
CA VAL C 113 46.35 -43.20 -28.08
C VAL C 113 47.75 -43.65 -27.69
N HIS C 114 47.92 -44.97 -27.52
CA HIS C 114 49.19 -45.56 -27.09
C HIS C 114 49.76 -46.38 -28.25
N THR C 115 50.81 -45.85 -28.89
CA THR C 115 51.53 -46.60 -29.90
C THR C 115 53.02 -46.60 -29.60
N ASP C 116 53.84 -47.10 -30.52
CA ASP C 116 55.28 -47.10 -30.34
C ASP C 116 55.86 -45.80 -30.89
N ASN C 117 57.18 -45.67 -30.83
CA ASN C 117 57.89 -44.52 -31.35
C ASN C 117 58.32 -44.69 -32.80
N GLY C 118 57.60 -45.52 -33.56
CA GLY C 118 57.98 -45.77 -34.94
C GLY C 118 57.61 -44.63 -35.87
N SER C 119 58.35 -44.57 -36.98
CA SER C 119 58.03 -43.59 -38.02
C SER C 119 56.64 -43.81 -38.60
N ASN C 120 56.11 -45.02 -38.47
CA ASN C 120 54.72 -45.27 -38.84
C ASN C 120 53.75 -44.46 -37.99
N PHE C 121 54.18 -44.01 -36.81
CA PHE C 121 53.37 -43.16 -35.97
C PHE C 121 54.00 -41.81 -35.64
N THR C 122 55.32 -41.68 -35.71
CA THR C 122 55.97 -40.40 -35.42
C THR C 122 55.98 -39.45 -36.61
N SER C 123 55.42 -39.86 -37.74
CA SER C 123 55.48 -39.04 -38.94
C SER C 123 54.66 -37.77 -38.76
N THR C 124 54.92 -36.80 -39.65
CA THR C 124 54.29 -35.49 -39.55
C THR C 124 52.77 -35.57 -39.69
N THR C 125 52.29 -36.38 -40.62
CA THR C 125 50.85 -36.42 -40.90
C THR C 125 50.08 -36.90 -39.68
N VAL C 126 50.61 -37.88 -38.95
CA VAL C 126 49.92 -38.37 -37.77
C VAL C 126 49.83 -37.27 -36.72
N LYS C 127 50.92 -36.51 -36.56
CA LYS C 127 50.91 -35.40 -35.61
C LYS C 127 49.86 -34.38 -36.00
N ALA C 128 49.76 -34.05 -37.29
CA ALA C 128 48.74 -33.11 -37.72
C ALA C 128 47.35 -33.67 -37.50
N ALA C 129 47.17 -34.98 -37.69
CA ALA C 129 45.86 -35.58 -37.46
C ALA C 129 45.44 -35.45 -36.01
N CYS C 130 46.37 -35.75 -35.10
CA CYS C 130 46.06 -35.55 -33.68
C CYS C 130 45.77 -34.09 -33.40
N TRP C 131 46.48 -33.19 -34.08
CA TRP C 131 46.28 -31.76 -33.87
C TRP C 131 44.88 -31.32 -34.30
N TRP C 132 44.41 -31.85 -35.41
CA TRP C 132 43.07 -31.48 -35.88
C TRP C 132 42.00 -32.07 -34.98
N ALA C 133 42.09 -33.37 -34.70
CA ALA C 133 40.99 -34.06 -34.01
C ALA C 133 41.03 -33.85 -32.51
N GLY C 134 42.21 -33.59 -31.95
CA GLY C 134 42.31 -33.48 -30.51
C GLY C 134 42.56 -34.82 -29.84
N ILE C 135 43.67 -35.45 -30.19
CA ILE C 135 44.06 -36.74 -29.62
C ILE C 135 45.50 -36.64 -29.17
N LYS C 136 45.80 -37.21 -28.00
CA LYS C 136 47.18 -37.36 -27.54
C LYS C 136 47.70 -38.74 -27.87
N GLN C 137 48.99 -38.81 -28.20
CA GLN C 137 49.61 -40.05 -28.60
C GLN C 137 50.88 -40.29 -27.80
N GLU C 138 51.10 -41.54 -27.42
CA GLU C 138 52.31 -41.98 -26.73
C GLU C 138 53.22 -42.69 -27.73
N PHE C 139 54.52 -42.41 -27.64
CA PHE C 139 55.49 -42.94 -28.59
C PHE C 139 56.57 -43.71 -27.83
N GLY C 140 56.52 -45.03 -27.91
CA GLY C 140 57.52 -45.87 -27.32
C GLY C 140 56.88 -47.06 -26.61
N ILE C 141 57.60 -47.54 -25.59
CA ILE C 141 57.13 -48.66 -24.78
C ILE C 141 56.27 -48.12 -23.64
N PRO C 142 55.01 -48.56 -23.53
CA PRO C 142 54.19 -48.15 -22.39
C PRO C 142 54.73 -48.73 -21.09
N TYR C 143 54.34 -48.08 -19.98
CA TYR C 143 54.78 -48.53 -18.66
C TYR C 143 54.29 -49.94 -18.35
N ASN C 144 53.21 -50.38 -19.00
CA ASN C 144 52.63 -51.71 -18.80
C ASN C 144 52.51 -52.38 -20.16
N PRO C 145 53.60 -52.97 -20.66
CA PRO C 145 53.53 -53.66 -21.96
C PRO C 145 52.70 -54.93 -21.93
N GLN C 146 52.16 -55.32 -20.76
CA GLN C 146 51.28 -56.47 -20.71
C GLN C 146 49.98 -56.20 -21.46
N SER C 147 49.56 -54.94 -21.52
CA SER C 147 48.42 -54.59 -22.38
C SER C 147 48.75 -54.85 -23.84
N GLN C 148 49.97 -54.51 -24.26
CA GLN C 148 50.41 -54.83 -25.61
C GLN C 148 50.47 -56.33 -25.83
N GLY C 149 50.90 -57.07 -24.82
CA GLY C 149 50.86 -58.52 -24.90
C GLY C 149 49.46 -59.07 -25.06
N VAL C 150 48.50 -58.47 -24.35
CA VAL C 150 47.12 -58.91 -24.44
C VAL C 150 46.57 -58.63 -25.83
N ILE C 151 46.85 -57.44 -26.37
CA ILE C 151 46.35 -57.12 -27.69
C ILE C 151 47.06 -57.96 -28.76
N GLU C 152 48.30 -58.38 -28.51
CA GLU C 152 48.96 -59.29 -29.43
C GLU C 152 48.35 -60.68 -29.33
N SER C 153 47.94 -61.09 -28.14
CA SER C 153 47.20 -62.34 -27.98
C SER C 153 45.88 -62.28 -28.74
N MET C 154 45.20 -61.15 -28.66
CA MET C 154 43.99 -60.96 -29.45
C MET C 154 44.31 -60.97 -30.94
N ASN C 155 45.47 -60.45 -31.32
CA ASN C 155 45.89 -60.54 -32.72
C ASN C 155 46.03 -62.00 -33.14
N LYS C 156 46.64 -62.82 -32.30
CA LYS C 156 46.77 -64.24 -32.61
C LYS C 156 45.40 -64.92 -32.66
N GLU C 157 44.48 -64.52 -31.79
CA GLU C 157 43.14 -65.10 -31.82
C GLU C 157 42.40 -64.68 -33.09
N LEU C 158 42.56 -63.44 -33.51
CA LEU C 158 42.05 -63.02 -34.80
C LEU C 158 42.65 -63.85 -35.92
N LYS C 159 43.93 -64.22 -35.77
CA LYS C 159 44.60 -65.00 -36.81
C LYS C 159 44.04 -66.42 -36.89
N LYS C 160 43.81 -67.05 -35.75
CA LYS C 160 43.13 -68.35 -35.74
C LYS C 160 41.71 -68.22 -36.31
N ILE C 161 41.00 -67.17 -35.90
CA ILE C 161 39.67 -66.91 -36.43
C ILE C 161 39.72 -66.82 -37.94
N ILE C 162 40.70 -66.08 -38.47
CA ILE C 162 40.82 -65.91 -39.91
C ILE C 162 41.12 -67.24 -40.58
N GLY C 163 42.00 -68.04 -39.96
CA GLY C 163 42.30 -69.35 -40.47
C GLY C 163 41.04 -70.20 -40.59
N GLN C 164 40.04 -69.89 -39.76
CA GLN C 164 38.73 -70.50 -39.91
C GLN C 164 37.82 -69.81 -40.92
N VAL C 165 37.69 -68.49 -40.87
CA VAL C 165 36.70 -67.78 -41.68
C VAL C 165 37.07 -67.83 -43.15
N ARG C 166 38.36 -67.84 -43.48
CA ARG C 166 38.80 -67.84 -44.87
C ARG C 166 38.11 -68.93 -45.70
N ASP C 167 37.48 -69.90 -45.05
CA ASP C 167 36.59 -70.82 -45.72
C ASP C 167 35.30 -70.14 -46.16
N GLN C 168 35.09 -68.89 -45.76
CA GLN C 168 33.83 -68.18 -45.99
C GLN C 168 34.08 -66.77 -46.55
N ALA C 169 35.14 -66.57 -47.34
CA ALA C 169 35.41 -65.29 -47.99
C ALA C 169 36.36 -65.48 -49.16
N GLU C 170 36.32 -64.54 -50.11
CA GLU C 170 37.26 -64.53 -51.21
C GLU C 170 38.45 -63.60 -51.01
N HIS C 171 38.25 -62.44 -50.39
CA HIS C 171 39.37 -61.54 -50.15
C HIS C 171 39.68 -61.58 -48.67
N LEU C 172 40.94 -61.84 -48.34
CA LEU C 172 41.34 -61.96 -46.93
C LEU C 172 41.02 -60.69 -46.15
N LYS C 173 40.97 -59.54 -46.83
CA LYS C 173 40.54 -58.31 -46.17
C LYS C 173 39.12 -58.47 -45.64
N THR C 174 38.25 -59.09 -46.45
CA THR C 174 36.90 -59.33 -45.98
C THR C 174 36.90 -60.14 -44.70
N ALA C 175 37.71 -61.19 -44.63
CA ALA C 175 37.73 -62.03 -43.43
C ALA C 175 38.29 -61.26 -42.25
N VAL C 176 39.22 -60.33 -42.51
CA VAL C 176 39.71 -59.48 -41.43
C VAL C 176 38.56 -58.67 -40.84
N GLN C 177 37.77 -58.02 -41.70
CA GLN C 177 36.65 -57.26 -41.18
C GLN C 177 35.61 -58.16 -40.51
N MET C 178 35.31 -59.29 -41.13
CA MET C 178 34.32 -60.18 -40.54
C MET C 178 34.73 -60.53 -39.14
N ALA C 179 36.00 -60.84 -38.94
CA ALA C 179 36.47 -61.14 -37.60
C ALA C 179 36.28 -59.94 -36.70
N VAL C 180 36.49 -58.74 -37.24
CA VAL C 180 36.33 -57.55 -36.39
C VAL C 180 34.94 -57.57 -35.78
N PHE C 181 33.94 -57.82 -36.63
CA PHE C 181 32.56 -57.82 -36.15
C PHE C 181 32.27 -59.00 -35.23
N ILE C 182 32.78 -60.18 -35.58
CA ILE C 182 32.50 -61.33 -34.74
C ILE C 182 32.96 -61.03 -33.34
N HIS C 183 34.14 -60.44 -33.20
CA HIS C 183 34.65 -60.14 -31.86
C HIS C 183 33.87 -59.00 -31.21
N ASN C 184 33.40 -58.04 -32.02
CA ASN C 184 32.62 -56.96 -31.42
C ASN C 184 31.37 -57.50 -30.75
N PHE C 185 30.64 -58.36 -31.44
CA PHE C 185 29.27 -58.67 -31.01
C PHE C 185 29.01 -60.14 -30.72
N LYS C 186 29.44 -61.05 -31.58
CA LYS C 186 29.05 -62.44 -31.37
C LYS C 186 29.85 -63.09 -30.25
N ARG C 187 31.14 -62.80 -30.15
CA ARG C 187 32.00 -63.40 -29.13
C ARG C 187 31.81 -62.64 -27.83
N LYS C 188 30.69 -62.91 -27.17
CA LYS C 188 30.42 -62.33 -25.86
C LYS C 188 30.96 -63.25 -24.78
N GLY C 189 31.59 -62.66 -23.77
CA GLY C 189 32.21 -63.42 -22.72
C GLY C 189 32.87 -62.48 -21.72
N GLY C 190 33.32 -63.07 -20.62
CA GLY C 190 33.91 -62.29 -19.56
C GLY C 190 32.85 -61.75 -18.62
N ILE C 191 33.11 -61.86 -17.31
CA ILE C 191 32.20 -61.40 -16.27
C ILE C 191 30.84 -62.10 -16.43
N GLY C 192 30.00 -61.56 -17.31
CA GLY C 192 28.67 -62.10 -17.49
C GLY C 192 28.29 -62.39 -18.92
N GLY C 193 29.29 -62.67 -19.76
CA GLY C 193 29.04 -62.98 -21.16
C GLY C 193 28.45 -61.82 -21.93
N TYR C 194 29.24 -60.76 -22.07
CA TYR C 194 28.80 -59.54 -22.74
C TYR C 194 29.64 -59.30 -23.98
N SER C 195 28.98 -58.87 -25.06
CA SER C 195 29.70 -58.52 -26.27
C SER C 195 30.48 -57.23 -26.08
N ALA C 196 31.52 -57.06 -26.90
CA ALA C 196 32.31 -55.84 -26.82
C ALA C 196 31.42 -54.62 -26.98
N GLY C 197 30.38 -54.73 -27.80
CA GLY C 197 29.45 -53.64 -27.95
C GLY C 197 28.75 -53.30 -26.65
N GLU C 198 28.31 -54.32 -25.91
CA GLU C 198 27.61 -54.05 -24.66
C GLU C 198 28.51 -53.33 -23.68
N ARG C 199 29.75 -53.80 -23.53
CA ARG C 199 30.66 -53.15 -22.60
C ARG C 199 30.99 -51.74 -23.05
N ILE C 200 31.20 -51.54 -24.35
CA ILE C 200 31.43 -50.19 -24.88
C ILE C 200 30.30 -49.26 -24.50
N VAL C 201 29.07 -49.70 -24.74
CA VAL C 201 27.96 -48.78 -24.53
C VAL C 201 27.79 -48.48 -23.04
N ASP C 202 27.91 -49.50 -22.19
CA ASP C 202 27.81 -49.27 -20.76
C ASP C 202 28.87 -48.29 -20.29
N ILE C 203 30.11 -48.47 -20.78
CA ILE C 203 31.21 -47.62 -20.37
C ILE C 203 30.94 -46.18 -20.77
N ILE C 204 30.41 -45.96 -21.96
CA ILE C 204 30.29 -44.57 -22.39
C ILE C 204 29.10 -43.89 -21.72
N ALA C 205 28.04 -44.64 -21.42
CA ALA C 205 26.95 -44.07 -20.62
C ALA C 205 27.44 -43.72 -19.21
N GLU C 212 31.56 -32.77 -17.73
CA GLU C 212 30.38 -33.59 -17.48
C GLU C 212 29.35 -32.84 -16.65
N LEU C 213 29.21 -33.28 -15.39
CA LEU C 213 28.16 -32.76 -14.52
C LEU C 213 28.28 -31.25 -14.31
N GLN C 214 29.48 -30.70 -14.35
CA GLN C 214 29.63 -29.29 -14.06
C GLN C 214 29.01 -28.43 -15.16
N LYS C 215 29.06 -28.92 -16.40
CA LYS C 215 28.35 -28.26 -17.49
C LYS C 215 26.86 -28.17 -17.20
N GLN C 216 26.22 -29.32 -16.91
CA GLN C 216 24.78 -29.33 -16.68
C GLN C 216 24.41 -28.49 -15.48
N ILE C 217 25.29 -28.44 -14.48
CA ILE C 217 25.00 -27.69 -13.26
C ILE C 217 25.07 -26.19 -13.54
N THR C 218 26.09 -25.73 -14.27
CA THR C 218 26.13 -24.32 -14.62
C THR C 218 24.95 -23.95 -15.51
N LYS C 219 24.57 -24.86 -16.41
CA LYS C 219 23.37 -24.65 -17.22
C LYS C 219 22.14 -24.44 -16.35
N ILE C 220 21.92 -25.32 -15.38
CA ILE C 220 20.75 -25.18 -14.50
C ILE C 220 20.83 -23.88 -13.72
N GLN C 221 22.03 -23.52 -13.28
CA GLN C 221 22.25 -22.29 -12.52
C GLN C 221 22.15 -21.04 -13.36
N ASN C 222 22.02 -21.17 -14.68
CA ASN C 222 21.84 -20.01 -15.54
C ASN C 222 20.40 -19.49 -15.59
N PHE C 223 19.43 -20.24 -15.09
CA PHE C 223 18.03 -19.84 -15.21
C PHE C 223 17.61 -18.87 -14.12
N ARG C 224 16.81 -17.90 -14.51
CA ARG C 224 16.34 -16.90 -13.57
C ARG C 224 14.99 -17.33 -12.99
N VAL C 225 14.81 -17.08 -11.71
CA VAL C 225 13.59 -17.44 -11.01
C VAL C 225 12.99 -16.19 -10.40
N TYR C 226 11.76 -15.89 -10.77
CA TYR C 226 10.95 -14.87 -10.15
C TYR C 226 9.92 -15.57 -9.28
N TYR C 227 9.76 -15.09 -8.05
CA TYR C 227 8.98 -15.82 -7.07
C TYR C 227 8.36 -14.86 -6.08
N ARG C 228 7.48 -15.37 -5.25
CA ARG C 228 6.85 -14.59 -4.20
C ARG C 228 6.90 -15.34 -2.89
N ASP C 229 6.96 -14.58 -1.80
CA ASP C 229 6.72 -15.14 -0.49
C ASP C 229 5.22 -15.16 -0.19
N SER C 230 4.81 -16.14 0.62
CA SER C 230 3.40 -16.44 0.82
C SER C 230 2.61 -15.32 1.50
N ARG C 231 3.17 -14.13 1.69
CA ARG C 231 2.41 -12.99 2.17
C ARG C 231 2.86 -11.66 1.59
N ASP C 232 3.37 -11.64 0.36
CA ASP C 232 3.80 -10.42 -0.27
C ASP C 232 3.39 -10.43 -1.73
N PRO C 233 2.58 -9.48 -2.19
CA PRO C 233 2.10 -9.54 -3.58
C PRO C 233 3.17 -9.18 -4.60
N VAL C 234 4.21 -8.46 -4.24
CA VAL C 234 5.21 -8.06 -5.21
C VAL C 234 6.10 -9.25 -5.54
N TRP C 235 6.43 -9.38 -6.81
CA TRP C 235 7.33 -10.44 -7.27
C TRP C 235 8.77 -10.08 -6.98
N LYS C 236 9.55 -11.05 -6.51
CA LYS C 236 10.92 -10.80 -6.12
C LYS C 236 11.85 -10.97 -7.30
N GLY C 237 12.88 -10.12 -7.35
CA GLY C 237 13.80 -10.03 -8.46
C GLY C 237 14.41 -11.34 -8.85
N PRO C 238 15.05 -11.38 -10.01
CA PRO C 238 15.58 -12.64 -10.54
C PRO C 238 16.58 -13.27 -9.57
N ALA C 239 16.26 -14.50 -9.16
CA ALA C 239 17.09 -15.32 -8.30
C ALA C 239 17.59 -16.51 -9.10
N LYS C 240 18.64 -17.14 -8.61
CA LYS C 240 19.34 -18.14 -9.40
C LYS C 240 18.77 -19.53 -9.10
N LEU C 241 18.48 -20.28 -10.16
CA LEU C 241 17.94 -21.62 -10.01
C LEU C 241 19.03 -22.59 -9.59
N LEU C 242 18.82 -23.31 -8.50
CA LEU C 242 19.71 -24.39 -8.10
C LEU C 242 19.14 -25.77 -8.38
N TRP C 243 17.88 -26.00 -8.08
CA TRP C 243 17.26 -27.30 -8.25
C TRP C 243 15.79 -27.07 -8.54
N LYS C 244 15.23 -27.86 -9.46
CA LYS C 244 13.83 -27.77 -9.82
C LYS C 244 13.17 -29.12 -9.62
N GLY C 245 12.28 -29.21 -8.63
CA GLY C 245 11.52 -30.41 -8.38
C GLY C 245 10.09 -30.29 -8.87
N GLU C 246 9.30 -31.32 -8.57
CA GLU C 246 7.92 -31.35 -9.02
C GLU C 246 7.08 -30.31 -8.30
N GLY C 247 7.16 -30.29 -6.97
CA GLY C 247 6.32 -29.41 -6.19
C GLY C 247 7.06 -28.27 -5.54
N ALA C 248 8.37 -28.21 -5.75
CA ALA C 248 9.16 -27.14 -5.16
C ALA C 248 10.36 -26.83 -6.04
N VAL C 249 10.87 -25.62 -5.89
CA VAL C 249 12.05 -25.17 -6.59
C VAL C 249 13.00 -24.59 -5.56
N VAL C 250 14.28 -24.93 -5.67
CA VAL C 250 15.29 -24.43 -4.75
C VAL C 250 16.10 -23.35 -5.45
N ILE C 251 16.18 -22.18 -4.81
CA ILE C 251 16.80 -21.00 -5.41
C ILE C 251 17.77 -20.39 -4.42
N GLN C 252 18.61 -19.49 -4.93
CA GLN C 252 19.55 -18.70 -4.15
C GLN C 252 19.38 -17.24 -4.55
N ASP C 253 18.99 -16.41 -3.59
CA ASP C 253 18.66 -15.01 -3.86
C ASP C 253 19.60 -14.13 -3.03
N ASN C 254 20.76 -13.79 -3.61
CA ASN C 254 21.75 -12.94 -2.97
C ASN C 254 22.37 -13.66 -1.76
N SER C 255 23.01 -14.80 -2.06
CA SER C 255 23.72 -15.59 -1.06
C SER C 255 22.77 -16.12 0.03
N ASP C 256 21.48 -16.20 -0.30
CA ASP C 256 20.49 -16.64 0.66
C ASP C 256 19.63 -17.70 -0.01
N ILE C 257 19.91 -18.96 0.27
CA ILE C 257 19.19 -20.07 -0.32
C ILE C 257 17.78 -20.13 0.22
N LYS C 258 16.80 -20.31 -0.67
CA LYS C 258 15.41 -20.47 -0.28
C LYS C 258 14.76 -21.58 -1.07
N VAL C 259 13.78 -22.23 -0.44
CA VAL C 259 12.88 -23.17 -1.09
C VAL C 259 11.57 -22.45 -1.37
N VAL C 260 11.13 -22.48 -2.63
CA VAL C 260 9.93 -21.78 -3.06
C VAL C 260 8.98 -22.82 -3.63
N PRO C 261 7.70 -22.82 -3.24
CA PRO C 261 6.75 -23.74 -3.88
C PRO C 261 6.63 -23.46 -5.36
N ARG C 262 6.36 -24.52 -6.12
CA ARG C 262 6.37 -24.44 -7.56
C ARG C 262 5.35 -23.42 -8.07
N ARG C 263 4.19 -23.35 -7.42
CA ARG C 263 3.14 -22.44 -7.83
C ARG C 263 3.47 -20.97 -7.54
N LYS C 264 4.54 -20.68 -6.80
CA LYS C 264 4.93 -19.31 -6.50
C LYS C 264 6.12 -18.84 -7.33
N ALA C 265 6.63 -19.65 -8.23
CA ALA C 265 7.86 -19.34 -8.94
C ALA C 265 7.65 -19.31 -10.46
N LYS C 266 8.22 -18.32 -11.12
CA LYS C 266 8.30 -18.28 -12.58
C LYS C 266 9.76 -18.40 -13.00
N ILE C 267 10.06 -19.36 -13.85
CA ILE C 267 11.44 -19.66 -14.23
C ILE C 267 11.61 -19.35 -15.71
N ILE C 268 12.47 -18.40 -16.02
CA ILE C 268 12.79 -18.05 -17.39
C ILE C 268 14.30 -18.11 -17.58
N ARG C 269 14.71 -18.24 -18.82
CA ARG C 269 16.11 -17.99 -19.15
C ARG C 269 16.40 -16.50 -19.32
N ASP C 270 15.46 -15.76 -19.89
CA ASP C 270 15.61 -14.35 -20.26
C ASP C 270 16.67 -14.18 -21.34
N TYR C 271 16.17 -14.07 -22.58
CA TYR C 271 17.04 -14.20 -23.74
C TYR C 271 17.78 -12.91 -24.05
N GLY C 272 17.21 -11.77 -23.68
CA GLY C 272 17.91 -10.52 -23.90
C GLY C 272 19.17 -10.41 -23.08
N LYS C 273 19.04 -10.56 -21.77
CA LYS C 273 20.22 -10.56 -20.90
C LYS C 273 21.20 -11.65 -21.30
N GLN C 274 20.70 -12.75 -21.86
CA GLN C 274 21.58 -13.84 -22.25
C GLN C 274 22.41 -13.48 -23.46
N MET C 275 21.75 -13.09 -24.55
CA MET C 275 22.45 -12.65 -25.75
C MET C 275 23.36 -11.49 -25.45
N ALA C 276 23.04 -10.70 -24.43
CA ALA C 276 23.90 -9.56 -24.07
C ALA C 276 25.13 -10.01 -23.31
N GLY C 277 24.97 -10.91 -22.34
CA GLY C 277 26.07 -11.35 -21.50
C GLY C 277 25.74 -11.22 -20.03
CA PHE D 1 2.79 -52.70 -15.13
C PHE D 1 2.03 -52.47 -13.83
N LEU D 2 2.29 -51.31 -13.21
CA LEU D 2 1.62 -50.88 -11.98
C LEU D 2 0.29 -50.31 -12.45
N ASP D 3 -0.53 -51.17 -13.05
CA ASP D 3 -1.82 -50.78 -13.60
C ASP D 3 -1.51 -49.83 -14.76
N GLY D 4 -0.32 -49.99 -15.31
CA GLY D 4 0.08 -49.16 -16.43
C GLY D 4 -0.68 -49.57 -17.67
N ILE D 5 -1.04 -50.85 -17.73
CA ILE D 5 -1.80 -51.37 -18.87
C ILE D 5 -3.12 -50.63 -18.94
N ASP D 6 -3.75 -50.50 -17.79
CA ASP D 6 -5.01 -49.80 -17.69
C ASP D 6 -4.90 -48.36 -18.20
N LYS D 7 -3.87 -47.65 -17.72
CA LYS D 7 -3.65 -46.28 -18.12
C LYS D 7 -3.32 -46.12 -19.59
N ALA D 8 -2.47 -47.01 -20.11
CA ALA D 8 -2.08 -46.97 -21.51
C ALA D 8 -3.29 -47.24 -22.40
N GLN D 9 -4.16 -48.12 -21.91
CA GLN D 9 -5.34 -48.50 -22.65
C GLN D 9 -6.26 -47.32 -22.88
N GLU D 10 -6.49 -46.53 -21.83
CA GLU D 10 -7.37 -45.38 -21.97
C GLU D 10 -6.71 -44.29 -22.80
N GLU D 11 -5.39 -44.14 -22.68
CA GLU D 11 -4.68 -43.15 -23.46
C GLU D 11 -4.88 -43.50 -24.94
N HIS D 12 -4.74 -44.78 -25.26
CA HIS D 12 -4.89 -45.22 -26.63
C HIS D 12 -6.32 -45.09 -27.15
N GLU D 13 -7.27 -45.34 -26.26
CA GLU D 13 -8.68 -45.27 -26.60
C GLU D 13 -9.05 -43.88 -27.13
N LYS D 14 -8.39 -42.86 -26.61
CA LYS D 14 -8.62 -41.49 -27.03
C LYS D 14 -7.72 -41.02 -28.17
N TYR D 15 -6.41 -41.20 -27.98
CA TYR D 15 -5.42 -40.74 -28.96
C TYR D 15 -4.80 -41.78 -29.89
N HIS D 16 -5.13 -43.05 -29.68
CA HIS D 16 -4.60 -44.15 -30.50
C HIS D 16 -3.08 -44.08 -30.65
N SER D 17 -2.41 -43.89 -29.52
CA SER D 17 -0.96 -43.80 -29.44
C SER D 17 -0.24 -45.06 -29.93
N ASN D 18 0.93 -44.87 -30.52
CA ASN D 18 1.76 -45.96 -31.04
C ASN D 18 2.32 -46.76 -29.87
N TRP D 19 2.78 -47.98 -30.14
CA TRP D 19 3.29 -48.82 -29.06
C TRP D 19 4.58 -48.33 -28.41
N ARG D 20 5.47 -47.70 -29.18
CA ARG D 20 6.71 -47.21 -28.61
C ARG D 20 6.38 -46.15 -27.58
N ALA D 21 5.47 -45.27 -27.96
CA ALA D 21 5.03 -44.20 -27.09
C ALA D 21 4.39 -44.74 -25.81
N MET D 22 3.54 -45.76 -25.94
CA MET D 22 2.89 -46.30 -24.76
C MET D 22 3.86 -47.09 -23.89
N ALA D 23 4.82 -47.76 -24.53
CA ALA D 23 5.81 -48.53 -23.81
C ALA D 23 6.63 -47.59 -22.95
N SER D 24 7.01 -46.47 -23.55
CA SER D 24 7.80 -45.47 -22.86
C SER D 24 7.01 -44.64 -21.85
N ASP D 25 5.84 -44.16 -22.23
CA ASP D 25 5.01 -43.36 -21.34
C ASP D 25 4.52 -44.12 -20.11
N PHE D 26 4.07 -45.36 -20.28
CA PHE D 26 3.57 -46.10 -19.14
C PHE D 26 4.46 -47.22 -18.62
N ASN D 27 5.73 -47.17 -19.02
CA ASN D 27 6.71 -48.16 -18.60
C ASN D 27 6.18 -49.58 -18.72
N LEU D 28 5.77 -49.93 -19.93
CA LEU D 28 5.26 -51.26 -20.21
C LEU D 28 6.23 -51.93 -21.15
N PRO D 29 6.39 -53.26 -21.03
CA PRO D 29 7.30 -53.95 -21.95
C PRO D 29 6.68 -53.83 -23.33
N PRO D 30 7.51 -53.70 -24.38
CA PRO D 30 7.03 -53.57 -25.75
C PRO D 30 5.95 -54.55 -26.18
N VAL D 31 6.07 -55.81 -25.75
CA VAL D 31 5.09 -56.83 -26.11
C VAL D 31 3.68 -56.50 -25.61
N VAL D 32 3.60 -55.90 -24.42
CA VAL D 32 2.33 -55.51 -23.84
C VAL D 32 1.75 -54.33 -24.61
N ALA D 33 2.61 -53.36 -24.92
CA ALA D 33 2.18 -52.19 -25.65
C ALA D 33 1.70 -52.55 -27.07
N LYS D 34 2.43 -53.43 -27.73
CA LYS D 34 2.07 -53.82 -29.09
C LYS D 34 0.76 -54.58 -29.12
N GLU D 35 0.40 -55.18 -27.99
CA GLU D 35 -0.83 -55.94 -27.88
C GLU D 35 -2.02 -54.97 -27.78
N ILE D 36 -1.81 -53.84 -27.12
CA ILE D 36 -2.87 -52.84 -26.99
C ILE D 36 -3.24 -52.34 -28.40
N VAL D 37 -2.22 -52.14 -29.22
CA VAL D 37 -2.43 -51.68 -30.58
C VAL D 37 -3.14 -52.77 -31.36
N ALA D 38 -2.63 -53.99 -31.27
CA ALA D 38 -3.23 -55.12 -31.99
C ALA D 38 -4.71 -55.33 -31.62
N SER D 39 -5.07 -55.02 -30.38
CA SER D 39 -6.46 -55.19 -29.94
C SER D 39 -7.38 -54.11 -30.50
N CYS D 40 -6.82 -52.99 -30.92
CA CYS D 40 -7.66 -51.90 -31.42
C CYS D 40 -8.13 -52.05 -32.87
N ASP D 41 -9.42 -51.85 -33.12
CA ASP D 41 -9.93 -51.97 -34.48
C ASP D 41 -9.54 -50.82 -35.40
N LYS D 42 -9.13 -49.68 -34.83
CA LYS D 42 -8.75 -48.52 -35.62
C LYS D 42 -7.28 -48.49 -36.06
N CYS D 43 -6.47 -49.41 -35.55
CA CYS D 43 -5.05 -49.40 -35.89
C CYS D 43 -4.41 -50.61 -36.54
N GLN D 44 -3.08 -50.56 -36.64
CA GLN D 44 -2.25 -51.61 -37.22
C GLN D 44 -0.88 -51.37 -36.59
N LEU D 45 -0.11 -52.44 -36.37
CA LEU D 45 1.20 -52.33 -35.72
C LEU D 45 2.30 -51.58 -36.46
N CYS D 56 11.39 -44.04 -33.01
CA CYS D 56 11.01 -44.79 -34.20
C CYS D 56 11.29 -46.28 -34.00
N SER D 57 12.57 -46.66 -33.99
CA SER D 57 12.94 -48.04 -33.71
C SER D 57 14.46 -48.14 -33.56
N PRO D 58 15.02 -47.93 -32.41
CA PRO D 58 16.47 -47.77 -32.34
C PRO D 58 17.22 -48.97 -32.88
N GLY D 59 17.97 -48.76 -33.95
CA GLY D 59 18.54 -49.82 -34.74
C GLY D 59 18.06 -49.71 -36.18
N ILE D 60 17.47 -48.58 -36.52
CA ILE D 60 17.02 -48.29 -37.88
C ILE D 60 17.90 -47.19 -38.46
N TRP D 61 18.67 -47.55 -39.48
CA TRP D 61 19.59 -46.65 -40.13
C TRP D 61 19.17 -46.45 -41.58
N GLN D 62 19.50 -45.29 -42.12
CA GLN D 62 19.33 -45.03 -43.53
C GLN D 62 20.68 -45.17 -44.23
N LEU D 63 20.65 -45.53 -45.51
CA LEU D 63 21.83 -45.49 -46.35
C LEU D 63 21.45 -44.82 -47.66
N ASP D 64 22.40 -44.09 -48.25
CA ASP D 64 22.13 -43.36 -49.48
C ASP D 64 23.45 -43.12 -50.21
N CYS D 65 23.34 -42.75 -51.47
CA CYS D 65 24.50 -42.48 -52.31
C CYS D 65 24.48 -41.02 -52.72
N THR D 66 25.63 -40.35 -52.64
CA THR D 66 25.76 -38.95 -53.01
C THR D 66 26.99 -38.76 -53.88
N HIS D 67 26.94 -37.73 -54.73
CA HIS D 67 28.04 -37.38 -55.61
C HIS D 67 28.50 -35.96 -55.32
N LEU D 68 29.80 -35.73 -55.47
CA LEU D 68 30.36 -34.39 -55.24
C LEU D 68 31.67 -34.28 -55.99
N GLU D 69 31.76 -33.31 -56.90
CA GLU D 69 32.97 -33.04 -57.67
C GLU D 69 33.49 -34.29 -58.37
N GLY D 70 32.57 -35.07 -58.94
CA GLY D 70 32.92 -36.29 -59.63
C GLY D 70 33.27 -37.46 -58.74
N LYS D 71 33.07 -37.33 -57.44
CA LYS D 71 33.37 -38.41 -56.49
C LYS D 71 32.07 -38.87 -55.82
N VAL D 72 31.99 -40.17 -55.57
CA VAL D 72 30.79 -40.79 -55.02
C VAL D 72 30.99 -41.02 -53.52
N ILE D 73 30.00 -40.64 -52.72
CA ILE D 73 30.05 -40.74 -51.27
C ILE D 73 28.82 -41.47 -50.77
N LEU D 74 29.04 -42.58 -50.05
CA LEU D 74 27.97 -43.35 -49.42
C LEU D 74 27.86 -42.92 -47.97
N VAL D 75 26.65 -42.54 -47.55
CA VAL D 75 26.45 -41.91 -46.25
C VAL D 75 25.53 -42.79 -45.41
N ALA D 76 26.00 -43.18 -44.23
CA ALA D 76 25.18 -43.88 -43.26
C ALA D 76 24.52 -42.87 -42.34
N VAL D 77 23.31 -43.20 -41.88
CA VAL D 77 22.49 -42.30 -41.09
C VAL D 77 21.94 -43.07 -39.90
N HIS D 78 21.74 -42.40 -38.77
CA HIS D 78 20.85 -42.94 -37.76
C HIS D 78 19.61 -42.05 -37.66
N VAL D 79 18.43 -42.67 -37.73
CA VAL D 79 17.18 -41.93 -37.63
C VAL D 79 17.00 -41.36 -36.23
N ALA D 80 17.27 -42.16 -35.20
CA ALA D 80 16.83 -41.80 -33.86
C ALA D 80 17.65 -40.67 -33.24
N SER D 81 18.81 -40.33 -33.78
CA SER D 81 19.48 -39.14 -33.30
C SER D 81 20.24 -38.34 -34.34
N GLY D 82 20.20 -38.73 -35.62
CA GLY D 82 21.02 -38.07 -36.60
C GLY D 82 22.52 -38.22 -36.38
N TYR D 83 22.96 -39.40 -35.95
CA TYR D 83 24.38 -39.74 -35.94
C TYR D 83 24.76 -40.29 -37.31
N ILE D 84 25.88 -39.85 -37.84
CA ILE D 84 26.25 -40.15 -39.22
C ILE D 84 27.58 -40.89 -39.26
N GLU D 85 27.65 -41.90 -40.12
CA GLU D 85 28.92 -42.43 -40.58
C GLU D 85 29.00 -42.21 -42.08
N ALA D 86 30.22 -42.02 -42.59
CA ALA D 86 30.37 -41.83 -44.03
C ALA D 86 31.79 -42.17 -44.43
N GLU D 87 31.94 -42.50 -45.72
CA GLU D 87 33.26 -42.71 -46.29
C GLU D 87 33.18 -42.57 -47.81
N VAL D 88 34.25 -42.04 -48.39
CA VAL D 88 34.29 -41.88 -49.84
C VAL D 88 34.44 -43.24 -50.49
N ILE D 89 33.64 -43.49 -51.52
CA ILE D 89 33.62 -44.77 -52.20
C ILE D 89 34.40 -44.66 -53.50
N PRO D 90 35.26 -45.62 -53.82
CA PRO D 90 35.99 -45.56 -55.10
C PRO D 90 35.08 -45.54 -56.32
N ALA D 91 33.98 -46.28 -56.29
CA ALA D 91 33.09 -46.35 -57.45
C ALA D 91 31.70 -46.75 -56.98
N GLU D 92 30.70 -46.41 -57.79
CA GLU D 92 29.31 -46.64 -57.43
C GLU D 92 28.91 -48.12 -57.50
N THR D 93 29.86 -49.03 -57.72
CA THR D 93 29.52 -50.43 -57.92
C THR D 93 28.91 -51.01 -56.65
N GLY D 94 28.26 -52.17 -56.81
CA GLY D 94 27.61 -52.81 -55.69
C GLY D 94 28.56 -53.35 -54.65
N GLN D 95 29.69 -53.92 -55.07
CA GLN D 95 30.58 -54.59 -54.12
C GLN D 95 31.13 -53.60 -53.10
N GLU D 96 31.48 -52.40 -53.55
CA GLU D 96 31.92 -51.39 -52.60
C GLU D 96 30.82 -51.09 -51.60
N THR D 97 29.57 -51.03 -52.07
CA THR D 97 28.46 -50.78 -51.16
C THR D 97 28.35 -51.87 -50.13
N ALA D 98 28.49 -53.12 -50.56
CA ALA D 98 28.43 -54.23 -49.63
C ALA D 98 29.54 -54.13 -48.60
N TYR D 99 30.74 -53.75 -49.04
CA TYR D 99 31.83 -53.65 -48.09
C TYR D 99 31.55 -52.56 -47.06
N PHE D 100 31.01 -51.43 -47.49
CA PHE D 100 30.70 -50.38 -46.54
C PHE D 100 29.63 -50.81 -45.57
N LEU D 101 28.60 -51.50 -46.08
CA LEU D 101 27.54 -51.95 -45.19
C LEU D 101 28.09 -52.94 -44.17
N LEU D 102 29.02 -53.78 -44.61
CA LEU D 102 29.70 -54.67 -43.68
C LEU D 102 30.39 -53.88 -42.59
N LYS D 103 31.20 -52.91 -42.99
CA LYS D 103 31.93 -52.14 -41.99
C LYS D 103 30.98 -51.50 -41.01
N LEU D 104 29.85 -51.02 -41.50
CA LEU D 104 28.83 -50.46 -40.62
C LEU D 104 28.37 -51.49 -39.61
N ALA D 105 28.00 -52.68 -40.08
CA ALA D 105 27.51 -53.69 -39.16
C ALA D 105 28.54 -54.00 -38.10
N GLY D 106 29.81 -53.87 -38.46
CA GLY D 106 30.86 -54.22 -37.51
C GLY D 106 30.91 -53.35 -36.29
N ARG D 107 30.30 -52.17 -36.33
CA ARG D 107 30.47 -51.20 -35.26
C ARG D 107 29.26 -51.08 -34.34
N TRP D 108 28.05 -51.16 -34.86
CA TRP D 108 26.84 -50.97 -34.08
C TRP D 108 25.86 -52.09 -34.42
N PRO D 109 24.98 -52.42 -33.51
CA PRO D 109 24.01 -53.46 -33.85
C PRO D 109 22.96 -52.99 -34.83
N VAL D 110 23.37 -52.78 -36.07
CA VAL D 110 22.44 -52.42 -37.13
C VAL D 110 21.48 -53.56 -37.35
N LYS D 111 20.19 -53.26 -37.37
CA LYS D 111 19.16 -54.28 -37.54
C LYS D 111 18.34 -54.13 -38.81
N THR D 112 18.25 -52.94 -39.38
CA THR D 112 17.45 -52.73 -40.57
C THR D 112 17.81 -51.41 -41.22
N VAL D 113 18.05 -51.42 -42.52
CA VAL D 113 18.43 -50.22 -43.25
C VAL D 113 17.41 -49.97 -44.36
N HIS D 114 17.23 -48.70 -44.71
CA HIS D 114 16.33 -48.29 -45.77
C HIS D 114 17.13 -47.68 -46.89
N THR D 115 16.93 -48.15 -48.11
CA THR D 115 17.68 -47.71 -49.27
C THR D 115 16.76 -47.01 -50.26
N ASP D 116 17.29 -46.70 -51.44
CA ASP D 116 16.54 -46.01 -52.49
C ASP D 116 16.32 -46.87 -53.73
N ASN D 117 16.41 -48.20 -53.59
CA ASN D 117 16.07 -49.14 -54.67
C ASN D 117 16.95 -48.95 -55.90
N GLY D 118 18.15 -48.42 -55.71
CA GLY D 118 19.06 -48.25 -56.83
C GLY D 118 19.60 -49.57 -57.34
N SER D 119 20.08 -49.53 -58.58
CA SER D 119 20.63 -50.74 -59.19
C SER D 119 21.84 -51.23 -58.42
N ASN D 120 22.71 -50.31 -58.00
CA ASN D 120 23.87 -50.68 -57.19
C ASN D 120 23.48 -51.24 -55.83
N PHE D 121 22.30 -50.90 -55.33
CA PHE D 121 21.81 -51.41 -54.05
C PHE D 121 20.99 -52.68 -54.20
N THR D 122 20.22 -52.79 -55.26
CA THR D 122 19.52 -54.03 -55.58
C THR D 122 20.45 -55.11 -56.08
N SER D 123 21.75 -54.82 -56.19
CA SER D 123 22.72 -55.84 -56.58
C SER D 123 22.69 -56.98 -55.57
N THR D 124 22.85 -58.21 -56.07
CA THR D 124 22.71 -59.38 -55.23
C THR D 124 23.72 -59.37 -54.09
N THR D 125 24.91 -58.81 -54.34
CA THR D 125 25.97 -58.85 -53.34
C THR D 125 25.54 -58.12 -52.07
N VAL D 126 24.78 -57.04 -52.21
CA VAL D 126 24.29 -56.33 -51.02
C VAL D 126 23.37 -57.23 -50.21
N LYS D 127 22.46 -57.94 -50.89
CA LYS D 127 21.58 -58.85 -50.19
C LYS D 127 22.38 -59.91 -49.46
N ALA D 128 23.40 -60.46 -50.12
CA ALA D 128 24.21 -61.48 -49.48
C ALA D 128 24.92 -60.93 -48.25
N ALA D 129 25.46 -59.72 -48.35
CA ALA D 129 26.12 -59.12 -47.20
C ALA D 129 25.16 -59.00 -46.04
N CYS D 130 23.93 -58.55 -46.33
CA CYS D 130 22.94 -58.50 -45.28
C CYS D 130 22.70 -59.90 -44.71
N TRP D 131 22.72 -60.91 -45.57
CA TRP D 131 22.37 -62.26 -45.16
C TRP D 131 23.35 -62.81 -44.15
N TRP D 132 24.65 -62.56 -44.36
CA TRP D 132 25.62 -63.07 -43.41
C TRP D 132 25.77 -62.15 -42.21
N ALA D 133 25.43 -60.87 -42.36
CA ALA D 133 25.60 -60.00 -41.21
C ALA D 133 24.38 -60.01 -40.31
N GLY D 134 23.20 -60.21 -40.88
CA GLY D 134 21.99 -60.04 -40.11
C GLY D 134 21.51 -58.61 -40.13
N ILE D 135 21.27 -58.11 -41.34
CA ILE D 135 20.73 -56.77 -41.54
C ILE D 135 19.52 -56.90 -42.46
N LYS D 136 18.43 -56.24 -42.12
CA LYS D 136 17.22 -56.27 -42.95
C LYS D 136 17.12 -55.00 -43.79
N GLN D 137 16.45 -55.11 -44.92
CA GLN D 137 16.33 -54.01 -45.87
C GLN D 137 14.86 -53.71 -46.13
N GLU D 138 14.43 -52.50 -45.77
CA GLU D 138 13.12 -52.00 -46.15
C GLU D 138 13.33 -50.97 -47.25
N PHE D 139 13.17 -51.40 -48.50
CA PHE D 139 13.42 -50.51 -49.62
C PHE D 139 12.31 -49.48 -49.75
N GLY D 140 12.42 -48.64 -50.78
CA GLY D 140 11.43 -47.63 -51.05
C GLY D 140 11.70 -46.36 -50.26
N ILE D 141 10.67 -45.84 -49.59
CA ILE D 141 10.84 -44.71 -48.68
C ILE D 141 10.43 -45.17 -47.29
N PRO D 142 11.04 -44.62 -46.23
CA PRO D 142 10.71 -45.08 -44.88
C PRO D 142 9.26 -44.78 -44.52
N TYR D 143 8.72 -45.60 -43.61
CA TYR D 143 7.30 -45.60 -43.30
C TYR D 143 6.98 -44.74 -42.07
N ASN D 144 7.77 -43.72 -41.80
CA ASN D 144 7.48 -42.78 -40.72
C ASN D 144 7.71 -41.36 -41.23
N PRO D 145 6.72 -40.46 -41.09
CA PRO D 145 6.85 -39.14 -41.71
C PRO D 145 7.72 -38.18 -40.92
N GLN D 146 8.86 -38.67 -40.44
CA GLN D 146 9.92 -37.82 -39.91
C GLN D 146 11.22 -38.03 -40.67
N SER D 147 11.63 -39.29 -40.88
CA SER D 147 12.85 -39.59 -41.62
C SER D 147 12.75 -39.19 -43.09
N GLN D 148 11.55 -39.23 -43.66
CA GLN D 148 11.36 -39.13 -45.11
C GLN D 148 11.98 -37.86 -45.67
N GLY D 149 11.84 -36.75 -44.98
CA GLY D 149 12.41 -35.50 -45.44
C GLY D 149 13.68 -35.14 -44.71
N VAL D 150 13.83 -35.63 -43.49
CA VAL D 150 15.01 -35.25 -42.71
C VAL D 150 16.25 -35.87 -43.32
N ILE D 151 16.12 -37.02 -44.01
CA ILE D 151 17.29 -37.63 -44.62
C ILE D 151 17.92 -36.69 -45.65
N GLU D 152 17.08 -36.10 -46.52
CA GLU D 152 17.59 -35.15 -47.49
C GLU D 152 18.02 -33.86 -46.81
N SER D 153 17.33 -33.46 -45.74
CA SER D 153 17.70 -32.24 -45.03
C SER D 153 19.11 -32.35 -44.43
N MET D 154 19.44 -33.50 -43.84
CA MET D 154 20.76 -33.64 -43.24
C MET D 154 21.81 -34.06 -44.26
N ASN D 155 21.39 -34.60 -45.41
CA ASN D 155 22.30 -34.62 -46.56
C ASN D 155 22.72 -33.20 -46.94
N LYS D 156 21.75 -32.28 -46.99
CA LYS D 156 22.08 -30.88 -47.25
C LYS D 156 22.97 -30.31 -46.15
N GLU D 157 22.71 -30.71 -44.91
CA GLU D 157 23.56 -30.29 -43.80
C GLU D 157 25.02 -30.68 -44.04
N LEU D 158 25.25 -31.93 -44.46
CA LEU D 158 26.63 -32.38 -44.67
C LEU D 158 27.25 -31.72 -45.89
N LYS D 159 26.45 -31.47 -46.93
CA LYS D 159 26.97 -30.71 -48.07
C LYS D 159 27.40 -29.32 -47.62
N LYS D 160 26.61 -28.68 -46.77
CA LYS D 160 26.98 -27.37 -46.24
C LYS D 160 28.24 -27.43 -45.40
N ILE D 161 28.39 -28.46 -44.57
CA ILE D 161 29.58 -28.60 -43.75
C ILE D 161 30.82 -28.77 -44.62
N ILE D 162 30.71 -29.59 -45.66
CA ILE D 162 31.83 -29.74 -46.59
C ILE D 162 32.12 -28.41 -47.28
N GLY D 163 31.08 -27.62 -47.54
CA GLY D 163 31.27 -26.33 -48.18
C GLY D 163 32.21 -25.42 -47.43
N GLN D 164 32.34 -25.60 -46.11
CA GLN D 164 33.32 -24.88 -45.32
C GLN D 164 34.58 -25.68 -45.05
N VAL D 165 34.47 -27.01 -44.96
CA VAL D 165 35.64 -27.84 -44.67
C VAL D 165 36.64 -27.80 -45.82
N ARG D 166 36.14 -27.73 -47.06
CA ARG D 166 36.99 -27.97 -48.23
C ARG D 166 38.17 -27.01 -48.30
N ASP D 167 38.06 -25.83 -47.68
CA ASP D 167 39.16 -24.88 -47.71
C ASP D 167 40.41 -25.38 -46.98
N GLN D 168 40.29 -26.45 -46.19
CA GLN D 168 41.43 -27.01 -45.47
C GLN D 168 41.79 -28.42 -45.95
N ALA D 169 41.53 -28.73 -47.21
CA ALA D 169 41.83 -30.06 -47.74
C ALA D 169 41.80 -30.00 -49.27
N GLU D 170 42.74 -30.69 -49.90
CA GLU D 170 42.78 -30.75 -51.36
C GLU D 170 42.05 -31.95 -51.94
N HIS D 171 41.80 -32.99 -51.15
CA HIS D 171 41.11 -34.18 -51.61
C HIS D 171 39.90 -34.45 -50.74
N LEU D 172 38.81 -34.90 -51.37
CA LEU D 172 37.58 -35.16 -50.64
C LEU D 172 37.72 -36.28 -49.62
N LYS D 173 38.62 -37.22 -49.84
CA LYS D 173 38.66 -38.41 -48.99
C LYS D 173 38.91 -38.05 -47.54
N THR D 174 39.64 -36.97 -47.28
CA THR D 174 39.85 -36.51 -45.92
C THR D 174 38.79 -35.50 -45.48
N ALA D 175 38.37 -34.63 -46.39
CA ALA D 175 37.38 -33.63 -46.03
C ALA D 175 36.08 -34.28 -45.58
N VAL D 176 35.74 -35.44 -46.16
CA VAL D 176 34.52 -36.11 -45.75
C VAL D 176 34.60 -36.52 -44.29
N GLN D 177 35.73 -37.10 -43.88
CA GLN D 177 35.84 -37.48 -42.48
C GLN D 177 35.90 -36.26 -41.58
N MET D 178 36.49 -35.17 -42.05
CA MET D 178 36.47 -33.94 -41.26
C MET D 178 35.04 -33.51 -40.99
N ALA D 179 34.22 -33.47 -42.04
CA ALA D 179 32.82 -33.10 -41.86
C ALA D 179 32.12 -34.08 -40.95
N VAL D 180 32.45 -35.36 -41.06
CA VAL D 180 31.75 -36.36 -40.25
C VAL D 180 32.04 -36.15 -38.77
N PHE D 181 33.29 -35.85 -38.44
CA PHE D 181 33.58 -35.62 -37.03
C PHE D 181 32.91 -34.34 -36.54
N ILE D 182 32.88 -33.31 -37.39
CA ILE D 182 32.20 -32.09 -36.98
C ILE D 182 30.74 -32.39 -36.65
N HIS D 183 30.05 -33.08 -37.55
CA HIS D 183 28.62 -33.32 -37.37
C HIS D 183 28.34 -34.37 -36.31
N ASN D 184 29.35 -35.17 -35.96
CA ASN D 184 29.13 -36.13 -34.87
C ASN D 184 29.34 -35.50 -33.51
N PHE D 185 30.26 -34.57 -33.40
CA PHE D 185 30.39 -34.15 -32.01
C PHE D 185 30.43 -32.65 -31.85
N LYS D 186 31.03 -31.92 -32.78
CA LYS D 186 31.25 -30.50 -32.55
C LYS D 186 30.03 -29.66 -32.89
N ARG D 187 28.93 -30.27 -33.28
CA ARG D 187 27.65 -29.58 -33.43
C ARG D 187 26.68 -30.20 -32.43
N LYS D 188 26.40 -29.47 -31.36
CA LYS D 188 25.58 -29.94 -30.26
C LYS D 188 24.27 -29.16 -30.22
N GLY D 189 23.16 -29.86 -30.32
CA GLY D 189 21.87 -29.20 -30.35
C GLY D 189 20.75 -30.20 -30.24
N GLY D 190 19.56 -29.75 -30.61
CA GLY D 190 18.38 -30.60 -30.56
C GLY D 190 17.49 -30.33 -29.37
N ILE D 191 17.43 -31.27 -28.43
CA ILE D 191 16.59 -31.10 -27.25
C ILE D 191 17.25 -30.17 -26.25
N GLY D 192 18.39 -30.58 -25.71
CA GLY D 192 19.11 -29.79 -24.73
C GLY D 192 20.50 -29.38 -25.12
N GLY D 193 20.88 -29.52 -26.39
CA GLY D 193 22.24 -29.21 -26.81
C GLY D 193 23.12 -30.44 -26.80
N TYR D 194 22.55 -31.58 -27.17
CA TYR D 194 23.26 -32.85 -27.18
C TYR D 194 23.68 -33.17 -28.61
N SER D 195 24.98 -33.28 -28.83
CA SER D 195 25.49 -33.68 -30.13
C SER D 195 25.16 -35.15 -30.39
N ALA D 196 25.05 -35.49 -31.67
CA ALA D 196 24.50 -36.78 -32.05
C ALA D 196 25.20 -37.93 -31.36
N GLY D 197 26.50 -37.83 -31.14
CA GLY D 197 27.21 -38.91 -30.51
C GLY D 197 26.68 -39.20 -29.12
N GLU D 198 26.50 -38.16 -28.32
CA GLU D 198 26.00 -38.38 -26.97
C GLU D 198 24.63 -39.04 -27.01
N ARG D 199 23.74 -38.53 -27.85
CA ARG D 199 22.40 -39.09 -27.91
C ARG D 199 22.45 -40.55 -28.28
N ILE D 200 23.34 -40.93 -29.20
CA ILE D 200 23.36 -42.33 -29.59
C ILE D 200 23.96 -43.18 -28.49
N VAL D 201 24.86 -42.62 -27.70
CA VAL D 201 25.28 -43.35 -26.51
C VAL D 201 24.05 -43.70 -25.69
N ASP D 202 23.22 -42.69 -25.46
CA ASP D 202 22.02 -42.81 -24.64
C ASP D 202 21.06 -43.82 -25.25
N ILE D 203 20.86 -43.75 -26.56
CA ILE D 203 19.92 -44.63 -27.23
C ILE D 203 20.36 -46.08 -27.08
N ILE D 204 21.65 -46.36 -27.20
CA ILE D 204 22.05 -47.76 -27.19
C ILE D 204 22.05 -48.32 -25.78
N ALA D 205 22.34 -47.48 -24.78
CA ALA D 205 22.18 -47.94 -23.39
C ALA D 205 20.72 -48.21 -23.07
N THR D 206 19.83 -47.31 -23.50
CA THR D 206 18.40 -47.57 -23.39
C THR D 206 18.04 -48.88 -24.06
N ASP D 207 18.65 -49.16 -25.21
CA ASP D 207 18.33 -50.38 -25.95
C ASP D 207 18.73 -51.63 -25.16
N ILE D 208 19.91 -51.63 -24.55
CA ILE D 208 20.32 -52.83 -23.81
C ILE D 208 19.46 -53.00 -22.56
N GLN D 209 19.16 -51.90 -21.86
CA GLN D 209 18.27 -52.02 -20.71
C GLN D 209 16.88 -52.48 -21.14
N THR D 210 16.43 -52.13 -22.35
CA THR D 210 15.15 -52.61 -22.82
C THR D 210 15.20 -54.06 -23.26
N LYS D 211 16.35 -54.55 -23.73
CA LYS D 211 16.46 -56.00 -23.91
C LYS D 211 16.29 -56.73 -22.58
N GLU D 212 16.92 -56.23 -21.53
CA GLU D 212 16.75 -56.83 -20.21
C GLU D 212 15.29 -56.73 -19.75
N PHE D 223 8.31 -69.89 -21.63
CA PHE D 223 7.63 -70.19 -20.38
C PHE D 223 6.14 -69.91 -20.51
N ARG D 224 5.34 -70.87 -20.07
CA ARG D 224 3.89 -70.77 -20.01
C ARG D 224 3.43 -71.09 -18.60
N VAL D 225 2.30 -70.49 -18.21
CA VAL D 225 1.83 -70.54 -16.84
C VAL D 225 0.44 -71.13 -16.81
N TYR D 226 0.16 -71.94 -15.78
CA TYR D 226 -1.19 -72.39 -15.46
C TYR D 226 -1.68 -71.55 -14.28
N TYR D 227 -2.53 -70.58 -14.54
CA TYR D 227 -3.05 -69.75 -13.47
C TYR D 227 -3.91 -70.65 -12.59
N ARG D 228 -3.61 -70.65 -11.28
CA ARG D 228 -4.25 -71.57 -10.34
C ARG D 228 -5.46 -70.88 -9.71
N ASP D 229 -6.63 -71.08 -10.31
CA ASP D 229 -7.85 -70.46 -9.83
C ASP D 229 -8.32 -71.21 -8.59
N SER D 230 -7.80 -70.83 -7.43
CA SER D 230 -8.13 -71.52 -6.17
C SER D 230 -9.57 -71.31 -5.74
N ARG D 231 -10.30 -70.37 -6.36
CA ARG D 231 -11.69 -70.16 -5.99
C ARG D 231 -12.56 -71.36 -6.33
N ASP D 232 -12.17 -72.15 -7.34
CA ASP D 232 -12.98 -73.30 -7.71
C ASP D 232 -12.78 -74.46 -6.72
N PRO D 233 -11.54 -74.92 -6.44
CA PRO D 233 -10.22 -74.57 -7.00
C PRO D 233 -9.94 -75.29 -8.32
N VAL D 234 -9.20 -74.66 -9.23
CA VAL D 234 -8.92 -75.23 -10.54
C VAL D 234 -7.75 -74.46 -11.13
N TRP D 235 -7.11 -75.03 -12.14
CA TRP D 235 -6.02 -74.37 -12.83
C TRP D 235 -6.41 -74.07 -14.27
N LYS D 236 -5.94 -72.94 -14.77
CA LYS D 236 -6.16 -72.53 -16.15
C LYS D 236 -5.24 -73.30 -17.10
N GLY D 237 -5.47 -73.10 -18.39
CA GLY D 237 -4.74 -73.82 -19.41
C GLY D 237 -3.43 -73.18 -19.77
N PRO D 238 -2.89 -73.52 -20.94
CA PRO D 238 -1.57 -73.00 -21.33
C PRO D 238 -1.59 -71.51 -21.57
N ALA D 239 -1.57 -70.74 -20.49
CA ALA D 239 -1.42 -69.30 -20.61
C ALA D 239 0.01 -68.93 -20.96
N LYS D 240 0.17 -67.82 -21.67
CA LYS D 240 1.49 -67.31 -22.00
C LYS D 240 1.85 -66.17 -21.05
N LEU D 241 3.09 -66.19 -20.57
CA LEU D 241 3.59 -65.25 -19.57
C LEU D 241 4.10 -64.01 -20.30
N LEU D 242 3.24 -63.00 -20.41
CA LEU D 242 3.61 -61.78 -21.12
C LEU D 242 4.61 -60.95 -20.32
N TRP D 243 4.63 -61.15 -19.00
CA TRP D 243 5.68 -60.55 -18.17
C TRP D 243 5.66 -61.22 -16.81
N LYS D 244 6.83 -61.34 -16.21
CA LYS D 244 6.98 -61.80 -14.84
C LYS D 244 7.57 -60.66 -14.04
N GLY D 245 6.71 -59.77 -13.56
CA GLY D 245 7.11 -58.65 -12.73
C GLY D 245 7.58 -59.11 -11.37
N GLU D 246 7.50 -58.18 -10.41
CA GLU D 246 7.90 -58.50 -9.05
C GLU D 246 6.68 -58.84 -8.18
N GLY D 247 5.60 -58.07 -8.31
CA GLY D 247 4.40 -58.31 -7.54
C GLY D 247 3.29 -59.02 -8.26
N ALA D 248 3.43 -59.25 -9.56
CA ALA D 248 2.40 -59.93 -10.34
C ALA D 248 3.03 -60.43 -11.62
N VAL D 249 2.33 -61.35 -12.30
CA VAL D 249 2.82 -61.96 -13.54
C VAL D 249 1.72 -61.91 -14.58
N VAL D 250 1.80 -60.93 -15.48
CA VAL D 250 0.77 -60.73 -16.50
C VAL D 250 0.67 -62.01 -17.32
N ILE D 251 -0.53 -62.33 -17.78
CA ILE D 251 -0.74 -63.50 -18.63
C ILE D 251 -1.73 -63.15 -19.72
N GLN D 252 -1.71 -63.97 -20.77
CA GLN D 252 -2.62 -63.83 -21.90
C GLN D 252 -3.60 -64.99 -21.90
N ASP D 253 -4.77 -64.74 -22.47
CA ASP D 253 -5.83 -65.76 -22.53
C ASP D 253 -6.67 -65.41 -23.74
N ASN D 254 -6.34 -66.02 -24.89
CA ASN D 254 -6.94 -65.60 -26.14
C ASN D 254 -6.80 -64.09 -26.31
N SER D 255 -7.92 -63.37 -26.24
CA SER D 255 -7.94 -61.92 -26.38
C SER D 255 -8.05 -61.18 -25.05
N ASP D 256 -7.97 -61.88 -23.93
CA ASP D 256 -8.09 -61.27 -22.62
C ASP D 256 -6.79 -61.43 -21.84
N ILE D 257 -6.38 -60.37 -21.16
CA ILE D 257 -5.08 -60.28 -20.53
C ILE D 257 -5.28 -60.11 -19.05
N LYS D 258 -5.06 -61.17 -18.27
CA LYS D 258 -5.40 -61.19 -16.86
C LYS D 258 -4.13 -61.20 -16.01
N VAL D 259 -3.84 -60.10 -15.35
CA VAL D 259 -2.68 -60.03 -14.47
C VAL D 259 -2.91 -60.97 -13.31
N VAL D 260 -1.88 -61.72 -12.95
CA VAL D 260 -2.07 -62.94 -12.17
C VAL D 260 -1.28 -62.87 -10.85
N PRO D 261 -1.80 -63.44 -9.77
CA PRO D 261 -1.09 -63.41 -8.49
C PRO D 261 0.19 -64.23 -8.48
N ARG D 262 1.29 -63.60 -8.09
CA ARG D 262 2.60 -64.18 -8.36
C ARG D 262 2.81 -65.50 -7.62
N ARG D 263 2.19 -65.67 -6.46
CA ARG D 263 2.34 -66.96 -5.78
C ARG D 263 1.23 -67.94 -6.15
N LYS D 264 0.39 -67.62 -7.11
CA LYS D 264 -0.60 -68.55 -7.66
C LYS D 264 -0.53 -68.57 -9.18
N ALA D 265 0.66 -68.87 -9.71
CA ALA D 265 0.85 -69.06 -11.14
C ALA D 265 1.85 -70.19 -11.34
N LYS D 266 1.39 -71.29 -11.93
CA LYS D 266 2.28 -72.40 -12.25
C LYS D 266 3.28 -71.98 -13.32
N ILE D 267 4.42 -72.66 -13.36
CA ILE D 267 5.48 -72.37 -14.34
C ILE D 267 5.78 -73.63 -15.13
N ILE D 268 5.55 -73.58 -16.43
CA ILE D 268 5.90 -74.66 -17.36
C ILE D 268 7.01 -74.15 -18.28
N ARG D 269 8.10 -74.93 -18.38
CA ARG D 269 9.22 -74.59 -19.24
C ARG D 269 9.11 -75.33 -20.56
N ASP D 270 9.18 -74.59 -21.66
CA ASP D 270 9.05 -75.18 -22.99
C ASP D 270 10.39 -75.17 -23.72
N PHE E 1 -14.13 -39.32 10.92
CA PHE E 1 -13.17 -39.89 11.87
C PHE E 1 -12.06 -40.65 11.15
N LEU E 2 -11.13 -41.18 11.94
CA LEU E 2 -10.07 -42.01 11.39
C LEU E 2 -10.62 -43.33 10.89
N ASP E 3 -9.91 -43.94 9.95
CA ASP E 3 -10.33 -45.23 9.40
C ASP E 3 -10.56 -46.26 10.51
N GLY E 4 -9.72 -46.24 11.54
CA GLY E 4 -9.95 -47.12 12.68
C GLY E 4 -11.24 -46.80 13.40
N ILE E 5 -11.53 -45.51 13.58
CA ILE E 5 -12.76 -45.13 14.28
C ILE E 5 -13.99 -45.43 13.43
N ASP E 6 -13.90 -45.22 12.11
CA ASP E 6 -15.00 -45.60 11.24
C ASP E 6 -15.21 -47.10 11.26
N LYS E 7 -14.13 -47.88 11.27
CA LYS E 7 -14.25 -49.33 11.38
C LYS E 7 -14.88 -49.72 12.71
N ALA E 8 -14.54 -49.01 13.78
CA ALA E 8 -15.15 -49.28 15.08
C ALA E 8 -16.64 -48.98 15.06
N GLN E 9 -17.03 -47.89 14.40
CA GLN E 9 -18.46 -47.56 14.30
C GLN E 9 -19.21 -48.63 13.49
N GLU E 10 -18.60 -49.10 12.40
CA GLU E 10 -19.22 -50.17 11.62
C GLU E 10 -19.30 -51.45 12.44
N GLU E 11 -18.26 -51.74 13.22
CA GLU E 11 -18.33 -52.88 14.12
C GLU E 11 -19.40 -52.72 15.18
N HIS E 12 -19.67 -51.48 15.61
CA HIS E 12 -20.80 -51.26 16.52
C HIS E 12 -22.11 -51.60 15.83
N GLU E 13 -22.29 -51.10 14.61
CA GLU E 13 -23.53 -51.41 13.88
C GLU E 13 -23.66 -52.91 13.65
N LYS E 14 -22.55 -53.61 13.53
CA LYS E 14 -22.56 -55.07 13.41
C LYS E 14 -22.80 -55.78 14.73
N TYR E 15 -22.37 -55.18 15.86
CA TYR E 15 -22.31 -55.90 17.12
C TYR E 15 -22.96 -55.18 18.30
N HIS E 16 -23.51 -53.98 18.11
CA HIS E 16 -24.32 -53.30 19.12
C HIS E 16 -23.55 -53.12 20.42
N SER E 17 -22.25 -52.80 20.32
CA SER E 17 -21.45 -52.44 21.48
C SER E 17 -20.55 -51.28 21.08
N ASN E 18 -20.47 -50.28 21.96
CA ASN E 18 -19.72 -49.06 21.67
C ASN E 18 -18.52 -48.88 22.59
N TRP E 19 -18.74 -48.80 23.89
CA TRP E 19 -17.65 -48.47 24.80
C TRP E 19 -16.72 -49.66 25.06
N ARG E 20 -17.27 -50.87 25.10
CA ARG E 20 -16.49 -52.03 25.51
C ARG E 20 -15.40 -52.38 24.50
N ALA E 21 -15.45 -51.85 23.29
CA ALA E 21 -14.48 -52.20 22.25
C ALA E 21 -13.59 -51.02 21.85
N MET E 22 -14.18 -49.90 21.43
CA MET E 22 -13.34 -48.82 20.90
C MET E 22 -12.62 -48.07 22.00
N ALA E 23 -13.20 -47.99 23.20
CA ALA E 23 -12.50 -47.33 24.30
C ALA E 23 -11.31 -48.15 24.78
N SER E 24 -11.41 -49.49 24.70
CA SER E 24 -10.35 -50.37 25.14
C SER E 24 -9.44 -50.81 23.99
N ASP E 25 -10.00 -51.50 22.99
CA ASP E 25 -9.17 -52.06 21.94
C ASP E 25 -8.66 -51.00 20.97
N PHE E 26 -9.53 -50.07 20.58
CA PHE E 26 -9.18 -49.08 19.56
C PHE E 26 -8.56 -47.82 20.14
N ASN E 27 -8.38 -47.77 21.46
CA ASN E 27 -7.70 -46.65 22.13
C ASN E 27 -8.39 -45.31 21.87
N LEU E 28 -9.71 -45.34 21.68
CA LEU E 28 -10.44 -44.10 21.47
C LEU E 28 -10.52 -43.30 22.77
N PRO E 29 -10.39 -41.98 22.71
CA PRO E 29 -10.55 -41.18 23.91
C PRO E 29 -11.95 -41.35 24.48
N PRO E 30 -12.09 -41.29 25.81
CA PRO E 30 -13.41 -41.52 26.43
C PRO E 30 -14.46 -40.51 26.00
N VAL E 31 -14.08 -39.28 25.66
CA VAL E 31 -15.06 -38.28 25.27
C VAL E 31 -15.75 -38.68 23.96
N VAL E 32 -14.98 -39.18 22.99
CA VAL E 32 -15.55 -39.58 21.72
C VAL E 32 -16.48 -40.78 21.91
N ALA E 33 -16.07 -41.74 22.74
CA ALA E 33 -16.90 -42.90 23.01
C ALA E 33 -18.20 -42.48 23.70
N LYS E 34 -18.12 -41.54 24.65
CA LYS E 34 -19.33 -41.05 25.31
C LYS E 34 -20.25 -40.34 24.32
N GLU E 35 -19.69 -39.54 23.42
CA GLU E 35 -20.50 -38.90 22.39
C GLU E 35 -21.17 -39.93 21.49
N ILE E 36 -20.44 -40.99 21.13
CA ILE E 36 -21.00 -42.02 20.26
C ILE E 36 -22.13 -42.76 20.96
N VAL E 37 -21.94 -43.13 22.24
CA VAL E 37 -23.00 -43.83 22.95
C VAL E 37 -24.19 -42.91 23.17
N ALA E 38 -23.96 -41.60 23.31
CA ALA E 38 -25.07 -40.66 23.40
C ALA E 38 -25.86 -40.61 22.09
N SER E 39 -25.15 -40.57 20.96
CA SER E 39 -25.83 -40.57 19.67
C SER E 39 -26.44 -41.93 19.36
N CYS E 40 -25.80 -43.00 19.80
CA CYS E 40 -26.27 -44.36 19.54
C CYS E 40 -27.61 -44.63 20.21
N ASP E 41 -28.66 -44.80 19.41
CA ASP E 41 -29.97 -45.15 19.97
C ASP E 41 -30.00 -46.56 20.53
N LYS E 42 -29.08 -47.43 20.09
CA LYS E 42 -29.01 -48.80 20.57
C LYS E 42 -28.16 -48.94 21.82
N CYS E 43 -27.64 -47.84 22.35
CA CYS E 43 -26.77 -47.85 23.53
C CYS E 43 -27.46 -47.07 24.64
N GLN E 44 -28.27 -47.77 25.44
CA GLN E 44 -28.95 -47.15 26.56
C GLN E 44 -28.08 -47.06 27.81
N LEU E 45 -26.90 -47.67 27.78
CA LEU E 45 -25.96 -47.64 28.92
C LEU E 45 -26.61 -48.16 30.20
N PRO E 58 -10.86 -44.34 33.75
CA PRO E 58 -10.02 -44.48 34.93
C PRO E 58 -10.61 -43.87 36.18
N GLY E 59 -11.57 -42.96 36.05
CA GLY E 59 -12.18 -42.27 37.16
C GLY E 59 -13.39 -42.96 37.75
N ILE E 60 -13.54 -44.26 37.57
CA ILE E 60 -14.65 -45.01 38.11
C ILE E 60 -14.19 -45.80 39.32
N TRP E 61 -14.98 -45.75 40.38
CA TRP E 61 -14.73 -46.49 41.61
C TRP E 61 -16.07 -46.90 42.18
N GLN E 62 -16.07 -47.91 43.04
CA GLN E 62 -17.28 -48.30 43.74
C GLN E 62 -17.00 -48.52 45.21
N LEU E 63 -18.01 -48.28 46.03
CA LEU E 63 -17.91 -48.39 47.48
C LEU E 63 -18.98 -49.36 47.97
N ASP E 64 -18.62 -50.20 48.93
CA ASP E 64 -19.56 -51.17 49.47
C ASP E 64 -19.21 -51.43 50.92
N CYS E 65 -19.98 -52.33 51.54
CA CYS E 65 -19.82 -52.64 52.96
C CYS E 65 -19.97 -54.13 53.19
N THR E 66 -19.41 -54.60 54.29
CA THR E 66 -19.57 -55.97 54.75
C THR E 66 -19.50 -56.02 56.27
N HIS E 67 -20.03 -57.09 56.84
CA HIS E 67 -20.26 -57.19 58.28
C HIS E 67 -19.56 -58.43 58.86
N LEU E 68 -18.30 -58.61 58.51
CA LEU E 68 -17.53 -59.73 59.04
C LEU E 68 -17.38 -59.60 60.55
N GLU E 69 -17.65 -60.70 61.25
CA GLU E 69 -17.41 -60.81 62.70
C GLU E 69 -18.11 -59.70 63.48
N GLY E 70 -19.27 -59.26 63.01
CA GLY E 70 -20.03 -58.25 63.72
C GLY E 70 -19.52 -56.83 63.59
N LYS E 71 -18.46 -56.62 62.80
CA LYS E 71 -17.88 -55.31 62.59
C LYS E 71 -18.15 -54.84 61.16
N VAL E 72 -18.13 -53.53 60.97
CA VAL E 72 -18.46 -52.94 59.68
C VAL E 72 -17.17 -52.67 58.93
N ILE E 73 -17.05 -53.25 57.73
CA ILE E 73 -15.90 -53.06 56.86
C ILE E 73 -16.39 -52.47 55.55
N LEU E 74 -15.87 -51.30 55.20
CA LEU E 74 -16.26 -50.61 53.97
C LEU E 74 -15.09 -50.71 53.00
N VAL E 75 -15.36 -51.18 51.79
CA VAL E 75 -14.32 -51.55 50.85
C VAL E 75 -14.55 -50.81 49.54
N ALA E 76 -13.48 -50.28 48.95
CA ALA E 76 -13.52 -49.65 47.64
C ALA E 76 -12.67 -50.44 46.67
N VAL E 77 -13.05 -50.43 45.40
CA VAL E 77 -12.36 -51.18 44.36
C VAL E 77 -12.28 -50.31 43.11
N HIS E 78 -11.11 -50.27 42.49
CA HIS E 78 -11.00 -49.69 41.15
C HIS E 78 -11.38 -50.76 40.14
N VAL E 79 -12.43 -50.48 39.37
CA VAL E 79 -13.09 -51.51 38.57
C VAL E 79 -12.14 -52.09 37.53
N ALA E 80 -11.29 -51.24 36.96
CA ALA E 80 -10.52 -51.62 35.79
C ALA E 80 -9.27 -52.43 36.10
N SER E 81 -8.94 -52.67 37.37
CA SER E 81 -7.66 -53.28 37.69
C SER E 81 -7.64 -54.18 38.93
N GLY E 82 -8.74 -54.32 39.65
CA GLY E 82 -8.74 -55.14 40.85
C GLY E 82 -7.93 -54.56 41.99
N TYR E 83 -7.96 -53.25 42.16
CA TYR E 83 -7.29 -52.56 43.27
C TYR E 83 -8.23 -52.55 44.46
N ILE E 84 -7.67 -52.37 45.66
CA ILE E 84 -8.45 -52.38 46.89
C ILE E 84 -8.08 -51.16 47.73
N GLU E 85 -9.09 -50.48 48.27
CA GLU E 85 -8.92 -49.52 49.34
C GLU E 85 -9.98 -49.77 50.39
N ALA E 86 -9.55 -50.16 51.60
CA ALA E 86 -10.52 -50.57 52.61
C ALA E 86 -10.09 -50.06 53.97
N GLU E 87 -11.06 -49.98 54.87
CA GLU E 87 -10.83 -49.56 56.24
C GLU E 87 -11.98 -50.03 57.10
N VAL E 88 -11.64 -50.56 58.28
CA VAL E 88 -12.66 -50.89 59.27
C VAL E 88 -13.24 -49.60 59.82
N ILE E 89 -14.53 -49.40 59.64
CA ILE E 89 -15.20 -48.16 60.02
C ILE E 89 -15.86 -48.39 61.38
N PRO E 90 -15.71 -47.46 62.32
CA PRO E 90 -16.35 -47.65 63.65
C PRO E 90 -17.86 -47.78 63.59
N ALA E 91 -18.52 -47.07 62.68
CA ALA E 91 -19.98 -47.09 62.61
C ALA E 91 -20.42 -46.84 61.18
N GLU E 92 -21.68 -47.15 60.92
CA GLU E 92 -22.25 -47.01 59.57
C GLU E 92 -22.74 -45.60 59.28
N THR E 93 -22.50 -44.65 60.17
CA THR E 93 -22.97 -43.28 59.95
C THR E 93 -22.31 -42.68 58.71
N GLY E 94 -23.06 -41.83 58.01
CA GLY E 94 -22.53 -41.19 56.83
C GLY E 94 -21.38 -40.25 57.09
N GLN E 95 -21.21 -39.81 58.35
CA GLN E 95 -20.15 -38.88 58.69
C GLN E 95 -18.77 -39.52 58.46
N GLU E 96 -18.58 -40.75 58.92
CA GLU E 96 -17.31 -41.44 58.76
C GLU E 96 -17.08 -41.91 57.33
N THR E 97 -18.13 -42.33 56.64
CA THR E 97 -18.00 -42.62 55.22
C THR E 97 -17.60 -41.39 54.45
N ALA E 98 -18.06 -40.21 54.88
CA ALA E 98 -17.64 -38.97 54.23
C ALA E 98 -16.13 -38.77 54.39
N TYR E 99 -15.61 -39.00 55.58
CA TYR E 99 -14.17 -38.88 55.80
C TYR E 99 -13.41 -39.86 54.91
N PHE E 100 -13.87 -41.11 54.84
CA PHE E 100 -13.12 -42.08 54.05
C PHE E 100 -13.22 -41.77 52.55
N LEU E 101 -14.37 -41.28 52.10
CA LEU E 101 -14.46 -40.87 50.71
C LEU E 101 -13.57 -39.67 50.44
N LEU E 102 -13.41 -38.80 51.42
CA LEU E 102 -12.43 -37.74 51.29
C LEU E 102 -11.06 -38.31 51.06
N LYS E 103 -10.72 -39.37 51.79
CA LYS E 103 -9.42 -40.00 51.60
C LYS E 103 -9.27 -40.53 50.17
N LEU E 104 -10.25 -41.30 49.70
CA LEU E 104 -10.16 -41.82 48.33
C LEU E 104 -9.97 -40.69 47.33
N ALA E 105 -10.72 -39.60 47.49
CA ALA E 105 -10.66 -38.53 46.51
C ALA E 105 -9.31 -37.84 46.54
N GLY E 106 -8.74 -37.65 47.73
CA GLY E 106 -7.45 -37.02 47.81
C GLY E 106 -6.34 -37.86 47.19
N ARG E 107 -6.37 -39.17 47.45
CA ARG E 107 -5.24 -40.02 47.09
C ARG E 107 -5.13 -40.31 45.60
N TRP E 108 -6.24 -40.36 44.88
CA TRP E 108 -6.24 -40.66 43.46
C TRP E 108 -7.25 -39.76 42.77
N PRO E 109 -7.09 -39.50 41.48
CA PRO E 109 -8.10 -38.69 40.77
C PRO E 109 -9.37 -39.49 40.45
N VAL E 110 -10.28 -39.52 41.42
CA VAL E 110 -11.52 -40.29 41.30
C VAL E 110 -12.62 -39.40 40.75
N LYS E 111 -13.31 -39.88 39.72
CA LYS E 111 -14.30 -39.10 38.99
C LYS E 111 -15.74 -39.52 39.27
N THR E 112 -16.05 -40.81 39.29
CA THR E 112 -17.41 -41.26 39.54
C THR E 112 -17.39 -42.46 40.49
N VAL E 113 -18.43 -42.56 41.31
CA VAL E 113 -18.53 -43.61 42.32
C VAL E 113 -19.91 -44.27 42.22
N HIS E 114 -19.91 -45.60 42.28
CA HIS E 114 -21.14 -46.39 42.14
C HIS E 114 -21.46 -47.05 43.47
N THR E 115 -22.48 -46.55 44.16
CA THR E 115 -22.97 -47.19 45.39
C THR E 115 -24.47 -47.42 45.29
N ASP E 116 -25.10 -47.81 46.39
CA ASP E 116 -26.54 -48.04 46.41
C ASP E 116 -27.24 -46.75 46.82
N ASN E 117 -28.57 -46.81 46.95
CA ASN E 117 -29.37 -45.65 47.31
C ASN E 117 -29.47 -45.47 48.82
N GLY E 118 -28.88 -46.36 49.61
CA GLY E 118 -29.10 -46.34 51.04
C GLY E 118 -28.63 -45.05 51.69
N SER E 119 -29.17 -44.80 52.88
CA SER E 119 -28.84 -43.59 53.64
C SER E 119 -27.38 -43.58 54.07
N ASN E 120 -26.69 -44.72 54.00
CA ASN E 120 -25.26 -44.75 54.22
C ASN E 120 -24.51 -43.98 53.15
N PHE E 121 -25.17 -43.65 52.04
CA PHE E 121 -24.56 -42.85 50.99
C PHE E 121 -25.35 -41.62 50.59
N THR E 122 -26.66 -41.58 50.86
CA THR E 122 -27.46 -40.41 50.52
C THR E 122 -27.47 -39.34 51.59
N SER E 123 -26.72 -39.53 52.68
CA SER E 123 -26.72 -38.54 53.74
C SER E 123 -26.08 -37.24 53.27
N THR E 124 -26.34 -36.17 54.02
CA THR E 124 -25.85 -34.85 53.62
C THR E 124 -24.34 -34.79 53.58
N THR E 125 -23.67 -35.45 54.53
CA THR E 125 -22.21 -35.37 54.60
C THR E 125 -21.57 -35.95 53.35
N VAL E 126 -22.10 -37.06 52.84
CA VAL E 126 -21.53 -37.65 51.63
C VAL E 126 -21.70 -36.70 50.47
N LYS E 127 -22.85 -36.02 50.40
CA LYS E 127 -23.08 -35.07 49.33
C LYS E 127 -22.08 -33.91 49.42
N ALA E 128 -21.81 -33.43 50.63
CA ALA E 128 -20.80 -32.40 50.77
C ALA E 128 -19.43 -32.91 50.35
N ALA E 129 -19.10 -34.16 50.68
CA ALA E 129 -17.80 -34.71 50.30
C ALA E 129 -17.65 -34.72 48.79
N CYS E 130 -18.68 -35.20 48.09
CA CYS E 130 -18.63 -35.18 46.63
C CYS E 130 -18.56 -33.76 46.11
N TRP E 131 -19.26 -32.83 46.77
CA TRP E 131 -19.28 -31.45 46.30
C TRP E 131 -17.90 -30.82 46.40
N TRP E 132 -17.21 -31.06 47.51
CA TRP E 132 -15.89 -30.46 47.70
C TRP E 132 -14.87 -31.11 46.78
N ALA E 133 -14.83 -32.44 46.75
CA ALA E 133 -13.78 -33.12 46.01
C ALA E 133 -14.03 -33.12 44.51
N GLY E 134 -15.29 -33.06 44.09
CA GLY E 134 -15.58 -33.17 42.68
C GLY E 134 -15.76 -34.61 42.25
N ILE E 135 -16.73 -35.30 42.84
CA ILE E 135 -17.00 -36.69 42.54
C ILE E 135 -18.49 -36.84 42.28
N LYS E 136 -18.84 -37.64 41.28
CA LYS E 136 -20.22 -38.01 41.02
C LYS E 136 -20.53 -39.39 41.62
N GLN E 137 -21.75 -39.55 42.12
CA GLN E 137 -22.13 -40.77 42.79
C GLN E 137 -23.44 -41.28 42.22
N GLU E 138 -23.54 -42.61 42.09
CA GLU E 138 -24.75 -43.28 41.66
C GLU E 138 -25.42 -43.94 42.86
N PHE E 139 -26.73 -43.80 42.95
CA PHE E 139 -27.50 -44.30 44.10
C PHE E 139 -28.54 -45.30 43.61
N GLY E 140 -28.32 -46.57 43.90
CA GLY E 140 -29.28 -47.60 43.58
C GLY E 140 -28.58 -48.82 42.99
N ILE E 141 -29.33 -49.52 42.14
CA ILE E 141 -28.83 -50.70 41.44
C ILE E 141 -28.17 -50.26 40.13
N PRO E 142 -26.90 -50.57 39.91
CA PRO E 142 -26.27 -50.28 38.62
C PRO E 142 -26.88 -51.11 37.51
N TYR E 143 -26.71 -50.62 36.28
CA TYR E 143 -27.24 -51.33 35.12
C TYR E 143 -26.60 -52.70 34.95
N ASN E 144 -25.40 -52.91 35.50
CA ASN E 144 -24.69 -54.18 35.43
C ASN E 144 -24.32 -54.60 36.84
N PRO E 145 -25.26 -55.21 37.57
CA PRO E 145 -24.95 -55.67 38.93
C PRO E 145 -23.98 -56.84 38.97
N GLN E 146 -23.55 -57.35 37.82
CA GLN E 146 -22.53 -58.40 37.82
C GLN E 146 -21.20 -57.86 38.34
N SER E 147 -20.95 -56.56 38.16
CA SER E 147 -19.78 -55.95 38.79
C SER E 147 -19.89 -55.99 40.31
N GLN E 148 -21.10 -55.73 40.83
CA GLN E 148 -21.32 -55.85 42.27
C GLN E 148 -21.15 -57.29 42.73
N GLY E 149 -21.60 -58.24 41.91
CA GLY E 149 -21.35 -59.64 42.23
C GLY E 149 -19.87 -59.98 42.25
N VAL E 150 -19.10 -59.40 41.33
CA VAL E 150 -17.67 -59.63 41.27
C VAL E 150 -16.99 -59.07 42.53
N ILE E 151 -17.39 -57.86 42.93
CA ILE E 151 -16.76 -57.27 44.11
C ILE E 151 -17.22 -58.00 45.37
N GLU E 152 -18.41 -58.59 45.34
CA GLU E 152 -18.84 -59.40 46.48
C GLU E 152 -18.05 -60.70 46.54
N SER E 153 -17.74 -61.28 45.37
CA SER E 153 -16.87 -62.45 45.33
C SER E 153 -15.47 -62.10 45.82
N MET E 154 -14.99 -60.92 45.46
CA MET E 154 -13.72 -60.44 46.00
C MET E 154 -13.82 -60.26 47.51
N ASN E 155 -14.97 -59.81 48.01
CA ASN E 155 -15.18 -59.71 49.44
C ASN E 155 -15.08 -61.08 50.10
N LYS E 156 -15.69 -62.09 49.48
CA LYS E 156 -15.60 -63.45 50.01
C LYS E 156 -14.16 -63.97 50.00
N GLU E 157 -13.42 -63.65 48.94
CA GLU E 157 -12.02 -64.08 48.86
C GLU E 157 -11.19 -63.36 49.90
N LEU E 158 -11.45 -62.08 50.13
CA LEU E 158 -10.81 -61.38 51.23
C LEU E 158 -11.16 -62.04 52.56
N LYS E 159 -12.37 -62.55 52.68
CA LYS E 159 -12.79 -63.20 53.92
C LYS E 159 -12.05 -64.52 54.14
N LYS E 160 -11.88 -65.31 53.07
CA LYS E 160 -11.04 -66.51 53.17
C LYS E 160 -9.60 -66.13 53.51
N ILE E 161 -9.10 -65.08 52.86
CA ILE E 161 -7.77 -64.56 53.18
C ILE E 161 -7.69 -64.27 54.66
N ILE E 162 -8.70 -63.58 55.19
CA ILE E 162 -8.71 -63.24 56.61
C ILE E 162 -8.73 -64.50 57.47
N GLY E 163 -9.54 -65.47 57.07
CA GLY E 163 -9.60 -66.73 57.79
C GLY E 163 -8.25 -67.40 57.88
N GLN E 164 -7.37 -67.10 56.92
CA GLN E 164 -5.98 -67.54 57.00
C GLN E 164 -5.06 -66.60 57.76
N VAL E 165 -5.11 -65.29 57.50
CA VAL E 165 -4.15 -64.37 58.07
C VAL E 165 -4.38 -64.20 59.57
N ARG E 166 -5.62 -64.29 60.03
CA ARG E 166 -5.93 -64.08 61.44
C ARG E 166 -5.09 -64.94 62.36
N ASP E 167 -4.39 -65.94 61.81
CA ASP E 167 -3.34 -66.62 62.55
C ASP E 167 -2.14 -65.71 62.78
N GLN E 168 -2.08 -64.55 62.13
CA GLN E 168 -0.90 -63.72 62.16
C GLN E 168 -1.11 -62.34 62.76
N ALA E 169 -2.35 -61.90 62.97
CA ALA E 169 -2.62 -60.56 63.45
C ALA E 169 -3.47 -60.59 64.71
N GLU E 170 -3.02 -59.90 65.75
CA GLU E 170 -3.75 -59.81 67.01
C GLU E 170 -5.05 -59.02 66.90
N HIS E 171 -5.22 -58.20 65.87
CA HIS E 171 -6.42 -57.39 65.76
C HIS E 171 -6.97 -57.52 64.35
N LEU E 172 -8.22 -57.94 64.24
CA LEU E 172 -8.78 -58.28 62.94
C LEU E 172 -8.75 -57.11 61.97
N LYS E 173 -8.83 -55.88 62.48
CA LYS E 173 -8.71 -54.72 61.61
C LYS E 173 -7.37 -54.72 60.89
N THR E 174 -6.30 -55.01 61.63
CA THR E 174 -5.00 -55.04 61.00
C THR E 174 -4.94 -56.12 59.95
N ALA E 175 -5.61 -57.25 60.18
CA ALA E 175 -5.63 -58.29 59.17
C ALA E 175 -6.43 -57.84 57.95
N VAL E 176 -7.44 -56.99 58.16
CA VAL E 176 -8.16 -56.44 57.02
C VAL E 176 -7.20 -55.62 56.15
N GLN E 177 -6.39 -54.77 56.79
CA GLN E 177 -5.41 -54.03 56.01
C GLN E 177 -4.41 -54.96 55.34
N MET E 178 -3.94 -55.97 56.08
CA MET E 178 -2.97 -56.86 55.50
C MET E 178 -3.52 -57.45 54.22
N ALA E 179 -4.78 -57.84 54.25
CA ALA E 179 -5.39 -58.37 53.05
C ALA E 179 -5.41 -57.32 51.94
N VAL E 180 -5.72 -56.08 52.30
CA VAL E 180 -5.78 -55.06 51.26
C VAL E 180 -4.47 -55.05 50.49
N PHE E 181 -3.37 -55.05 51.23
CA PHE E 181 -2.06 -55.00 50.57
C PHE E 181 -1.74 -56.28 49.82
N ILE E 182 -2.06 -57.44 50.41
CA ILE E 182 -1.76 -58.69 49.73
C ILE E 182 -2.40 -58.67 48.36
N HIS E 183 -3.64 -58.22 48.30
CA HIS E 183 -4.34 -58.24 47.01
C HIS E 183 -3.83 -57.15 46.09
N ASN E 184 -3.39 -56.02 46.65
CA ASN E 184 -2.86 -54.97 45.78
C ASN E 184 -1.62 -55.47 45.05
N PHE E 185 -0.71 -56.11 45.76
CA PHE E 185 0.62 -56.33 45.21
C PHE E 185 1.03 -57.79 45.10
N LYS E 186 0.85 -58.59 46.15
CA LYS E 186 1.40 -59.93 46.12
C LYS E 186 0.59 -60.85 45.23
N ARG E 187 -0.74 -60.75 45.27
CA ARG E 187 -1.61 -61.62 44.49
C ARG E 187 -1.70 -61.06 43.07
N LYS E 188 -0.65 -61.31 42.29
CA LYS E 188 -0.64 -60.93 40.89
C LYS E 188 -1.18 -62.07 40.05
N GLY E 189 -2.05 -61.74 39.10
CA GLY E 189 -2.69 -62.74 38.28
C GLY E 189 -3.57 -62.07 37.25
N GLY E 190 -4.03 -62.88 36.30
CA GLY E 190 -4.82 -62.36 35.21
C GLY E 190 -3.95 -61.87 34.06
N ILE E 191 -4.35 -62.21 32.83
CA ILE E 191 -3.63 -61.82 31.63
C ILE E 191 -2.21 -62.36 31.68
N GLY E 192 -1.33 -61.66 32.40
CA GLY E 192 0.05 -62.06 32.48
C GLY E 192 0.61 -62.06 33.89
N GLY E 193 -0.25 -62.32 34.87
CA GLY E 193 0.18 -62.35 36.26
C GLY E 193 0.67 -61.01 36.74
N TYR E 194 -0.23 -60.02 36.79
CA TYR E 194 0.11 -58.66 37.16
C TYR E 194 -0.60 -58.27 38.45
N SER E 195 0.11 -57.57 39.32
CA SER E 195 -0.47 -57.09 40.56
C SER E 195 -1.43 -55.95 40.28
N ALA E 196 -2.33 -55.72 41.24
CA ALA E 196 -3.25 -54.59 41.10
C ALA E 196 -2.48 -53.30 40.93
N GLY E 197 -1.33 -53.18 41.58
CA GLY E 197 -0.53 -51.99 41.44
C GLY E 197 -0.06 -51.77 40.01
N GLU E 198 0.41 -52.84 39.36
CA GLU E 198 0.92 -52.68 38.01
C GLU E 198 -0.18 -52.23 37.07
N ARG E 199 -1.36 -52.85 37.17
CA ARG E 199 -2.46 -52.47 36.30
C ARG E 199 -2.91 -51.04 36.59
N ILE E 200 -2.99 -50.68 37.87
CA ILE E 200 -3.35 -49.31 38.22
C ILE E 200 -2.40 -48.31 37.59
N VAL E 201 -1.11 -48.56 37.71
CA VAL E 201 -0.16 -47.57 37.24
C VAL E 201 -0.21 -47.47 35.73
N ASP E 202 -0.27 -48.62 35.04
CA ASP E 202 -0.37 -48.61 33.58
C ASP E 202 -1.60 -47.84 33.14
N ILE E 203 -2.74 -48.09 33.79
CA ILE E 203 -3.98 -47.44 33.41
C ILE E 203 -3.86 -45.93 33.56
N ILE E 204 -3.25 -45.48 34.66
CA ILE E 204 -3.27 -44.03 34.88
C ILE E 204 -2.27 -43.32 33.98
N ALA E 205 -1.14 -43.96 33.67
CA ALA E 205 -0.23 -43.35 32.70
C ALA E 205 -0.86 -43.31 31.31
N THR E 206 -1.51 -44.40 30.91
CA THR E 206 -2.28 -44.39 29.66
C THR E 206 -3.31 -43.28 29.68
N ASP E 207 -3.92 -43.03 30.84
CA ASP E 207 -4.91 -41.97 30.93
C ASP E 207 -4.27 -40.60 30.68
N ILE E 208 -3.07 -40.38 31.22
CA ILE E 208 -2.39 -39.10 30.97
C ILE E 208 -2.12 -38.94 29.48
N GLN E 209 -1.60 -40.00 28.85
CA GLN E 209 -1.31 -39.92 27.42
C GLN E 209 -2.59 -39.74 26.61
N THR E 210 -3.72 -40.27 27.09
CA THR E 210 -4.97 -40.08 26.37
C THR E 210 -5.53 -38.68 26.56
N LYS E 211 -5.28 -38.02 27.70
CA LYS E 211 -5.61 -36.61 27.79
C LYS E 211 -4.81 -35.81 26.76
N GLU E 212 -3.51 -36.10 26.65
CA GLU E 212 -2.71 -35.39 25.64
C GLU E 212 -3.20 -35.69 24.22
N LEU E 213 -3.54 -36.96 23.95
CA LEU E 213 -4.05 -37.34 22.64
C LEU E 213 -5.39 -36.69 22.35
N GLN E 214 -6.25 -36.56 23.35
CA GLN E 214 -7.52 -35.88 23.16
C GLN E 214 -7.31 -34.41 22.85
N LYS E 215 -6.32 -33.78 23.51
CA LYS E 215 -5.98 -32.40 23.17
C LYS E 215 -5.57 -32.29 21.71
N GLN E 216 -4.63 -33.14 21.27
CA GLN E 216 -4.15 -33.03 19.90
C GLN E 216 -5.22 -33.43 18.89
N ILE E 217 -6.17 -34.29 19.28
CA ILE E 217 -7.25 -34.67 18.38
C ILE E 217 -8.23 -33.50 18.23
N THR E 218 -8.64 -32.90 19.35
CA THR E 218 -9.56 -31.77 19.30
C THR E 218 -8.93 -30.55 18.65
N LYS E 219 -7.60 -30.49 18.60
CA LYS E 219 -6.94 -29.38 17.91
C LYS E 219 -7.33 -29.31 16.44
N ILE E 220 -7.46 -30.47 15.79
CA ILE E 220 -7.62 -30.54 14.34
C ILE E 220 -8.99 -31.03 13.91
N ASN E 222 -9.70 -25.36 19.86
CA ASN E 222 -10.64 -25.39 18.73
C ASN E 222 -10.71 -24.05 18.01
N PHE E 223 -11.65 -23.93 17.09
CA PHE E 223 -11.74 -22.71 16.28
C PHE E 223 -13.18 -22.42 15.96
N ARG E 224 -13.63 -21.24 16.36
CA ARG E 224 -14.84 -20.63 15.85
C ARG E 224 -14.49 -19.79 14.63
N VAL E 225 -15.23 -19.97 13.55
CA VAL E 225 -15.04 -19.15 12.36
C VAL E 225 -16.33 -18.40 12.10
N TYR E 226 -16.21 -17.08 11.99
CA TYR E 226 -17.27 -16.23 11.50
C TYR E 226 -16.95 -15.83 10.07
N TYR E 227 -17.95 -15.82 9.21
CA TYR E 227 -17.68 -15.63 7.80
C TYR E 227 -18.79 -14.87 7.12
N ARG E 228 -18.41 -14.15 6.08
CA ARG E 228 -19.35 -13.54 5.17
C ARG E 228 -19.72 -14.59 4.13
N ASP E 229 -21.00 -14.97 4.08
CA ASP E 229 -21.40 -15.93 3.07
C ASP E 229 -21.40 -15.25 1.71
N SER E 230 -21.67 -16.06 0.70
CA SER E 230 -21.38 -15.66 -0.66
C SER E 230 -22.59 -14.96 -1.26
N ARG E 231 -22.37 -13.73 -1.72
CA ARG E 231 -23.40 -12.78 -2.20
C ARG E 231 -24.26 -12.22 -1.07
N ASP E 232 -24.10 -12.72 0.15
CA ASP E 232 -24.89 -12.28 1.30
C ASP E 232 -24.19 -11.13 2.00
N PRO E 233 -24.86 -10.01 2.25
CA PRO E 233 -24.22 -8.93 3.02
C PRO E 233 -24.01 -9.28 4.49
N VAL E 234 -24.84 -10.15 5.04
CA VAL E 234 -24.78 -10.50 6.46
C VAL E 234 -23.58 -11.38 6.75
N TRP E 235 -22.98 -11.20 7.92
CA TRP E 235 -21.97 -12.12 8.42
C TRP E 235 -22.65 -13.22 9.22
N LYS E 236 -22.17 -14.44 9.08
CA LYS E 236 -22.70 -15.54 9.88
C LYS E 236 -21.60 -16.26 10.63
N GLY E 237 -22.01 -17.28 11.38
CA GLY E 237 -21.13 -18.02 12.26
C GLY E 237 -21.67 -18.08 13.67
N PRO E 238 -20.99 -18.83 14.54
CA PRO E 238 -19.69 -19.50 14.34
C PRO E 238 -19.82 -20.80 13.58
N ALA E 239 -18.84 -21.09 12.73
CA ALA E 239 -18.73 -22.39 12.08
C ALA E 239 -17.47 -23.08 12.60
N LYS E 240 -17.44 -24.40 12.49
CA LYS E 240 -16.24 -25.15 12.82
C LYS E 240 -15.24 -25.07 11.66
N LEU E 241 -13.99 -24.75 11.99
CA LEU E 241 -12.91 -24.77 11.00
C LEU E 241 -12.48 -26.20 10.72
N LEU E 242 -12.33 -26.55 9.43
CA LEU E 242 -11.83 -27.86 9.02
C LEU E 242 -10.40 -27.84 8.50
N TRP E 243 -10.08 -26.87 7.65
CA TRP E 243 -8.80 -26.81 6.97
C TRP E 243 -8.50 -25.34 6.68
N LYS E 244 -7.25 -24.95 6.84
CA LYS E 244 -6.85 -23.57 6.63
C LYS E 244 -5.67 -23.51 5.68
N GLY E 245 -5.90 -23.04 4.46
CA GLY E 245 -4.84 -22.74 3.53
C GLY E 245 -4.39 -21.30 3.63
N GLU E 246 -3.69 -20.85 2.60
CA GLU E 246 -3.38 -19.45 2.42
C GLU E 246 -4.45 -18.87 1.49
N GLY E 247 -5.19 -17.91 1.95
CA GLY E 247 -6.22 -17.33 1.12
C GLY E 247 -7.62 -17.87 1.29
N ALA E 248 -7.77 -19.12 1.74
CA ALA E 248 -9.11 -19.69 1.91
C ALA E 248 -9.16 -20.64 3.10
N VAL E 249 -10.37 -20.88 3.62
CA VAL E 249 -10.63 -21.90 4.62
C VAL E 249 -11.79 -22.77 4.17
N VAL E 250 -11.92 -23.93 4.82
CA VAL E 250 -13.09 -24.79 4.71
C VAL E 250 -13.76 -24.81 6.08
N ILE E 251 -15.07 -24.68 6.11
CA ILE E 251 -15.80 -24.52 7.34
C ILE E 251 -17.03 -25.42 7.35
N GLN E 252 -17.36 -25.90 8.54
CA GLN E 252 -18.55 -26.69 8.80
C GLN E 252 -19.58 -25.81 9.50
N ASP E 253 -20.63 -25.44 8.78
CA ASP E 253 -21.71 -24.64 9.35
C ASP E 253 -22.99 -25.47 9.31
N ASN E 254 -23.26 -26.18 10.41
CA ASN E 254 -24.42 -27.06 10.53
C ASN E 254 -24.44 -28.10 9.40
N SER E 255 -23.46 -29.00 9.43
CA SER E 255 -23.32 -30.06 8.44
C SER E 255 -23.42 -29.54 7.00
N ASP E 256 -22.73 -28.45 6.68
CA ASP E 256 -22.81 -27.79 5.38
C ASP E 256 -21.45 -27.20 5.05
N ILE E 257 -20.61 -28.00 4.40
CA ILE E 257 -19.21 -27.63 4.17
C ILE E 257 -19.15 -26.48 3.18
N LYS E 258 -18.50 -25.39 3.59
CA LYS E 258 -18.33 -24.23 2.74
C LYS E 258 -16.86 -23.90 2.63
N VAL E 259 -16.50 -23.24 1.53
CA VAL E 259 -15.14 -22.78 1.29
C VAL E 259 -15.19 -21.27 1.27
N VAL E 260 -14.37 -20.62 2.10
CA VAL E 260 -14.47 -19.17 2.21
C VAL E 260 -13.09 -18.55 2.06
N PRO E 261 -12.93 -17.54 1.22
CA PRO E 261 -11.66 -16.81 1.20
C PRO E 261 -11.36 -16.19 2.56
N ARG E 262 -10.07 -16.16 2.89
CA ARG E 262 -9.67 -15.68 4.20
C ARG E 262 -9.98 -14.20 4.41
N ARG E 263 -10.15 -13.45 3.32
CA ARG E 263 -10.64 -12.07 3.41
C ARG E 263 -12.06 -12.00 3.96
N LYS E 264 -12.84 -13.06 3.78
CA LYS E 264 -14.24 -13.06 4.17
C LYS E 264 -14.51 -13.94 5.39
N ALA E 265 -13.49 -14.21 6.20
CA ALA E 265 -13.64 -15.07 7.35
C ALA E 265 -12.94 -14.45 8.55
N LYS E 266 -13.31 -14.92 9.73
CA LYS E 266 -12.61 -14.55 10.95
C LYS E 266 -12.51 -15.78 11.85
N ILE E 267 -11.30 -16.11 12.25
CA ILE E 267 -11.02 -17.30 13.03
C ILE E 267 -10.69 -16.88 14.45
N ILE E 268 -11.52 -17.29 15.40
CA ILE E 268 -11.29 -17.02 16.80
C ILE E 268 -10.84 -18.31 17.50
N PHE F 1 -16.91 -12.65 34.25
CA PHE F 1 -15.98 -13.47 33.45
C PHE F 1 -16.72 -14.57 32.70
N LEU F 2 -15.96 -15.33 31.92
CA LEU F 2 -16.51 -16.48 31.22
C LEU F 2 -16.90 -17.57 32.21
N ASP F 3 -17.84 -18.42 31.79
CA ASP F 3 -18.29 -19.52 32.65
C ASP F 3 -17.10 -20.37 33.10
N GLY F 4 -16.12 -20.59 32.23
CA GLY F 4 -14.93 -21.31 32.63
C GLY F 4 -14.15 -20.56 33.70
N ILE F 5 -14.03 -19.24 33.56
CA ILE F 5 -13.28 -18.45 34.54
C ILE F 5 -14.04 -18.38 35.86
N ASP F 6 -15.37 -18.25 35.81
CA ASP F 6 -16.15 -18.30 37.04
C ASP F 6 -16.03 -19.66 37.72
N LYS F 7 -16.04 -20.73 36.94
CA LYS F 7 -15.83 -22.06 37.50
C LYS F 7 -14.45 -22.18 38.13
N ALA F 8 -13.44 -21.58 37.49
CA ALA F 8 -12.09 -21.59 38.06
C ALA F 8 -12.05 -20.82 39.37
N GLN F 9 -12.75 -19.69 39.45
CA GLN F 9 -12.78 -18.94 40.70
C GLN F 9 -13.48 -19.73 41.81
N GLU F 10 -14.58 -20.41 41.46
CA GLU F 10 -15.25 -21.25 42.44
C GLU F 10 -14.36 -22.41 42.87
N GLU F 11 -13.61 -22.99 41.92
CA GLU F 11 -12.65 -24.02 42.28
C GLU F 11 -11.54 -23.48 43.16
N HIS F 12 -11.18 -22.21 42.99
CA HIS F 12 -10.21 -21.61 43.92
C HIS F 12 -10.81 -21.52 45.32
N GLU F 13 -12.05 -21.05 45.43
CA GLU F 13 -12.67 -20.97 46.74
C GLU F 13 -12.80 -22.35 47.36
N LYS F 14 -12.95 -23.39 46.54
CA LYS F 14 -12.98 -24.76 47.02
C LYS F 14 -11.61 -25.31 47.37
N TYR F 15 -10.55 -24.83 46.70
CA TYR F 15 -9.25 -25.48 46.78
C TYR F 15 -8.08 -24.55 47.07
N HIS F 16 -8.32 -23.25 47.23
CA HIS F 16 -7.30 -22.31 47.70
C HIS F 16 -6.04 -22.32 46.82
N SER F 17 -6.25 -22.44 45.51
CA SER F 17 -5.16 -22.31 44.54
C SER F 17 -5.68 -21.52 43.35
N ASN F 18 -4.88 -20.55 42.90
CA ASN F 18 -5.28 -19.66 41.82
C ASN F 18 -4.45 -19.84 40.56
N TRP F 19 -3.14 -19.65 40.64
CA TRP F 19 -2.32 -19.64 39.44
C TRP F 19 -2.04 -21.05 38.92
N ARG F 20 -1.89 -22.03 39.83
CA ARG F 20 -1.46 -23.36 39.42
C ARG F 20 -2.50 -24.08 38.57
N ALA F 21 -3.75 -23.61 38.55
CA ALA F 21 -4.81 -24.28 37.82
C ALA F 21 -5.33 -23.47 36.63
N MET F 22 -5.79 -22.23 36.86
CA MET F 22 -6.43 -21.50 35.78
C MET F 22 -5.42 -20.98 34.77
N ALA F 23 -4.19 -20.68 35.20
CA ALA F 23 -3.18 -20.23 34.25
C ALA F 23 -2.72 -21.37 33.36
N SER F 24 -2.72 -22.61 33.87
CA SER F 24 -2.28 -23.76 33.11
C SER F 24 -3.45 -24.52 32.49
N ASP F 25 -4.37 -25.03 33.31
CA ASP F 25 -5.44 -25.87 32.78
C ASP F 25 -6.50 -25.06 32.04
N PHE F 26 -6.89 -23.92 32.59
CA PHE F 26 -7.99 -23.14 32.02
C PHE F 26 -7.52 -22.12 30.99
N ASN F 27 -6.22 -22.08 30.71
CA ASN F 27 -5.66 -21.21 29.67
C ASN F 27 -5.96 -19.74 29.91
N LEU F 28 -6.07 -19.35 31.18
CA LEU F 28 -6.32 -17.95 31.49
C LEU F 28 -5.06 -17.12 31.22
N PRO F 29 -5.21 -15.91 30.68
CA PRO F 29 -4.05 -15.04 30.50
C PRO F 29 -3.39 -14.75 31.82
N PRO F 30 -2.06 -14.59 31.84
CA PRO F 30 -1.36 -14.36 33.11
C PRO F 30 -1.78 -13.09 33.82
N VAL F 31 -2.22 -12.05 33.09
CA VAL F 31 -2.62 -10.80 33.73
C VAL F 31 -3.85 -11.02 34.60
N VAL F 32 -4.83 -11.77 34.10
CA VAL F 32 -6.04 -12.02 34.87
C VAL F 32 -5.73 -12.85 36.11
N ALA F 33 -4.86 -13.87 35.97
CA ALA F 33 -4.48 -14.68 37.11
C ALA F 33 -3.74 -13.84 38.15
N LYS F 34 -2.86 -12.94 37.71
CA LYS F 34 -2.16 -12.06 38.64
C LYS F 34 -3.13 -11.14 39.36
N GLU F 35 -4.12 -10.60 38.64
CA GLU F 35 -5.13 -9.76 39.28
C GLU F 35 -5.92 -10.56 40.31
N ILE F 36 -6.27 -11.81 39.98
CA ILE F 36 -7.03 -12.64 40.90
C ILE F 36 -6.22 -12.94 42.16
N VAL F 37 -4.95 -13.32 42.00
CA VAL F 37 -4.13 -13.61 43.18
C VAL F 37 -3.90 -12.35 43.99
N ALA F 38 -3.85 -11.18 43.35
CA ALA F 38 -3.75 -9.93 44.10
C ALA F 38 -5.01 -9.68 44.91
N SER F 39 -6.19 -9.91 44.32
CA SER F 39 -7.44 -9.74 45.06
C SER F 39 -7.63 -10.85 46.09
N CYS F 40 -7.15 -12.05 45.79
CA CYS F 40 -7.31 -13.20 46.69
C CYS F 40 -6.54 -12.99 47.99
N ASP F 41 -7.27 -12.86 49.10
CA ASP F 41 -6.62 -12.74 50.40
C ASP F 41 -5.97 -14.05 50.83
N LYS F 42 -6.40 -15.17 50.28
CA LYS F 42 -5.86 -16.48 50.60
C LYS F 42 -4.64 -16.83 49.76
N CYS F 43 -4.22 -15.95 48.87
CA CYS F 43 -3.09 -16.18 47.96
C CYS F 43 -1.99 -15.18 48.29
N GLN F 44 -1.11 -15.55 49.22
CA GLN F 44 0.01 -14.70 49.58
C GLN F 44 1.20 -14.86 48.65
N LEU F 45 1.15 -15.81 47.71
CA LEU F 45 2.22 -16.04 46.74
C LEU F 45 3.57 -16.27 47.42
N CYS F 56 16.29 -39.70 42.65
CA CYS F 56 16.89 -40.20 43.88
C CYS F 56 16.86 -41.73 43.92
N SER F 57 15.68 -42.31 44.12
CA SER F 57 15.55 -43.76 44.06
C SER F 57 14.07 -44.16 44.13
N PRO F 58 13.30 -44.05 43.08
CA PRO F 58 11.84 -44.06 43.26
C PRO F 58 11.33 -45.27 44.03
N GLY F 59 10.56 -45.00 45.08
CA GLY F 59 10.27 -45.96 46.12
C GLY F 59 10.92 -45.50 47.41
N ILE F 60 11.26 -44.22 47.46
CA ILE F 60 11.89 -43.60 48.62
C ILE F 60 10.95 -42.54 49.19
N TRP F 61 10.50 -42.75 50.42
CA TRP F 61 9.55 -41.87 51.06
C TRP F 61 10.12 -41.41 52.38
N GLN F 62 9.71 -40.23 52.81
CA GLN F 62 9.99 -39.75 54.16
C GLN F 62 8.77 -39.99 55.02
N LEU F 63 9.00 -40.12 56.33
CA LEU F 63 7.92 -40.07 57.30
C LEU F 63 8.35 -39.16 58.44
N ASP F 64 7.37 -38.49 59.04
CA ASP F 64 7.67 -37.54 60.10
C ASP F 64 6.42 -37.33 60.96
N CYS F 65 6.61 -36.71 62.11
CA CYS F 65 5.52 -36.42 63.04
C CYS F 65 5.42 -34.92 63.22
N THR F 66 4.19 -34.41 63.22
CA THR F 66 3.94 -32.98 63.40
C THR F 66 2.82 -32.78 64.41
N HIS F 67 2.80 -31.60 65.01
CA HIS F 67 1.78 -31.22 65.98
C HIS F 67 1.11 -29.92 65.54
N LEU F 68 -0.19 -29.82 65.81
CA LEU F 68 -0.93 -28.60 65.48
C LEU F 68 -2.16 -28.54 66.37
N GLU F 69 -2.28 -27.44 67.12
CA GLU F 69 -3.43 -27.19 67.99
C GLU F 69 -3.68 -28.37 68.94
N GLY F 70 -2.61 -28.93 69.49
CA GLY F 70 -2.72 -30.04 70.40
C GLY F 70 -3.02 -31.37 69.77
N LYS F 71 -2.97 -31.47 68.44
CA LYS F 71 -3.24 -32.70 67.72
C LYS F 71 -1.98 -33.14 66.98
N VAL F 72 -1.80 -34.46 66.86
CA VAL F 72 -0.62 -35.05 66.26
C VAL F 72 -0.96 -35.51 64.84
N ILE F 73 -0.09 -35.17 63.89
CA ILE F 73 -0.28 -35.51 62.48
C ILE F 73 0.98 -36.17 61.95
N LEU F 74 0.84 -37.38 61.41
CA LEU F 74 1.94 -38.12 60.79
C LEU F 74 1.86 -37.90 59.28
N VAL F 75 2.97 -37.53 58.67
CA VAL F 75 3.00 -37.11 57.28
C VAL F 75 3.97 -37.98 56.50
N ALA F 76 3.50 -38.57 55.41
CA ALA F 76 4.33 -39.32 54.48
C ALA F 76 4.54 -38.51 53.21
N VAL F 77 5.79 -38.39 52.80
CA VAL F 77 6.17 -37.59 51.64
C VAL F 77 6.82 -38.49 50.61
N HIS F 78 6.84 -38.08 49.36
CA HIS F 78 7.68 -38.73 48.37
C HIS F 78 8.78 -37.76 47.92
N VAL F 79 10.02 -38.25 47.93
CA VAL F 79 11.14 -37.43 47.50
C VAL F 79 11.03 -37.09 46.02
N ALA F 80 10.69 -38.08 45.19
CA ALA F 80 10.87 -37.93 43.75
C ALA F 80 9.83 -37.02 43.11
N SER F 81 8.73 -36.71 43.77
CA SER F 81 7.86 -35.68 43.23
C SER F 81 7.15 -34.80 44.26
N GLY F 82 7.40 -35.00 45.56
CA GLY F 82 6.62 -34.26 46.54
C GLY F 82 5.14 -34.59 46.52
N TYR F 83 4.80 -35.85 46.34
CA TYR F 83 3.44 -36.33 46.54
C TYR F 83 3.27 -36.70 48.00
N ILE F 84 2.38 -36.01 48.71
CA ILE F 84 2.34 -36.06 50.16
C ILE F 84 1.07 -36.75 50.61
N GLU F 85 1.22 -37.79 51.42
CA GLU F 85 0.11 -38.43 52.10
C GLU F 85 0.12 -38.01 53.56
N ALA F 86 -1.05 -38.00 54.19
CA ALA F 86 -1.13 -37.62 55.59
C ALA F 86 -2.43 -38.12 56.18
N GLU F 87 -2.43 -38.24 57.51
CA GLU F 87 -3.66 -38.53 58.25
C GLU F 87 -3.43 -38.17 59.71
N VAL F 88 -4.51 -37.70 60.36
CA VAL F 88 -4.42 -37.33 61.76
C VAL F 88 -4.31 -38.59 62.61
N ILE F 89 -3.50 -38.51 63.66
CA ILE F 89 -3.22 -39.67 64.51
C ILE F 89 -3.89 -39.48 65.86
N PRO F 90 -4.54 -40.50 66.42
CA PRO F 90 -5.12 -40.35 67.76
C PRO F 90 -4.09 -40.01 68.83
N ALA F 91 -2.89 -40.58 68.75
CA ALA F 91 -1.88 -40.34 69.76
C ALA F 91 -0.50 -40.62 69.15
N GLU F 92 0.53 -40.07 69.80
CA GLU F 92 1.88 -40.19 69.30
C GLU F 92 2.48 -41.58 69.48
N THR F 93 1.73 -42.53 70.03
CA THR F 93 2.29 -43.84 70.36
C THR F 93 2.80 -44.54 69.11
N GLY F 94 3.69 -45.51 69.33
CA GLY F 94 4.27 -46.24 68.21
C GLY F 94 3.27 -47.10 67.47
N GLN F 95 2.31 -47.69 68.19
CA GLN F 95 1.38 -48.61 67.54
C GLN F 95 0.57 -47.92 66.44
N GLU F 96 0.11 -46.70 66.71
CA GLU F 96 -0.59 -45.96 65.67
C GLU F 96 0.33 -45.72 64.48
N THR F 97 1.61 -45.44 64.75
CA THR F 97 2.55 -45.21 63.66
C THR F 97 2.68 -46.46 62.81
N ALA F 98 2.78 -47.62 63.45
CA ALA F 98 2.86 -48.87 62.70
C ALA F 98 1.62 -49.07 61.87
N TYR F 99 0.46 -48.75 62.41
CA TYR F 99 -0.75 -48.93 61.62
C TYR F 99 -0.75 -48.02 60.40
N PHE F 100 -0.29 -46.78 60.57
CA PHE F 100 -0.26 -45.88 59.42
C PHE F 100 0.71 -46.37 58.38
N LEU F 101 1.88 -46.86 58.80
CA LEU F 101 2.84 -47.34 57.84
C LEU F 101 2.30 -48.56 57.11
N LEU F 102 1.58 -49.42 57.84
CA LEU F 102 0.86 -50.49 57.18
C LEU F 102 -0.03 -49.94 56.10
N LYS F 103 -0.90 -49.00 56.45
CA LYS F 103 -1.84 -48.48 55.46
C LYS F 103 -1.10 -47.94 54.26
N LEU F 104 0.09 -47.39 54.49
CA LEU F 104 0.94 -46.95 53.39
C LEU F 104 1.31 -48.11 52.48
N ALA F 105 1.69 -49.25 53.06
CA ALA F 105 2.34 -50.27 52.24
C ALA F 105 1.45 -50.71 51.10
N GLY F 106 0.15 -50.76 51.31
CA GLY F 106 -0.74 -51.30 50.30
C GLY F 106 -1.09 -50.35 49.18
N ARG F 107 -0.77 -49.07 49.32
CA ARG F 107 -1.12 -48.10 48.29
C ARG F 107 -0.02 -47.90 47.27
N TRP F 108 1.24 -48.05 47.63
CA TRP F 108 2.35 -47.88 46.72
C TRP F 108 3.47 -48.82 47.11
N PRO F 109 4.29 -49.24 46.19
CA PRO F 109 5.39 -50.12 46.58
C PRO F 109 6.49 -49.38 47.34
N VAL F 110 6.18 -49.01 48.58
CA VAL F 110 7.16 -48.39 49.44
C VAL F 110 8.31 -49.38 49.67
N LYS F 111 9.54 -48.90 49.54
CA LYS F 111 10.71 -49.77 49.69
C LYS F 111 11.64 -49.35 50.81
N THR F 112 11.81 -48.05 51.04
CA THR F 112 12.71 -47.59 52.09
C THR F 112 12.26 -46.21 52.56
N VAL F 113 12.16 -46.04 53.88
CA VAL F 113 11.72 -44.78 54.46
C VAL F 113 12.79 -44.29 55.43
N HIS F 114 12.72 -43.00 55.75
CA HIS F 114 13.66 -42.39 56.68
C HIS F 114 12.89 -41.59 57.73
N THR F 115 13.32 -41.71 58.98
CA THR F 115 12.64 -41.06 60.09
C THR F 115 13.59 -40.16 60.87
N ASP F 116 13.15 -39.68 62.03
CA ASP F 116 13.96 -38.83 62.89
C ASP F 116 14.42 -39.55 64.16
N ASN F 117 14.47 -40.88 64.15
CA ASN F 117 15.03 -41.66 65.25
C ASN F 117 14.25 -41.46 66.56
N GLY F 118 13.00 -41.03 66.45
CA GLY F 118 12.20 -40.80 67.64
C GLY F 118 11.86 -42.07 68.39
N SER F 119 11.52 -41.91 69.67
CA SER F 119 11.17 -43.06 70.48
C SER F 119 9.92 -43.75 69.94
N ASN F 120 8.93 -42.97 69.51
CA ASN F 120 7.72 -43.55 68.94
C ASN F 120 8.00 -44.24 67.61
N PHE F 121 9.11 -43.93 66.95
CA PHE F 121 9.47 -44.58 65.70
C PHE F 121 10.47 -45.71 65.89
N THR F 122 11.38 -45.58 66.86
CA THR F 122 12.24 -46.69 67.24
C THR F 122 11.51 -47.77 68.01
N SER F 123 10.20 -47.61 68.21
CA SER F 123 9.41 -48.64 68.87
C SER F 123 9.45 -49.93 68.06
N THR F 124 9.42 -51.05 68.77
CA THR F 124 9.61 -52.34 68.11
C THR F 124 8.52 -52.61 67.08
N THR F 125 7.28 -52.28 67.41
CA THR F 125 6.16 -52.60 66.53
C THR F 125 6.35 -51.95 65.16
N VAL F 126 7.02 -50.80 65.12
CA VAL F 126 7.35 -50.19 63.83
C VAL F 126 8.26 -51.10 63.03
N LYS F 127 9.27 -51.68 63.68
CA LYS F 127 10.14 -52.63 63.00
C LYS F 127 9.34 -53.84 62.52
N ALA F 128 8.43 -54.32 63.36
CA ALA F 128 7.65 -55.48 62.98
C ALA F 128 6.84 -55.20 61.72
N ALA F 129 6.17 -54.06 61.68
CA ALA F 129 5.39 -53.71 60.49
C ALA F 129 6.30 -53.58 59.27
N CYS F 130 7.43 -52.92 59.44
CA CYS F 130 8.35 -52.77 58.32
C CYS F 130 8.80 -54.11 57.80
N TRP F 131 8.87 -55.10 58.69
CA TRP F 131 9.25 -56.43 58.21
C TRP F 131 8.09 -57.05 57.43
N TRP F 132 6.99 -57.33 58.11
CA TRP F 132 5.98 -58.17 57.48
C TRP F 132 5.39 -57.52 56.25
N ALA F 133 5.61 -56.22 56.07
CA ALA F 133 5.24 -55.61 54.81
C ALA F 133 6.39 -55.63 53.82
N GLY F 134 7.63 -55.59 54.31
CA GLY F 134 8.76 -55.45 53.43
C GLY F 134 9.10 -54.00 53.16
N ILE F 135 9.36 -53.24 54.21
CA ILE F 135 9.74 -51.85 54.14
C ILE F 135 11.04 -51.68 54.91
N LYS F 136 12.03 -51.03 54.29
CA LYS F 136 13.32 -50.83 54.95
C LYS F 136 13.39 -49.45 55.59
N GLN F 137 14.04 -49.38 56.74
CA GLN F 137 14.17 -48.15 57.50
C GLN F 137 15.61 -47.65 57.42
N GLU F 138 15.79 -46.41 57.00
CA GLU F 138 17.11 -45.78 56.94
C GLU F 138 17.02 -44.54 57.82
N PHE F 139 17.34 -44.70 59.10
CA PHE F 139 17.15 -43.63 60.06
C PHE F 139 18.19 -42.53 59.87
N GLY F 140 18.07 -41.49 60.70
CA GLY F 140 19.01 -40.39 60.66
C GLY F 140 18.50 -39.25 59.80
N ILE F 141 19.34 -38.76 58.91
CA ILE F 141 18.91 -37.78 57.91
C ILE F 141 19.22 -38.37 56.54
N PRO F 142 18.42 -38.06 55.51
CA PRO F 142 18.66 -38.64 54.20
C PRO F 142 20.02 -38.24 53.65
N TYR F 143 20.61 -39.16 52.87
CA TYR F 143 21.97 -39.00 52.37
C TYR F 143 22.02 -38.35 51.00
N ASN F 144 21.02 -37.54 50.66
CA ASN F 144 21.05 -36.76 49.43
C ASN F 144 20.71 -35.32 49.75
N PRO F 145 21.56 -34.36 49.37
CA PRO F 145 21.38 -32.97 49.82
C PRO F 145 20.28 -32.23 49.08
N GLN F 146 19.15 -32.89 48.85
CA GLN F 146 17.95 -32.21 48.39
C GLN F 146 16.81 -32.38 49.39
N SER F 147 16.47 -33.62 49.75
CA SER F 147 15.34 -33.88 50.65
C SER F 147 15.60 -33.39 52.07
N GLN F 148 16.86 -33.11 52.41
CA GLN F 148 17.21 -32.77 53.79
C GLN F 148 16.47 -31.51 54.24
N GLY F 149 16.41 -30.50 53.39
CA GLY F 149 15.61 -29.33 53.69
C GLY F 149 14.23 -29.42 53.05
N VAL F 150 14.09 -30.31 52.07
CA VAL F 150 12.82 -30.44 51.37
C VAL F 150 11.73 -30.99 52.28
N ILE F 151 12.07 -31.91 53.19
CA ILE F 151 11.04 -32.45 54.08
C ILE F 151 10.44 -31.33 54.93
N GLU F 152 11.29 -30.47 55.50
CA GLU F 152 10.78 -29.36 56.28
C GLU F 152 10.08 -28.32 55.41
N SER F 153 10.55 -28.12 54.17
CA SER F 153 9.90 -27.17 53.28
C SER F 153 8.47 -27.61 52.96
N MET F 154 8.28 -28.91 52.68
CA MET F 154 6.93 -29.40 52.43
C MET F 154 6.10 -29.47 53.70
N ASN F 155 6.72 -29.67 54.86
CA ASN F 155 5.99 -29.50 56.11
C ASN F 155 5.45 -28.08 56.23
N LYS F 156 6.29 -27.09 55.92
CA LYS F 156 5.84 -25.70 55.95
C LYS F 156 4.73 -25.47 54.92
N GLU F 157 4.84 -26.10 53.76
CA GLU F 157 3.79 -25.96 52.74
C GLU F 157 2.47 -26.49 53.26
N LEU F 158 2.49 -27.66 53.90
CA LEU F 158 1.26 -28.21 54.46
C LEU F 158 0.69 -27.33 55.56
N LYS F 159 1.55 -26.80 56.42
CA LYS F 159 1.09 -25.90 57.47
C LYS F 159 0.43 -24.66 56.87
N LYS F 160 1.04 -24.11 55.81
CA LYS F 160 0.47 -22.93 55.16
C LYS F 160 -0.87 -23.26 54.52
N ILE F 161 -0.99 -24.42 53.88
CA ILE F 161 -2.26 -24.80 53.26
C ILE F 161 -3.34 -24.95 54.31
N ILE F 162 -3.01 -25.58 55.44
CA ILE F 162 -3.97 -25.67 56.53
C ILE F 162 -4.35 -24.29 57.05
N GLY F 163 -3.39 -23.37 57.05
CA GLY F 163 -3.67 -22.01 57.52
C GLY F 163 -4.81 -21.34 56.77
N GLN F 164 -5.07 -21.76 55.54
CA GLN F 164 -6.21 -21.27 54.77
C GLN F 164 -7.39 -22.23 54.79
N VAL F 165 -7.13 -23.54 54.88
CA VAL F 165 -8.21 -24.52 54.89
C VAL F 165 -9.03 -24.40 56.17
N ARG F 166 -8.41 -24.02 57.28
CA ARG F 166 -9.05 -24.16 58.59
C ARG F 166 -10.38 -23.41 58.67
N ASP F 167 -10.58 -22.38 57.84
CA ASP F 167 -11.83 -21.65 57.87
C ASP F 167 -13.01 -22.48 57.39
N GLN F 168 -12.77 -23.65 56.81
CA GLN F 168 -13.82 -24.51 56.30
C GLN F 168 -13.85 -25.88 56.95
N ALA F 169 -13.27 -26.01 58.15
CA ALA F 169 -13.30 -27.26 58.89
C ALA F 169 -13.02 -26.97 60.35
N GLU F 170 -13.96 -27.34 61.23
CA GLU F 170 -13.78 -27.11 62.66
C GLU F 170 -12.95 -28.20 63.34
N HIS F 171 -12.81 -29.36 62.70
CA HIS F 171 -11.98 -30.42 63.22
C HIS F 171 -10.80 -30.64 62.28
N LEU F 172 -9.61 -30.78 62.87
CA LEU F 172 -8.41 -30.98 62.06
C LEU F 172 -8.49 -32.28 61.26
N LYS F 173 -9.26 -33.26 61.72
CA LYS F 173 -9.26 -34.56 61.06
C LYS F 173 -9.75 -34.45 59.62
N THR F 174 -10.62 -33.49 59.33
CA THR F 174 -11.06 -33.29 57.96
C THR F 174 -10.21 -32.25 57.24
N ALA F 175 -9.81 -31.20 57.94
CA ALA F 175 -8.98 -30.17 57.32
C ALA F 175 -7.69 -30.75 56.79
N VAL F 176 -7.14 -31.76 57.47
CA VAL F 176 -5.89 -32.35 57.01
C VAL F 176 -6.09 -33.01 55.65
N GLN F 177 -7.19 -33.75 55.48
CA GLN F 177 -7.43 -34.36 54.19
C GLN F 177 -7.72 -33.31 53.13
N MET F 178 -8.39 -32.23 53.52
CA MET F 178 -8.62 -31.16 52.56
C MET F 178 -7.29 -30.63 52.03
N ALA F 179 -6.37 -30.33 52.95
CA ALA F 179 -5.06 -29.85 52.55
C ALA F 179 -4.35 -30.87 51.69
N VAL F 180 -4.51 -32.16 52.01
CA VAL F 180 -3.79 -33.19 51.27
C VAL F 180 -4.28 -33.24 49.83
N PHE F 181 -5.60 -33.15 49.63
CA PHE F 181 -6.07 -33.16 48.25
C PHE F 181 -5.61 -31.93 47.51
N ILE F 182 -5.60 -30.79 48.18
CA ILE F 182 -5.11 -29.59 47.50
C ILE F 182 -3.68 -29.79 47.06
N HIS F 183 -2.82 -30.23 47.97
CA HIS F 183 -1.39 -30.37 47.66
C HIS F 183 -1.12 -31.52 46.71
N ASN F 184 -2.05 -32.46 46.58
CA ASN F 184 -1.83 -33.55 45.64
C ASN F 184 -2.28 -33.18 44.24
N PHE F 185 -3.32 -32.41 44.11
CA PHE F 185 -3.65 -32.21 42.71
C PHE F 185 -3.90 -30.76 42.34
N LYS F 186 -4.50 -29.97 43.23
CA LYS F 186 -4.92 -28.63 42.85
C LYS F 186 -3.80 -27.62 42.91
N ARG F 187 -2.57 -28.06 43.19
CA ARG F 187 -1.38 -27.22 43.10
C ARG F 187 -0.45 -27.85 42.07
N LYS F 188 -0.42 -27.28 40.88
CA LYS F 188 0.32 -27.82 39.75
C LYS F 188 1.51 -26.92 39.43
N GLY F 189 2.70 -27.47 39.52
CA GLY F 189 3.90 -26.70 39.27
C GLY F 189 5.11 -27.59 39.16
N GLY F 190 6.28 -26.96 39.27
CA GLY F 190 7.53 -27.70 39.20
C GLY F 190 8.26 -27.50 37.90
N ILE F 191 8.26 -28.53 37.04
CA ILE F 191 8.95 -28.44 35.76
C ILE F 191 8.08 -27.74 34.73
N GLY F 192 6.94 -28.32 34.40
CA GLY F 192 6.06 -27.75 33.39
C GLY F 192 4.69 -27.42 33.92
N GLY F 193 4.53 -27.51 35.24
CA GLY F 193 3.23 -27.30 35.86
C GLY F 193 2.48 -28.59 36.10
N TYR F 194 3.21 -29.61 36.55
CA TYR F 194 2.64 -30.93 36.80
C TYR F 194 2.37 -31.10 38.28
N SER F 195 1.11 -31.37 38.62
CA SER F 195 0.76 -31.63 40.01
C SER F 195 1.39 -32.94 40.48
N ALA F 196 1.69 -32.99 41.77
CA ALA F 196 2.50 -34.08 42.31
C ALA F 196 1.91 -35.44 41.94
N GLY F 197 0.59 -35.55 41.92
CA GLY F 197 -0.02 -36.81 41.55
C GLY F 197 0.37 -37.24 40.16
N GLU F 198 0.33 -36.31 39.21
CA GLU F 198 0.70 -36.66 37.84
C GLU F 198 2.14 -37.18 37.80
N ARG F 199 3.06 -36.44 38.42
CA ARG F 199 4.45 -36.84 38.37
C ARG F 199 4.64 -38.22 38.97
N ILE F 200 3.89 -38.54 40.03
CA ILE F 200 4.09 -39.86 40.63
C ILE F 200 3.49 -40.93 39.74
N VAL F 201 2.44 -40.61 39.00
CA VAL F 201 1.98 -41.57 38.01
C VAL F 201 3.15 -41.90 37.08
N ASP F 202 3.82 -40.86 36.59
CA ASP F 202 4.92 -41.05 35.65
C ASP F 202 6.04 -41.86 36.26
N ILE F 203 6.41 -41.52 37.49
CA ILE F 203 7.55 -42.17 38.14
C ILE F 203 7.29 -43.65 38.36
N ILE F 204 6.08 -44.00 38.80
CA ILE F 204 5.85 -45.42 39.03
C ILE F 204 5.84 -46.18 37.72
N ALA F 205 5.29 -45.57 36.66
CA ALA F 205 5.31 -46.27 35.38
C ALA F 205 6.73 -46.49 34.90
N GLN F 214 9.72 -57.78 34.32
CA GLN F 214 9.29 -59.06 34.86
C GLN F 214 7.87 -59.37 34.43
N LYS F 215 7.00 -58.36 34.38
CA LYS F 215 5.66 -58.56 33.85
C LYS F 215 5.71 -59.07 32.42
N GLN F 216 6.47 -58.40 31.55
CA GLN F 216 6.51 -58.82 30.16
C GLN F 216 7.22 -60.15 29.98
N ILE F 217 8.16 -60.49 30.87
CA ILE F 217 8.83 -61.78 30.80
C ILE F 217 7.87 -62.90 31.18
N THR F 218 7.13 -62.71 32.29
CA THR F 218 6.18 -63.72 32.72
C THR F 218 5.00 -63.85 31.76
N LYS F 219 4.74 -62.82 30.95
CA LYS F 219 3.67 -62.92 29.97
C LYS F 219 3.90 -64.06 28.97
N ILE F 220 5.16 -64.33 28.62
CA ILE F 220 5.47 -65.25 27.54
C ILE F 220 6.25 -66.47 28.03
N GLN F 221 6.29 -66.72 29.34
CA GLN F 221 7.07 -67.84 29.86
C GLN F 221 6.53 -69.18 29.39
N ASN F 222 5.21 -69.35 29.40
CA ASN F 222 4.58 -70.63 29.12
C ASN F 222 4.02 -70.71 27.69
N PHE F 223 4.67 -70.06 26.73
CA PHE F 223 4.15 -69.98 25.37
C PHE F 223 4.68 -71.16 24.56
N ARG F 224 3.81 -72.13 24.29
CA ARG F 224 4.11 -73.22 23.40
C ARG F 224 3.50 -72.96 22.02
N VAL F 225 4.04 -73.63 21.01
CA VAL F 225 3.74 -73.33 19.61
C VAL F 225 3.37 -74.62 18.90
N TYR F 226 2.32 -74.56 18.08
CA TYR F 226 1.91 -75.67 17.21
C TYR F 226 2.83 -75.64 15.99
N TYR F 227 3.76 -76.59 15.93
CA TYR F 227 4.78 -76.57 14.91
C TYR F 227 4.22 -76.80 13.51
N ARG F 228 4.56 -75.90 12.59
CA ARG F 228 4.32 -76.08 11.17
C ARG F 228 5.58 -75.65 10.42
N ASP F 229 5.54 -75.68 9.09
CA ASP F 229 6.71 -75.35 8.29
C ASP F 229 6.26 -74.68 7.01
N SER F 230 7.21 -74.50 6.07
CA SER F 230 6.91 -73.81 4.82
C SER F 230 5.92 -74.58 3.95
N ARG F 231 5.79 -75.90 4.16
CA ARG F 231 4.83 -76.69 3.41
C ARG F 231 3.39 -76.45 3.86
N ASP F 232 3.19 -75.62 4.88
CA ASP F 232 1.86 -75.37 5.45
C ASP F 232 1.17 -76.65 5.88
N PRO F 233 1.72 -77.37 6.86
CA PRO F 233 1.11 -78.63 7.30
C PRO F 233 0.17 -78.41 8.48
N VAL F 234 -0.49 -79.49 8.87
CA VAL F 234 -1.35 -79.51 10.04
C VAL F 234 -0.75 -80.37 11.16
N TRP F 235 0.58 -80.56 11.14
CA TRP F 235 1.22 -81.41 12.13
C TRP F 235 1.05 -80.85 13.53
N LYS F 236 1.30 -79.55 13.71
CA LYS F 236 1.14 -78.86 14.99
C LYS F 236 1.96 -79.56 16.09
N GLY F 237 3.27 -79.58 15.89
CA GLY F 237 4.18 -80.19 16.83
C GLY F 237 4.27 -79.40 18.12
N PRO F 238 4.79 -80.04 19.18
CA PRO F 238 4.82 -79.42 20.53
C PRO F 238 6.02 -78.49 20.72
N ALA F 239 5.98 -77.34 20.06
CA ALA F 239 7.09 -76.41 20.12
C ALA F 239 7.03 -75.54 21.36
N LYS F 240 8.12 -74.82 21.60
CA LYS F 240 8.19 -73.75 22.58
C LYS F 240 8.54 -72.45 21.87
N LEU F 241 7.77 -71.41 22.16
CA LEU F 241 8.00 -70.12 21.50
C LEU F 241 9.28 -69.49 22.03
N LEU F 242 10.23 -69.21 21.13
CA LEU F 242 11.47 -68.56 21.50
C LEU F 242 11.53 -67.09 21.09
N TRP F 243 11.05 -66.74 19.90
CA TRP F 243 11.01 -65.34 19.52
C TRP F 243 9.97 -65.11 18.42
N LYS F 244 9.37 -63.92 18.46
CA LYS F 244 8.27 -63.51 17.60
C LYS F 244 8.62 -62.17 16.94
N GLY F 245 8.32 -62.04 15.66
CA GLY F 245 8.42 -60.74 15.01
C GLY F 245 9.19 -60.86 13.71
N GLU F 246 9.27 -59.72 13.02
CA GLU F 246 10.04 -59.58 11.77
C GLU F 246 9.64 -60.62 10.73
N GLY F 247 8.33 -60.83 10.58
CA GLY F 247 7.80 -61.62 9.49
C GLY F 247 7.76 -63.11 9.72
N ALA F 248 8.25 -63.60 10.86
CA ALA F 248 8.31 -65.03 11.12
C ALA F 248 8.45 -65.24 12.62
N VAL F 249 8.71 -66.49 13.00
CA VAL F 249 8.91 -66.86 14.39
C VAL F 249 10.27 -67.55 14.52
N VAL F 250 10.73 -67.66 15.77
CA VAL F 250 11.85 -68.52 16.11
C VAL F 250 11.38 -69.46 17.22
N ILE F 251 11.34 -70.75 16.91
CA ILE F 251 10.82 -71.75 17.83
C ILE F 251 11.72 -72.97 17.78
N GLN F 252 11.91 -73.60 18.94
CA GLN F 252 12.68 -74.84 19.04
C GLN F 252 11.80 -76.01 18.64
N ASP F 253 12.39 -76.96 17.91
CA ASP F 253 11.72 -78.20 17.53
C ASP F 253 12.44 -79.34 18.23
N ASN F 254 11.92 -79.72 19.40
CA ASN F 254 12.53 -80.79 20.19
C ASN F 254 14.00 -80.50 20.46
N SER F 255 14.89 -81.07 19.65
CA SER F 255 16.32 -80.93 19.85
C SER F 255 16.98 -79.95 18.90
N ASP F 256 16.22 -79.27 18.02
CA ASP F 256 16.79 -78.36 17.05
C ASP F 256 16.01 -77.05 17.03
N ILE F 257 16.51 -76.10 16.24
CA ILE F 257 15.97 -74.76 16.15
C ILE F 257 15.65 -74.45 14.69
N LYS F 258 14.50 -73.84 14.44
CA LYS F 258 14.09 -73.46 13.09
C LYS F 258 13.31 -72.15 13.16
N VAL F 259 12.81 -71.71 12.01
CA VAL F 259 11.99 -70.52 11.90
C VAL F 259 10.73 -70.86 11.10
N VAL F 260 9.63 -70.19 11.43
CA VAL F 260 8.33 -70.40 10.78
C VAL F 260 7.67 -69.05 10.53
N PRO F 261 7.10 -68.80 9.36
CA PRO F 261 6.40 -67.53 9.13
C PRO F 261 5.19 -67.40 10.04
N ARG F 262 4.72 -66.15 10.20
CA ARG F 262 3.60 -65.88 11.10
C ARG F 262 2.31 -66.54 10.64
N ARG F 263 2.20 -66.91 9.36
CA ARG F 263 0.99 -67.57 8.87
C ARG F 263 0.73 -68.88 9.59
N LYS F 264 1.76 -69.49 10.17
CA LYS F 264 1.64 -70.74 10.90
C LYS F 264 2.22 -70.59 12.30
N ALA F 265 2.40 -71.72 13.00
CA ALA F 265 3.00 -71.73 14.34
C ALA F 265 2.14 -70.98 15.35
N LYS F 266 0.92 -71.51 15.54
CA LYS F 266 0.02 -70.95 16.53
C LYS F 266 0.61 -71.04 17.93
N ILE F 267 0.50 -69.97 18.69
CA ILE F 267 1.10 -69.85 20.02
C ILE F 267 0.01 -70.05 21.07
N ILE F 268 0.26 -70.97 22.00
CA ILE F 268 -0.69 -71.27 23.07
C ILE F 268 0.06 -71.37 24.39
N ARG F 269 -0.68 -71.26 25.48
CA ARG F 269 -0.12 -71.42 26.81
C ARG F 269 0.05 -72.90 27.15
N ASP F 270 1.12 -73.21 27.86
CA ASP F 270 1.40 -74.59 28.25
C ASP F 270 0.45 -75.04 29.35
N PHE G 1 16.85 -74.21 43.80
CA PHE G 1 15.50 -73.71 44.02
C PHE G 1 15.17 -73.65 45.49
N LEU G 2 16.16 -73.96 46.34
CA LEU G 2 15.93 -73.90 47.78
C LEU G 2 15.59 -72.48 48.22
N ASP G 3 16.21 -71.48 47.61
CA ASP G 3 15.79 -70.10 47.84
C ASP G 3 14.35 -69.90 47.40
N GLY G 4 13.99 -70.43 46.23
CA GLY G 4 12.60 -70.33 45.78
C GLY G 4 11.64 -71.06 46.70
N ILE G 5 12.05 -72.22 47.20
CA ILE G 5 11.21 -72.98 48.13
C ILE G 5 10.99 -72.20 49.42
N ASP G 6 12.08 -71.65 49.97
CA ASP G 6 11.95 -70.85 51.19
C ASP G 6 11.07 -69.63 50.96
N LYS G 7 11.24 -68.98 49.81
CA LYS G 7 10.43 -67.80 49.52
C LYS G 7 8.96 -68.15 49.41
N ALA G 8 8.63 -69.24 48.74
CA ALA G 8 7.23 -69.65 48.65
C ALA G 8 6.67 -70.01 50.01
N GLN G 9 7.46 -70.69 50.84
CA GLN G 9 6.97 -71.05 52.17
C GLN G 9 6.72 -69.80 53.02
N GLU G 10 7.62 -68.83 52.98
CA GLU G 10 7.38 -67.58 53.68
C GLU G 10 6.12 -66.89 53.15
N GLU G 11 5.96 -66.88 51.83
CA GLU G 11 4.77 -66.28 51.24
C GLU G 11 3.50 -66.92 51.79
N HIS G 12 3.51 -68.24 51.95
CA HIS G 12 2.33 -68.85 52.56
C HIS G 12 2.21 -68.52 54.03
N GLU G 13 3.33 -68.35 54.72
CA GLU G 13 3.22 -67.92 56.11
C GLU G 13 2.56 -66.56 56.22
N LYS G 14 2.72 -65.71 55.21
CA LYS G 14 2.14 -64.37 55.18
C LYS G 14 0.78 -64.31 54.50
N TYR G 15 0.62 -65.00 53.38
CA TYR G 15 -0.52 -64.79 52.51
C TYR G 15 -1.44 -66.00 52.36
N HIS G 16 -0.93 -67.22 52.42
CA HIS G 16 -1.71 -68.41 52.09
C HIS G 16 -2.35 -68.29 50.72
N SER G 17 -1.67 -67.63 49.79
CA SER G 17 -2.23 -67.39 48.46
C SER G 17 -2.46 -68.70 47.72
N ASN G 18 -3.00 -68.60 46.50
CA ASN G 18 -3.21 -69.81 45.71
C ASN G 18 -1.88 -70.48 45.39
N TRP G 19 -1.89 -71.82 45.48
CA TRP G 19 -0.76 -72.61 45.00
C TRP G 19 -0.38 -72.32 43.56
N ARG G 20 -1.33 -71.88 42.73
CA ARG G 20 -0.97 -71.47 41.38
C ARG G 20 0.01 -70.31 41.41
N ALA G 21 -0.21 -69.35 42.31
CA ALA G 21 0.77 -68.28 42.50
C ALA G 21 2.09 -68.83 42.99
N MET G 22 2.06 -69.72 43.97
CA MET G 22 3.28 -70.18 44.62
C MET G 22 4.13 -71.05 43.69
N ALA G 23 3.54 -71.61 42.64
CA ALA G 23 4.34 -72.29 41.64
C ALA G 23 5.36 -71.34 41.01
N SER G 24 5.04 -70.04 40.98
CA SER G 24 5.98 -69.06 40.44
C SER G 24 7.16 -68.83 41.37
N ASP G 25 6.90 -68.68 42.67
CA ASP G 25 7.99 -68.53 43.63
C ASP G 25 8.86 -69.77 43.68
N PHE G 26 8.23 -70.95 43.65
CA PHE G 26 9.01 -72.18 43.60
C PHE G 26 9.84 -72.26 42.33
N ASN G 27 9.32 -71.74 41.22
CA ASN G 27 9.93 -71.93 39.90
C ASN G 27 10.13 -73.41 39.60
N LEU G 28 9.16 -74.21 40.00
CA LEU G 28 9.25 -75.66 39.93
C LEU G 28 7.93 -76.22 39.41
N PRO G 29 7.94 -77.42 38.86
CA PRO G 29 6.70 -78.05 38.38
C PRO G 29 5.68 -78.21 39.49
N PRO G 30 4.42 -78.45 39.14
CA PRO G 30 3.33 -78.36 40.14
C PRO G 30 3.43 -79.36 41.28
N VAL G 31 4.17 -80.46 41.10
CA VAL G 31 4.14 -81.55 42.06
C VAL G 31 4.61 -81.07 43.43
N VAL G 32 5.71 -80.33 43.48
CA VAL G 32 6.15 -79.74 44.75
C VAL G 32 5.24 -78.60 45.18
N ALA G 33 4.74 -77.81 44.21
CA ALA G 33 3.94 -76.64 44.54
C ALA G 33 2.68 -77.02 45.31
N LYS G 34 2.13 -78.21 45.06
CA LYS G 34 0.97 -78.64 45.85
C LYS G 34 1.32 -78.89 47.31
N GLU G 35 2.60 -79.11 47.63
CA GLU G 35 2.97 -79.50 48.98
C GLU G 35 2.81 -78.34 49.97
N ILE G 36 3.03 -77.10 49.52
CA ILE G 36 2.87 -75.96 50.43
C ILE G 36 1.42 -75.85 50.89
N VAL G 37 0.46 -76.07 49.99
CA VAL G 37 -0.94 -76.07 50.39
C VAL G 37 -1.25 -77.30 51.23
N ALA G 38 -0.70 -78.45 50.85
CA ALA G 38 -1.00 -79.69 51.57
C ALA G 38 -0.56 -79.60 53.02
N SER G 39 0.63 -79.07 53.26
CA SER G 39 1.14 -78.94 54.62
C SER G 39 0.50 -77.79 55.38
N CYS G 40 -0.15 -76.86 54.68
CA CYS G 40 -0.69 -75.67 55.31
C CYS G 40 -1.92 -76.02 56.13
N ASP G 41 -1.89 -75.67 57.42
CA ASP G 41 -2.98 -76.04 58.32
C ASP G 41 -4.28 -75.33 57.93
N LYS G 42 -4.19 -74.06 57.56
CA LYS G 42 -5.36 -73.30 57.11
C LYS G 42 -5.69 -73.59 55.64
N CYS G 43 -5.02 -74.57 55.05
CA CYS G 43 -5.12 -74.85 53.61
C CYS G 43 -5.48 -76.33 53.49
N GLN G 44 -5.23 -76.89 52.30
CA GLN G 44 -5.58 -78.25 51.92
C GLN G 44 -7.08 -78.32 51.66
N LEU G 45 -7.62 -77.24 51.10
CA LEU G 45 -8.95 -77.22 50.54
C LEU G 45 -8.83 -77.21 49.02
N SER G 57 -15.85 -72.50 41.50
CA SER G 57 -15.32 -73.84 41.31
C SER G 57 -15.18 -74.15 39.83
N PRO G 58 -14.18 -73.67 39.13
CA PRO G 58 -14.26 -73.65 37.68
C PRO G 58 -14.57 -75.01 37.06
N GLY G 59 -15.60 -75.04 36.22
CA GLY G 59 -16.26 -76.27 35.83
C GLY G 59 -17.67 -76.28 36.38
N ILE G 60 -18.16 -75.10 36.77
CA ILE G 60 -19.48 -74.92 37.33
C ILE G 60 -20.30 -74.04 36.40
N TRP G 61 -21.36 -74.59 35.85
CA TRP G 61 -22.20 -73.91 34.89
C TRP G 61 -23.63 -73.93 35.39
N GLN G 62 -24.39 -72.92 34.99
CA GLN G 62 -25.83 -72.90 35.19
C GLN G 62 -26.51 -73.34 33.89
N LEU G 63 -27.71 -73.89 34.02
CA LEU G 63 -28.59 -74.08 32.87
C LEU G 63 -29.97 -73.60 33.26
N ASP G 64 -30.71 -73.11 32.26
CA ASP G 64 -32.03 -72.56 32.52
C ASP G 64 -32.83 -72.56 31.21
N CYS G 65 -34.13 -72.36 31.34
CA CYS G 65 -35.04 -72.30 30.21
C CYS G 65 -35.69 -70.94 30.15
N THR G 66 -35.78 -70.37 28.94
CA THR G 66 -36.39 -69.07 28.73
C THR G 66 -37.34 -69.12 27.55
N HIS G 67 -38.30 -68.19 27.53
CA HIS G 67 -39.27 -68.08 26.46
C HIS G 67 -39.23 -66.67 25.87
N LEU G 68 -39.44 -66.58 24.56
CA LEU G 68 -39.47 -65.29 23.90
C LEU G 68 -40.27 -65.43 22.60
N GLU G 69 -41.33 -64.62 22.48
CA GLU G 69 -42.17 -64.59 21.28
C GLU G 69 -42.67 -65.99 20.91
N GLY G 70 -43.07 -66.76 21.92
CA GLY G 70 -43.58 -68.09 21.69
C GLY G 70 -42.52 -69.14 21.40
N LYS G 71 -41.24 -68.81 21.53
CA LYS G 71 -40.16 -69.75 21.28
C LYS G 71 -39.38 -69.99 22.56
N VAL G 72 -38.86 -71.21 22.69
CA VAL G 72 -38.16 -71.65 23.90
C VAL G 72 -36.66 -71.61 23.65
N ILE G 73 -35.91 -71.05 24.61
CA ILE G 73 -34.47 -70.91 24.50
C ILE G 73 -33.83 -71.44 25.78
N LEU G 74 -32.92 -72.41 25.62
CA LEU G 74 -32.16 -72.97 26.74
C LEU G 74 -30.81 -72.29 26.77
N VAL G 75 -30.41 -71.81 27.94
CA VAL G 75 -29.22 -70.98 28.08
C VAL G 75 -28.27 -71.61 29.08
N ALA G 76 -27.01 -71.79 28.67
CA ALA G 76 -25.96 -72.27 29.55
C ALA G 76 -25.02 -71.11 29.88
N VAL G 77 -24.74 -70.93 31.15
CA VAL G 77 -23.92 -69.83 31.65
C VAL G 77 -22.70 -70.41 32.34
N HIS G 78 -21.65 -69.61 32.47
CA HIS G 78 -20.55 -69.96 33.35
C HIS G 78 -20.50 -68.98 34.51
N VAL G 79 -20.43 -69.51 35.73
CA VAL G 79 -20.35 -68.67 36.92
C VAL G 79 -19.05 -67.88 36.93
N ALA G 80 -17.93 -68.53 36.62
CA ALA G 80 -16.63 -67.94 36.90
C ALA G 80 -16.25 -66.82 35.95
N SER G 81 -16.92 -66.66 34.81
CA SER G 81 -16.69 -65.46 34.03
C SER G 81 -17.90 -64.91 33.29
N GLY G 82 -19.08 -65.53 33.43
CA GLY G 82 -20.19 -65.09 32.60
C GLY G 82 -19.98 -65.30 31.11
N TYR G 83 -19.39 -66.43 30.74
CA TYR G 83 -19.35 -66.86 29.34
C TYR G 83 -20.60 -67.66 29.06
N ILE G 84 -21.43 -67.18 28.16
CA ILE G 84 -22.79 -67.69 28.01
C ILE G 84 -22.92 -68.40 26.68
N GLU G 85 -23.37 -69.66 26.73
CA GLU G 85 -23.74 -70.41 25.54
C GLU G 85 -25.26 -70.47 25.47
N ALA G 86 -25.78 -70.59 24.25
CA ALA G 86 -27.22 -70.68 24.09
C ALA G 86 -27.55 -71.26 22.73
N GLU G 87 -28.77 -71.80 22.62
CA GLU G 87 -29.31 -72.23 21.34
C GLU G 87 -30.81 -72.35 21.46
N VAL G 88 -31.51 -72.05 20.36
CA VAL G 88 -32.96 -72.16 20.36
C VAL G 88 -33.37 -73.62 20.36
N ILE G 89 -34.43 -73.93 21.08
CA ILE G 89 -34.88 -75.31 21.26
C ILE G 89 -36.19 -75.52 20.49
N PRO G 90 -36.35 -76.63 19.76
CA PRO G 90 -37.64 -76.87 19.10
C PRO G 90 -38.81 -76.96 20.05
N ALA G 91 -38.62 -77.53 21.23
CA ALA G 91 -39.71 -77.69 22.19
C ALA G 91 -39.13 -77.84 23.58
N GLU G 92 -39.98 -77.60 24.58
CA GLU G 92 -39.54 -77.63 25.97
C GLU G 92 -39.31 -79.04 26.50
N THR G 93 -39.48 -80.07 25.66
CA THR G 93 -39.40 -81.45 26.15
C THR G 93 -38.03 -81.74 26.73
N GLY G 94 -37.97 -82.79 27.56
CA GLY G 94 -36.72 -83.16 28.18
C GLY G 94 -35.68 -83.68 27.21
N GLN G 95 -36.11 -84.40 26.18
CA GLN G 95 -35.15 -85.02 25.26
C GLN G 95 -34.29 -83.97 24.57
N GLU G 96 -34.90 -82.87 24.14
CA GLU G 96 -34.12 -81.79 23.55
C GLU G 96 -33.13 -81.24 24.56
N THR G 97 -33.54 -81.14 25.83
CA THR G 97 -32.63 -80.64 26.85
C THR G 97 -31.44 -81.56 27.01
N ALA G 98 -31.68 -82.86 27.00
CA ALA G 98 -30.58 -83.81 27.10
C ALA G 98 -29.65 -83.67 25.91
N TYR G 99 -30.20 -83.46 24.72
CA TYR G 99 -29.33 -83.32 23.56
C TYR G 99 -28.47 -82.06 23.70
N PHE G 100 -29.06 -80.97 24.18
CA PHE G 100 -28.27 -79.76 24.34
C PHE G 100 -27.17 -79.96 25.37
N LEU G 101 -27.48 -80.61 26.47
CA LEU G 101 -26.47 -80.83 27.49
C LEU G 101 -25.36 -81.72 26.95
N LEU G 102 -25.73 -82.72 26.15
CA LEU G 102 -24.73 -83.49 25.45
C LEU G 102 -23.82 -82.56 24.66
N LYS G 103 -24.41 -81.73 23.80
CA LYS G 103 -23.59 -80.87 22.96
C LYS G 103 -22.66 -80.02 23.81
N LEU G 104 -23.13 -79.65 25.00
CA LEU G 104 -22.28 -78.93 25.94
C LEU G 104 -21.07 -79.76 26.34
N ALA G 105 -21.28 -81.04 26.63
CA ALA G 105 -20.22 -81.80 27.29
C ALA G 105 -18.94 -81.79 26.47
N GLY G 106 -19.05 -81.82 25.16
CA GLY G 106 -17.87 -81.97 24.34
C GLY G 106 -17.09 -80.70 24.10
N ARG G 107 -17.66 -79.55 24.46
CA ARG G 107 -16.97 -78.29 24.23
C ARG G 107 -16.13 -77.83 25.40
N TRP G 108 -16.51 -78.17 26.63
CA TRP G 108 -15.75 -77.78 27.81
C TRP G 108 -15.90 -78.86 28.86
N PRO G 109 -14.93 -79.02 29.73
CA PRO G 109 -15.08 -80.05 30.77
C PRO G 109 -16.10 -79.65 31.82
N VAL G 110 -17.38 -79.67 31.44
CA VAL G 110 -18.44 -79.42 32.39
C VAL G 110 -18.42 -80.50 33.46
N LYS G 111 -18.52 -80.08 34.72
CA LYS G 111 -18.45 -81.02 35.84
C LYS G 111 -19.68 -81.04 36.71
N THR G 112 -20.33 -79.90 36.91
CA THR G 112 -21.53 -79.85 37.73
C THR G 112 -22.38 -78.66 37.32
N VAL G 113 -23.68 -78.91 37.13
CA VAL G 113 -24.62 -77.87 36.69
C VAL G 113 -25.75 -77.78 37.70
N HIS G 114 -26.46 -76.66 37.67
CA HIS G 114 -27.60 -76.43 38.55
C HIS G 114 -28.78 -75.96 37.75
N THR G 115 -29.96 -76.50 38.07
CA THR G 115 -31.18 -76.18 37.34
C THR G 115 -32.26 -75.64 38.25
N ASP G 116 -33.49 -75.54 37.75
CA ASP G 116 -34.62 -75.05 38.53
C ASP G 116 -35.62 -76.15 38.87
N ASN G 117 -35.19 -77.41 38.86
CA ASN G 117 -36.01 -78.54 39.32
C ASN G 117 -37.26 -78.71 38.44
N GLY G 118 -37.23 -78.21 37.22
CA GLY G 118 -38.38 -78.31 36.35
C GLY G 118 -38.65 -79.73 35.90
N SER G 119 -39.89 -79.96 35.47
CA SER G 119 -40.28 -81.30 35.02
C SER G 119 -39.47 -81.70 33.80
N ASN G 120 -39.26 -80.76 32.86
CA ASN G 120 -38.46 -81.05 31.69
C ASN G 120 -37.00 -81.30 32.03
N PHE G 121 -36.55 -80.87 33.20
CA PHE G 121 -35.18 -81.11 33.63
C PHE G 121 -35.05 -82.30 34.57
N THR G 122 -36.06 -82.54 35.40
CA THR G 122 -36.11 -83.76 36.19
C THR G 122 -36.45 -84.97 35.36
N SER G 123 -36.62 -84.82 34.05
CA SER G 123 -36.86 -85.95 33.17
C SER G 123 -35.68 -86.91 33.21
N THR G 124 -35.99 -88.20 33.09
CA THR G 124 -34.98 -89.23 33.29
C THR G 124 -33.85 -89.09 32.26
N THR G 125 -34.19 -88.81 31.01
CA THR G 125 -33.19 -88.75 29.95
C THR G 125 -32.12 -87.72 30.27
N VAL G 126 -32.48 -86.66 30.98
CA VAL G 126 -31.49 -85.69 31.43
C VAL G 126 -30.49 -86.36 32.37
N LYS G 127 -30.98 -87.17 33.30
CA LYS G 127 -30.08 -87.91 34.18
C LYS G 127 -29.20 -88.85 33.38
N ALA G 128 -29.78 -89.52 32.39
CA ALA G 128 -29.01 -90.45 31.57
C ALA G 128 -27.85 -89.75 30.88
N ALA G 129 -28.14 -88.60 30.27
CA ALA G 129 -27.09 -87.86 29.59
C ALA G 129 -26.03 -87.41 30.59
N CYS G 130 -26.47 -86.88 31.74
CA CYS G 130 -25.51 -86.44 32.73
C CYS G 130 -24.62 -87.58 33.17
N TRP G 131 -25.14 -88.82 33.14
CA TRP G 131 -24.29 -89.94 33.49
C TRP G 131 -23.28 -90.20 32.38
N TRP G 132 -23.77 -90.62 31.22
CA TRP G 132 -22.85 -91.16 30.22
C TRP G 132 -21.85 -90.12 29.76
N ALA G 133 -22.12 -88.84 30.04
CA ALA G 133 -21.10 -87.84 29.79
C ALA G 133 -20.22 -87.62 31.01
N GLY G 134 -20.77 -87.81 32.21
CA GLY G 134 -20.04 -87.46 33.41
C GLY G 134 -20.27 -86.02 33.81
N ILE G 135 -21.53 -85.67 34.03
CA ILE G 135 -21.93 -84.34 34.47
C ILE G 135 -22.79 -84.51 35.72
N LYS G 136 -22.47 -83.75 36.77
CA LYS G 136 -23.23 -83.84 38.01
C LYS G 136 -24.27 -82.75 38.09
N GLN G 137 -25.43 -83.09 38.66
CA GLN G 137 -26.56 -82.16 38.78
C GLN G 137 -26.73 -81.77 40.24
N GLU G 138 -26.74 -80.47 40.49
CA GLU G 138 -26.95 -79.92 41.83
C GLU G 138 -28.17 -79.03 41.72
N PHE G 139 -29.35 -79.61 41.94
CA PHE G 139 -30.59 -78.89 41.73
C PHE G 139 -30.82 -77.84 42.82
N GLY G 140 -31.93 -77.12 42.69
CA GLY G 140 -32.31 -76.12 43.66
C GLY G 140 -31.83 -74.74 43.26
N ILE G 141 -31.19 -74.04 44.19
CA ILE G 141 -30.53 -72.77 43.88
C ILE G 141 -29.06 -72.91 44.26
N PRO G 142 -28.16 -72.25 43.54
CA PRO G 142 -26.72 -72.39 43.86
C PRO G 142 -26.42 -71.93 45.28
N TYR G 143 -25.42 -72.58 45.89
CA TYR G 143 -25.07 -72.37 47.28
C TYR G 143 -23.98 -71.31 47.46
N ASN G 144 -23.88 -70.38 46.53
CA ASN G 144 -22.96 -69.25 46.67
C ASN G 144 -23.72 -67.97 46.37
N PRO G 145 -23.71 -66.99 47.28
CA PRO G 145 -24.57 -65.82 47.11
C PRO G 145 -24.04 -64.81 46.11
N GLN G 146 -23.54 -65.28 44.97
CA GLN G 146 -23.26 -64.43 43.83
C GLN G 146 -24.08 -64.83 42.62
N SER G 147 -24.01 -66.10 42.20
CA SER G 147 -24.71 -66.56 41.01
C SER G 147 -26.22 -66.57 41.18
N GLN G 148 -26.71 -66.50 42.42
CA GLN G 148 -28.14 -66.62 42.68
C GLN G 148 -28.93 -65.54 41.96
N GLY G 149 -28.44 -64.30 42.00
CA GLY G 149 -29.06 -63.24 41.22
C GLY G 149 -28.35 -63.04 39.90
N VAL G 150 -27.12 -63.56 39.79
CA VAL G 150 -26.34 -63.39 38.56
C VAL G 150 -26.97 -64.13 37.39
N ILE G 151 -27.56 -65.30 37.63
CA ILE G 151 -28.16 -66.04 36.52
C ILE G 151 -29.30 -65.22 35.91
N GLU G 152 -30.15 -64.63 36.75
CA GLU G 152 -31.22 -63.80 36.23
C GLU G 152 -30.69 -62.49 35.63
N SER G 153 -29.61 -61.94 36.20
CA SER G 153 -29.02 -60.72 35.65
C SER G 153 -28.50 -60.95 34.24
N MET G 154 -27.81 -62.07 34.01
CA MET G 154 -27.34 -62.38 32.67
C MET G 154 -28.47 -62.79 31.74
N ASN G 155 -29.53 -63.39 32.28
CA ASN G 155 -30.73 -63.59 31.46
C ASN G 155 -31.27 -62.26 30.96
N LYS G 156 -31.34 -61.27 31.86
CA LYS G 156 -31.79 -59.93 31.45
C LYS G 156 -30.83 -59.32 30.44
N GLU G 157 -29.53 -59.54 30.62
CA GLU G 157 -28.55 -59.04 29.65
C GLU G 157 -28.80 -59.62 28.27
N LEU G 158 -29.03 -60.93 28.20
CA LEU G 158 -29.30 -61.56 26.91
C LEU G 158 -30.60 -61.04 26.30
N LYS G 159 -31.64 -60.86 27.12
CA LYS G 159 -32.89 -60.32 26.60
C LYS G 159 -32.68 -58.91 26.05
N LYS G 160 -31.90 -58.09 26.75
CA LYS G 160 -31.62 -56.74 26.28
C LYS G 160 -30.82 -56.75 24.97
N ILE G 161 -29.84 -57.65 24.86
CA ILE G 161 -29.07 -57.73 23.63
C ILE G 161 -29.95 -58.14 22.47
N ILE G 162 -30.84 -59.12 22.69
CA ILE G 162 -31.77 -59.49 21.64
C ILE G 162 -32.69 -58.32 21.29
N GLY G 163 -33.04 -57.51 22.28
CA GLY G 163 -33.90 -56.36 22.01
C GLY G 163 -33.34 -55.41 20.96
N GLN G 164 -32.03 -55.40 20.78
CA GLN G 164 -31.40 -54.63 19.71
C GLN G 164 -31.04 -55.47 18.50
N VAL G 165 -30.72 -56.76 18.71
CA VAL G 165 -30.36 -57.63 17.60
C VAL G 165 -31.55 -57.87 16.67
N ARG G 166 -32.76 -57.89 17.23
CA ARG G 166 -33.92 -58.40 16.50
C ARG G 166 -34.16 -57.64 15.19
N ASP G 167 -33.69 -56.40 15.10
CA ASP G 167 -33.89 -55.62 13.86
C ASP G 167 -33.10 -56.20 12.69
N GLN G 168 -32.19 -57.14 12.93
CA GLN G 168 -31.36 -57.71 11.89
C GLN G 168 -31.53 -59.22 11.76
N ALA G 169 -32.66 -59.75 12.24
CA ALA G 169 -32.96 -61.17 12.11
C ALA G 169 -34.45 -61.38 12.30
N GLU G 170 -35.11 -61.96 11.28
CA GLU G 170 -36.54 -62.20 11.36
C GLU G 170 -36.88 -63.49 12.09
N HIS G 171 -35.92 -64.40 12.23
CA HIS G 171 -36.12 -65.63 12.98
C HIS G 171 -35.23 -65.60 14.22
N LEU G 172 -35.80 -66.00 15.36
CA LEU G 172 -35.06 -66.01 16.60
C LEU G 172 -33.88 -66.96 16.54
N LYS G 173 -33.95 -68.00 15.69
CA LYS G 173 -32.91 -69.01 15.70
C LYS G 173 -31.56 -68.43 15.32
N THR G 174 -31.54 -67.38 14.51
CA THR G 174 -30.28 -66.72 14.17
C THR G 174 -29.98 -65.56 15.12
N ALA G 175 -31.01 -64.81 15.51
CA ALA G 175 -30.80 -63.70 16.42
C ALA G 175 -30.18 -64.16 17.73
N VAL G 176 -30.53 -65.35 18.18
CA VAL G 176 -29.98 -65.85 19.44
C VAL G 176 -28.48 -66.03 19.32
N GLN G 177 -28.02 -66.61 18.21
CA GLN G 177 -26.58 -66.77 18.04
C GLN G 177 -25.90 -65.42 17.87
N MET G 178 -26.57 -64.47 17.21
CA MET G 178 -26.00 -63.14 17.10
C MET G 178 -25.75 -62.55 18.48
N ALA G 179 -26.77 -62.62 19.34
CA ALA G 179 -26.61 -62.11 20.69
C ALA G 179 -25.51 -62.86 21.43
N VAL G 180 -25.40 -64.17 21.19
CA VAL G 180 -24.41 -64.95 21.93
C VAL G 180 -23.01 -64.52 21.54
N PHE G 181 -22.76 -64.28 20.25
CA PHE G 181 -21.42 -63.83 19.88
C PHE G 181 -21.14 -62.45 20.44
N ILE G 182 -22.15 -61.58 20.45
CA ILE G 182 -21.92 -60.26 21.02
C ILE G 182 -21.52 -60.40 22.48
N HIS G 183 -22.29 -61.16 23.27
CA HIS G 183 -22.04 -61.28 24.69
C HIS G 183 -20.78 -62.09 24.99
N ASN G 184 -20.31 -62.88 24.03
CA ASN G 184 -19.09 -63.62 24.27
C ASN G 184 -17.86 -62.80 23.95
N PHE G 185 -17.91 -61.97 22.95
CA PHE G 185 -16.63 -61.31 22.73
C PHE G 185 -16.74 -59.81 22.57
N LYS G 186 -17.80 -59.32 21.94
CA LYS G 186 -17.83 -57.90 21.60
C LYS G 186 -18.29 -57.03 22.76
N ARG G 187 -18.48 -57.60 23.94
CA ARG G 187 -18.74 -56.85 25.17
C ARG G 187 -17.61 -57.19 26.14
N LYS G 188 -16.67 -56.26 26.29
CA LYS G 188 -15.47 -56.48 27.09
C LYS G 188 -15.52 -55.59 28.32
N GLY G 189 -15.50 -56.21 29.49
CA GLY G 189 -15.58 -55.47 30.73
C GLY G 189 -15.27 -56.34 31.91
N GLY G 190 -15.64 -55.86 33.09
CA GLY G 190 -15.41 -56.61 34.31
C GLY G 190 -14.28 -56.06 35.15
N ILE G 191 -13.15 -56.76 35.16
CA ILE G 191 -12.00 -56.32 35.96
C ILE G 191 -11.20 -55.27 35.19
N GLY G 192 -10.63 -55.65 34.06
CA GLY G 192 -9.82 -54.73 33.28
C GLY G 192 -10.34 -54.51 31.89
N GLY G 193 -11.56 -55.00 31.63
CA GLY G 193 -12.12 -54.91 30.29
C GLY G 193 -11.90 -56.17 29.48
N TYR G 194 -12.03 -57.33 30.13
CA TYR G 194 -11.81 -58.61 29.49
C TYR G 194 -13.15 -59.23 29.11
N SER G 195 -13.31 -59.52 27.83
CA SER G 195 -14.52 -60.19 27.36
C SER G 195 -14.59 -61.61 27.89
N ALA G 196 -15.81 -62.08 28.10
CA ALA G 196 -16.01 -63.33 28.82
C ALA G 196 -15.19 -64.47 28.21
N GLY G 197 -15.07 -64.49 26.89
CA GLY G 197 -14.28 -65.52 26.26
C GLY G 197 -12.84 -65.51 26.73
N GLU G 198 -12.25 -64.33 26.81
CA GLU G 198 -10.86 -64.26 27.27
C GLU G 198 -10.74 -64.81 28.67
N ARG G 199 -11.62 -64.37 29.57
CA ARG G 199 -11.52 -64.82 30.95
C ARG G 199 -11.66 -66.32 31.04
N ILE G 200 -12.51 -66.92 30.21
CA ILE G 200 -12.66 -68.37 30.31
C ILE G 200 -11.45 -69.07 29.73
N GLU G 212 -1.12 -81.97 34.64
CA GLU G 212 0.27 -82.40 34.58
C GLU G 212 0.82 -82.67 35.98
N LEU G 213 0.56 -81.75 36.91
CA LEU G 213 1.00 -81.94 38.29
C LEU G 213 0.36 -83.18 38.90
N GLN G 214 -0.94 -83.34 38.73
CA GLN G 214 -1.60 -84.50 39.30
C GLN G 214 -1.06 -85.78 38.69
N LYS G 215 -0.65 -85.74 37.42
CA LYS G 215 -0.11 -86.92 36.78
C LYS G 215 1.25 -87.29 37.36
N GLN G 216 2.04 -86.27 37.69
CA GLN G 216 3.34 -86.48 38.29
C GLN G 216 3.16 -87.06 39.70
N ILE G 217 2.26 -86.46 40.47
CA ILE G 217 1.99 -86.93 41.83
C ILE G 217 1.55 -88.39 41.79
N THR G 218 0.68 -88.73 40.83
CA THR G 218 0.22 -90.11 40.71
C THR G 218 1.34 -91.02 40.25
N LYS G 219 2.31 -90.49 39.52
CA LYS G 219 3.41 -91.31 39.04
C LYS G 219 4.37 -91.65 40.18
N ILE G 220 4.62 -90.69 41.07
CA ILE G 220 5.59 -90.92 42.13
C ILE G 220 4.99 -91.49 43.41
N GLN G 221 3.68 -91.34 43.63
CA GLN G 221 3.12 -91.72 44.92
C GLN G 221 3.09 -93.22 45.16
N ASN G 222 3.68 -94.01 44.27
CA ASN G 222 3.81 -95.45 44.49
C ASN G 222 5.23 -95.86 44.85
N PHE G 223 6.11 -94.90 45.12
CA PHE G 223 7.49 -95.17 45.50
C PHE G 223 7.68 -94.93 46.99
N ARG G 224 8.54 -95.74 47.60
CA ARG G 224 8.93 -95.58 49.00
C ARG G 224 10.44 -95.48 49.10
N VAL G 225 10.92 -94.52 49.88
CA VAL G 225 12.33 -94.21 49.99
C VAL G 225 12.81 -94.58 51.39
N TYR G 226 13.96 -95.25 51.46
CA TYR G 226 14.65 -95.51 52.71
C TYR G 226 15.95 -94.71 52.71
N TYR G 227 16.11 -93.84 53.72
CA TYR G 227 17.25 -92.93 53.77
C TYR G 227 18.01 -93.13 55.07
N ARG G 228 19.32 -92.89 55.01
CA ARG G 228 20.20 -92.98 56.16
C ARG G 228 20.07 -94.31 56.90
N TRP G 235 18.95 -98.01 58.36
CA TRP G 235 18.13 -97.19 57.48
C TRP G 235 16.84 -96.81 58.19
N LYS G 236 16.32 -95.62 57.88
CA LYS G 236 15.10 -95.14 58.51
C LYS G 236 13.88 -95.78 57.86
N GLY G 237 12.71 -95.50 58.45
CA GLY G 237 11.46 -96.04 57.96
C GLY G 237 11.12 -95.54 56.57
N PRO G 238 10.08 -96.12 55.96
CA PRO G 238 9.70 -95.71 54.60
C PRO G 238 9.20 -94.28 54.57
N ALA G 239 9.56 -93.57 53.49
CA ALA G 239 9.20 -92.18 53.32
C ALA G 239 8.47 -91.98 52.00
N LYS G 240 7.52 -91.05 52.02
CA LYS G 240 6.85 -90.65 50.79
C LYS G 240 7.80 -89.81 49.94
N LEU G 241 8.10 -90.29 48.74
CA LEU G 241 8.98 -89.59 47.82
C LEU G 241 8.26 -88.39 47.21
N LEU G 242 8.97 -87.29 47.02
CA LEU G 242 8.39 -86.10 46.43
C LEU G 242 9.09 -85.66 45.15
N TRP G 243 10.41 -85.64 45.15
CA TRP G 243 11.15 -85.15 43.99
C TRP G 243 12.40 -86.00 43.84
N LYS G 244 12.96 -86.02 42.64
CA LYS G 244 14.15 -86.81 42.33
C LYS G 244 15.00 -85.96 41.39
N GLY G 245 15.54 -84.87 41.92
CA GLY G 245 16.31 -83.94 41.12
C GLY G 245 17.63 -84.52 40.64
N GLU G 246 18.53 -83.60 40.28
CA GLU G 246 19.85 -84.01 39.80
C GLU G 246 20.86 -84.10 40.94
N GLY G 247 20.62 -83.40 42.04
CA GLY G 247 21.58 -83.37 43.12
C GLY G 247 21.00 -83.66 44.50
N ALA G 248 19.74 -84.07 44.54
CA ALA G 248 19.09 -84.34 45.83
C ALA G 248 17.88 -85.24 45.62
N VAL G 249 17.25 -85.61 46.73
CA VAL G 249 16.02 -86.39 46.76
C VAL G 249 15.17 -85.89 47.91
N VAL G 250 14.13 -85.13 47.61
CA VAL G 250 13.24 -84.57 48.61
C VAL G 250 12.23 -85.63 49.01
N ILE G 251 11.99 -85.78 50.31
CA ILE G 251 11.03 -86.75 50.82
C ILE G 251 10.17 -86.10 51.89
N GLN G 252 9.23 -86.87 52.41
CA GLN G 252 8.33 -86.42 53.46
C GLN G 252 8.09 -87.57 54.43
N ASP G 253 8.53 -87.41 55.66
CA ASP G 253 8.42 -88.44 56.69
C ASP G 253 7.83 -87.84 57.95
N ASN G 254 6.85 -88.54 58.52
CA ASN G 254 6.17 -88.12 59.75
C ASN G 254 5.68 -86.68 59.63
N SER G 255 5.00 -86.39 58.51
CA SER G 255 4.42 -85.07 58.25
C SER G 255 5.50 -83.97 58.27
N ASP G 256 6.72 -84.35 57.89
CA ASP G 256 7.81 -83.38 57.84
C ASP G 256 8.69 -83.66 56.62
N ILE G 257 9.17 -82.60 56.00
CA ILE G 257 9.88 -82.67 54.72
C ILE G 257 11.38 -82.55 54.98
N LYS G 258 12.14 -83.53 54.50
CA LYS G 258 13.58 -83.56 54.69
C LYS G 258 14.28 -83.78 53.35
N VAL G 259 15.33 -83.00 53.10
CA VAL G 259 16.15 -83.13 51.90
C VAL G 259 17.33 -84.03 52.22
N VAL G 260 17.57 -85.01 51.35
CA VAL G 260 18.72 -85.89 51.52
C VAL G 260 19.49 -85.97 50.20
N PRO G 261 20.81 -86.14 50.23
CA PRO G 261 21.54 -86.37 48.98
C PRO G 261 21.18 -87.71 48.37
N ARG G 262 21.34 -87.81 47.05
CA ARG G 262 20.81 -88.95 46.31
C ARG G 262 21.44 -90.26 46.76
N ARG G 263 22.77 -90.27 46.92
CA ARG G 263 23.48 -91.49 47.28
C ARG G 263 23.16 -91.95 48.70
N LYS G 264 22.62 -91.07 49.54
CA LYS G 264 22.31 -91.41 50.92
C LYS G 264 20.97 -92.10 51.08
N ALA G 265 20.22 -92.31 50.00
CA ALA G 265 18.91 -92.92 50.08
C ALA G 265 18.72 -93.87 48.91
N LYS G 266 17.76 -94.80 49.07
CA LYS G 266 17.45 -95.79 48.06
C LYS G 266 15.97 -95.72 47.72
N ILE G 267 15.67 -95.68 46.42
CA ILE G 267 14.30 -95.55 45.93
C ILE G 267 13.85 -96.90 45.38
N ILE G 268 12.75 -97.42 45.92
CA ILE G 268 12.14 -98.64 45.41
C ILE G 268 10.67 -98.35 45.11
N ARG G 269 10.09 -99.18 44.26
CA ARG G 269 8.68 -99.06 43.90
C ARG G 269 7.87 -100.10 44.64
N ASP G 270 6.78 -99.67 45.27
CA ASP G 270 5.91 -100.55 46.03
C ASP G 270 4.61 -100.83 45.29
N PHE H 1 -4.84 -99.62 44.57
CA PHE H 1 -5.18 -99.15 43.23
C PHE H 1 -6.36 -99.91 42.65
N LEU H 2 -6.96 -100.79 43.47
CA LEU H 2 -8.12 -101.54 43.01
C LEU H 2 -9.26 -100.61 42.67
N ASP H 3 -9.43 -99.54 43.45
CA ASP H 3 -10.39 -98.50 43.07
C ASP H 3 -10.01 -97.88 41.73
N GLY H 4 -8.73 -97.58 41.54
CA GLY H 4 -8.29 -97.04 40.26
C GLY H 4 -8.50 -98.02 39.12
N ILE H 5 -8.24 -99.31 39.38
CA ILE H 5 -8.45 -100.32 38.35
C ILE H 5 -9.92 -100.41 37.97
N ASP H 6 -10.81 -100.44 38.97
CA ASP H 6 -12.24 -100.49 38.68
C ASP H 6 -12.68 -99.24 37.93
N LYS H 7 -12.16 -98.08 38.32
CA LYS H 7 -12.55 -96.85 37.64
C LYS H 7 -12.10 -96.86 36.18
N ALA H 8 -10.88 -97.31 35.92
CA ALA H 8 -10.43 -97.37 34.53
C ALA H 8 -11.25 -98.37 33.73
N GLN H 9 -11.59 -99.51 34.34
CA GLN H 9 -12.39 -100.50 33.61
C GLN H 9 -13.78 -99.95 33.28
N GLU H 10 -14.41 -99.27 34.23
CA GLU H 10 -15.69 -98.63 33.95
C GLU H 10 -15.54 -97.60 32.84
N GLU H 11 -14.48 -96.80 32.90
CA GLU H 11 -14.24 -95.81 31.86
C GLU H 11 -14.17 -96.47 30.50
N HIS H 12 -13.51 -97.62 30.40
CA HIS H 12 -13.52 -98.29 29.09
C HIS H 12 -14.88 -98.85 28.75
N GLU H 13 -15.66 -99.28 29.75
CA GLU H 13 -17.01 -99.72 29.43
C GLU H 13 -17.84 -98.60 28.84
N LYS H 14 -17.54 -97.35 29.21
CA LYS H 14 -18.25 -96.18 28.72
C LYS H 14 -17.60 -95.54 27.49
N TYR H 15 -16.28 -95.42 27.49
CA TYR H 15 -15.59 -94.59 26.52
C TYR H 15 -14.68 -95.34 25.58
N HIS H 16 -14.04 -96.43 26.00
CA HIS H 16 -12.99 -97.09 25.21
C HIS H 16 -11.90 -96.11 24.83
N SER H 17 -11.62 -95.13 25.69
CA SER H 17 -10.65 -94.10 25.37
C SER H 17 -9.25 -94.69 25.20
N ASN H 18 -8.28 -93.84 24.88
CA ASN H 18 -6.91 -94.32 24.74
C ASN H 18 -6.39 -94.87 26.06
N TRP H 19 -5.67 -95.98 25.97
CA TRP H 19 -4.94 -96.51 27.11
C TRP H 19 -4.00 -95.49 27.74
N ARG H 20 -3.50 -94.54 26.97
CA ARG H 20 -2.70 -93.48 27.57
C ARG H 20 -3.51 -92.70 28.59
N ALA H 21 -4.77 -92.42 28.28
CA ALA H 21 -5.65 -91.80 29.28
C ALA H 21 -5.85 -92.72 30.47
N MET H 22 -6.12 -94.00 30.22
CA MET H 22 -6.47 -94.92 31.29
C MET H 22 -5.32 -95.21 32.23
N ALA H 23 -4.08 -94.97 31.79
CA ALA H 23 -2.96 -95.05 32.72
C ALA H 23 -3.13 -94.06 33.87
N SER H 24 -3.84 -92.96 33.64
CA SER H 24 -4.09 -91.99 34.71
C SER H 24 -5.09 -92.51 35.72
N ASP H 25 -6.20 -93.10 35.26
CA ASP H 25 -7.16 -93.68 36.18
C ASP H 25 -6.56 -94.85 36.95
N PHE H 26 -5.76 -95.69 36.28
CA PHE H 26 -5.07 -96.76 36.99
C PHE H 26 -4.10 -96.21 38.02
N ASN H 27 -3.46 -95.07 37.72
CA ASN H 27 -2.36 -94.54 38.53
C ASN H 27 -1.27 -95.60 38.69
N LEU H 28 -1.01 -96.34 37.63
CA LEU H 28 -0.11 -97.48 37.65
C LEU H 28 0.77 -97.43 36.41
N PRO H 29 1.92 -98.09 36.44
CA PRO H 29 2.81 -98.14 35.26
C PRO H 29 2.11 -98.77 34.07
N PRO H 30 2.66 -98.57 32.86
CA PRO H 30 1.93 -98.92 31.64
C PRO H 30 1.60 -100.40 31.49
N VAL H 31 2.32 -101.28 32.19
CA VAL H 31 2.19 -102.71 31.94
C VAL H 31 0.76 -103.18 32.19
N VAL H 32 0.17 -102.78 33.32
CA VAL H 32 -1.23 -103.09 33.57
C VAL H 32 -2.15 -102.28 32.67
N ALA H 33 -1.79 -101.03 32.37
CA ALA H 33 -2.67 -100.17 31.59
C ALA H 33 -2.93 -100.73 30.20
N LYS H 34 -1.98 -101.47 29.64
CA LYS H 34 -2.23 -102.11 28.34
C LYS H 34 -3.30 -103.19 28.44
N GLU H 35 -3.53 -103.74 29.63
CA GLU H 35 -4.44 -104.88 29.74
C GLU H 35 -5.89 -104.50 29.49
N ILE H 36 -6.28 -103.27 29.85
CA ILE H 36 -7.66 -102.86 29.60
C ILE H 36 -7.95 -102.83 28.10
N VAL H 37 -7.01 -102.35 27.30
CA VAL H 37 -7.18 -102.38 25.85
C VAL H 37 -7.10 -103.81 25.34
N ALA H 38 -6.16 -104.60 25.88
CA ALA H 38 -5.97 -105.96 25.39
C ALA H 38 -7.24 -106.79 25.59
N SER H 39 -7.87 -106.68 26.75
CA SER H 39 -9.09 -107.42 27.03
C SER H 39 -10.30 -106.84 26.34
N CYS H 40 -10.22 -105.60 25.87
CA CYS H 40 -11.38 -104.93 25.29
C CYS H 40 -11.70 -105.51 23.92
N ASP H 41 -12.94 -105.98 23.76
CA ASP H 41 -13.34 -106.63 22.51
C ASP H 41 -13.30 -105.66 21.34
N LYS H 42 -13.78 -104.43 21.56
CA LYS H 42 -13.73 -103.40 20.53
C LYS H 42 -12.36 -102.74 20.42
N CYS H 43 -11.37 -103.28 21.13
CA CYS H 43 -10.06 -102.67 21.26
C CYS H 43 -9.04 -103.72 20.84
N GLN H 44 -7.79 -103.52 21.26
CA GLN H 44 -6.64 -104.35 20.90
C GLN H 44 -6.23 -104.05 19.47
N CYS H 56 1.01 -72.56 13.44
CA CYS H 56 -0.20 -72.17 12.76
C CYS H 56 -0.98 -71.19 13.64
N SER H 57 -1.70 -70.29 12.98
CA SER H 57 -2.48 -69.29 13.72
C SER H 57 -3.58 -69.97 14.52
N PRO H 58 -3.85 -69.52 15.75
CA PRO H 58 -4.98 -70.09 16.50
C PRO H 58 -6.33 -69.86 15.84
N GLY H 59 -6.43 -68.90 14.93
CA GLY H 59 -7.67 -68.57 14.25
C GLY H 59 -7.95 -69.33 12.99
N ILE H 60 -7.34 -70.50 12.81
CA ILE H 60 -7.55 -71.31 11.62
C ILE H 60 -8.47 -72.48 11.95
N TRP H 61 -9.45 -72.71 11.09
CA TRP H 61 -10.38 -73.81 11.22
C TRP H 61 -10.72 -74.30 9.83
N GLN H 62 -11.20 -75.53 9.73
CA GLN H 62 -11.67 -76.05 8.45
C GLN H 62 -13.01 -76.74 8.62
N LEU H 63 -13.80 -76.71 7.56
CA LEU H 63 -15.13 -77.28 7.54
C LEU H 63 -15.23 -78.28 6.40
N ASP H 64 -15.89 -79.40 6.66
CA ASP H 64 -16.03 -80.44 5.65
C ASP H 64 -17.34 -81.17 5.86
N CYS H 65 -17.60 -82.17 5.02
CA CYS H 65 -18.85 -82.91 5.06
C CYS H 65 -18.58 -84.40 4.85
N THR H 66 -19.51 -85.23 5.30
CA THR H 66 -19.49 -86.66 5.04
C THR H 66 -20.91 -87.19 5.01
N HIS H 67 -21.08 -88.36 4.40
CA HIS H 67 -22.39 -88.90 4.07
C HIS H 67 -22.58 -90.28 4.65
N LEU H 68 -22.27 -90.43 5.95
CA LEU H 68 -22.46 -91.70 6.62
C LEU H 68 -23.93 -92.07 6.67
N GLU H 69 -24.24 -93.32 6.30
CA GLU H 69 -25.57 -93.89 6.42
C GLU H 69 -26.63 -93.05 5.72
N GLY H 70 -26.27 -92.41 4.61
CA GLY H 70 -27.22 -91.63 3.85
C GLY H 70 -27.57 -90.28 4.42
N LYS H 71 -26.96 -89.89 5.53
CA LYS H 71 -27.22 -88.62 6.19
C LYS H 71 -26.00 -87.72 6.05
N VAL H 72 -26.23 -86.41 6.12
CA VAL H 72 -25.18 -85.42 5.91
C VAL H 72 -24.63 -85.01 7.27
N ILE H 73 -23.32 -85.17 7.45
CA ILE H 73 -22.63 -84.79 8.67
C ILE H 73 -21.55 -83.79 8.30
N LEU H 74 -21.63 -82.59 8.89
CA LEU H 74 -20.65 -81.54 8.63
C LEU H 74 -19.78 -81.39 9.85
N VAL H 75 -18.47 -81.45 9.66
CA VAL H 75 -17.51 -81.55 10.76
C VAL H 75 -16.51 -80.42 10.64
N ALA H 76 -16.18 -79.81 11.77
CA ALA H 76 -15.14 -78.79 11.85
C ALA H 76 -14.02 -79.28 12.75
N VAL H 77 -12.80 -78.85 12.46
CA VAL H 77 -11.61 -79.27 13.20
C VAL H 77 -10.71 -78.05 13.41
N HIS H 78 -10.21 -77.89 14.62
CA HIS H 78 -9.14 -76.93 14.84
C HIS H 78 -7.82 -77.59 14.50
N VAL H 79 -7.11 -77.01 13.52
CA VAL H 79 -5.99 -77.70 12.89
C VAL H 79 -4.88 -77.98 13.89
N ALA H 80 -4.67 -77.05 14.82
CA ALA H 80 -3.47 -77.09 15.66
C ALA H 80 -3.59 -78.03 16.84
N SER H 81 -4.74 -78.67 17.06
CA SER H 81 -4.91 -79.43 18.29
C SER H 81 -5.80 -80.66 18.19
N GLY H 82 -6.36 -80.97 17.03
CA GLY H 82 -7.24 -82.12 16.91
C GLY H 82 -8.55 -81.99 17.66
N TYR H 83 -9.13 -80.80 17.67
CA TYR H 83 -10.43 -80.54 18.28
C TYR H 83 -11.52 -80.84 17.25
N ILE H 84 -12.73 -81.09 17.73
CA ILE H 84 -13.85 -81.44 16.85
C ILE H 84 -15.06 -80.58 17.22
N GLU H 85 -15.73 -80.04 16.19
CA GLU H 85 -17.06 -79.48 16.32
C GLU H 85 -17.91 -80.00 15.17
N ALA H 86 -18.94 -80.77 15.50
CA ALA H 86 -19.72 -81.41 14.44
C ALA H 86 -21.20 -81.40 14.79
N GLU H 87 -22.02 -81.54 13.75
CA GLU H 87 -23.46 -81.59 13.89
C GLU H 87 -24.06 -82.25 12.66
N VAL H 88 -25.01 -83.14 12.90
CA VAL H 88 -25.79 -83.70 11.79
C VAL H 88 -26.69 -82.62 11.24
N ILE H 89 -26.50 -82.29 9.97
CA ILE H 89 -27.22 -81.21 9.32
C ILE H 89 -28.40 -81.80 8.55
N PRO H 90 -29.60 -81.23 8.67
CA PRO H 90 -30.76 -81.80 7.93
C PRO H 90 -30.56 -81.81 6.42
N ALA H 91 -29.90 -80.81 5.86
CA ALA H 91 -29.74 -80.72 4.41
C ALA H 91 -28.44 -80.00 4.08
N GLU H 92 -28.01 -80.14 2.83
CA GLU H 92 -26.77 -79.55 2.37
C GLU H 92 -26.90 -78.09 1.97
N THR H 93 -28.06 -77.49 2.17
CA THR H 93 -28.27 -76.09 1.77
C THR H 93 -27.33 -75.18 2.55
N GLY H 94 -26.89 -74.10 1.89
CA GLY H 94 -26.01 -73.15 2.53
C GLY H 94 -26.64 -72.41 3.69
N GLN H 95 -27.97 -72.40 3.77
CA GLN H 95 -28.65 -71.70 4.86
C GLN H 95 -28.32 -72.30 6.22
N GLU H 96 -28.37 -73.63 6.32
CA GLU H 96 -28.06 -74.31 7.58
C GLU H 96 -26.57 -74.32 7.90
N THR H 97 -25.73 -74.44 6.87
CA THR H 97 -24.30 -74.27 7.10
C THR H 97 -23.98 -72.88 7.61
N ALA H 98 -24.75 -71.87 7.16
CA ALA H 98 -24.56 -70.53 7.69
C ALA H 98 -24.85 -70.47 9.17
N TYR H 99 -25.94 -71.10 9.61
CA TYR H 99 -26.27 -71.15 11.03
C TYR H 99 -25.16 -71.83 11.81
N PHE H 100 -24.66 -72.96 11.30
CA PHE H 100 -23.64 -73.67 12.07
C PHE H 100 -22.33 -72.90 12.10
N LEU H 101 -21.98 -72.23 11.00
CA LEU H 101 -20.80 -71.40 11.03
C LEU H 101 -20.98 -70.23 11.99
N LEU H 102 -22.20 -69.72 12.11
CA LEU H 102 -22.47 -68.73 13.13
C LEU H 102 -22.15 -69.29 14.50
N LYS H 103 -22.52 -70.54 14.74
CA LYS H 103 -22.21 -71.16 16.02
C LYS H 103 -20.70 -71.22 16.27
N LEU H 104 -19.95 -71.74 15.29
CA LEU H 104 -18.50 -71.80 15.46
C LEU H 104 -17.93 -70.42 15.77
N ALA H 105 -18.39 -69.41 15.05
CA ALA H 105 -17.80 -68.08 15.23
C ALA H 105 -18.13 -67.51 16.60
N GLY H 106 -19.35 -67.75 17.07
CA GLY H 106 -19.70 -67.25 18.39
C GLY H 106 -18.92 -67.93 19.50
N ARG H 107 -18.73 -69.24 19.41
CA ARG H 107 -18.18 -70.01 20.52
C ARG H 107 -16.69 -69.81 20.73
N TRP H 108 -15.93 -69.56 19.68
CA TRP H 108 -14.49 -69.40 19.77
C TRP H 108 -14.07 -68.27 18.85
N PRO H 109 -12.94 -67.62 19.12
CA PRO H 109 -12.47 -66.56 18.19
C PRO H 109 -11.84 -67.14 16.93
N VAL H 110 -12.69 -67.43 15.95
CA VAL H 110 -12.26 -68.05 14.69
C VAL H 110 -11.96 -66.96 13.67
N LYS H 111 -10.79 -67.05 13.03
CA LYS H 111 -10.30 -66.02 12.12
C LYS H 111 -10.34 -66.41 10.66
N THR H 112 -9.93 -67.62 10.31
CA THR H 112 -9.94 -68.05 8.91
C THR H 112 -10.45 -69.48 8.81
N VAL H 113 -11.14 -69.77 7.71
CA VAL H 113 -11.76 -71.09 7.50
C VAL H 113 -11.37 -71.60 6.11
N HIS H 114 -10.99 -72.88 6.03
CA HIS H 114 -10.54 -73.50 4.80
C HIS H 114 -11.57 -74.53 4.36
N THR H 115 -12.33 -74.21 3.30
CA THR H 115 -13.25 -75.18 2.70
C THR H 115 -13.00 -75.28 1.20
N ASP H 116 -13.88 -75.96 0.48
CA ASP H 116 -13.74 -76.09 -0.96
C ASP H 116 -14.50 -74.95 -1.64
N ASN H 117 -14.52 -74.97 -2.97
CA ASN H 117 -15.19 -73.95 -3.76
C ASN H 117 -16.67 -74.23 -3.96
N GLY H 118 -17.17 -75.37 -3.47
CA GLY H 118 -18.52 -75.80 -3.79
C GLY H 118 -19.57 -74.80 -3.31
N SER H 119 -20.74 -74.91 -3.94
CA SER H 119 -21.86 -74.03 -3.61
C SER H 119 -22.36 -74.24 -2.19
N ASN H 120 -21.97 -75.34 -1.55
CA ASN H 120 -22.26 -75.52 -0.14
C ASN H 120 -21.52 -74.50 0.72
N PHE H 121 -20.54 -73.80 0.16
CA PHE H 121 -19.84 -72.75 0.88
C PHE H 121 -19.82 -71.41 0.16
N THR H 122 -20.01 -71.37 -1.15
CA THR H 122 -20.01 -70.11 -1.89
C THR H 122 -21.38 -69.44 -1.94
N SER H 123 -22.38 -70.01 -1.28
CA SER H 123 -23.71 -69.41 -1.32
C SER H 123 -23.71 -68.07 -0.59
N THR H 124 -24.74 -67.28 -0.87
CA THR H 124 -24.82 -65.93 -0.30
C THR H 124 -24.89 -65.95 1.22
N THR H 125 -25.61 -66.92 1.79
CA THR H 125 -25.79 -66.95 3.23
C THR H 125 -24.46 -67.15 3.95
N VAL H 126 -23.60 -68.00 3.41
CA VAL H 126 -22.30 -68.21 4.05
C VAL H 126 -21.48 -66.93 3.99
N LYS H 127 -21.57 -66.20 2.89
CA LYS H 127 -20.85 -64.94 2.78
C LYS H 127 -21.36 -63.94 3.80
N ALA H 128 -22.67 -63.89 4.00
CA ALA H 128 -23.20 -63.01 5.04
C ALA H 128 -22.72 -63.44 6.42
N ALA H 129 -22.65 -64.76 6.67
CA ALA H 129 -22.20 -65.24 7.97
C ALA H 129 -20.77 -64.77 8.24
N CYS H 130 -19.89 -64.94 7.24
CA CYS H 130 -18.53 -64.47 7.40
C CYS H 130 -18.49 -62.96 7.57
N TRP H 131 -19.37 -62.25 6.86
CA TRP H 131 -19.37 -60.79 6.92
C TRP H 131 -19.74 -60.31 8.33
N TRP H 132 -20.75 -60.93 8.91
CA TRP H 132 -21.20 -60.51 10.23
C TRP H 132 -20.19 -60.89 11.30
N ALA H 133 -19.74 -62.14 11.28
CA ALA H 133 -18.87 -62.61 12.37
C ALA H 133 -17.45 -62.12 12.23
N GLY H 134 -17.00 -61.86 11.00
CA GLY H 134 -15.61 -61.50 10.81
C GLY H 134 -14.73 -62.71 10.61
N ILE H 135 -15.01 -63.50 9.58
CA ILE H 135 -14.26 -64.70 9.27
C ILE H 135 -13.88 -64.67 7.80
N LYS H 136 -12.66 -65.08 7.50
CA LYS H 136 -12.22 -65.28 6.11
C LYS H 136 -12.32 -66.75 5.73
N GLN H 137 -12.68 -66.98 4.46
CA GLN H 137 -12.90 -68.33 3.98
C GLN H 137 -12.12 -68.56 2.69
N GLU H 138 -11.57 -69.76 2.56
CA GLU H 138 -10.87 -70.18 1.36
C GLU H 138 -11.75 -71.15 0.58
N PHE H 139 -11.81 -70.97 -0.74
CA PHE H 139 -12.69 -71.75 -1.59
C PHE H 139 -11.85 -72.49 -2.64
N GLY H 140 -11.73 -73.80 -2.48
CA GLY H 140 -11.04 -74.62 -3.46
C GLY H 140 -10.13 -75.61 -2.77
N ILE H 141 -9.06 -75.97 -3.49
CA ILE H 141 -8.05 -76.89 -2.98
C ILE H 141 -6.99 -76.10 -2.21
N PRO H 142 -6.76 -76.41 -0.94
CA PRO H 142 -5.67 -75.76 -0.21
C PRO H 142 -4.32 -76.15 -0.76
N TYR H 143 -3.32 -75.32 -0.48
CA TYR H 143 -1.96 -75.59 -0.94
C TYR H 143 -1.41 -76.87 -0.36
N ASN H 144 -1.94 -77.31 0.79
CA ASN H 144 -1.49 -78.53 1.46
C ASN H 144 -2.72 -79.40 1.70
N PRO H 145 -3.16 -80.15 0.68
CA PRO H 145 -4.32 -81.04 0.87
C PRO H 145 -4.03 -82.22 1.79
N GLN H 146 -2.81 -82.37 2.30
CA GLN H 146 -2.54 -83.41 3.27
C GLN H 146 -3.28 -83.15 4.57
N SER H 147 -3.53 -81.89 4.89
CA SER H 147 -4.39 -81.57 6.03
C SER H 147 -5.81 -82.08 5.80
N GLN H 148 -6.32 -81.93 4.58
CA GLN H 148 -7.62 -82.48 4.24
C GLN H 148 -7.61 -84.00 4.32
N GLY H 149 -6.50 -84.62 3.90
CA GLY H 149 -6.37 -86.06 4.07
C GLY H 149 -6.37 -86.47 5.53
N VAL H 150 -5.72 -85.68 6.38
CA VAL H 150 -5.69 -85.97 7.81
C VAL H 150 -7.09 -85.87 8.41
N ILE H 151 -7.83 -84.83 8.03
CA ILE H 151 -9.17 -84.69 8.60
C ILE H 151 -10.11 -85.74 8.02
N GLU H 152 -9.83 -86.23 6.80
CA GLU H 152 -10.61 -87.33 6.26
C GLU H 152 -10.29 -88.64 6.99
N SER H 153 -9.03 -88.83 7.36
CA SER H 153 -8.67 -89.97 8.19
C SER H 153 -9.32 -89.89 9.56
N MET H 154 -9.38 -88.68 10.12
CA MET H 154 -10.13 -88.47 11.35
C MET H 154 -11.60 -88.77 11.15
N ASN H 155 -12.14 -88.43 9.98
CA ASN H 155 -13.53 -88.78 9.68
C ASN H 155 -13.71 -90.30 9.68
N LYS H 156 -12.77 -91.02 9.08
CA LYS H 156 -12.85 -92.48 9.07
C LYS H 156 -12.75 -93.05 10.49
N GLU H 157 -11.88 -92.46 11.32
CA GLU H 157 -11.77 -92.93 12.70
C GLU H 157 -13.03 -92.63 13.48
N LEU H 158 -13.64 -91.47 13.24
CA LEU H 158 -14.94 -91.19 13.83
C LEU H 158 -15.96 -92.22 13.37
N LYS H 159 -15.84 -92.67 12.12
CA LYS H 159 -16.78 -93.66 11.59
C LYS H 159 -16.61 -95.02 12.25
N LYS H 160 -15.35 -95.43 12.48
CA LYS H 160 -15.11 -96.65 13.26
C LYS H 160 -15.64 -96.49 14.69
N ILE H 161 -15.39 -95.31 15.28
CA ILE H 161 -15.94 -95.01 16.59
C ILE H 161 -17.43 -95.21 16.57
N ILE H 162 -18.11 -94.66 15.56
CA ILE H 162 -19.55 -94.79 15.45
C ILE H 162 -19.95 -96.25 15.32
N GLY H 163 -19.23 -97.00 14.51
CA GLY H 163 -19.49 -98.42 14.34
C GLY H 163 -19.45 -99.15 15.67
N GLN H 164 -18.69 -98.62 16.62
CA GLN H 164 -18.70 -99.15 17.97
C GLN H 164 -19.77 -98.55 18.88
N VAL H 165 -19.94 -97.23 18.89
CA VAL H 165 -20.84 -96.59 19.85
C VAL H 165 -22.29 -96.90 19.52
N ARG H 166 -22.63 -97.05 18.23
CA ARG H 166 -24.01 -97.28 17.83
C ARG H 166 -24.66 -98.44 18.57
N ASP H 167 -23.85 -99.25 19.26
CA ASP H 167 -24.40 -100.19 20.23
C ASP H 167 -24.97 -99.48 21.45
N GLN H 168 -24.73 -98.18 21.61
CA GLN H 168 -25.09 -97.48 22.81
C GLN H 168 -26.09 -96.34 22.61
N ALA H 169 -26.36 -95.92 21.38
CA ALA H 169 -27.23 -94.78 21.12
C ALA H 169 -28.36 -95.17 20.17
N GLU H 170 -29.60 -94.87 20.58
CA GLU H 170 -30.77 -95.14 19.76
C GLU H 170 -30.85 -94.28 18.50
N HIS H 171 -30.12 -93.17 18.44
CA HIS H 171 -30.21 -92.29 17.29
C HIS H 171 -28.81 -91.93 16.84
N LEU H 172 -28.50 -92.21 15.58
CA LEU H 172 -27.12 -92.10 15.11
C LEU H 172 -26.58 -90.68 15.25
N LYS H 173 -27.45 -89.68 15.18
CA LYS H 173 -27.00 -88.31 15.42
C LYS H 173 -26.41 -88.17 16.80
N THR H 174 -27.07 -88.73 17.80
CA THR H 174 -26.55 -88.63 19.15
C THR H 174 -25.21 -89.33 19.24
N ALA H 175 -25.03 -90.44 18.52
CA ALA H 175 -23.72 -91.10 18.52
C ALA H 175 -22.68 -90.24 17.84
N VAL H 176 -23.08 -89.44 16.85
CA VAL H 176 -22.14 -88.51 16.23
C VAL H 176 -21.65 -87.52 17.29
N GLN H 177 -22.57 -86.97 18.08
CA GLN H 177 -22.13 -86.08 19.14
C GLN H 177 -21.25 -86.81 20.16
N MET H 178 -21.65 -88.03 20.53
CA MET H 178 -20.88 -88.76 21.51
C MET H 178 -19.45 -88.87 21.03
N ALA H 179 -19.27 -89.16 19.76
CA ALA H 179 -17.92 -89.25 19.22
C ALA H 179 -17.22 -87.91 19.32
N VAL H 180 -17.93 -86.82 19.04
CA VAL H 180 -17.28 -85.52 19.09
C VAL H 180 -16.63 -85.35 20.45
N PHE H 181 -17.40 -85.65 21.51
CA PHE H 181 -16.87 -85.48 22.86
C PHE H 181 -15.76 -86.47 23.17
N ILE H 182 -15.93 -87.73 22.77
CA ILE H 182 -14.91 -88.72 23.07
C ILE H 182 -13.58 -88.24 22.53
N HIS H 183 -13.59 -87.71 21.32
CA HIS H 183 -12.33 -87.27 20.72
C HIS H 183 -11.84 -85.98 21.34
N ASN H 184 -12.75 -85.11 21.77
CA ASN H 184 -12.30 -83.89 22.41
C ASN H 184 -11.51 -84.19 23.67
N PHE H 185 -12.04 -85.09 24.51
CA PHE H 185 -11.52 -85.20 25.87
C PHE H 185 -10.98 -86.58 26.23
N LYS H 186 -11.71 -87.65 25.94
CA LYS H 186 -11.28 -88.94 26.44
C LYS H 186 -10.10 -89.49 25.66
N ARG H 187 -10.09 -89.31 24.34
CA ARG H 187 -9.02 -89.84 23.49
C ARG H 187 -7.85 -88.86 23.52
N LYS H 188 -7.10 -88.91 24.62
CA LYS H 188 -5.89 -88.11 24.76
C LYS H 188 -4.70 -88.89 24.23
N GLY H 189 -3.87 -88.22 23.45
CA GLY H 189 -2.72 -88.87 22.83
C GLY H 189 -1.92 -87.85 22.07
N GLY H 190 -0.74 -88.29 21.65
CA GLY H 190 0.18 -87.41 20.96
C GLY H 190 1.06 -86.64 21.92
N ILE H 191 2.35 -86.55 21.61
CA ILE H 191 3.33 -85.84 22.42
C ILE H 191 3.36 -86.45 23.82
N GLY H 192 2.41 -86.06 24.67
CA GLY H 192 2.38 -86.55 26.03
C GLY H 192 1.03 -87.04 26.48
N GLY H 193 0.23 -87.54 25.54
CA GLY H 193 -1.10 -88.03 25.86
C GLY H 193 -2.02 -86.94 26.36
N TYR H 194 -2.33 -85.98 25.51
CA TYR H 194 -3.14 -84.83 25.87
C TYR H 194 -4.43 -84.82 25.08
N SER H 195 -5.53 -84.48 25.76
CA SER H 195 -6.82 -84.39 25.10
C SER H 195 -6.86 -83.16 24.21
N ALA H 196 -7.79 -83.18 23.25
CA ALA H 196 -7.97 -82.02 22.38
C ALA H 196 -8.27 -80.79 23.21
N GLY H 197 -8.98 -80.96 24.32
CA GLY H 197 -9.28 -79.83 25.17
C GLY H 197 -8.03 -79.20 25.76
N GLU H 198 -7.10 -80.03 26.23
CA GLU H 198 -5.90 -79.48 26.84
C GLU H 198 -5.09 -78.68 25.82
N ARG H 199 -4.91 -79.25 24.63
CA ARG H 199 -4.15 -78.54 23.61
C ARG H 199 -4.86 -77.25 23.19
N ILE H 200 -6.15 -77.33 23.04
CA ILE H 200 -6.89 -76.12 22.73
C ILE H 200 -6.60 -75.04 23.76
N VAL H 201 -6.72 -75.40 25.03
CA VAL H 201 -6.61 -74.38 26.05
C VAL H 201 -5.19 -73.83 26.11
N ASP H 202 -4.19 -74.72 26.04
CA ASP H 202 -2.81 -74.28 26.03
C ASP H 202 -2.55 -73.33 24.87
N ILE H 203 -3.06 -73.68 23.68
CA ILE H 203 -2.83 -72.87 22.49
C ILE H 203 -3.43 -71.49 22.67
N ILE H 204 -4.64 -71.41 23.25
CA ILE H 204 -5.27 -70.11 23.29
C ILE H 204 -4.67 -69.22 24.38
N ALA H 205 -4.20 -69.83 25.47
CA ALA H 205 -3.46 -69.05 26.46
C ALA H 205 -2.14 -68.54 25.89
N THR H 206 -1.42 -69.40 25.16
CA THR H 206 -0.25 -68.95 24.43
C THR H 206 -0.60 -67.80 23.50
N ASP H 207 -1.76 -67.88 22.86
CA ASP H 207 -2.16 -66.85 21.91
C ASP H 207 -2.36 -65.51 22.61
N ILE H 208 -3.02 -65.49 23.77
CA ILE H 208 -3.24 -64.21 24.44
C ILE H 208 -1.92 -63.64 24.97
N GLN H 209 -1.07 -64.50 25.54
CA GLN H 209 0.24 -64.01 25.96
C GLN H 209 1.06 -63.51 24.79
N THR H 210 0.88 -64.09 23.60
CA THR H 210 1.59 -63.58 22.43
C THR H 210 0.99 -62.29 21.90
N LYS H 211 -0.32 -62.05 22.09
CA LYS H 211 -0.84 -60.71 21.81
C LYS H 211 -0.16 -59.68 22.71
N GLU H 212 -0.04 -59.99 24.00
CA GLU H 212 0.65 -59.07 24.90
C GLU H 212 2.12 -58.89 24.49
N LEU H 213 2.78 -59.99 24.11
CA LEU H 213 4.17 -59.92 23.69
C LEU H 213 4.33 -59.12 22.41
N GLN H 214 3.37 -59.23 21.49
CA GLN H 214 3.42 -58.43 20.27
C GLN H 214 3.23 -56.96 20.58
N ASN H 222 11.91 -52.12 24.64
CA ASN H 222 12.58 -50.82 24.60
C ASN H 222 13.96 -50.91 23.95
N PHE H 223 14.10 -51.65 22.85
CA PHE H 223 15.38 -51.74 22.18
C PHE H 223 15.20 -51.80 20.68
N ARG H 224 15.97 -50.97 19.96
CA ARG H 224 16.00 -50.95 18.51
C ARG H 224 17.45 -51.11 18.06
N VAL H 225 17.62 -51.65 16.85
CA VAL H 225 18.92 -52.03 16.35
C VAL H 225 19.20 -51.30 15.04
N TYR H 226 20.44 -50.86 14.88
CA TYR H 226 20.95 -50.40 13.59
C TYR H 226 21.78 -51.53 12.99
N TYR H 227 21.22 -52.27 12.06
CA TYR H 227 21.96 -53.36 11.44
C TYR H 227 23.12 -52.76 10.68
N ARG H 228 24.33 -53.22 10.98
CA ARG H 228 25.56 -52.65 10.43
C ARG H 228 25.94 -53.42 9.17
N ASP H 229 25.48 -52.92 8.03
CA ASP H 229 25.76 -53.57 6.75
C ASP H 229 27.20 -53.25 6.34
N SER H 230 28.15 -54.08 6.77
CA SER H 230 29.56 -53.84 6.49
C SER H 230 29.91 -53.98 5.02
N ARG H 231 29.01 -54.56 4.21
CA ARG H 231 29.33 -54.75 2.78
C ARG H 231 29.43 -53.42 2.05
N ASP H 232 28.73 -52.39 2.52
CA ASP H 232 28.80 -51.09 1.85
C ASP H 232 30.12 -50.38 2.15
N PRO H 233 30.52 -50.17 3.43
CA PRO H 233 29.84 -50.43 4.71
C PRO H 233 28.84 -49.33 5.07
N VAL H 234 27.74 -49.68 5.74
CA VAL H 234 26.70 -48.73 6.10
C VAL H 234 25.86 -49.36 7.19
N TRP H 235 25.12 -48.54 7.92
CA TRP H 235 24.20 -49.04 8.94
C TRP H 235 22.76 -48.77 8.55
N LYS H 236 21.88 -49.70 8.91
CA LYS H 236 20.47 -49.57 8.66
C LYS H 236 19.81 -48.61 9.66
N GLY H 237 18.54 -48.34 9.42
CA GLY H 237 17.82 -47.37 10.22
C GLY H 237 17.21 -47.98 11.47
N PRO H 238 16.22 -47.29 12.04
CA PRO H 238 15.64 -47.76 13.31
C PRO H 238 14.89 -49.08 13.14
N ALA H 239 15.65 -50.17 13.05
CA ALA H 239 15.03 -51.48 13.00
C ALA H 239 14.52 -51.88 14.38
N LYS H 240 13.44 -52.67 14.40
CA LYS H 240 12.94 -53.22 15.64
C LYS H 240 13.64 -54.54 15.97
N LEU H 241 13.59 -54.92 17.24
CA LEU H 241 14.25 -56.13 17.73
C LEU H 241 13.18 -57.15 18.08
N LEU H 242 12.91 -58.06 17.16
CA LEU H 242 11.87 -59.05 17.39
C LEU H 242 12.37 -60.16 18.31
N TRP H 243 13.68 -60.38 18.34
CA TRP H 243 14.28 -61.30 19.31
C TRP H 243 15.78 -61.10 19.31
N LYS H 244 16.38 -61.30 20.47
CA LYS H 244 17.82 -61.32 20.63
C LYS H 244 18.20 -62.74 21.07
N GLY H 245 18.37 -63.63 20.11
CA GLY H 245 18.76 -64.99 20.38
C GLY H 245 20.19 -65.08 20.86
N GLU H 246 20.78 -66.26 20.68
CA GLU H 246 22.16 -66.46 21.09
C GLU H 246 23.12 -66.32 19.91
N GLY H 247 22.78 -66.91 18.77
CA GLY H 247 23.64 -66.84 17.61
C GLY H 247 23.20 -65.83 16.57
N ALA H 248 22.04 -65.21 16.75
CA ALA H 248 21.51 -64.27 15.77
C ALA H 248 20.47 -63.40 16.44
N VAL H 249 20.14 -62.28 15.78
CA VAL H 249 19.26 -61.27 16.35
C VAL H 249 18.23 -60.89 15.30
N VAL H 250 17.04 -61.48 15.40
CA VAL H 250 16.00 -61.26 14.40
C VAL H 250 15.64 -59.77 14.44
N ILE H 251 15.31 -59.22 13.29
CA ILE H 251 14.83 -57.84 13.18
C ILE H 251 13.76 -57.78 12.12
N GLN H 252 12.93 -56.74 12.21
CA GLN H 252 11.91 -56.48 11.21
C GLN H 252 12.09 -55.10 10.62
N ASP H 253 11.94 -55.01 9.30
CA ASP H 253 12.20 -53.81 8.54
C ASP H 253 10.99 -53.64 7.63
N ASN H 254 10.04 -52.81 8.05
CA ASN H 254 8.75 -52.76 7.39
C ASN H 254 8.13 -54.15 7.34
N SER H 255 7.97 -54.71 6.14
CA SER H 255 7.35 -56.02 5.95
C SER H 255 8.37 -57.15 5.77
N ASP H 256 9.66 -56.85 5.87
CA ASP H 256 10.70 -57.84 5.70
C ASP H 256 11.42 -58.08 7.02
N ILE H 257 11.72 -59.33 7.30
CA ILE H 257 12.31 -59.74 8.57
C ILE H 257 13.68 -60.33 8.29
N LYS H 258 14.73 -59.61 8.66
CA LYS H 258 16.09 -60.01 8.34
C LYS H 258 16.85 -60.37 9.61
N VAL H 259 17.27 -61.61 9.72
CA VAL H 259 17.95 -62.11 10.92
C VAL H 259 19.40 -61.67 10.81
N VAL H 260 19.78 -60.65 11.58
CA VAL H 260 21.06 -59.99 11.44
C VAL H 260 22.14 -60.72 12.24
N PRO H 261 23.43 -60.46 11.98
CA PRO H 261 24.50 -61.12 12.74
C PRO H 261 24.76 -60.47 14.08
N ARG H 262 24.90 -61.31 15.12
CA ARG H 262 24.84 -60.80 16.48
C ARG H 262 25.97 -59.84 16.80
N ARG H 263 27.11 -59.97 16.13
CA ARG H 263 28.18 -59.01 16.36
C ARG H 263 28.17 -57.86 15.36
N LYS H 264 27.15 -57.78 14.50
CA LYS H 264 26.99 -56.68 13.55
C LYS H 264 25.61 -56.07 13.67
N ALA H 265 25.16 -55.83 14.89
CA ALA H 265 23.86 -55.20 15.15
C ALA H 265 24.01 -54.20 16.27
N LYS H 266 23.83 -52.92 15.95
CA LYS H 266 23.89 -51.87 16.96
C LYS H 266 22.70 -52.00 17.90
N ILE H 267 22.86 -51.51 19.14
CA ILE H 267 21.82 -51.59 20.16
C ILE H 267 21.51 -50.17 20.62
N ILE H 268 20.25 -49.75 20.46
CA ILE H 268 19.76 -48.46 20.93
C ILE H 268 18.68 -48.72 21.97
N ARG H 269 18.88 -48.19 23.18
CA ARG H 269 17.90 -48.31 24.25
C ARG H 269 16.92 -47.14 24.18
N ASP H 270 15.63 -47.45 24.19
CA ASP H 270 14.61 -46.43 24.10
C ASP H 270 13.85 -46.28 25.41
N PHE I 1 18.36 6.88 -35.35
CA PHE I 1 17.02 6.36 -35.09
C PHE I 1 16.04 6.84 -36.15
N LEU I 2 16.51 7.70 -37.05
CA LEU I 2 15.62 8.32 -38.02
C LEU I 2 14.81 7.30 -38.79
N ASP I 3 15.43 6.18 -39.18
CA ASP I 3 14.69 5.11 -39.84
C ASP I 3 13.62 4.53 -38.91
N GLY I 4 13.99 4.21 -37.68
CA GLY I 4 13.09 3.49 -36.80
C GLY I 4 11.89 4.31 -36.35
N ILE I 5 12.05 5.63 -36.32
CA ILE I 5 10.95 6.49 -35.86
C ILE I 5 9.76 6.38 -36.82
N ASP I 6 10.03 6.37 -38.12
CA ASP I 6 8.94 6.32 -39.09
C ASP I 6 8.22 4.99 -39.05
N LYS I 7 8.97 3.91 -38.80
CA LYS I 7 8.38 2.57 -38.77
C LYS I 7 7.56 2.34 -37.50
N ALA I 8 8.09 2.76 -36.36
CA ALA I 8 7.38 2.58 -35.10
C ALA I 8 6.06 3.35 -35.10
N GLN I 9 6.01 4.48 -35.80
CA GLN I 9 4.75 5.23 -35.88
C GLN I 9 3.74 4.49 -36.73
N GLU I 10 4.17 3.96 -37.87
CA GLU I 10 3.26 3.17 -38.69
C GLU I 10 2.75 1.96 -37.92
N GLU I 11 3.64 1.25 -37.21
CA GLU I 11 3.19 0.12 -36.40
C GLU I 11 2.29 0.57 -35.26
N HIS I 12 2.49 1.78 -34.73
CA HIS I 12 1.66 2.24 -33.63
C HIS I 12 0.25 2.59 -34.08
N GLU I 13 0.10 3.09 -35.30
CA GLU I 13 -1.23 3.41 -35.81
C GLU I 13 -2.04 2.15 -36.09
N LYS I 14 -1.37 1.01 -36.25
CA LYS I 14 -2.08 -0.25 -36.31
C LYS I 14 -2.26 -0.85 -34.93
N TYR I 15 -1.17 -1.00 -34.19
CA TYR I 15 -1.16 -1.86 -33.03
C TYR I 15 -1.33 -1.11 -31.72
N HIS I 16 -0.96 0.18 -31.68
CA HIS I 16 -0.87 0.96 -30.45
C HIS I 16 0.01 0.27 -29.43
N SER I 17 1.17 -0.19 -29.87
CA SER I 17 2.12 -0.86 -29.00
C SER I 17 2.71 0.12 -27.99
N ASN I 18 2.86 -0.34 -26.74
CA ASN I 18 3.38 0.55 -25.71
C ASN I 18 4.85 0.85 -25.98
N TRP I 19 5.44 1.71 -25.15
CA TRP I 19 6.73 2.27 -25.52
C TRP I 19 7.85 1.22 -25.47
N ARG I 20 7.82 0.31 -24.49
CA ARG I 20 8.80 -0.77 -24.45
C ARG I 20 8.77 -1.63 -25.71
N ALA I 21 7.58 -1.87 -26.27
CA ALA I 21 7.48 -2.66 -27.48
C ALA I 21 8.17 -1.96 -28.64
N MET I 22 7.94 -0.66 -28.80
CA MET I 22 8.61 0.09 -29.85
C MET I 22 10.10 0.20 -29.61
N ALA I 23 10.52 0.36 -28.37
CA ALA I 23 11.94 0.49 -28.07
C ALA I 23 12.69 -0.81 -28.32
N SER I 24 12.07 -1.94 -27.97
CA SER I 24 12.70 -3.22 -28.24
C SER I 24 12.72 -3.51 -29.74
N ASP I 25 11.58 -3.37 -30.41
CA ASP I 25 11.51 -3.70 -31.83
C ASP I 25 12.34 -2.78 -32.71
N PHE I 26 12.19 -1.47 -32.58
CA PHE I 26 12.81 -0.54 -33.53
C PHE I 26 14.03 0.14 -32.95
N ASN I 27 14.66 -0.43 -31.93
CA ASN I 27 15.93 0.07 -31.38
C ASN I 27 15.83 1.57 -31.07
N LEU I 28 15.11 1.88 -30.01
CA LEU I 28 14.87 3.29 -29.76
C LEU I 28 15.28 3.65 -28.35
N PRO I 29 15.82 4.84 -28.13
CA PRO I 29 15.95 5.34 -26.77
C PRO I 29 14.59 5.40 -26.11
N PRO I 30 14.51 5.06 -24.83
CA PRO I 30 13.20 5.04 -24.17
C PRO I 30 12.44 6.36 -24.27
N VAL I 31 13.14 7.48 -24.34
CA VAL I 31 12.47 8.78 -24.40
C VAL I 31 11.76 8.97 -25.74
N VAL I 32 12.33 8.45 -26.84
CA VAL I 32 11.69 8.61 -28.15
C VAL I 32 10.43 7.76 -28.25
N ALA I 33 10.52 6.48 -27.86
CA ALA I 33 9.33 5.63 -27.84
C ALA I 33 8.25 6.22 -26.95
N LYS I 34 8.63 6.75 -25.79
CA LYS I 34 7.64 7.36 -24.92
C LYS I 34 6.98 8.55 -25.60
N GLU I 35 7.75 9.34 -26.36
CA GLU I 35 7.16 10.44 -27.11
C GLU I 35 6.18 9.95 -28.17
N ILE I 36 6.48 8.83 -28.82
CA ILE I 36 5.51 8.28 -29.77
C ILE I 36 4.20 7.95 -29.07
N VAL I 37 4.26 7.24 -27.94
CA VAL I 37 3.03 6.92 -27.22
C VAL I 37 2.31 8.20 -26.79
N ALA I 38 3.05 9.13 -26.19
CA ALA I 38 2.47 10.34 -25.61
C ALA I 38 1.66 11.13 -26.61
N SER I 39 2.09 11.22 -27.86
CA SER I 39 1.37 11.99 -28.87
C SER I 39 0.26 11.19 -29.54
N CYS I 40 -0.09 10.01 -29.03
CA CYS I 40 -1.22 9.25 -29.53
C CYS I 40 -2.44 9.56 -28.67
N ASP I 41 -3.49 10.07 -29.31
CA ASP I 41 -4.71 10.40 -28.58
C ASP I 41 -5.50 9.16 -28.17
N LYS I 42 -5.37 8.08 -28.91
CA LYS I 42 -6.06 6.84 -28.58
C LYS I 42 -5.38 6.05 -27.46
N CYS I 43 -4.16 6.42 -27.08
CA CYS I 43 -3.44 5.69 -26.05
C CYS I 43 -3.45 6.39 -24.69
N GLN I 44 -4.29 7.41 -24.50
CA GLN I 44 -4.37 8.14 -23.23
C GLN I 44 -5.60 7.65 -22.50
N LEU I 45 -5.41 6.63 -21.67
CA LEU I 45 -6.54 5.91 -21.10
C LEU I 45 -6.41 5.66 -19.60
N LYS I 46 -5.49 6.34 -18.91
CA LYS I 46 -5.27 6.05 -17.50
C LYS I 46 -4.89 7.31 -16.75
N GLY I 47 -5.55 7.51 -15.61
CA GLY I 47 -5.25 8.64 -14.77
C GLY I 47 -4.00 8.42 -13.98
N GLU I 48 -3.67 9.40 -13.16
CA GLU I 48 -2.49 9.24 -12.33
C GLU I 48 -2.88 8.59 -11.01
N ALA I 49 -1.95 7.81 -10.48
CA ALA I 49 -2.20 6.95 -9.33
C ALA I 49 -1.89 7.73 -8.05
N MET I 50 -2.91 8.36 -7.49
CA MET I 50 -2.81 9.13 -6.26
C MET I 50 -4.20 9.28 -5.68
N HIS I 51 -4.30 9.75 -4.45
CA HIS I 51 -5.58 10.17 -3.92
C HIS I 51 -5.40 11.58 -3.39
N GLY I 52 -6.43 12.39 -3.53
CA GLY I 52 -6.46 13.68 -2.89
C GLY I 52 -6.65 13.57 -1.39
N GLN I 53 -6.86 14.70 -0.76
CA GLN I 53 -7.14 14.73 0.66
C GLN I 53 -8.33 15.65 0.87
N VAL I 54 -9.32 15.22 1.66
CA VAL I 54 -10.45 16.11 1.91
C VAL I 54 -10.06 17.17 2.95
N ASP I 55 -10.79 18.27 2.90
CA ASP I 55 -10.67 19.34 3.90
C ASP I 55 -11.13 18.85 5.27
N CYS I 56 -10.27 18.97 6.27
CA CYS I 56 -10.63 18.58 7.63
C CYS I 56 -10.60 19.76 8.60
N SER I 57 -10.86 20.98 8.09
CA SER I 57 -10.94 22.17 8.93
C SER I 57 -11.95 21.96 10.07
N PRO I 58 -11.76 22.63 11.20
CA PRO I 58 -12.62 22.39 12.36
C PRO I 58 -14.09 22.72 12.14
N GLY I 59 -14.43 23.53 11.14
CA GLY I 59 -15.81 23.87 10.86
C GLY I 59 -16.51 23.19 9.70
N ILE I 60 -15.94 22.16 9.10
CA ILE I 60 -16.49 21.54 7.90
C ILE I 60 -17.29 20.30 8.27
N TRP I 61 -18.50 20.21 7.76
CA TRP I 61 -19.31 19.01 7.85
C TRP I 61 -19.54 18.44 6.44
N GLN I 62 -19.60 17.12 6.35
CA GLN I 62 -19.95 16.43 5.12
C GLN I 62 -21.32 15.79 5.29
N LEU I 63 -22.18 15.98 4.32
CA LEU I 63 -23.55 15.50 4.39
C LEU I 63 -23.86 14.56 3.23
N ASP I 64 -24.79 13.65 3.47
CA ASP I 64 -25.26 12.73 2.44
C ASP I 64 -26.43 11.94 3.01
N CYS I 65 -27.33 11.55 2.12
CA CYS I 65 -28.38 10.61 2.44
C CYS I 65 -27.92 9.19 2.14
N THR I 66 -28.42 8.26 2.93
CA THR I 66 -28.18 6.85 2.72
C THR I 66 -29.52 6.14 2.87
N HIS I 67 -29.65 4.99 2.23
CA HIS I 67 -30.93 4.30 2.16
C HIS I 67 -30.85 2.98 2.90
N LEU I 68 -31.88 2.70 3.70
CA LEU I 68 -31.94 1.46 4.47
C LEU I 68 -33.39 1.06 4.66
N GLU I 69 -33.71 -0.20 4.36
CA GLU I 69 -35.06 -0.77 4.47
C GLU I 69 -36.11 0.17 3.90
N GLY I 70 -35.77 0.81 2.80
CA GLY I 70 -36.72 1.64 2.09
C GLY I 70 -36.91 3.04 2.64
N LYS I 71 -36.20 3.40 3.71
CA LYS I 71 -36.30 4.72 4.30
C LYS I 71 -35.04 5.53 3.99
N VAL I 72 -35.15 6.85 4.09
CA VAL I 72 -34.05 7.75 3.79
C VAL I 72 -33.48 8.25 5.11
N ILE I 73 -32.18 8.08 5.28
CA ILE I 73 -31.46 8.53 6.47
C ILE I 73 -30.52 9.65 6.05
N LEU I 74 -30.73 10.84 6.62
CA LEU I 74 -29.88 11.98 6.35
C LEU I 74 -28.76 12.03 7.39
N VAL I 75 -27.52 11.77 6.93
CA VAL I 75 -26.36 11.64 7.81
C VAL I 75 -25.40 12.79 7.57
N ALA I 76 -24.94 13.41 8.65
CA ALA I 76 -23.90 14.42 8.64
C ALA I 76 -22.75 13.98 9.54
N VAL I 77 -21.54 14.35 9.15
CA VAL I 77 -20.35 14.07 9.94
C VAL I 77 -19.45 15.31 10.02
N HIS I 78 -18.99 15.63 11.22
CA HIS I 78 -17.97 16.66 11.44
C HIS I 78 -16.61 16.06 11.07
N VAL I 79 -15.97 16.60 10.05
CA VAL I 79 -14.84 15.90 9.43
C VAL I 79 -13.70 15.72 10.42
N ALA I 80 -13.40 16.76 11.21
CA ALA I 80 -12.23 16.72 12.08
C ALA I 80 -12.34 15.67 13.17
N SER I 81 -13.55 15.39 13.64
CA SER I 81 -13.70 14.54 14.82
C SER I 81 -14.30 13.17 14.56
N GLY I 82 -15.09 13.01 13.52
CA GLY I 82 -15.83 11.79 13.35
C GLY I 82 -17.18 11.77 14.03
N TYR I 83 -17.56 12.82 14.76
CA TYR I 83 -18.89 12.95 15.34
C TYR I 83 -19.96 12.95 14.24
N ILE I 84 -21.15 12.48 14.58
CA ILE I 84 -22.20 12.34 13.59
C ILE I 84 -23.55 12.76 14.15
N GLU I 85 -24.39 13.19 13.21
CA GLU I 85 -25.79 13.56 13.43
C GLU I 85 -26.54 12.78 12.37
N ALA I 86 -27.70 12.25 12.70
CA ALA I 86 -28.46 11.49 11.72
C ALA I 86 -29.92 11.42 12.14
N GLU I 87 -30.79 11.51 11.15
CA GLU I 87 -32.23 11.35 11.34
C GLU I 87 -32.82 10.67 10.12
N VAL I 88 -33.89 9.92 10.35
CA VAL I 88 -34.76 9.49 9.27
C VAL I 88 -35.57 10.70 8.82
N ILE I 89 -35.60 10.94 7.51
CA ILE I 89 -36.42 12.00 6.95
C ILE I 89 -37.49 11.33 6.09
N PRO I 90 -38.64 11.96 5.85
CA PRO I 90 -39.68 11.29 5.07
C PRO I 90 -39.34 11.15 3.58
N ALA I 91 -38.71 12.16 3.00
CA ALA I 91 -38.28 12.08 1.61
C ALA I 91 -37.02 12.91 1.42
N GLU I 92 -36.22 12.51 0.44
CA GLU I 92 -35.03 13.24 0.02
C GLU I 92 -35.41 14.55 -0.67
N THR I 93 -35.98 15.46 0.11
CA THR I 93 -36.40 16.75 -0.42
C THR I 93 -35.48 17.87 0.06
N GLY I 94 -35.49 18.97 -0.69
CA GLY I 94 -34.78 20.15 -0.25
C GLY I 94 -35.28 20.71 1.05
N GLN I 95 -36.57 20.55 1.35
CA GLN I 95 -37.13 21.07 2.59
C GLN I 95 -36.63 20.31 3.81
N GLU I 96 -36.74 18.97 3.78
CA GLU I 96 -36.18 18.16 4.85
C GLU I 96 -34.70 18.48 5.05
N THR I 97 -33.98 18.77 3.97
CA THR I 97 -32.56 19.01 4.07
C THR I 97 -32.28 20.37 4.70
N ALA I 98 -33.03 21.39 4.29
CA ALA I 98 -32.92 22.70 4.93
C ALA I 98 -33.19 22.59 6.43
N TYR I 99 -34.16 21.77 6.81
CA TYR I 99 -34.50 21.66 8.21
C TYR I 99 -33.37 20.99 9.00
N PHE I 100 -32.91 19.85 8.51
CA PHE I 100 -31.78 19.16 9.10
C PHE I 100 -30.57 20.08 9.25
N LEU I 101 -30.25 20.84 8.22
CA LEU I 101 -29.06 21.68 8.24
C LEU I 101 -29.23 22.83 9.22
N LEU I 102 -30.44 23.37 9.32
CA LEU I 102 -30.69 24.41 10.31
C LEU I 102 -30.56 23.88 11.74
N LYS I 103 -31.08 22.67 12.00
CA LYS I 103 -30.91 22.08 13.32
C LYS I 103 -29.44 21.87 13.66
N LEU I 104 -28.69 21.30 12.71
CA LEU I 104 -27.26 21.08 12.89
C LEU I 104 -26.53 22.40 13.19
N ALA I 105 -26.84 23.46 12.45
CA ALA I 105 -26.15 24.74 12.62
C ALA I 105 -26.53 25.40 13.95
N GLY I 106 -27.76 25.19 14.42
CA GLY I 106 -28.15 25.71 15.71
C GLY I 106 -27.62 24.90 16.87
N ARG I 107 -27.13 23.69 16.62
CA ARG I 107 -26.55 22.97 17.75
C ARG I 107 -25.03 23.01 17.76
N TRP I 108 -24.39 23.08 16.59
CA TRP I 108 -22.93 23.04 16.50
C TRP I 108 -22.47 24.17 15.60
N PRO I 109 -21.24 24.64 15.78
CA PRO I 109 -20.67 25.61 14.83
C PRO I 109 -20.43 24.99 13.47
N VAL I 110 -21.08 25.51 12.44
CA VAL I 110 -20.97 24.94 11.10
C VAL I 110 -20.59 26.08 10.17
N LYS I 111 -19.35 26.07 9.70
CA LYS I 111 -18.83 27.06 8.75
C LYS I 111 -19.04 26.66 7.30
N THR I 112 -18.88 25.37 6.99
CA THR I 112 -19.02 24.91 5.62
C THR I 112 -19.63 23.52 5.64
N VAL I 113 -20.48 23.26 4.65
CA VAL I 113 -21.05 21.94 4.44
C VAL I 113 -20.59 21.45 3.07
N HIS I 114 -20.18 20.19 3.00
CA HIS I 114 -19.72 19.58 1.78
C HIS I 114 -20.62 18.39 1.44
N THR I 115 -21.25 18.44 0.27
CA THR I 115 -22.19 17.42 -0.18
C THR I 115 -21.91 17.09 -1.64
N ASP I 116 -22.58 16.06 -2.12
CA ASP I 116 -22.60 15.77 -3.55
C ASP I 116 -23.62 16.69 -4.22
N ASN I 117 -23.94 16.43 -5.48
CA ASN I 117 -24.73 17.35 -6.29
C ASN I 117 -26.16 16.90 -6.45
N GLY I 118 -26.63 16.07 -5.53
CA GLY I 118 -28.01 15.65 -5.55
C GLY I 118 -28.98 16.82 -5.52
N SER I 119 -30.18 16.55 -5.99
CA SER I 119 -31.19 17.59 -6.16
C SER I 119 -31.52 18.28 -4.84
N ASN I 120 -31.47 17.56 -3.72
CA ASN I 120 -31.87 18.15 -2.45
C ASN I 120 -30.83 19.14 -1.93
N PHE I 121 -29.53 18.85 -2.12
CA PHE I 121 -28.51 19.77 -1.61
C PHE I 121 -28.32 20.98 -2.51
N THR I 122 -28.67 20.88 -3.78
CA THR I 122 -28.47 21.98 -4.71
C THR I 122 -29.66 22.93 -4.74
N SER I 123 -30.72 22.61 -4.01
CA SER I 123 -31.97 23.34 -4.10
C SER I 123 -31.86 24.72 -3.49
N THR I 124 -32.78 25.59 -3.92
CA THR I 124 -32.79 26.97 -3.48
C THR I 124 -33.19 27.10 -2.01
N THR I 125 -34.00 26.17 -1.50
CA THR I 125 -34.35 26.22 -0.09
C THR I 125 -33.13 25.92 0.80
N VAL I 126 -32.33 24.93 0.41
CA VAL I 126 -31.10 24.65 1.15
C VAL I 126 -30.15 25.84 1.07
N LYS I 127 -30.09 26.49 -0.10
CA LYS I 127 -29.27 27.69 -0.24
C LYS I 127 -29.72 28.78 0.72
N ALA I 128 -31.02 29.06 0.75
CA ALA I 128 -31.55 30.07 1.66
C ALA I 128 -31.27 29.73 3.12
N ALA I 129 -31.40 28.45 3.49
CA ALA I 129 -31.03 28.06 4.86
C ALA I 129 -29.56 28.31 5.12
N CYS I 130 -28.69 27.93 4.19
CA CYS I 130 -27.26 28.12 4.38
C CYS I 130 -26.88 29.60 4.39
N TRP I 131 -27.60 30.43 3.63
CA TRP I 131 -27.31 31.85 3.67
C TRP I 131 -27.68 32.44 5.04
N TRP I 132 -28.78 31.97 5.62
CA TRP I 132 -29.26 32.52 6.89
C TRP I 132 -28.32 32.19 8.05
N ALA I 133 -27.81 30.96 8.09
CA ALA I 133 -26.93 30.52 9.17
C ALA I 133 -25.46 30.81 8.91
N GLY I 134 -25.12 31.37 7.75
CA GLY I 134 -23.74 31.71 7.44
C GLY I 134 -22.90 30.52 7.06
N ILE I 135 -23.43 29.59 6.28
CA ILE I 135 -22.76 28.34 5.97
C ILE I 135 -22.34 28.34 4.51
N LYS I 136 -21.05 28.24 4.27
CA LYS I 136 -20.55 27.99 2.92
C LYS I 136 -20.89 26.56 2.49
N GLN I 137 -21.34 26.43 1.25
CA GLN I 137 -21.60 25.12 0.65
C GLN I 137 -20.49 24.76 -0.33
N GLU I 138 -19.92 23.58 -0.15
CA GLU I 138 -18.96 23.00 -1.10
C GLU I 138 -19.63 21.82 -1.78
N PHE I 139 -19.70 21.86 -3.09
CA PHE I 139 -20.27 20.77 -3.85
C PHE I 139 -19.17 19.89 -4.39
N GLY I 140 -19.31 18.59 -4.19
CA GLY I 140 -18.32 17.66 -4.68
C GLY I 140 -18.40 17.56 -6.20
N ILE I 141 -17.29 17.13 -6.79
CA ILE I 141 -17.30 16.83 -8.24
C ILE I 141 -18.33 15.75 -8.51
N PRO I 142 -19.18 15.89 -9.53
CA PRO I 142 -20.21 14.87 -9.78
C PRO I 142 -19.61 13.49 -10.05
N TYR I 143 -20.31 12.45 -9.58
CA TYR I 143 -19.93 11.06 -9.79
C TYR I 143 -18.57 10.73 -9.15
N ASN I 144 -18.22 11.43 -8.09
CA ASN I 144 -16.97 11.22 -7.36
C ASN I 144 -17.25 11.08 -5.87
N PRO I 145 -17.66 9.90 -5.41
CA PRO I 145 -17.99 9.72 -3.97
C PRO I 145 -16.78 9.82 -3.04
N GLN I 146 -15.58 9.57 -3.55
CA GLN I 146 -14.38 9.75 -2.76
C GLN I 146 -14.21 11.19 -2.27
N SER I 147 -14.78 12.15 -3.01
CA SER I 147 -14.85 13.54 -2.53
C SER I 147 -15.53 13.62 -1.18
N GLN I 148 -16.50 12.75 -0.91
CA GLN I 148 -17.14 12.66 0.39
C GLN I 148 -16.85 11.33 1.07
N GLY I 149 -15.64 10.83 0.84
CA GLY I 149 -15.12 9.68 1.58
C GLY I 149 -15.45 9.60 3.06
N VAL I 150 -15.37 10.70 3.81
CA VAL I 150 -15.62 10.60 5.25
C VAL I 150 -17.07 10.23 5.52
N ILE I 151 -18.01 10.92 4.88
CA ILE I 151 -19.40 10.61 5.17
C ILE I 151 -19.78 9.26 4.54
N GLU I 152 -19.07 8.82 3.50
CA GLU I 152 -19.38 7.52 2.93
C GLU I 152 -18.89 6.38 3.82
N SER I 153 -17.65 6.50 4.31
CA SER I 153 -17.15 5.66 5.39
C SER I 153 -18.05 5.68 6.63
N MET I 154 -18.54 6.86 7.02
CA MET I 154 -19.39 6.92 8.21
C MET I 154 -20.76 6.30 7.96
N ASN I 155 -21.25 6.36 6.72
CA ASN I 155 -22.51 5.69 6.41
C ASN I 155 -22.36 4.18 6.50
N LYS I 156 -21.21 3.65 6.09
CA LYS I 156 -20.91 2.25 6.33
C LYS I 156 -20.87 1.92 7.84
N GLU I 157 -20.13 2.72 8.61
CA GLU I 157 -20.05 2.49 10.06
C GLU I 157 -21.44 2.52 10.70
N LEU I 158 -22.28 3.47 10.28
CA LEU I 158 -23.60 3.62 10.86
C LEU I 158 -24.53 2.50 10.44
N LYS I 159 -24.41 2.03 9.21
CA LYS I 159 -25.21 0.89 8.77
C LYS I 159 -24.83 -0.37 9.54
N LYS I 160 -23.53 -0.56 9.80
CA LYS I 160 -23.10 -1.71 10.58
C LYS I 160 -23.63 -1.66 12.01
N ILE I 161 -23.56 -0.49 12.66
CA ILE I 161 -24.07 -0.41 14.03
C ILE I 161 -25.60 -0.54 14.07
N ILE I 162 -26.30 0.04 13.09
CA ILE I 162 -27.75 -0.17 13.02
C ILE I 162 -28.07 -1.65 12.89
N GLY I 163 -27.30 -2.36 12.05
CA GLY I 163 -27.49 -3.80 11.95
C GLY I 163 -27.25 -4.50 13.27
N GLN I 164 -26.29 -4.02 14.04
CA GLN I 164 -26.00 -4.65 15.33
C GLN I 164 -27.14 -4.45 16.33
N VAL I 165 -27.81 -3.30 16.31
CA VAL I 165 -28.81 -3.00 17.33
C VAL I 165 -30.23 -3.05 16.79
N ARG I 166 -30.42 -3.52 15.56
CA ARG I 166 -31.74 -3.50 14.93
C ARG I 166 -32.79 -4.22 15.76
N ASP I 167 -32.44 -5.39 16.31
CA ASP I 167 -33.43 -6.15 17.06
C ASP I 167 -33.61 -5.67 18.49
N GLN I 168 -33.00 -4.55 18.86
CA GLN I 168 -33.28 -3.91 20.13
C GLN I 168 -34.34 -2.83 20.02
N ALA I 169 -34.90 -2.62 18.84
CA ALA I 169 -35.84 -1.53 18.59
C ALA I 169 -36.83 -1.92 17.51
N GLU I 170 -38.06 -1.44 17.66
CA GLU I 170 -39.11 -1.64 16.69
C GLU I 170 -38.88 -0.88 15.39
N HIS I 171 -38.95 0.44 15.44
CA HIS I 171 -38.87 1.27 14.25
C HIS I 171 -37.42 1.57 13.88
N LEU I 172 -37.23 1.97 12.62
CA LEU I 172 -35.89 2.27 12.13
C LEU I 172 -35.34 3.56 12.70
N LYS I 173 -36.17 4.60 12.85
CA LYS I 173 -35.68 5.87 13.38
C LYS I 173 -35.00 5.70 14.75
N THR I 174 -35.55 4.81 15.59
CA THR I 174 -34.99 4.58 16.91
C THR I 174 -33.67 3.83 16.83
N ALA I 175 -33.58 2.83 15.94
CA ALA I 175 -32.29 2.19 15.70
C ALA I 175 -31.25 3.19 15.22
N VAL I 176 -31.67 4.17 14.42
CA VAL I 176 -30.74 5.17 13.93
C VAL I 176 -30.20 6.02 15.07
N GLN I 177 -31.09 6.40 16.00
CA GLN I 177 -30.63 7.20 17.13
C GLN I 177 -29.78 6.40 18.12
N MET I 178 -30.12 5.13 18.32
CA MET I 178 -29.28 4.24 19.12
C MET I 178 -27.88 4.09 18.52
N ALA I 179 -27.81 3.97 17.19
CA ALA I 179 -26.54 3.83 16.52
C ALA I 179 -25.74 5.13 16.61
N VAL I 180 -26.42 6.27 16.48
CA VAL I 180 -25.75 7.57 16.64
C VAL I 180 -25.12 7.68 18.03
N PHE I 181 -25.92 7.44 19.08
CA PHE I 181 -25.40 7.37 20.43
C PHE I 181 -24.17 6.47 20.51
N ILE I 182 -24.30 5.25 20.00
CA ILE I 182 -23.24 4.27 20.16
C ILE I 182 -21.95 4.77 19.52
N HIS I 183 -22.04 5.25 18.28
CA HIS I 183 -20.87 5.71 17.58
C HIS I 183 -20.23 6.88 18.31
N ASN I 184 -21.03 7.87 18.70
CA ASN I 184 -20.49 9.07 19.33
C ASN I 184 -19.86 8.82 20.71
N PHE I 185 -20.42 7.93 21.51
CA PHE I 185 -19.92 7.77 22.86
C PHE I 185 -19.48 6.36 23.25
N LYS I 186 -19.82 5.32 22.49
CA LYS I 186 -19.50 3.96 22.90
C LYS I 186 -18.49 3.27 21.98
N ARG I 187 -17.66 4.03 21.25
CA ARG I 187 -16.64 3.45 20.39
C ARG I 187 -15.40 4.33 20.47
N LYS I 188 -14.30 3.78 20.95
CA LYS I 188 -13.10 4.58 21.13
C LYS I 188 -12.01 4.14 20.17
N GLY I 189 -11.22 5.11 19.75
CA GLY I 189 -10.17 4.92 18.77
C GLY I 189 -9.83 6.25 18.12
N GLY I 190 -8.99 6.20 17.10
CA GLY I 190 -8.63 7.42 16.41
C GLY I 190 -7.53 8.17 17.14
N ILE I 191 -7.41 9.46 16.83
CA ILE I 191 -6.14 10.15 17.11
C ILE I 191 -5.84 10.18 18.60
N GLY I 192 -6.81 10.51 19.44
CA GLY I 192 -6.50 10.61 20.86
C GLY I 192 -7.08 9.52 21.73
N GLY I 193 -7.28 8.33 21.18
CA GLY I 193 -8.00 7.28 21.89
C GLY I 193 -9.38 7.67 22.35
N TYR I 194 -10.02 8.56 21.62
CA TYR I 194 -11.25 9.20 22.02
C TYR I 194 -12.45 8.43 21.48
N SER I 195 -13.60 8.69 22.07
CA SER I 195 -14.84 8.55 21.34
C SER I 195 -15.08 9.82 20.53
N ALA I 196 -15.96 9.74 19.54
CA ALA I 196 -16.17 10.89 18.67
C ALA I 196 -16.79 12.09 19.43
N GLY I 197 -17.65 11.84 20.42
CA GLY I 197 -18.18 12.95 21.21
C GLY I 197 -17.11 13.69 21.97
N GLU I 198 -16.31 12.95 22.74
CA GLU I 198 -15.14 13.53 23.39
C GLU I 198 -14.27 14.28 22.39
N ARG I 199 -14.05 13.70 21.21
CA ARG I 199 -13.14 14.27 20.24
C ARG I 199 -13.67 15.58 19.68
N ILE I 200 -14.98 15.68 19.38
CA ILE I 200 -15.50 16.93 18.83
C ILE I 200 -15.47 18.01 19.91
N VAL I 201 -15.77 17.65 21.15
CA VAL I 201 -15.66 18.63 22.21
C VAL I 201 -14.23 19.15 22.30
N ASP I 202 -13.24 18.25 22.25
CA ASP I 202 -11.86 18.68 22.34
C ASP I 202 -11.48 19.56 21.15
N ILE I 203 -11.87 19.17 19.94
CA ILE I 203 -11.52 19.96 18.76
C ILE I 203 -12.08 21.37 18.88
N ILE I 204 -13.35 21.49 19.29
CA ILE I 204 -13.99 22.80 19.30
C ILE I 204 -13.46 23.66 20.44
N ALA I 205 -13.21 23.05 21.61
CA ALA I 205 -12.64 23.80 22.71
C ALA I 205 -11.21 24.25 22.41
N THR I 206 -10.42 23.37 21.80
CA THR I 206 -9.07 23.72 21.39
C THR I 206 -9.07 24.88 20.41
N ASP I 207 -10.00 24.86 19.45
CA ASP I 207 -10.12 25.98 18.52
C ASP I 207 -10.36 27.29 19.29
N ILE I 208 -11.35 27.28 20.18
CA ILE I 208 -11.68 28.49 20.96
C ILE I 208 -10.45 28.96 21.74
N GLN I 209 -9.84 28.05 22.50
CA GLN I 209 -8.80 28.43 23.44
C GLN I 209 -7.55 28.91 22.72
N THR I 210 -7.15 28.24 21.64
CA THR I 210 -5.96 28.67 20.91
C THR I 210 -6.19 30.00 20.24
N LYS I 211 -7.39 30.20 19.67
CA LYS I 211 -7.71 31.51 19.13
C LYS I 211 -7.47 32.59 20.17
N GLU I 212 -8.02 32.41 21.36
CA GLU I 212 -7.90 33.42 22.41
C GLU I 212 -6.44 33.62 22.85
N LEU I 213 -5.76 32.51 23.16
CA LEU I 213 -4.37 32.56 23.58
C LEU I 213 -3.51 33.35 22.60
N GLN I 214 -3.53 32.95 21.31
CA GLN I 214 -2.66 33.59 20.34
C GLN I 214 -3.09 35.01 20.03
N LYS I 215 -4.38 35.32 20.09
CA LYS I 215 -4.79 36.72 19.93
C LYS I 215 -4.18 37.58 21.01
N GLN I 216 -4.26 37.14 22.27
CA GLN I 216 -3.64 37.90 23.35
C GLN I 216 -2.14 38.02 23.13
N ILE I 217 -1.51 36.93 22.72
CA ILE I 217 -0.07 36.91 22.52
C ILE I 217 0.34 37.93 21.47
N THR I 218 -0.41 38.02 20.38
CA THR I 218 -0.08 38.97 19.33
C THR I 218 -0.42 40.40 19.74
N LYS I 219 -1.41 40.57 20.62
CA LYS I 219 -1.70 41.90 21.12
C LYS I 219 -0.55 42.44 21.96
N ILE I 220 -0.04 41.63 22.89
CA ILE I 220 0.99 42.12 23.80
C ILE I 220 2.36 42.12 23.12
N GLN I 221 2.70 41.01 22.46
CA GLN I 221 3.98 40.89 21.77
C GLN I 221 3.91 41.64 20.45
N ASN I 222 4.93 42.44 20.16
CA ASN I 222 4.99 43.21 18.92
C ASN I 222 6.45 43.43 18.54
N PHE I 223 6.83 42.90 17.38
CA PHE I 223 8.19 43.05 16.90
C PHE I 223 8.17 43.09 15.37
N ARG I 224 9.36 43.23 14.79
CA ARG I 224 9.57 43.22 13.36
C ARG I 224 10.88 42.52 13.05
N VAL I 225 10.82 41.46 12.26
CA VAL I 225 11.99 40.66 11.91
C VAL I 225 12.46 41.09 10.53
N TYR I 226 13.76 41.30 10.40
CA TYR I 226 14.41 41.50 9.11
C TYR I 226 15.32 40.31 8.86
N TYR I 227 15.08 39.62 7.74
CA TYR I 227 15.85 38.45 7.36
C TYR I 227 16.46 38.67 5.99
N ARG I 228 17.50 37.90 5.70
CA ARG I 228 18.12 37.89 4.38
C ARG I 228 18.48 39.30 3.87
N LYS I 236 15.70 41.57 3.87
CA LYS I 236 14.38 41.73 3.28
C LYS I 236 13.56 42.78 4.01
N GLY I 237 12.26 42.82 3.72
CA GLY I 237 11.39 43.82 4.26
C GLY I 237 11.11 43.60 5.73
N PRO I 238 10.22 44.44 6.28
CA PRO I 238 9.83 44.32 7.70
C PRO I 238 8.82 43.20 7.94
N ALA I 239 9.35 41.99 8.07
CA ALA I 239 8.51 40.83 8.31
C ALA I 239 8.00 40.82 9.74
N LYS I 240 6.71 40.53 9.90
CA LYS I 240 6.11 40.43 11.23
C LYS I 240 6.49 39.12 11.88
N LEU I 241 6.80 39.18 13.17
CA LEU I 241 7.29 38.00 13.89
C LEU I 241 6.13 37.12 14.35
N LEU I 242 6.27 35.81 14.13
CA LEU I 242 5.31 34.82 14.58
C LEU I 242 5.84 33.97 15.73
N TRP I 243 7.03 33.41 15.60
CA TRP I 243 7.59 32.56 16.65
C TRP I 243 9.10 32.55 16.55
N LYS I 244 9.75 32.23 17.67
CA LYS I 244 11.19 32.10 17.71
C LYS I 244 11.58 31.02 18.72
N GLY I 245 12.61 30.27 18.37
CA GLY I 245 13.15 29.26 19.27
C GLY I 245 14.02 28.23 18.60
N GLU I 246 14.93 27.64 19.39
CA GLU I 246 15.76 26.52 18.95
C GLU I 246 16.55 26.87 17.68
N GLY I 247 17.02 28.11 17.60
CA GLY I 247 17.70 28.56 16.40
C GLY I 247 16.82 28.66 15.19
N ALA I 248 15.68 29.34 15.30
CA ALA I 248 14.75 29.50 14.19
C ALA I 248 13.82 30.65 14.51
N VAL I 249 13.17 31.17 13.48
CA VAL I 249 12.19 32.24 13.60
C VAL I 249 11.08 31.97 12.60
N VAL I 250 9.84 32.29 12.98
CA VAL I 250 8.70 32.18 12.07
C VAL I 250 8.17 33.57 11.82
N ILE I 251 7.94 33.88 10.54
CA ILE I 251 7.59 35.23 10.11
C ILE I 251 6.42 35.14 9.14
N GLN I 252 5.70 36.27 9.02
CA GLN I 252 4.63 36.43 8.02
C GLN I 252 5.01 37.62 7.15
N ASP I 253 5.79 37.37 6.09
CA ASP I 253 6.24 38.40 5.16
C ASP I 253 5.35 38.37 3.92
N ASN I 254 4.50 39.39 3.78
CA ASN I 254 3.58 39.50 2.65
C ASN I 254 2.69 38.26 2.55
N SER I 255 2.07 37.90 3.67
CA SER I 255 1.16 36.75 3.74
C SER I 255 1.87 35.46 3.32
N ASP I 256 3.14 35.33 3.69
CA ASP I 256 3.90 34.12 3.40
C ASP I 256 4.66 33.73 4.66
N ILE I 257 4.43 32.50 5.11
CA ILE I 257 5.06 31.97 6.32
C ILE I 257 6.24 31.12 5.93
N LYS I 258 7.42 31.46 6.44
CA LYS I 258 8.64 30.72 6.14
C LYS I 258 9.45 30.53 7.40
N VAL I 259 10.12 29.39 7.48
CA VAL I 259 10.97 29.03 8.61
C VAL I 259 12.40 29.41 8.25
N VAL I 260 12.96 30.35 9.00
CA VAL I 260 14.32 30.80 8.73
C VAL I 260 15.20 30.45 9.94
N PRO I 261 16.46 30.09 9.74
CA PRO I 261 17.37 29.90 10.86
C PRO I 261 17.66 31.23 11.55
N ARG I 262 18.21 31.14 12.76
CA ARG I 262 18.47 32.34 13.55
C ARG I 262 19.48 33.24 12.86
N ARG I 263 20.49 32.63 12.22
CA ARG I 263 21.45 33.40 11.45
C ARG I 263 20.78 34.02 10.23
N LYS I 264 21.31 35.17 9.81
CA LYS I 264 20.69 35.98 8.76
C LYS I 264 19.24 36.30 9.11
N ALA I 265 19.03 36.73 10.35
CA ALA I 265 17.71 37.13 10.83
C ALA I 265 17.91 37.97 12.08
N LYS I 266 17.44 39.21 12.05
CA LYS I 266 17.57 40.15 13.15
C LYS I 266 16.19 40.68 13.52
N ILE I 267 15.88 40.66 14.81
CA ILE I 267 14.56 41.05 15.32
C ILE I 267 14.62 42.50 15.78
N ILE I 268 13.59 43.27 15.45
CA ILE I 268 13.46 44.64 15.94
C ILE I 268 12.12 44.78 16.66
N LEU J 2 8.61 18.71 40.30
CA LEU J 2 9.08 17.74 41.28
C LEU J 2 9.52 18.44 42.55
N ASP J 3 10.15 19.60 42.39
CA ASP J 3 10.57 20.40 43.53
C ASP J 3 9.57 21.49 43.88
N GLY J 4 8.35 21.42 43.35
CA GLY J 4 7.28 22.31 43.71
C GLY J 4 6.23 21.70 44.63
N ILE J 5 6.42 20.42 45.00
CA ILE J 5 5.45 19.76 45.87
C ILE J 5 5.37 20.48 47.21
N ASP J 6 6.53 20.87 47.77
CA ASP J 6 6.51 21.66 48.99
C ASP J 6 5.99 23.08 48.73
N LYS J 7 6.38 23.66 47.60
CA LYS J 7 5.84 24.97 47.24
C LYS J 7 4.33 24.91 47.07
N ALA J 8 3.83 23.88 46.39
CA ALA J 8 2.38 23.73 46.21
C ALA J 8 1.70 23.49 47.55
N GLN J 9 2.33 22.71 48.44
CA GLN J 9 1.76 22.48 49.76
C GLN J 9 1.61 23.79 50.53
N GLU J 10 2.66 24.61 50.54
CA GLU J 10 2.57 25.88 51.25
C GLU J 10 1.57 26.82 50.58
N GLU J 11 1.53 26.81 49.25
CA GLU J 11 0.58 27.65 48.53
C GLU J 11 -0.86 27.26 48.85
N HIS J 12 -1.11 25.97 49.03
CA HIS J 12 -2.46 25.53 49.36
C HIS J 12 -2.78 25.79 50.84
N GLU J 13 -1.77 25.69 51.70
CA GLU J 13 -2.00 26.00 53.11
C GLU J 13 -2.29 27.49 53.29
N LYS J 14 -1.73 28.33 52.42
CA LYS J 14 -1.98 29.76 52.51
C LYS J 14 -3.29 30.14 51.84
N TYR J 15 -3.51 29.68 50.60
CA TYR J 15 -4.59 30.17 49.76
C TYR J 15 -5.69 29.16 49.46
N HIS J 16 -5.52 27.90 49.86
CA HIS J 16 -6.52 26.85 49.64
C HIS J 16 -6.89 26.73 48.16
N SER J 17 -5.90 26.90 47.29
CA SER J 17 -6.16 26.88 45.87
C SER J 17 -6.39 25.46 45.37
N ASN J 18 -7.29 25.33 44.41
CA ASN J 18 -7.65 24.01 43.88
C ASN J 18 -6.48 23.43 43.08
N TRP J 19 -6.62 22.17 42.71
CA TRP J 19 -5.50 21.45 42.12
C TRP J 19 -5.14 21.98 40.74
N ARG J 20 -6.09 22.61 40.05
CA ARG J 20 -5.82 23.10 38.70
C ARG J 20 -4.82 24.24 38.71
N ALA J 21 -4.94 25.15 39.67
CA ALA J 21 -3.95 26.21 39.82
C ALA J 21 -2.61 25.65 40.28
N MET J 22 -2.63 24.74 41.26
CA MET J 22 -1.39 24.17 41.78
C MET J 22 -0.64 23.40 40.70
N ALA J 23 -1.36 22.89 39.71
CA ALA J 23 -0.71 22.15 38.64
C ALA J 23 -0.28 23.05 37.48
N SER J 24 -1.09 24.06 37.14
CA SER J 24 -0.71 24.96 36.07
C SER J 24 0.43 25.88 36.48
N ASP J 25 0.59 26.12 37.78
CA ASP J 25 1.61 27.05 38.25
C ASP J 25 2.91 26.36 38.62
N PHE J 26 2.84 25.28 39.40
CA PHE J 26 4.03 24.64 39.97
C PHE J 26 4.52 23.46 39.13
N ASN J 27 3.91 23.22 37.97
CA ASN J 27 4.32 22.17 37.05
C ASN J 27 4.38 20.81 37.75
N LEU J 28 3.22 20.38 38.26
CA LEU J 28 3.10 19.09 38.91
C LEU J 28 1.98 18.28 38.23
N PRO J 29 2.18 16.98 38.07
CA PRO J 29 1.13 16.12 37.50
C PRO J 29 -0.19 16.33 38.21
N PRO J 30 -1.30 16.40 37.47
CA PRO J 30 -2.59 16.70 38.10
C PRO J 30 -2.94 15.78 39.25
N VAL J 31 -2.40 14.56 39.27
CA VAL J 31 -2.69 13.64 40.37
C VAL J 31 -2.02 14.10 41.66
N VAL J 32 -0.78 14.59 41.57
CA VAL J 32 -0.10 15.08 42.77
C VAL J 32 -0.84 16.29 43.34
N ALA J 33 -1.30 17.19 42.47
CA ALA J 33 -2.03 18.35 42.96
C ALA J 33 -3.37 17.96 43.56
N LYS J 34 -4.05 17.00 42.91
CA LYS J 34 -5.29 16.47 43.45
C LYS J 34 -5.07 15.84 44.82
N GLU J 35 -3.90 15.22 45.03
CA GLU J 35 -3.59 14.67 46.34
C GLU J 35 -3.33 15.76 47.36
N ILE J 36 -2.56 16.79 46.98
CA ILE J 36 -2.31 17.90 47.89
C ILE J 36 -3.63 18.54 48.33
N VAL J 37 -4.60 18.60 47.41
CA VAL J 37 -5.90 19.17 47.76
C VAL J 37 -6.80 18.16 48.46
N ALA J 38 -6.50 16.86 48.34
CA ALA J 38 -7.30 15.83 48.95
C ALA J 38 -6.70 15.29 50.24
N SER J 39 -5.68 15.96 50.77
CA SER J 39 -5.04 15.54 52.01
C SER J 39 -5.18 16.58 53.11
N CYS J 40 -6.11 17.52 52.98
CA CYS J 40 -6.35 18.56 53.98
C CYS J 40 -7.85 18.64 54.27
N ASP J 41 -8.20 18.64 55.55
CA ASP J 41 -9.61 18.73 55.92
C ASP J 41 -10.12 20.16 55.87
N LYS J 42 -9.30 21.12 56.31
CA LYS J 42 -9.74 22.52 56.34
C LYS J 42 -10.02 23.06 54.93
N CYS J 43 -9.65 22.32 53.89
CA CYS J 43 -9.95 22.70 52.52
C CYS J 43 -11.04 21.85 51.89
N GLN J 44 -12.13 21.58 52.62
CA GLN J 44 -13.23 20.78 52.10
C GLN J 44 -14.57 21.47 52.36
N SER J 57 -23.23 17.74 37.19
CA SER J 57 -23.63 19.05 36.71
C SER J 57 -23.36 19.27 35.21
N PRO J 58 -22.21 18.83 34.69
CA PRO J 58 -22.06 18.87 33.23
C PRO J 58 -22.97 17.91 32.50
N GLY J 59 -23.64 17.00 33.21
CA GLY J 59 -24.53 16.03 32.60
C GLY J 59 -26.00 16.15 32.95
N ILE J 60 -26.43 17.26 33.53
CA ILE J 60 -27.79 17.42 33.99
C ILE J 60 -28.54 18.31 33.02
N TRP J 61 -29.68 17.83 32.54
CA TRP J 61 -30.53 18.56 31.63
C TRP J 61 -31.92 18.72 32.22
N GLN J 62 -32.54 19.87 31.95
CA GLN J 62 -33.93 20.09 32.31
C GLN J 62 -34.80 20.00 31.07
N LEU J 63 -35.82 19.15 31.14
CA LEU J 63 -36.73 18.90 30.03
C LEU J 63 -38.09 19.52 30.33
N ASP J 64 -38.69 20.13 29.34
CA ASP J 64 -40.04 20.66 29.50
C ASP J 64 -40.65 20.88 28.13
N CYS J 65 -41.97 21.04 28.11
CA CYS J 65 -42.71 21.15 26.87
C CYS J 65 -43.60 22.37 26.95
N THR J 66 -43.23 23.43 26.21
CA THR J 66 -44.04 24.63 26.09
C THR J 66 -45.01 24.50 24.93
N HIS J 67 -45.89 25.48 24.83
CA HIS J 67 -46.94 25.49 23.81
C HIS J 67 -46.99 26.84 23.13
N LEU J 68 -47.02 26.80 21.79
CA LEU J 68 -47.02 28.01 20.99
C LEU J 68 -47.77 27.75 19.70
N GLU J 69 -48.86 28.48 19.49
CA GLU J 69 -49.69 28.39 18.29
C GLU J 69 -50.22 26.99 18.07
N GLY J 70 -50.85 26.44 19.10
CA GLY J 70 -51.45 25.13 19.02
C GLY J 70 -50.48 23.99 18.76
N LYS J 71 -49.19 24.19 19.00
CA LYS J 71 -48.20 23.17 18.75
C LYS J 71 -47.29 23.00 19.96
N VAL J 72 -46.74 21.80 20.10
CA VAL J 72 -45.91 21.45 21.25
C VAL J 72 -44.44 21.67 20.88
N ILE J 73 -43.77 22.51 21.65
CA ILE J 73 -42.33 22.66 21.58
C ILE J 73 -41.74 21.97 22.79
N LEU J 74 -41.09 20.83 22.55
CA LEU J 74 -40.32 20.14 23.58
C LEU J 74 -38.94 20.80 23.68
N VAL J 75 -38.57 21.23 24.87
CA VAL J 75 -37.36 22.03 25.11
C VAL J 75 -36.47 21.30 26.11
N ALA J 76 -35.16 21.32 25.86
CA ALA J 76 -34.17 20.73 26.74
C ALA J 76 -33.07 21.74 27.00
N VAL J 77 -32.89 22.12 28.26
CA VAL J 77 -31.87 23.08 28.67
C VAL J 77 -30.75 22.34 29.38
N HIS J 78 -29.52 22.64 29.01
CA HIS J 78 -28.35 22.22 29.78
C HIS J 78 -28.15 23.23 30.91
N VAL J 79 -28.33 22.79 32.15
CA VAL J 79 -28.46 23.70 33.28
C VAL J 79 -27.17 24.50 33.49
N ALA J 80 -26.03 23.83 33.44
CA ALA J 80 -24.76 24.49 33.78
C ALA J 80 -24.39 25.57 32.76
N SER J 81 -24.84 25.44 31.52
CA SER J 81 -24.39 26.35 30.49
C SER J 81 -25.49 27.22 29.91
N GLY J 82 -26.76 26.84 30.05
CA GLY J 82 -27.82 27.52 29.35
C GLY J 82 -27.97 27.16 27.88
N TYR J 83 -27.22 26.18 27.40
CA TYR J 83 -27.35 25.69 26.04
C TYR J 83 -28.68 24.98 25.86
N ILE J 84 -29.33 25.26 24.74
CA ILE J 84 -30.70 24.82 24.47
C ILE J 84 -30.71 23.88 23.28
N GLU J 85 -31.49 22.81 23.40
CA GLU J 85 -31.95 21.99 22.28
C GLU J 85 -33.48 21.96 22.32
N ALA J 86 -34.11 22.16 21.17
CA ALA J 86 -35.56 22.30 21.11
C ALA J 86 -36.08 21.83 19.76
N GLU J 87 -37.38 21.49 19.71
CA GLU J 87 -37.99 20.97 18.50
C GLU J 87 -39.50 20.90 18.65
N VAL J 88 -40.19 21.40 17.64
CA VAL J 88 -41.62 21.18 17.48
C VAL J 88 -41.86 19.68 17.35
N ILE J 89 -42.59 19.10 18.30
CA ILE J 89 -42.91 17.68 18.23
C ILE J 89 -44.39 17.54 17.91
N PRO J 90 -44.82 16.49 17.19
CA PRO J 90 -46.17 16.47 16.65
C PRO J 90 -47.25 16.22 17.69
N ALA J 91 -46.90 15.57 18.80
CA ALA J 91 -47.87 15.18 19.81
C ALA J 91 -47.17 14.95 21.14
N GLU J 92 -47.64 15.66 22.17
CA GLU J 92 -47.09 15.54 23.52
C GLU J 92 -47.36 14.14 24.06
N THR J 93 -46.53 13.20 23.64
CA THR J 93 -46.69 11.80 23.98
C THR J 93 -45.36 11.20 24.39
N GLY J 94 -45.44 10.16 25.21
CA GLY J 94 -44.24 9.48 25.66
C GLY J 94 -43.40 8.95 24.51
N GLN J 95 -44.03 8.68 23.36
CA GLN J 95 -43.29 8.20 22.21
C GLN J 95 -42.36 9.28 21.66
N GLU J 96 -42.91 10.43 21.28
CA GLU J 96 -42.07 11.49 20.73
C GLU J 96 -41.12 12.05 21.78
N THR J 97 -41.50 11.98 23.06
CA THR J 97 -40.59 12.41 24.12
C THR J 97 -39.42 11.46 24.27
N ALA J 98 -39.68 10.15 24.28
CA ALA J 98 -38.58 9.19 24.34
C ALA J 98 -37.68 9.31 23.13
N TYR J 99 -38.25 9.67 21.97
CA TYR J 99 -37.43 9.88 20.79
C TYR J 99 -36.54 11.12 20.94
N PHE J 100 -37.13 12.25 21.37
CA PHE J 100 -36.34 13.45 21.61
C PHE J 100 -35.22 13.19 22.60
N LEU J 101 -35.50 12.37 23.62
CA LEU J 101 -34.50 12.11 24.66
C LEU J 101 -33.40 11.20 24.16
N LEU J 102 -33.75 10.22 23.32
CA LEU J 102 -32.74 9.37 22.74
C LEU J 102 -31.82 10.17 21.82
N LYS J 103 -32.40 11.08 21.02
CA LYS J 103 -31.61 11.96 20.17
C LYS J 103 -30.65 12.81 20.99
N LEU J 104 -31.20 13.53 21.97
CA LEU J 104 -30.40 14.35 22.87
C LEU J 104 -29.24 13.56 23.45
N ALA J 105 -29.50 12.36 23.96
CA ALA J 105 -28.45 11.60 24.63
C ALA J 105 -27.43 11.06 23.64
N GLY J 106 -27.81 10.88 22.38
CA GLY J 106 -26.83 10.53 21.37
C GLY J 106 -25.99 11.69 20.87
N ARG J 107 -26.41 12.93 21.16
CA ARG J 107 -25.62 14.08 20.73
C ARG J 107 -24.81 14.72 21.86
N TRP J 108 -25.24 14.60 23.11
CA TRP J 108 -24.52 15.18 24.22
C TRP J 108 -24.44 14.15 25.33
N PRO J 109 -23.48 14.26 26.22
CA PRO J 109 -23.38 13.29 27.32
C PRO J 109 -24.36 13.59 28.44
N VAL J 110 -25.58 13.06 28.32
CA VAL J 110 -26.67 13.30 29.25
C VAL J 110 -26.58 12.25 30.36
N LYS J 111 -26.55 12.69 31.62
CA LYS J 111 -26.61 11.76 32.73
C LYS J 111 -27.85 11.90 33.59
N THR J 112 -28.52 13.04 33.57
CA THR J 112 -29.66 13.27 34.43
C THR J 112 -30.60 14.24 33.75
N VAL J 113 -31.89 13.92 33.74
CA VAL J 113 -32.91 14.84 33.26
C VAL J 113 -33.93 15.10 34.35
N HIS J 114 -34.33 16.36 34.51
CA HIS J 114 -35.40 16.79 35.39
C HIS J 114 -36.64 17.18 34.60
N THR J 115 -37.77 16.56 34.94
CA THR J 115 -39.09 16.84 34.36
C THR J 115 -40.09 17.06 35.48
N ASP J 116 -41.29 17.51 35.11
CA ASP J 116 -42.28 18.06 36.03
C ASP J 116 -43.48 17.15 36.28
N ASN J 117 -43.30 15.83 36.13
CA ASN J 117 -44.35 14.84 36.37
C ASN J 117 -45.53 14.99 35.42
N GLY J 118 -45.28 15.42 34.19
CA GLY J 118 -46.28 15.31 33.14
C GLY J 118 -46.50 13.85 32.77
N SER J 119 -47.34 13.64 31.76
CA SER J 119 -47.62 12.27 31.33
C SER J 119 -46.64 11.81 30.27
N ASN J 120 -46.18 12.73 29.40
CA ASN J 120 -45.19 12.36 28.40
C ASN J 120 -43.87 11.97 29.05
N PHE J 121 -43.63 12.44 30.26
CA PHE J 121 -42.37 12.21 30.94
C PHE J 121 -42.40 11.00 31.85
N THR J 122 -43.59 10.49 32.18
CA THR J 122 -43.72 9.40 33.12
C THR J 122 -44.07 8.07 32.45
N SER J 123 -44.18 8.05 31.13
CA SER J 123 -44.61 6.85 30.44
C SER J 123 -43.54 5.75 30.54
N THR J 124 -43.92 4.55 30.10
CA THR J 124 -42.97 3.45 30.05
C THR J 124 -41.98 3.62 28.90
N THR J 125 -42.37 4.30 27.83
CA THR J 125 -41.45 4.44 26.69
C THR J 125 -40.28 5.33 27.06
N VAL J 126 -40.55 6.46 27.73
CA VAL J 126 -39.50 7.37 28.15
C VAL J 126 -38.60 6.71 29.18
N LYS J 127 -39.19 5.94 30.10
CA LYS J 127 -38.37 5.27 31.11
C LYS J 127 -37.52 4.17 30.49
N ALA J 128 -38.03 3.51 29.45
CA ALA J 128 -37.26 2.51 28.73
C ALA J 128 -36.10 3.14 27.98
N ALA J 129 -36.34 4.30 27.35
CA ALA J 129 -35.29 5.01 26.64
C ALA J 129 -34.19 5.48 27.60
N CYS J 130 -34.60 6.07 28.71
CA CYS J 130 -33.63 6.51 29.72
C CYS J 130 -32.87 5.31 30.26
N TRP J 131 -33.52 4.16 30.38
CA TRP J 131 -32.83 2.96 30.82
C TRP J 131 -31.80 2.50 29.81
N TRP J 132 -32.19 2.44 28.53
CA TRP J 132 -31.27 2.05 27.47
C TRP J 132 -30.06 2.97 27.43
N ALA J 133 -30.27 4.28 27.56
CA ALA J 133 -29.20 5.25 27.41
C ALA J 133 -28.43 5.57 28.69
N GLY J 134 -28.77 4.94 29.81
CA GLY J 134 -28.07 5.18 31.06
C GLY J 134 -28.42 6.50 31.71
N ILE J 135 -29.60 7.02 31.44
CA ILE J 135 -30.05 8.32 31.93
C ILE J 135 -30.87 8.11 33.19
N LYS J 136 -30.53 8.84 34.24
CA LYS J 136 -31.32 8.84 35.45
C LYS J 136 -32.36 9.96 35.37
N GLN J 137 -33.61 9.62 35.65
CA GLN J 137 -34.70 10.59 35.63
C GLN J 137 -34.84 11.22 37.02
N GLU J 138 -35.35 12.44 37.07
CA GLU J 138 -35.66 13.12 38.32
C GLU J 138 -36.93 13.93 38.14
N PHE J 139 -37.82 13.85 39.12
CA PHE J 139 -39.11 14.51 39.06
C PHE J 139 -39.27 15.55 40.16
N GLY J 149 -36.56 26.21 37.84
CA GLY J 149 -36.90 27.61 37.65
C GLY J 149 -36.21 28.22 36.45
N VAL J 150 -35.08 27.64 36.06
CA VAL J 150 -34.34 28.16 34.91
C VAL J 150 -35.05 27.78 33.62
N ILE J 151 -35.80 26.68 33.64
CA ILE J 151 -36.50 26.23 32.45
C ILE J 151 -37.59 27.21 32.05
N GLU J 152 -38.27 27.81 33.04
CA GLU J 152 -39.31 28.79 32.73
C GLU J 152 -38.73 30.04 32.10
N SER J 153 -37.67 30.57 32.68
CA SER J 153 -36.99 31.73 32.10
C SER J 153 -36.48 31.43 30.69
N MET J 154 -35.94 30.24 30.48
CA MET J 154 -35.41 29.91 29.16
C MET J 154 -36.55 29.72 28.16
N ASN J 155 -37.67 29.17 28.59
CA ASN J 155 -38.86 29.15 27.73
C ASN J 155 -39.24 30.56 27.32
N LYS J 156 -39.19 31.50 28.26
CA LYS J 156 -39.52 32.89 27.95
C LYS J 156 -38.59 33.46 26.89
N GLU J 157 -37.28 33.25 27.06
CA GLU J 157 -36.32 33.78 26.10
C GLU J 157 -36.50 33.14 24.73
N LEU J 158 -36.63 31.82 24.69
CA LEU J 158 -36.90 31.11 23.44
C LEU J 158 -38.13 31.67 22.74
N LYS J 159 -39.23 31.85 23.49
CA LYS J 159 -40.45 32.40 22.90
C LYS J 159 -40.21 33.80 22.35
N LYS J 160 -39.39 34.59 23.04
CA LYS J 160 -39.13 35.95 22.59
C LYS J 160 -38.33 35.97 21.29
N ILE J 161 -37.30 35.14 21.19
CA ILE J 161 -36.57 35.03 19.93
C ILE J 161 -37.49 34.52 18.83
N ILE J 162 -38.33 33.55 19.15
CA ILE J 162 -39.32 33.06 18.18
C ILE J 162 -40.19 34.21 17.71
N GLY J 163 -40.56 35.10 18.61
CA GLY J 163 -41.33 36.27 18.20
C GLY J 163 -40.57 37.17 17.27
N GLN J 164 -39.27 37.32 17.50
CA GLN J 164 -38.46 38.19 16.64
C GLN J 164 -38.24 37.59 15.26
N VAL J 165 -38.27 36.26 15.14
CA VAL J 165 -37.90 35.63 13.87
C VAL J 165 -39.05 34.85 13.25
N ARG J 166 -40.26 34.96 13.81
CA ARG J 166 -41.37 34.19 13.27
C ARG J 166 -41.76 34.66 11.87
N ASP J 167 -41.50 35.94 11.56
CA ASP J 167 -41.73 36.43 10.21
C ASP J 167 -40.79 35.80 9.20
N GLN J 168 -39.54 35.55 9.59
CA GLN J 168 -38.48 35.07 8.73
C GLN J 168 -38.67 33.62 8.29
N ALA J 169 -39.81 33.02 8.59
CA ALA J 169 -40.05 31.62 8.23
C ALA J 169 -41.51 31.45 7.91
N GLU J 170 -41.79 30.48 7.04
CA GLU J 170 -43.17 30.09 6.81
C GLU J 170 -43.70 29.25 7.97
N HIS J 171 -43.03 28.16 8.31
CA HIS J 171 -43.52 27.23 9.30
C HIS J 171 -42.86 27.50 10.66
N LEU J 172 -43.47 26.94 11.70
CA LEU J 172 -43.05 27.28 13.04
C LEU J 172 -41.87 26.43 13.50
N LYS J 173 -41.68 25.25 12.91
CA LYS J 173 -40.51 24.44 13.23
C LYS J 173 -39.22 25.12 12.77
N THR J 174 -39.27 25.80 11.62
CA THR J 174 -38.11 26.55 11.14
C THR J 174 -37.85 27.75 12.03
N ALA J 175 -38.91 28.42 12.47
CA ALA J 175 -38.75 29.51 13.43
C ALA J 175 -38.15 29.03 14.73
N VAL J 176 -38.56 27.85 15.21
CA VAL J 176 -38.00 27.29 16.44
C VAL J 176 -36.51 27.03 16.26
N GLN J 177 -36.12 26.43 15.14
CA GLN J 177 -34.71 26.11 14.99
C GLN J 177 -33.87 27.37 14.81
N MET J 178 -34.39 28.38 14.11
CA MET J 178 -33.68 29.66 14.02
C MET J 178 -33.53 30.30 15.39
N ALA J 179 -34.57 30.26 16.22
CA ALA J 179 -34.49 30.81 17.56
C ALA J 179 -33.46 30.07 18.40
N VAL J 180 -33.40 28.74 18.27
CA VAL J 180 -32.40 27.95 18.98
C VAL J 180 -31.00 28.36 18.55
N PHE J 181 -30.78 28.43 17.23
CA PHE J 181 -29.50 28.92 16.72
C PHE J 181 -29.13 30.27 17.34
N ILE J 182 -30.06 31.22 17.33
CA ILE J 182 -29.77 32.56 17.84
C ILE J 182 -29.42 32.52 19.31
N HIS J 183 -30.19 31.76 20.09
CA HIS J 183 -29.92 31.61 21.51
C HIS J 183 -28.52 31.04 21.76
N ASN J 184 -28.22 29.88 21.16
CA ASN J 184 -26.97 29.20 21.46
C ASN J 184 -25.75 29.96 20.96
N PHE J 185 -25.82 30.57 19.78
CA PHE J 185 -24.59 31.11 19.19
C PHE J 185 -24.54 32.61 18.97
N LYS J 186 -25.68 33.31 18.94
CA LYS J 186 -25.68 34.74 18.63
C LYS J 186 -25.84 35.62 19.86
N ARG J 187 -26.15 35.05 21.02
CA ARG J 187 -26.39 35.81 22.23
C ARG J 187 -25.19 35.65 23.16
N LYS J 188 -24.20 36.53 23.02
CA LYS J 188 -23.03 36.58 23.88
C LYS J 188 -23.40 37.26 25.18
N GLY J 189 -23.07 36.63 26.30
CA GLY J 189 -23.40 37.18 27.59
C GLY J 189 -22.68 36.47 28.70
N GLY J 190 -22.95 36.91 29.93
CA GLY J 190 -22.30 36.33 31.08
C GLY J 190 -21.06 37.09 31.48
N ILE J 191 -20.26 36.45 32.33
CA ILE J 191 -19.03 37.08 32.83
C ILE J 191 -18.05 37.32 31.68
N GLY J 192 -17.54 36.24 31.10
CA GLY J 192 -16.58 36.31 30.01
C GLY J 192 -17.14 36.77 28.69
N GLY J 193 -18.47 36.88 28.57
CA GLY J 193 -19.08 37.29 27.33
C GLY J 193 -19.19 36.20 26.28
N TYR J 194 -19.42 34.95 26.70
CA TYR J 194 -19.51 33.81 25.80
C TYR J 194 -20.96 33.52 25.44
N SER J 195 -21.14 32.75 24.37
CA SER J 195 -22.46 32.19 24.09
C SER J 195 -22.63 30.84 24.77
N ALA J 196 -23.87 30.36 24.81
CA ALA J 196 -24.15 29.08 25.45
C ALA J 196 -23.45 27.92 24.74
N GLY J 197 -23.20 28.05 23.43
CA GLY J 197 -22.45 27.03 22.72
C GLY J 197 -21.03 26.87 23.26
N GLU J 198 -20.33 27.99 23.41
CA GLU J 198 -18.98 27.95 23.95
C GLU J 198 -18.97 27.50 25.40
N ARG J 199 -19.97 27.91 26.17
CA ARG J 199 -20.02 27.49 27.57
C ARG J 199 -20.24 26.00 27.70
N ILE J 200 -21.14 25.43 26.89
CA ILE J 200 -21.36 23.99 27.02
C ILE J 200 -20.14 23.23 26.55
N VAL J 201 -19.43 23.76 25.54
CA VAL J 201 -18.23 23.06 25.09
C VAL J 201 -17.16 23.08 26.18
N ASP J 202 -16.92 24.26 26.78
CA ASP J 202 -15.95 24.37 27.86
C ASP J 202 -16.31 23.49 29.05
N ILE J 203 -17.59 23.46 29.43
CA ILE J 203 -18.03 22.65 30.56
C ILE J 203 -17.81 21.16 30.27
N ILE J 204 -18.19 20.70 29.08
CA ILE J 204 -18.05 19.28 28.79
C ILE J 204 -16.57 18.90 28.72
N ALA J 205 -15.72 19.79 28.23
CA ALA J 205 -14.30 19.49 28.17
C ALA J 205 -13.69 19.40 29.56
N THR J 206 -14.05 20.34 30.44
CA THR J 206 -13.66 20.21 31.84
C THR J 206 -14.13 18.88 32.42
N ASP J 207 -15.34 18.46 32.05
CA ASP J 207 -15.85 17.20 32.58
C ASP J 207 -15.07 16.01 32.03
N ILE J 208 -14.61 16.10 30.78
CA ILE J 208 -13.78 15.04 30.24
C ILE J 208 -12.47 14.96 31.02
N GLN J 209 -11.90 16.12 31.34
CA GLN J 209 -10.74 16.15 32.23
C GLN J 209 -11.04 15.52 33.57
N THR J 210 -12.16 15.89 34.19
CA THR J 210 -12.52 15.32 35.49
C THR J 210 -12.54 13.80 35.43
N LYS J 211 -13.18 13.25 34.38
CA LYS J 211 -13.33 11.82 34.30
C LYS J 211 -12.02 11.11 33.97
N GLU J 212 -11.16 11.69 33.13
CA GLU J 212 -9.90 11.02 32.84
C GLU J 212 -8.96 11.08 34.05
N LEU J 213 -8.96 12.19 34.78
CA LEU J 213 -8.20 12.25 36.02
C LEU J 213 -8.70 11.20 37.01
N GLN J 214 -10.02 11.02 37.10
CA GLN J 214 -10.56 9.98 37.96
C GLN J 214 -10.14 8.60 37.50
N LYS J 215 -10.09 8.38 36.18
CA LYS J 215 -9.63 7.10 35.67
C LYS J 215 -8.19 6.83 36.09
N GLN J 216 -7.32 7.82 35.94
CA GLN J 216 -5.94 7.65 36.38
C GLN J 216 -5.87 7.29 37.86
N ILE J 217 -6.54 8.08 38.71
CA ILE J 217 -6.49 7.86 40.15
C ILE J 217 -7.05 6.50 40.52
N THR J 218 -8.20 6.14 39.94
CA THR J 218 -8.81 4.83 40.17
C THR J 218 -7.86 3.70 39.81
N LYS J 219 -7.20 3.82 38.65
CA LYS J 219 -6.21 2.83 38.27
C LYS J 219 -5.14 2.69 39.34
N ILE J 220 -4.39 3.76 39.59
CA ILE J 220 -3.21 3.63 40.44
C ILE J 220 -3.52 3.54 41.93
N GLN J 221 -4.79 3.53 42.32
CA GLN J 221 -5.09 3.34 43.74
C GLN J 221 -5.10 1.88 44.16
N ASN J 222 -4.98 0.95 43.22
CA ASN J 222 -4.88 -0.47 43.52
C ASN J 222 -3.45 -0.95 43.67
N PHE J 223 -2.50 -0.07 44.00
CA PHE J 223 -1.09 -0.42 44.10
C PHE J 223 -0.55 -0.14 45.50
N ARG J 224 0.64 -0.69 45.76
CA ARG J 224 1.42 -0.40 46.95
C ARG J 224 2.88 -0.33 46.57
N VAL J 225 3.59 0.67 47.11
CA VAL J 225 5.01 0.85 46.82
C VAL J 225 5.80 0.50 48.08
N TYR J 226 7.12 0.52 47.95
CA TYR J 226 8.05 0.26 49.04
C TYR J 226 9.35 0.98 48.73
N TYR J 227 9.59 2.12 49.38
CA TYR J 227 10.73 2.96 49.08
C TYR J 227 11.79 2.82 50.15
N ARG J 228 13.05 2.84 49.73
CA ARG J 228 14.21 2.76 50.62
C ARG J 228 14.17 1.48 51.46
N TRP J 235 13.50 -2.08 53.88
CA TRP J 235 12.44 -1.40 53.13
C TRP J 235 11.40 -0.80 54.06
N LYS J 236 10.95 0.41 53.73
CA LYS J 236 9.92 1.08 54.52
C LYS J 236 8.57 0.42 54.29
N GLY J 237 7.55 0.90 54.99
CA GLY J 237 6.22 0.31 54.91
C GLY J 237 5.56 0.54 53.57
N PRO J 238 4.40 -0.07 53.40
CA PRO J 238 3.63 0.12 52.15
C PRO J 238 3.15 1.55 52.03
N ALA J 239 3.30 2.11 50.83
CA ALA J 239 3.00 3.52 50.60
C ALA J 239 2.14 3.68 49.35
N LYS J 240 1.19 4.60 49.43
CA LYS J 240 0.28 4.86 48.33
C LYS J 240 1.05 5.37 47.11
N LEU J 241 0.67 4.91 45.93
CA LEU J 241 1.32 5.34 44.70
C LEU J 241 0.59 6.54 44.11
N LEU J 242 1.35 7.56 43.71
CA LEU J 242 0.79 8.78 43.17
C LEU J 242 1.24 9.07 41.75
N TRP J 243 2.52 8.90 41.44
CA TRP J 243 3.00 9.07 40.08
C TRP J 243 4.12 8.06 39.84
N LYS J 244 4.46 7.87 38.57
CA LYS J 244 5.43 6.88 38.13
C LYS J 244 6.08 7.45 36.87
N GLY J 245 6.83 8.54 37.04
CA GLY J 245 7.45 9.21 35.92
C GLY J 245 8.62 8.45 35.33
N GLU J 246 9.31 9.12 34.41
CA GLU J 246 10.46 8.53 33.73
C GLU J 246 11.73 8.58 34.57
N GLY J 247 11.84 9.49 35.53
CA GLY J 247 13.02 9.61 36.33
C GLY J 247 12.77 9.54 37.81
N ALA J 248 11.52 9.34 38.20
CA ALA J 248 11.15 9.30 39.62
C ALA J 248 9.84 8.54 39.78
N VAL J 249 9.48 8.30 41.03
CA VAL J 249 8.22 7.68 41.41
C VAL J 249 7.67 8.43 42.60
N VAL J 250 6.64 9.23 42.38
CA VAL J 250 6.05 10.04 43.43
C VAL J 250 5.04 9.17 44.19
N ILE J 251 5.09 9.23 45.52
CA ILE J 251 4.30 8.38 46.39
C ILE J 251 3.72 9.22 47.52
N GLN J 252 3.05 8.53 48.44
CA GLN J 252 2.55 9.14 49.66
C GLN J 252 2.67 8.11 50.78
N ASP J 253 3.00 8.58 51.98
CA ASP J 253 3.14 7.73 53.15
C ASP J 253 3.07 8.59 54.40
N ASN J 254 2.19 8.22 55.32
CA ASN J 254 1.94 8.99 56.55
C ASN J 254 1.56 10.43 56.20
N SER J 255 0.63 10.57 55.25
CA SER J 255 0.14 11.88 54.80
C SER J 255 1.27 12.79 54.35
N ASP J 256 2.34 12.21 53.84
CA ASP J 256 3.51 12.94 53.39
C ASP J 256 3.93 12.45 52.01
N ILE J 257 4.28 13.38 51.13
CA ILE J 257 4.58 13.07 49.73
C ILE J 257 6.08 13.09 49.54
N LYS J 258 6.63 11.96 49.10
CA LYS J 258 8.06 11.80 48.92
C LYS J 258 8.36 11.36 47.50
N VAL J 259 9.45 11.87 46.94
CA VAL J 259 9.88 11.58 45.59
C VAL J 259 11.14 10.73 45.66
N VAL J 260 11.06 9.49 45.19
CA VAL J 260 12.20 8.57 45.26
C VAL J 260 12.53 8.07 43.86
N PRO J 261 13.79 7.72 43.58
CA PRO J 261 14.13 7.18 42.26
C PRO J 261 13.44 5.84 42.01
N ARG J 262 13.26 5.55 40.71
CA ARG J 262 12.53 4.35 40.31
C ARG J 262 13.27 3.08 40.74
N ARG J 263 14.60 3.12 40.72
CA ARG J 263 15.38 1.95 41.09
C ARG J 263 15.30 1.67 42.59
N LYS J 264 15.16 2.71 43.39
CA LYS J 264 15.19 2.59 44.84
C LYS J 264 13.86 2.17 45.44
N ALA J 265 12.81 2.04 44.62
CA ALA J 265 11.49 1.69 45.11
C ALA J 265 10.95 0.49 44.34
N LYS J 266 9.99 -0.20 44.95
CA LYS J 266 9.42 -1.41 44.40
C LYS J 266 7.90 -1.33 44.46
N ILE J 267 7.26 -1.42 43.31
CA ILE J 267 5.82 -1.27 43.18
C ILE J 267 5.21 -2.63 42.91
N ILE J 268 4.29 -3.06 43.76
CA ILE J 268 3.65 -4.35 43.61
C ILE J 268 2.13 -4.15 43.60
N ARG J 269 1.46 -5.00 42.84
CA ARG J 269 0.01 -4.90 42.67
C ARG J 269 -0.68 -5.61 43.82
N ASP J 270 -1.52 -4.88 44.54
CA ASP J 270 -2.30 -5.45 45.64
C ASP J 270 -3.78 -5.16 45.46
N PHE K 1 -23.72 74.51 22.71
CA PHE K 1 -22.89 74.06 23.81
C PHE K 1 -23.39 74.59 25.15
N LEU K 2 -24.56 75.22 25.14
CA LEU K 2 -25.13 75.72 26.38
C LEU K 2 -25.42 74.57 27.35
N ASP K 3 -25.87 73.43 26.82
CA ASP K 3 -25.96 72.24 27.66
C ASP K 3 -24.59 71.84 28.17
N GLY K 4 -23.58 71.86 27.31
CA GLY K 4 -22.23 71.55 27.75
C GLY K 4 -21.71 72.55 28.78
N ILE K 5 -22.01 73.84 28.57
CA ILE K 5 -21.57 74.86 29.52
C ILE K 5 -22.25 74.66 30.87
N ASP K 6 -23.56 74.41 30.86
CA ASP K 6 -24.26 74.17 32.12
C ASP K 6 -23.74 72.93 32.82
N LYS K 7 -23.46 71.87 32.06
CA LYS K 7 -22.95 70.64 32.65
C LYS K 7 -21.58 70.87 33.28
N ALA K 8 -20.70 71.60 32.59
CA ALA K 8 -19.40 71.88 33.17
C ALA K 8 -19.53 72.74 34.41
N GLN K 9 -20.43 73.72 34.41
CA GLN K 9 -20.60 74.57 35.58
C GLN K 9 -21.13 73.78 36.77
N GLU K 10 -22.09 72.89 36.53
CA GLU K 10 -22.56 72.02 37.61
C GLU K 10 -21.42 71.14 38.13
N GLU K 11 -20.65 70.55 37.23
CA GLU K 11 -19.51 69.75 37.63
C GLU K 11 -18.58 70.54 38.54
N HIS K 12 -18.32 71.80 38.20
CA HIS K 12 -17.44 72.57 39.05
C HIS K 12 -18.12 72.96 40.36
N GLU K 13 -19.46 73.02 40.36
CA GLU K 13 -20.14 73.19 41.64
C GLU K 13 -19.92 72.00 42.55
N LYS K 14 -19.93 70.78 41.99
CA LYS K 14 -19.83 69.54 42.76
C LYS K 14 -18.39 69.10 42.99
N TYR K 15 -17.53 69.23 42.00
CA TYR K 15 -16.22 68.62 42.04
C TYR K 15 -15.05 69.58 42.10
N HIS K 16 -15.16 70.77 41.50
CA HIS K 16 -14.00 71.65 41.35
C HIS K 16 -12.83 70.94 40.71
N SER K 17 -13.09 70.10 39.72
CA SER K 17 -12.01 69.41 39.03
C SER K 17 -11.16 70.40 38.25
N ASN K 18 -10.13 69.88 37.60
CA ASN K 18 -9.27 70.72 36.78
C ASN K 18 -10.05 71.30 35.61
N TRP K 19 -9.76 72.56 35.28
CA TRP K 19 -10.28 73.15 34.06
C TRP K 19 -10.00 72.32 32.81
N ARG K 20 -8.87 71.62 32.77
CA ARG K 20 -8.60 70.79 31.59
C ARG K 20 -9.60 69.64 31.50
N ALA K 21 -10.07 69.13 32.63
CA ALA K 21 -11.19 68.18 32.60
C ALA K 21 -12.46 68.86 32.12
N MET K 22 -12.77 70.04 32.67
CA MET K 22 -14.01 70.72 32.34
C MET K 22 -14.07 71.13 30.87
N ALA K 23 -12.93 71.24 30.19
CA ALA K 23 -12.95 71.48 28.75
C ALA K 23 -13.67 70.37 28.01
N SER K 24 -13.66 69.15 28.56
CA SER K 24 -14.37 68.04 27.93
C SER K 24 -15.88 68.23 28.02
N ASP K 25 -16.38 68.60 29.21
CA ASP K 25 -17.82 68.87 29.33
C ASP K 25 -18.23 70.08 28.49
N PHE K 26 -17.38 71.11 28.45
CA PHE K 26 -17.67 72.25 27.60
C PHE K 26 -17.68 71.84 26.12
N ASN K 27 -16.80 70.92 25.73
CA ASN K 27 -16.58 70.59 24.32
C ASN K 27 -16.24 71.84 23.53
N LEU K 28 -15.46 72.72 24.14
CA LEU K 28 -15.15 74.02 23.57
C LEU K 28 -13.66 74.28 23.72
N PRO K 29 -13.11 75.18 22.90
CA PRO K 29 -11.69 75.53 23.00
C PRO K 29 -11.34 76.10 24.37
N PRO K 30 -10.05 76.20 24.70
CA PRO K 30 -9.65 76.51 26.08
C PRO K 30 -10.13 77.85 26.60
N VAL K 31 -10.40 78.83 25.72
CA VAL K 31 -10.61 80.20 26.16
C VAL K 31 -11.81 80.28 27.09
N VAL K 32 -12.92 79.66 26.71
CA VAL K 32 -14.09 79.63 27.59
C VAL K 32 -13.86 78.71 28.80
N ALA K 33 -13.20 77.57 28.59
CA ALA K 33 -13.06 76.60 29.66
C ALA K 33 -12.25 77.15 30.83
N LYS K 34 -11.34 78.09 30.56
CA LYS K 34 -10.61 78.73 31.66
C LYS K 34 -11.54 79.56 32.54
N GLU K 35 -12.68 80.01 32.01
CA GLU K 35 -13.56 80.88 32.77
C GLU K 35 -14.23 80.18 33.94
N ILE K 36 -14.42 78.86 33.88
CA ILE K 36 -15.01 78.16 35.01
C ILE K 36 -14.11 78.25 36.24
N VAL K 37 -12.80 78.08 36.05
CA VAL K 37 -11.87 78.28 37.16
C VAL K 37 -11.76 79.76 37.51
N ALA K 38 -11.75 80.62 36.48
CA ALA K 38 -11.58 82.06 36.72
C ALA K 38 -12.69 82.62 37.60
N SER K 39 -13.92 82.15 37.40
CA SER K 39 -15.04 82.62 38.20
C SER K 39 -15.18 81.86 39.52
N CYS K 40 -14.45 80.76 39.68
CA CYS K 40 -14.61 79.91 40.86
C CYS K 40 -13.97 80.56 42.07
N ASP K 41 -14.76 80.74 43.13
CA ASP K 41 -14.26 81.38 44.34
C ASP K 41 -13.17 80.54 45.01
N LYS K 42 -13.34 79.22 45.01
CA LYS K 42 -12.36 78.30 45.58
C LYS K 42 -11.23 77.98 44.62
N CYS K 43 -11.03 78.82 43.60
CA CYS K 43 -10.18 78.50 42.46
C CYS K 43 -9.41 79.77 42.10
N GLN K 44 -8.97 79.84 40.84
CA GLN K 44 -8.13 80.90 40.27
C GLN K 44 -6.70 80.72 40.75
N LEU K 45 -6.32 79.48 41.02
CA LEU K 45 -4.95 79.11 41.32
C LEU K 45 -4.31 78.52 40.07
N CYS K 56 8.79 52.22 36.06
CA CYS K 56 8.61 51.62 37.37
C CYS K 56 7.68 50.42 37.26
N SER K 57 7.89 49.44 38.13
CA SER K 57 7.07 48.24 38.10
C SER K 57 5.62 48.58 38.45
N PRO K 58 4.65 47.95 37.79
CA PRO K 58 3.25 48.16 38.18
C PRO K 58 2.93 47.69 39.59
N GLY K 59 3.77 46.84 40.18
CA GLY K 59 3.56 46.30 41.49
C GLY K 59 4.12 47.12 42.63
N ILE K 60 4.42 48.39 42.41
CA ILE K 60 4.96 49.26 43.45
C ILE K 60 3.85 50.10 44.04
N TRP K 61 3.83 50.17 45.37
CA TRP K 61 2.89 51.00 46.09
C TRP K 61 3.62 51.53 47.33
N GLN K 62 3.09 52.60 47.92
CA GLN K 62 3.62 53.08 49.18
C GLN K 62 2.49 53.55 50.08
N LEU K 63 2.65 53.30 51.37
CA LEU K 63 1.64 53.63 52.37
C LEU K 63 2.26 54.58 53.39
N ASP K 64 1.59 55.69 53.66
CA ASP K 64 2.09 56.68 54.60
C ASP K 64 0.94 57.13 55.48
N CYS K 65 1.22 58.07 56.38
CA CYS K 65 0.25 58.53 57.37
C CYS K 65 0.28 60.04 57.47
N THR K 66 -0.82 60.60 57.98
CA THR K 66 -0.92 62.02 58.27
C THR K 66 -1.88 62.21 59.44
N HIS K 67 -1.80 63.38 60.07
CA HIS K 67 -2.49 63.65 61.32
C HIS K 67 -3.37 64.89 61.20
N LEU K 68 -4.17 64.94 60.14
CA LEU K 68 -5.08 66.06 59.90
C LEU K 68 -6.10 66.14 61.02
N GLU K 69 -6.25 67.32 61.61
CA GLU K 69 -7.29 67.60 62.59
C GLU K 69 -7.27 66.62 63.76
N GLY K 70 -6.08 66.15 64.14
CA GLY K 70 -5.95 65.25 65.27
C GLY K 70 -6.33 63.82 65.01
N LYS K 71 -6.67 63.47 63.77
CA LYS K 71 -7.08 62.11 63.40
C LYS K 71 -6.00 61.50 62.51
N VAL K 72 -5.94 60.17 62.50
CA VAL K 72 -4.91 59.45 61.76
C VAL K 72 -5.49 58.98 60.43
N ILE K 73 -4.78 59.27 59.35
CA ILE K 73 -5.20 58.90 58.00
C ILE K 73 -4.07 58.13 57.33
N LEU K 74 -4.36 56.92 56.89
CA LEU K 74 -3.45 56.16 56.04
C LEU K 74 -3.74 56.52 54.60
N VAL K 75 -2.69 56.71 53.81
CA VAL K 75 -2.82 57.07 52.40
C VAL K 75 -1.92 56.15 51.59
N ALA K 76 -2.47 55.56 50.54
CA ALA K 76 -1.72 54.73 49.61
C ALA K 76 -1.73 55.39 48.24
N VAL K 77 -0.63 55.31 47.52
CA VAL K 77 -0.49 55.92 46.21
C VAL K 77 0.18 54.93 45.28
N HIS K 78 -0.37 54.76 44.08
CA HIS K 78 0.34 54.05 43.03
C HIS K 78 1.27 55.03 42.35
N VAL K 79 2.58 54.82 42.53
CA VAL K 79 3.59 55.81 42.17
C VAL K 79 3.54 56.13 40.68
N ALA K 80 3.26 55.13 39.85
CA ALA K 80 3.37 55.29 38.41
C ALA K 80 2.26 56.12 37.79
N SER K 81 1.20 56.46 38.54
CA SER K 81 0.06 57.12 37.92
C SER K 81 -0.70 58.11 38.77
N GLY K 82 -0.27 58.38 40.00
CA GLY K 82 -1.00 59.32 40.84
C GLY K 82 -2.37 58.83 41.29
N TYR K 83 -2.50 57.54 41.57
CA TYR K 83 -3.73 56.97 42.11
C TYR K 83 -3.72 57.15 43.63
N ILE K 84 -4.90 57.07 44.25
CA ILE K 84 -5.02 57.26 45.68
C ILE K 84 -5.93 56.17 46.26
N GLU K 85 -5.49 55.55 47.35
CA GLU K 85 -6.34 54.73 48.20
C GLU K 85 -6.13 55.16 49.65
N ALA K 86 -7.20 55.54 50.32
CA ALA K 86 -7.04 56.08 51.67
C ALA K 86 -8.22 55.68 52.53
N GLU K 87 -8.01 55.76 53.84
CA GLU K 87 -9.02 55.41 54.83
C GLU K 87 -8.64 56.04 56.15
N VAL K 88 -9.61 56.69 56.79
CA VAL K 88 -9.41 57.19 58.14
C VAL K 88 -9.34 56.00 59.09
N ILE K 89 -8.27 55.91 59.85
CA ILE K 89 -7.97 54.77 60.70
C ILE K 89 -8.24 55.17 62.15
N PRO K 90 -8.94 54.34 62.94
CA PRO K 90 -9.21 54.72 64.34
C PRO K 90 -7.95 54.93 65.16
N ALA K 91 -6.89 54.16 64.91
CA ALA K 91 -5.69 54.25 65.73
C ALA K 91 -4.48 53.87 64.90
N GLU K 92 -3.29 54.21 65.42
CA GLU K 92 -2.04 53.95 64.73
C GLU K 92 -1.52 52.53 64.95
N THR K 93 -2.30 51.66 65.59
CA THR K 93 -1.85 50.31 65.87
C THR K 93 -1.62 49.54 64.57
N GLY K 94 -0.66 48.62 64.61
CA GLY K 94 -0.35 47.81 63.44
C GLY K 94 -1.45 46.87 63.04
N GLN K 95 -2.36 46.54 63.96
CA GLN K 95 -3.44 45.62 63.65
C GLN K 95 -4.37 46.18 62.58
N GLU K 96 -4.75 47.46 62.71
CA GLU K 96 -5.65 48.07 61.74
C GLU K 96 -4.95 48.37 60.42
N THR K 97 -3.68 48.77 60.48
CA THR K 97 -2.92 48.92 59.24
C THR K 97 -2.78 47.58 58.52
N ALA K 98 -2.73 46.49 59.26
CA ALA K 98 -2.70 45.17 58.63
C ALA K 98 -3.96 44.94 57.82
N TYR K 99 -5.13 45.25 58.38
CA TYR K 99 -6.39 45.10 57.66
C TYR K 99 -6.42 45.99 56.43
N PHE K 100 -5.94 47.24 56.57
CA PHE K 100 -5.98 48.16 55.43
C PHE K 100 -5.05 47.69 54.32
N LEU K 101 -3.87 47.18 54.69
CA LEU K 101 -3.00 46.62 53.68
C LEU K 101 -3.59 45.36 53.07
N LEU K 102 -4.38 44.61 53.85
CA LEU K 102 -5.06 43.45 53.28
C LEU K 102 -6.00 43.87 52.18
N LYS K 103 -6.77 44.93 52.42
CA LYS K 103 -7.65 45.44 51.37
C LYS K 103 -6.84 45.91 50.16
N LEU K 104 -5.77 46.65 50.39
CA LEU K 104 -4.92 47.13 49.30
C LEU K 104 -4.47 45.97 48.43
N ALA K 105 -4.05 44.88 49.05
CA ALA K 105 -3.51 43.77 48.28
C ALA K 105 -4.61 42.99 47.59
N GLY K 106 -5.78 42.89 48.21
CA GLY K 106 -6.87 42.17 47.57
C GLY K 106 -7.36 42.85 46.32
N ARG K 107 -7.51 44.18 46.37
CA ARG K 107 -8.15 44.89 45.27
C ARG K 107 -7.32 44.95 43.99
N TRP K 108 -6.01 45.08 44.10
CA TRP K 108 -5.13 45.18 42.94
C TRP K 108 -3.94 44.27 43.17
N PRO K 109 -3.29 43.81 42.11
CA PRO K 109 -2.10 42.95 42.30
C PRO K 109 -0.87 43.75 42.72
N VAL K 110 -0.72 43.93 44.03
CA VAL K 110 0.36 44.75 44.59
C VAL K 110 1.55 43.84 44.92
N LYS K 111 2.74 44.26 44.49
CA LYS K 111 3.95 43.46 44.63
C LYS K 111 4.89 43.96 45.71
N THR K 112 5.22 45.25 45.72
CA THR K 112 6.16 45.80 46.69
C THR K 112 5.60 47.07 47.31
N VAL K 113 5.92 47.29 48.58
CA VAL K 113 5.42 48.44 49.33
C VAL K 113 6.60 49.15 49.99
N HIS K 114 6.62 50.48 49.90
CA HIS K 114 7.70 51.31 50.43
C HIS K 114 7.16 52.13 51.60
N THR K 115 7.53 51.74 52.82
CA THR K 115 7.21 52.55 54.00
C THR K 115 8.47 52.82 54.81
N ASP K 116 8.30 53.39 56.00
CA ASP K 116 9.44 53.63 56.88
C ASP K 116 9.68 52.42 57.77
N ASN K 117 10.66 52.53 58.66
CA ASN K 117 10.98 51.47 59.60
C ASN K 117 10.24 51.62 60.92
N GLY K 118 9.07 52.26 60.91
CA GLY K 118 8.35 52.49 62.14
C GLY K 118 7.62 51.25 62.63
N SER K 119 7.38 51.23 63.94
CA SER K 119 6.59 50.15 64.54
C SER K 119 5.18 50.10 63.97
N ASN K 120 4.69 51.20 63.41
CA ASN K 120 3.42 51.19 62.69
C ASN K 120 3.48 50.28 61.47
N PHE K 121 4.68 49.99 60.96
CA PHE K 121 4.84 49.07 59.85
C PHE K 121 5.74 47.87 60.15
N THR K 122 6.63 47.96 61.13
CA THR K 122 7.49 46.84 61.47
C THR K 122 6.83 45.83 62.40
N SER K 123 5.58 46.06 62.79
CA SER K 123 4.93 45.18 63.75
C SER K 123 4.69 43.81 63.13
N THR K 124 4.42 42.84 64.02
CA THR K 124 4.26 41.46 63.61
C THR K 124 3.09 41.27 62.65
N THR K 125 1.97 41.92 62.92
CA THR K 125 0.77 41.70 62.11
C THR K 125 1.00 42.12 60.66
N VAL K 126 1.71 43.23 60.45
CA VAL K 126 1.97 43.66 59.08
C VAL K 126 2.83 42.64 58.36
N LYS K 127 3.82 42.08 59.05
CA LYS K 127 4.65 41.05 58.45
C LYS K 127 3.82 39.84 58.06
N ALA K 128 2.92 39.42 58.94
CA ALA K 128 2.06 38.30 58.61
C ALA K 128 1.15 38.62 57.44
N ALA K 129 0.67 39.86 57.36
CA ALA K 129 -0.19 40.25 56.24
C ALA K 129 0.56 40.15 54.92
N CYS K 130 1.78 40.66 54.89
CA CYS K 130 2.59 40.51 53.68
C CYS K 130 2.83 39.04 53.38
N TRP K 131 3.01 38.22 54.43
CA TRP K 131 3.24 36.81 54.25
C TRP K 131 2.05 36.10 53.61
N TRP K 132 0.84 36.47 54.03
CA TRP K 132 -0.35 35.85 53.46
C TRP K 132 -0.56 36.32 52.03
N ALA K 133 -0.53 37.63 51.81
CA ALA K 133 -0.93 38.16 50.50
C ALA K 133 0.18 38.06 49.48
N GLY K 134 1.43 38.05 49.91
CA GLY K 134 2.52 38.05 48.95
C GLY K 134 2.95 39.44 48.55
N ILE K 135 3.38 40.23 49.53
CA ILE K 135 3.83 41.60 49.30
C ILE K 135 5.17 41.77 49.98
N LYS K 136 6.09 42.47 49.32
CA LYS K 136 7.34 42.87 49.94
C LYS K 136 7.26 44.30 50.45
N GLN K 137 7.93 44.56 51.57
CA GLN K 137 7.87 45.86 52.21
C GLN K 137 9.28 46.37 52.48
N GLU K 138 9.48 47.66 52.28
CA GLU K 138 10.73 48.33 52.61
C GLU K 138 10.56 49.12 53.90
N PHE K 139 11.56 49.07 54.76
CA PHE K 139 11.49 49.70 56.08
C PHE K 139 12.64 50.68 56.22
N GLY K 140 12.33 51.97 56.15
CA GLY K 140 13.31 53.01 56.36
C GLY K 140 13.17 54.11 55.34
N ILE K 141 14.29 54.78 55.07
CA ILE K 141 14.35 55.85 54.08
C ILE K 141 14.62 55.25 52.71
N PRO K 142 13.76 55.47 51.72
CA PRO K 142 14.04 55.01 50.36
C PRO K 142 15.23 55.75 49.76
N TYR K 143 15.83 55.12 48.75
CA TYR K 143 16.98 55.73 48.09
C TYR K 143 16.62 57.05 47.41
N ASN K 144 15.34 57.25 47.09
CA ASN K 144 14.86 58.48 46.46
C ASN K 144 13.72 59.02 47.30
N PRO K 145 14.04 59.75 48.37
CA PRO K 145 12.97 60.34 49.20
C PRO K 145 12.20 61.46 48.51
N GLN K 146 12.56 61.81 47.27
CA GLN K 146 11.79 62.81 46.54
C GLN K 146 10.41 62.28 46.19
N SER K 147 10.28 60.95 46.03
CA SER K 147 8.96 60.36 45.89
C SER K 147 8.12 60.58 47.14
N GLN K 148 8.74 60.43 48.31
CA GLN K 148 8.05 60.72 49.55
C GLN K 148 7.69 62.20 49.64
N GLY K 149 8.57 63.06 49.16
CA GLY K 149 8.24 64.48 49.10
C GLY K 149 7.06 64.77 48.19
N VAL K 150 7.00 64.08 47.06
CA VAL K 150 5.89 64.26 46.13
C VAL K 150 4.58 63.79 46.75
N ILE K 151 4.61 62.64 47.43
CA ILE K 151 3.38 62.16 48.05
C ILE K 151 3.00 63.03 49.25
N GLU K 152 3.98 63.67 49.90
CA GLU K 152 3.64 64.62 50.95
C GLU K 152 3.05 65.89 50.36
N SER K 153 3.53 66.31 49.18
CA SER K 153 2.91 67.42 48.47
C SER K 153 1.47 67.09 48.09
N MET K 154 1.24 65.86 47.65
CA MET K 154 -0.14 65.42 47.39
C MET K 154 -0.95 65.39 48.68
N ASN K 155 -0.31 65.05 49.80
CA ASN K 155 -1.00 65.12 51.08
C ASN K 155 -1.45 66.54 51.37
N LYS K 156 -0.57 67.51 51.12
CA LYS K 156 -0.93 68.90 51.34
C LYS K 156 -2.04 69.35 50.38
N GLU K 157 -2.00 68.86 49.13
CA GLU K 157 -3.07 69.19 48.19
C GLU K 157 -4.39 68.58 48.61
N LEU K 158 -4.36 67.35 49.12
CA LEU K 158 -5.55 66.77 49.71
C LEU K 158 -6.04 67.62 50.87
N LYS K 159 -5.12 68.20 51.63
CA LYS K 159 -5.50 69.01 52.78
C LYS K 159 -6.18 70.30 52.36
N LYS K 160 -5.65 70.96 51.32
CA LYS K 160 -6.34 72.13 50.75
C LYS K 160 -7.70 71.72 50.18
N ILE K 161 -7.74 70.59 49.47
CA ILE K 161 -8.99 70.08 48.94
C ILE K 161 -9.99 69.90 50.06
N ILE K 162 -9.55 69.31 51.17
CA ILE K 162 -10.45 69.07 52.30
C ILE K 162 -10.93 70.39 52.89
N GLY K 163 -10.01 71.35 53.00
CA GLY K 163 -10.38 72.67 53.48
C GLY K 163 -11.48 73.28 52.63
N GLN K 164 -11.55 72.86 51.36
CA GLN K 164 -12.67 73.23 50.50
C GLN K 164 -13.90 72.33 50.65
N VAL K 165 -13.73 71.00 50.61
CA VAL K 165 -14.87 70.10 50.56
C VAL K 165 -15.65 70.11 51.86
N ARG K 166 -14.97 70.32 53.00
CA ARG K 166 -15.64 70.29 54.30
C ARG K 166 -16.86 71.19 54.33
N ASP K 167 -17.01 72.09 53.36
CA ASP K 167 -18.26 72.81 53.15
C ASP K 167 -19.36 71.89 52.62
N GLN K 168 -19.02 70.65 52.27
CA GLN K 168 -19.93 69.72 51.63
C GLN K 168 -19.92 68.33 52.30
N ALA K 169 -19.70 68.27 53.61
CA ALA K 169 -19.75 67.01 54.34
C ALA K 169 -19.93 67.28 55.83
N GLU K 170 -20.46 66.29 56.55
CA GLU K 170 -20.58 66.37 58.00
C GLU K 170 -19.45 65.67 58.75
N HIS K 171 -18.97 64.54 58.25
CA HIS K 171 -17.87 63.86 58.92
C HIS K 171 -16.62 64.04 58.07
N LEU K 172 -15.56 64.54 58.69
CA LEU K 172 -14.32 64.80 57.96
C LEU K 172 -13.79 63.56 57.27
N LYS K 173 -14.10 62.38 57.81
CA LYS K 173 -13.73 61.15 57.12
C LYS K 173 -14.39 61.09 55.74
N THR K 174 -15.65 61.50 55.67
CA THR K 174 -16.31 61.54 54.39
C THR K 174 -15.56 62.43 53.41
N ALA K 175 -15.13 63.60 53.84
CA ALA K 175 -14.42 64.49 52.94
C ALA K 175 -13.07 63.91 52.54
N VAL K 176 -12.45 63.14 53.44
CA VAL K 176 -11.21 62.46 53.07
C VAL K 176 -11.46 61.50 51.91
N GLN K 177 -12.51 60.68 52.02
CA GLN K 177 -12.80 59.76 50.92
C GLN K 177 -13.21 60.52 49.66
N MET K 178 -14.05 61.55 49.81
CA MET K 178 -14.47 62.29 48.65
C MET K 178 -13.27 62.81 47.90
N ALA K 179 -12.30 63.34 48.62
CA ALA K 179 -11.08 63.79 47.96
C ALA K 179 -10.38 62.64 47.27
N VAL K 180 -10.41 61.46 47.89
CA VAL K 180 -9.75 60.32 47.26
C VAL K 180 -10.30 60.14 45.87
N PHE K 181 -11.62 60.17 45.75
CA PHE K 181 -12.25 59.95 44.45
C PHE K 181 -12.01 61.13 43.51
N ILE K 182 -12.10 62.36 44.02
CA ILE K 182 -11.89 63.50 43.15
C ILE K 182 -10.55 63.37 42.48
N HIS K 183 -9.53 63.00 43.24
CA HIS K 183 -8.20 62.88 42.66
C HIS K 183 -8.10 61.67 41.75
N ASN K 184 -8.82 60.59 42.06
CA ASN K 184 -8.76 59.44 41.17
C ASN K 184 -9.27 59.80 39.78
N PHE K 185 -10.40 60.48 39.70
CA PHE K 185 -11.10 60.58 38.43
C PHE K 185 -11.33 61.99 37.93
N LYS K 186 -11.79 62.92 38.77
CA LYS K 186 -12.14 64.22 38.26
C LYS K 186 -10.92 65.08 37.96
N ARG K 187 -9.89 65.00 38.81
CA ARG K 187 -8.68 65.81 38.64
C ARG K 187 -7.78 65.12 37.64
N LYS K 188 -8.14 65.23 36.36
CA LYS K 188 -7.32 64.71 35.29
C LYS K 188 -6.34 65.78 34.82
N GLY K 189 -5.11 65.36 34.57
CA GLY K 189 -4.07 66.29 34.20
C GLY K 189 -2.76 65.54 34.02
N GLY K 190 -1.77 66.26 33.51
CA GLY K 190 -0.49 65.67 33.20
C GLY K 190 -0.49 65.02 31.83
N ILE K 191 0.59 65.26 31.07
CA ILE K 191 0.75 64.73 29.72
C ILE K 191 -0.42 65.16 28.85
N GLY K 192 -1.54 64.44 28.93
CA GLY K 192 -2.67 64.74 28.09
C GLY K 192 -3.99 64.85 28.84
N GLY K 193 -3.92 65.25 30.11
CA GLY K 193 -5.12 65.42 30.91
C GLY K 193 -5.87 64.12 31.14
N TYR K 194 -5.25 63.21 31.87
CA TYR K 194 -5.82 61.90 32.13
C TYR K 194 -6.06 61.72 33.61
N SER K 195 -7.19 61.11 33.95
CA SER K 195 -7.48 60.81 35.35
C SER K 195 -6.59 59.69 35.84
N ALA K 196 -6.41 59.64 37.17
CA ALA K 196 -5.59 58.58 37.74
C ALA K 196 -6.12 57.22 37.34
N GLY K 197 -7.44 57.11 37.19
CA GLY K 197 -8.01 55.86 36.72
C GLY K 197 -7.53 55.49 35.33
N GLU K 198 -7.49 56.47 34.43
CA GLU K 198 -7.08 56.17 33.06
C GLU K 198 -5.64 55.67 33.04
N ARG K 199 -4.75 56.35 33.76
CA ARG K 199 -3.36 55.93 33.77
C ARG K 199 -3.21 54.57 34.43
N ILE K 200 -3.93 54.32 35.53
CA ILE K 200 -3.91 53.01 36.16
C ILE K 200 -4.29 51.93 35.16
N VAL K 201 -5.38 52.13 34.45
CA VAL K 201 -5.86 51.05 33.59
C VAL K 201 -4.90 50.83 32.44
N ASP K 202 -4.39 51.91 31.84
CA ASP K 202 -3.42 51.76 30.76
C ASP K 202 -2.20 51.01 31.24
N ILE K 203 -1.70 51.36 32.43
CA ILE K 203 -0.50 50.73 32.96
C ILE K 203 -0.73 49.24 33.16
N ILE K 204 -1.90 48.86 33.67
CA ILE K 204 -2.05 47.44 33.99
C ILE K 204 -2.30 46.62 32.73
N ALA K 205 -2.95 47.20 31.72
CA ALA K 205 -3.05 46.50 30.45
C ALA K 205 -1.68 46.34 29.79
N GLU K 212 4.04 36.35 32.39
CA GLU K 212 3.25 36.99 31.34
C GLU K 212 3.25 36.14 30.08
N LEU K 213 3.95 36.63 29.05
CA LEU K 213 3.91 35.99 27.74
C LEU K 213 4.39 34.55 27.78
N GLN K 214 5.30 34.20 28.69
CA GLN K 214 5.83 32.85 28.69
C GLN K 214 4.77 31.83 29.09
N LYS K 215 3.87 32.24 29.98
CA LYS K 215 2.73 31.40 30.31
C LYS K 215 1.90 31.08 29.08
N GLN K 216 1.46 32.11 28.34
CA GLN K 216 0.61 31.90 27.18
C GLN K 216 1.34 31.09 26.11
N ILE K 217 2.65 31.27 26.02
CA ILE K 217 3.42 30.54 25.01
C ILE K 217 3.53 29.06 25.36
N THR K 218 3.81 28.75 26.62
CA THR K 218 3.82 27.34 27.01
C THR K 218 2.44 26.72 26.84
N LYS K 219 1.40 27.49 27.15
CA LYS K 219 0.04 27.03 26.92
C LYS K 219 -0.18 26.66 25.45
N ILE K 220 0.20 27.56 24.53
CA ILE K 220 0.01 27.28 23.12
C ILE K 220 0.84 26.08 22.70
N GLN K 221 2.03 25.95 23.25
CA GLN K 221 2.92 24.83 22.95
C GLN K 221 2.46 23.52 23.57
N ASN K 222 1.44 23.54 24.41
CA ASN K 222 0.90 22.31 24.99
C ASN K 222 -0.04 21.55 24.06
N PHE K 223 -0.49 22.16 22.96
CA PHE K 223 -1.50 21.53 22.12
C PHE K 223 -0.86 20.57 21.11
N ARG K 224 -1.53 19.45 20.89
CA ARG K 224 -1.04 18.45 19.97
C ARG K 224 -1.66 18.69 18.60
N VAL K 225 -0.85 18.49 17.56
CA VAL K 225 -1.27 18.68 16.18
C VAL K 225 -1.05 17.40 15.42
N TYR K 226 -2.13 16.87 14.85
CA TYR K 226 -2.08 15.76 13.92
C TYR K 226 -2.31 16.34 12.53
N TYR K 227 -1.49 15.92 11.58
CA TYR K 227 -1.48 16.58 10.28
C TYR K 227 -1.06 15.58 9.21
N ARG K 228 -1.18 16.00 7.97
CA ARG K 228 -0.76 15.19 6.85
C ARG K 228 0.07 16.02 5.88
N ASP K 229 1.00 15.36 5.21
CA ASP K 229 1.65 15.95 4.06
C ASP K 229 0.81 15.73 2.80
N SER K 230 0.93 16.67 1.87
CA SER K 230 0.02 16.75 0.73
C SER K 230 0.13 15.57 -0.24
N ARG K 231 0.86 14.50 0.11
CA ARG K 231 0.85 13.29 -0.68
C ARG K 231 0.98 12.01 0.14
N ASP K 232 0.48 12.00 1.37
CA ASP K 232 0.55 10.82 2.22
C ASP K 232 -0.76 10.68 2.97
N PRO K 233 -1.48 9.57 2.80
CA PRO K 233 -2.80 9.46 3.45
C PRO K 233 -2.71 9.22 4.96
N VAL K 234 -1.60 8.71 5.48
CA VAL K 234 -1.52 8.43 6.90
C VAL K 234 -1.33 9.72 7.66
N TRP K 235 -2.00 9.83 8.80
CA TRP K 235 -1.87 10.99 9.66
C TRP K 235 -0.59 10.89 10.50
N LYS K 236 0.11 12.01 10.62
CA LYS K 236 1.38 12.02 11.32
C LYS K 236 1.18 12.27 12.80
N GLY K 237 2.01 11.60 13.61
CA GLY K 237 1.88 11.59 15.04
C GLY K 237 1.82 12.97 15.65
N PRO K 238 1.45 13.04 16.93
CA PRO K 238 1.25 14.34 17.59
C PRO K 238 2.51 15.20 17.55
N ALA K 239 2.37 16.36 16.94
CA ALA K 239 3.41 17.37 16.85
C ALA K 239 3.00 18.58 17.68
N LYS K 240 3.98 19.40 18.02
CA LYS K 240 3.75 20.46 18.98
C LYS K 240 3.32 21.74 18.28
N LEU K 241 2.27 22.36 18.78
CA LEU K 241 1.77 23.59 18.20
C LEU K 241 2.66 24.76 18.60
N LEU K 242 3.15 25.51 17.62
CA LEU K 242 3.87 26.76 17.87
C LEU K 242 3.05 28.00 17.58
N TRP K 243 2.33 28.03 16.47
CA TRP K 243 1.57 29.19 16.06
C TRP K 243 0.38 28.69 15.26
N LYS K 244 -0.77 29.32 15.48
CA LYS K 244 -1.99 28.96 14.76
C LYS K 244 -2.54 30.19 14.06
N GLY K 245 -2.48 30.20 12.74
CA GLY K 245 -3.04 31.26 11.94
C GLY K 245 -4.36 30.87 11.31
N GLU K 246 -4.86 31.78 10.46
CA GLU K 246 -6.15 31.53 9.83
C GLU K 246 -6.06 30.42 8.80
N GLY K 247 -5.08 30.50 7.90
CA GLY K 247 -4.98 29.54 6.82
C GLY K 247 -3.82 28.60 6.96
N ALA K 248 -3.03 28.74 8.03
CA ALA K 248 -1.89 27.86 8.23
C ALA K 248 -1.62 27.71 9.71
N VAL K 249 -0.97 26.61 10.05
CA VAL K 249 -0.55 26.31 11.41
C VAL K 249 0.93 25.97 11.38
N VAL K 250 1.69 26.51 12.32
CA VAL K 250 3.12 26.27 12.41
C VAL K 250 3.37 25.29 13.54
N ILE K 251 4.06 24.19 13.23
CA ILE K 251 4.29 23.10 14.16
C ILE K 251 5.76 22.72 14.19
N GLN K 252 6.13 21.95 15.20
CA GLN K 252 7.46 21.38 15.35
C GLN K 252 7.31 19.89 15.62
N ASP K 253 7.85 19.07 14.73
CA ASP K 253 7.66 17.62 14.79
C ASP K 253 9.03 16.97 14.92
N ASN K 254 9.49 16.80 16.15
CA ASN K 254 10.78 16.17 16.45
C ASN K 254 11.93 17.06 15.96
N SER K 255 11.98 18.27 16.54
CA SER K 255 13.05 19.24 16.26
C SER K 255 13.05 19.66 14.79
N ASP K 256 11.91 19.50 14.12
CA ASP K 256 11.81 19.83 12.70
C ASP K 256 10.56 20.68 12.52
N ILE K 257 10.75 21.99 12.41
CA ILE K 257 9.64 22.93 12.27
C ILE K 257 9.03 22.78 10.88
N LYS K 258 7.70 22.73 10.83
CA LYS K 258 6.98 22.68 9.58
C LYS K 258 5.78 23.61 9.60
N VAL K 259 5.43 24.12 8.43
CA VAL K 259 4.20 24.86 8.20
C VAL K 259 3.21 23.90 7.54
N VAL K 260 2.03 23.77 8.12
CA VAL K 260 1.00 22.85 7.65
C VAL K 260 -0.24 23.68 7.33
N PRO K 261 -0.86 23.49 6.16
CA PRO K 261 -2.12 24.19 5.88
C PRO K 261 -3.19 23.79 6.88
N ARG K 262 -4.08 24.74 7.15
CA ARG K 262 -5.07 24.57 8.21
C ARG K 262 -5.96 23.37 7.93
N ARG K 263 -6.31 23.15 6.66
CA ARG K 263 -7.17 22.04 6.29
C ARG K 263 -6.50 20.68 6.42
N LYS K 264 -5.19 20.62 6.65
CA LYS K 264 -4.49 19.36 6.81
C LYS K 264 -4.15 19.03 8.26
N ALA K 265 -4.56 19.87 9.21
CA ALA K 265 -4.14 19.72 10.60
C ALA K 265 -5.34 19.56 11.52
N LYS K 266 -5.24 18.64 12.48
CA LYS K 266 -6.19 18.51 13.57
C LYS K 266 -5.48 18.85 14.88
N ILE K 267 -6.02 19.80 15.63
CA ILE K 267 -5.38 20.29 16.83
C ILE K 267 -6.24 19.93 18.03
N ILE K 268 -5.69 19.12 18.93
CA ILE K 268 -6.38 18.73 20.15
C ILE K 268 -5.46 19.04 21.33
N ARG K 269 -6.06 19.15 22.51
CA ARG K 269 -5.28 19.13 23.72
C ARG K 269 -4.94 17.71 24.15
N ASP K 270 -5.87 16.77 23.96
CA ASP K 270 -5.78 15.38 24.43
C ASP K 270 -5.78 15.33 25.95
N TYR K 271 -6.97 15.06 26.51
CA TYR K 271 -7.19 15.25 27.93
C TYR K 271 -6.67 14.09 28.75
N GLY K 272 -6.62 12.90 28.17
CA GLY K 272 -6.08 11.77 28.90
C GLY K 272 -4.61 11.93 29.21
N LYS K 273 -3.80 12.14 28.17
CA LYS K 273 -2.39 12.40 28.37
C LYS K 273 -2.16 13.60 29.26
N GLN K 274 -3.08 14.56 29.23
CA GLN K 274 -2.92 15.77 30.05
C GLN K 274 -3.11 15.46 31.51
N MET K 275 -4.28 14.90 31.86
CA MET K 275 -4.56 14.52 33.24
C MET K 275 -3.51 13.54 33.75
N ALA K 276 -2.89 12.78 32.84
CA ALA K 276 -1.86 11.83 33.25
C ALA K 276 -0.54 12.53 33.55
N GLY K 277 -0.13 13.45 32.68
CA GLY K 277 1.14 14.12 32.82
C GLY K 277 1.97 14.04 31.54
CA PHE L 1 -17.53 51.26 9.08
C PHE L 1 -17.13 50.99 7.64
N LEU L 2 -16.32 49.95 7.46
CA LEU L 2 -15.85 49.50 6.15
C LEU L 2 -17.02 48.67 5.59
N ASP L 3 -18.16 49.34 5.39
CA ASP L 3 -19.37 48.70 4.92
C ASP L 3 -19.80 47.74 6.03
N GLY L 4 -19.38 48.06 7.24
CA GLY L 4 -19.74 47.25 8.38
C GLY L 4 -21.20 47.44 8.70
N ILE L 5 -21.71 48.63 8.41
CA ILE L 5 -23.13 48.94 8.66
C ILE L 5 -23.97 47.98 7.85
N ASP L 6 -23.58 47.82 6.59
CA ASP L 6 -24.28 46.93 5.70
C ASP L 6 -24.32 45.50 6.24
N LYS L 7 -23.15 45.01 6.65
CA LYS L 7 -23.04 43.67 7.19
C LYS L 7 -23.82 43.48 8.49
N ALA L 8 -23.73 44.45 9.39
CA ALA L 8 -24.43 44.39 10.66
C ALA L 8 -25.94 44.40 10.44
N GLN L 9 -26.35 45.15 9.42
CA GLN L 9 -27.76 45.27 9.10
C GLN L 9 -28.36 43.94 8.71
N GLU L 10 -27.66 43.20 7.86
CA GLU L 10 -28.17 41.91 7.43
C GLU L 10 -28.11 40.89 8.56
N GLU L 11 -27.09 40.98 9.40
CA GLU L 11 -26.96 40.07 10.54
C GLU L 11 -28.19 40.28 11.42
N HIS L 12 -28.53 41.54 11.65
CA HIS L 12 -29.66 41.87 12.49
C HIS L 12 -31.00 41.46 11.88
N GLU L 13 -31.09 41.60 10.56
CA GLU L 13 -32.30 41.28 9.83
C GLU L 13 -32.70 39.82 10.04
N LYS L 14 -31.70 38.96 10.21
CA LYS L 14 -31.93 37.53 10.46
C LYS L 14 -32.01 37.16 11.93
N TYR L 15 -31.00 37.57 12.70
CA TYR L 15 -30.91 37.22 14.11
C TYR L 15 -31.30 38.28 15.13
N HIS L 16 -31.60 39.50 14.66
CA HIS L 16 -31.97 40.61 15.54
C HIS L 16 -31.01 40.78 16.71
N SER L 17 -29.73 40.79 16.38
CA SER L 17 -28.64 40.95 17.33
C SER L 17 -28.69 42.28 18.10
N ASN L 18 -28.25 42.25 19.35
CA ASN L 18 -28.22 43.43 20.22
C ASN L 18 -27.15 44.39 19.72
N TRP L 19 -27.22 45.65 20.13
CA TRP L 19 -26.25 46.63 19.66
C TRP L 19 -24.81 46.41 20.13
N ARG L 20 -24.62 45.89 21.34
CA ARG L 20 -23.28 45.65 21.84
C ARG L 20 -22.61 44.62 20.95
N ALA L 21 -23.37 43.58 20.64
CA ALA L 21 -22.89 42.50 19.79
C ALA L 21 -22.54 43.02 18.40
N MET L 22 -23.39 43.86 17.83
CA MET L 22 -23.11 44.37 16.50
C MET L 22 -21.96 45.36 16.49
N ALA L 23 -21.85 46.14 17.57
CA ALA L 23 -20.79 47.12 17.69
C ALA L 23 -19.46 46.38 17.71
N SER L 24 -19.43 45.30 18.48
CA SER L 24 -18.22 44.49 18.62
C SER L 24 -17.92 43.62 17.39
N ASP L 25 -18.94 42.93 16.89
CA ASP L 25 -18.76 42.05 15.74
C ASP L 25 -18.37 42.80 14.47
N PHE L 26 -19.01 43.93 14.18
CA PHE L 26 -18.69 44.65 12.95
C PHE L 26 -17.90 45.92 13.13
N ASN L 27 -17.28 46.08 14.30
CA ASN L 27 -16.47 47.25 14.61
C ASN L 27 -17.15 48.55 14.23
N LEU L 28 -18.34 48.74 14.78
CA LEU L 28 -19.11 49.94 14.53
C LEU L 28 -19.19 50.70 15.83
N PRO L 29 -19.23 52.04 15.76
CA PRO L 29 -19.34 52.81 16.99
C PRO L 29 -20.73 52.50 17.57
N PRO L 30 -20.84 52.44 18.91
CA PRO L 30 -22.13 52.15 19.56
C PRO L 30 -23.34 52.90 19.04
N VAL L 31 -23.17 54.19 18.73
CA VAL L 31 -24.27 55.01 18.24
C VAL L 31 -24.85 54.47 16.92
N VAL L 32 -23.98 53.95 16.05
CA VAL L 32 -24.40 53.39 14.78
C VAL L 32 -25.14 52.08 15.02
N ALA L 33 -24.59 51.25 15.90
CA ALA L 33 -25.21 49.97 16.21
C ALA L 33 -26.58 50.16 16.86
N LYS L 34 -26.68 51.09 17.79
CA LYS L 34 -27.95 51.34 18.48
C LYS L 34 -29.01 51.86 17.52
N GLU L 35 -28.57 52.48 16.43
CA GLU L 35 -29.49 53.01 15.44
C GLU L 35 -30.08 51.86 14.61
N ILE L 36 -29.28 50.83 14.36
CA ILE L 36 -29.77 49.68 13.61
C ILE L 36 -30.92 49.04 14.39
N VAL L 37 -30.75 48.94 15.70
CA VAL L 37 -31.77 48.37 16.55
C VAL L 37 -32.99 49.27 16.55
N ALA L 38 -32.78 50.57 16.75
CA ALA L 38 -33.88 51.54 16.76
C ALA L 38 -34.70 51.51 15.46
N SER L 39 -34.04 51.24 14.34
CA SER L 39 -34.73 51.19 13.05
C SER L 39 -35.58 49.94 12.88
N CYS L 40 -35.30 48.90 13.64
CA CYS L 40 -36.05 47.65 13.50
C CYS L 40 -37.40 47.62 14.21
N ASP L 41 -38.45 47.19 13.51
CA ASP L 41 -39.78 47.13 14.11
C ASP L 41 -39.95 46.02 15.12
N LYS L 42 -39.08 45.01 15.07
CA LYS L 42 -39.18 43.87 15.99
C LYS L 42 -38.44 44.06 17.33
N CYS L 43 -37.68 45.14 17.46
CA CYS L 43 -36.92 45.33 18.69
C CYS L 43 -37.13 46.61 19.52
N GLN L 44 -36.26 46.76 20.52
CA GLN L 44 -36.25 47.90 21.44
C GLN L 44 -34.82 47.94 21.95
N LEU L 45 -34.31 49.14 22.25
CA LEU L 45 -32.93 49.29 22.71
C LEU L 45 -32.56 48.69 24.07
N CYS L 56 -22.55 43.04 28.46
CA CYS L 56 -23.77 43.63 28.99
C CYS L 56 -23.68 45.15 28.94
N SER L 57 -22.84 45.74 29.79
CA SER L 57 -22.61 47.19 29.75
C SER L 57 -21.47 47.54 30.70
N PRO L 58 -20.24 47.51 30.28
CA PRO L 58 -19.16 47.60 31.26
C PRO L 58 -19.20 48.89 32.08
N GLY L 59 -19.39 48.73 33.38
CA GLY L 59 -19.73 49.82 34.27
C GLY L 59 -21.04 49.53 34.97
N ILE L 60 -21.51 48.30 34.88
CA ILE L 60 -22.72 47.85 35.55
C ILE L 60 -22.32 46.88 36.66
N TRP L 61 -22.55 47.29 37.90
CA TRP L 61 -22.22 46.52 39.07
C TRP L 61 -23.49 46.15 39.82
N GLN L 62 -23.44 45.05 40.53
CA GLN L 62 -24.50 44.66 41.45
C GLN L 62 -24.06 44.99 42.87
N LEU L 63 -25.04 45.26 43.73
CA LEU L 63 -24.79 45.35 45.16
C LEU L 63 -25.86 44.54 45.87
N ASP L 64 -25.49 43.95 47.01
CA ASP L 64 -26.41 43.10 47.76
C ASP L 64 -25.96 43.04 49.21
N CYS L 65 -26.85 42.59 50.06
CA CYS L 65 -26.58 42.45 51.49
C CYS L 65 -26.64 40.99 51.87
N THR L 66 -25.67 40.53 52.66
CA THR L 66 -25.61 39.16 53.12
C THR L 66 -25.32 39.12 54.61
N HIS L 67 -25.77 38.05 55.26
CA HIS L 67 -25.57 37.82 56.68
C HIS L 67 -24.81 36.53 56.89
N LEU L 68 -23.96 36.51 57.92
CA LEU L 68 -23.18 35.30 58.24
C LEU L 68 -22.77 35.37 59.70
N GLU L 69 -23.18 34.37 60.48
CA GLU L 69 -22.84 34.26 61.90
C GLU L 69 -23.17 35.53 62.66
N GLY L 70 -24.33 36.09 62.38
CA GLY L 70 -24.77 37.31 63.03
C GLY L 70 -24.11 38.57 62.55
N LYS L 71 -23.31 38.52 61.48
CA LYS L 71 -22.63 39.67 60.93
C LYS L 71 -23.14 39.96 59.53
N VAL L 72 -23.24 41.24 59.20
CA VAL L 72 -23.79 41.68 57.92
C VAL L 72 -22.65 42.04 56.98
N ILE L 73 -22.72 41.55 55.74
CA ILE L 73 -21.69 41.76 54.73
C ILE L 73 -22.32 42.29 53.47
N LEU L 74 -21.86 43.47 53.03
CA LEU L 74 -22.29 44.09 51.78
C LEU L 74 -21.29 43.73 50.70
N VAL L 75 -21.77 43.19 49.58
CA VAL L 75 -20.91 42.63 48.56
C VAL L 75 -21.11 43.39 47.26
N ALA L 76 -20.02 43.92 46.71
CA ALA L 76 -20.04 44.54 45.39
C ALA L 76 -19.69 43.50 44.35
N VAL L 77 -20.27 43.65 43.17
CA VAL L 77 -20.14 42.68 42.09
C VAL L 77 -19.82 43.42 40.79
N HIS L 78 -19.06 42.80 39.90
CA HIS L 78 -19.07 43.25 38.51
C HIS L 78 -19.72 42.16 37.66
N VAL L 79 -20.69 42.58 36.83
CA VAL L 79 -21.36 41.64 35.95
C VAL L 79 -20.43 41.13 34.86
N ALA L 80 -19.66 42.04 34.26
CA ALA L 80 -18.97 41.69 33.02
C ALA L 80 -17.78 40.78 33.23
N SER L 81 -17.29 40.60 34.45
CA SER L 81 -16.29 39.56 34.65
C SER L 81 -16.36 38.84 35.98
N GLY L 82 -17.34 39.14 36.84
CA GLY L 82 -17.33 38.56 38.17
C GLY L 82 -16.16 38.98 39.03
N TYR L 83 -15.75 40.24 38.95
CA TYR L 83 -14.81 40.81 39.90
C TYR L 83 -15.59 41.33 41.10
N ILE L 84 -15.10 41.05 42.31
CA ILE L 84 -15.85 41.31 43.53
C ILE L 84 -15.08 42.27 44.43
N GLU L 85 -15.79 43.21 45.02
CA GLU L 85 -15.31 43.92 46.19
C GLU L 85 -16.27 43.62 47.33
N ALA L 86 -15.74 43.60 48.55
CA ALA L 86 -16.60 43.35 49.71
C ALA L 86 -15.95 43.90 50.96
N GLU L 87 -16.79 44.17 51.96
CA GLU L 87 -16.31 44.56 53.27
C GLU L 87 -17.41 44.31 54.30
N VAL L 88 -16.97 43.92 55.50
CA VAL L 88 -17.92 43.68 56.58
C VAL L 88 -18.51 45.00 57.06
N ILE L 89 -19.82 45.04 57.21
CA ILE L 89 -20.53 46.26 57.59
C ILE L 89 -20.86 46.20 59.07
N PRO L 90 -20.64 47.27 59.84
CA PRO L 90 -21.02 47.25 61.26
C PRO L 90 -22.49 46.99 61.49
N ALA L 91 -23.37 47.53 60.66
CA ALA L 91 -24.80 47.38 60.85
C ALA L 91 -25.51 47.57 59.53
N GLU L 92 -26.73 47.01 59.44
CA GLU L 92 -27.47 47.04 58.19
C GLU L 92 -28.05 48.41 57.86
N THR L 93 -27.70 49.44 58.62
CA THR L 93 -28.31 50.76 58.42
C THR L 93 -27.94 51.32 57.05
N GLY L 94 -28.71 52.33 56.62
CA GLY L 94 -28.49 52.92 55.32
C GLY L 94 -27.18 53.68 55.21
N GLN L 95 -26.78 54.41 56.25
CA GLN L 95 -25.61 55.28 56.14
C GLN L 95 -24.36 54.46 55.87
N GLU L 96 -24.22 53.32 56.52
CA GLU L 96 -23.08 52.46 56.21
C GLU L 96 -23.10 52.04 54.76
N THR L 97 -24.29 51.73 54.23
CA THR L 97 -24.40 51.36 52.83
C THR L 97 -23.94 52.49 51.93
N ALA L 98 -24.35 53.71 52.26
CA ALA L 98 -23.93 54.85 51.46
C ALA L 98 -22.42 55.01 51.51
N TYR L 99 -21.82 54.81 52.68
CA TYR L 99 -20.37 54.96 52.77
C TYR L 99 -19.68 53.91 51.91
N PHE L 100 -20.17 52.68 51.93
CA PHE L 100 -19.54 51.64 51.11
C PHE L 100 -19.70 51.96 49.63
N LEU L 101 -20.87 52.42 49.24
CA LEU L 101 -21.07 52.75 47.83
C LEU L 101 -20.15 53.88 47.42
N LEU L 102 -19.94 54.84 48.32
CA LEU L 102 -18.97 55.89 48.06
C LEU L 102 -17.59 55.30 47.82
N LYS L 103 -17.14 54.45 48.74
CA LYS L 103 -15.82 53.90 48.60
C LYS L 103 -15.69 53.17 47.27
N LEU L 104 -16.74 52.46 46.87
CA LEU L 104 -16.74 51.80 45.57
C LEU L 104 -16.53 52.80 44.45
N ALA L 105 -17.32 53.88 44.46
CA ALA L 105 -17.18 54.86 43.37
C ALA L 105 -15.79 55.40 43.32
N GLY L 106 -15.11 55.47 44.46
CA GLY L 106 -13.79 56.05 44.50
C GLY L 106 -12.74 55.28 43.71
N ARG L 107 -13.01 54.01 43.41
CA ARG L 107 -11.99 53.15 42.84
C ARG L 107 -12.17 52.89 41.35
N TRP L 108 -13.39 52.74 40.87
CA TRP L 108 -13.66 52.40 39.48
C TRP L 108 -14.77 53.30 38.96
N PRO L 109 -14.80 53.54 37.68
CA PRO L 109 -15.89 54.38 37.16
C PRO L 109 -17.23 53.67 37.17
N VAL L 110 -17.77 53.46 38.36
CA VAL L 110 -19.10 52.87 38.49
C VAL L 110 -20.12 53.83 37.90
N LYS L 111 -20.99 53.31 37.03
CA LYS L 111 -21.98 54.12 36.37
C LYS L 111 -23.42 53.76 36.71
N THR L 112 -23.68 52.53 37.15
CA THR L 112 -25.04 52.12 37.45
C THR L 112 -25.00 50.83 38.27
N VAL L 113 -25.75 50.80 39.36
CA VAL L 113 -25.80 49.63 40.23
C VAL L 113 -27.23 49.15 40.34
N HIS L 114 -27.39 47.84 40.55
CA HIS L 114 -28.70 47.22 40.71
C HIS L 114 -28.81 46.67 42.12
N THR L 115 -29.89 47.03 42.81
CA THR L 115 -30.09 46.64 44.20
C THR L 115 -31.32 45.74 44.31
N ASP L 116 -31.72 45.45 45.55
CA ASP L 116 -32.85 44.57 45.83
C ASP L 116 -34.01 45.30 46.50
N ASN L 117 -34.07 46.63 46.37
CA ASN L 117 -35.22 47.42 46.82
C ASN L 117 -35.43 47.32 48.33
N GLY L 118 -34.37 47.01 49.08
CA GLY L 118 -34.48 46.91 50.52
C GLY L 118 -34.69 48.27 51.17
N SER L 119 -35.21 48.24 52.39
CA SER L 119 -35.44 49.48 53.12
C SER L 119 -34.14 50.22 53.38
N ASN L 120 -33.09 49.48 53.74
CA ASN L 120 -31.79 50.09 53.95
C ASN L 120 -31.21 50.67 52.67
N PHE L 121 -31.63 50.16 51.50
CA PHE L 121 -31.15 50.67 50.23
C PHE L 121 -32.04 51.77 49.66
N THR L 122 -33.35 51.68 49.88
CA THR L 122 -34.26 52.76 49.52
C THR L 122 -34.14 53.96 50.46
N SER L 123 -33.26 53.88 51.47
CA SER L 123 -33.02 55.02 52.33
C SER L 123 -32.53 56.20 51.52
N THR L 124 -32.97 57.39 51.89
CA THR L 124 -32.67 58.58 51.11
C THR L 124 -31.17 58.82 51.00
N THR L 125 -30.43 58.46 52.05
CA THR L 125 -28.99 58.73 52.07
C THR L 125 -28.29 58.04 50.91
N VAL L 126 -28.73 56.83 50.56
CA VAL L 126 -28.14 56.13 49.43
C VAL L 126 -28.36 56.90 48.14
N LYS L 127 -29.59 57.41 47.94
CA LYS L 127 -29.85 58.20 46.76
C LYS L 127 -28.97 59.43 46.72
N ALA L 128 -28.81 60.09 47.87
CA ALA L 128 -27.97 61.28 47.91
C ALA L 128 -26.53 60.94 47.55
N ALA L 129 -26.02 59.84 48.08
CA ALA L 129 -24.66 59.44 47.77
C ALA L 129 -24.50 59.22 46.27
N CYS L 130 -25.48 58.56 45.66
CA CYS L 130 -25.44 58.41 44.22
C CYS L 130 -25.43 59.78 43.55
N TRP L 131 -26.20 60.71 44.11
CA TRP L 131 -26.38 62.01 43.47
C TRP L 131 -25.07 62.79 43.40
N TRP L 132 -24.28 62.75 44.46
CA TRP L 132 -23.01 63.47 44.43
C TRP L 132 -21.93 62.67 43.74
N ALA L 133 -22.06 61.36 43.71
CA ALA L 133 -21.00 60.60 43.07
C ALA L 133 -21.22 60.45 41.58
N GLY L 134 -22.47 60.42 41.14
CA GLY L 134 -22.76 60.10 39.75
C GLY L 134 -22.87 58.61 39.55
N ILE L 135 -23.79 57.99 40.27
CA ILE L 135 -24.09 56.58 40.14
C ILE L 135 -25.60 56.43 39.95
N LYS L 136 -26.01 55.62 38.98
CA LYS L 136 -27.43 55.41 38.74
C LYS L 136 -27.87 54.09 39.36
N GLN L 137 -29.15 54.00 39.69
CA GLN L 137 -29.71 52.83 40.37
C GLN L 137 -30.87 52.28 39.56
N GLU L 138 -30.72 51.05 39.09
CA GLU L 138 -31.82 50.30 38.48
C GLU L 138 -32.27 49.25 39.50
N PHE L 139 -33.32 49.56 40.24
CA PHE L 139 -33.77 48.66 41.28
C PHE L 139 -34.47 47.44 40.67
N GLY L 140 -34.97 46.58 41.55
CA GLY L 140 -35.70 45.40 41.13
C GLY L 140 -34.73 44.25 40.84
N ILE L 141 -34.90 43.61 39.68
CA ILE L 141 -33.97 42.58 39.23
C ILE L 141 -33.35 43.05 37.91
N PRO L 142 -32.10 42.69 37.63
CA PRO L 142 -31.46 43.17 36.40
C PRO L 142 -32.18 42.66 35.15
N TYR L 143 -32.06 43.42 34.07
CA TYR L 143 -32.83 43.20 32.85
C TYR L 143 -32.06 42.39 31.81
N ASN L 144 -31.14 41.54 32.25
CA ASN L 144 -30.43 40.63 31.34
C ASN L 144 -30.40 39.25 31.97
N PRO L 145 -30.84 38.20 31.24
CA PRO L 145 -30.96 36.88 31.87
C PRO L 145 -29.64 36.14 32.00
N GLN L 146 -28.60 36.84 32.41
CA GLN L 146 -27.34 36.22 32.82
C GLN L 146 -27.00 36.60 34.26
N SER L 147 -27.08 37.89 34.60
CA SER L 147 -26.79 38.34 35.95
C SER L 147 -27.81 37.83 36.96
N GLN L 148 -29.06 37.63 36.53
CA GLN L 148 -30.18 37.41 37.45
C GLN L 148 -29.94 36.24 38.38
N GLY L 149 -29.36 35.15 37.85
CA GLY L 149 -29.08 34.00 38.67
C GLY L 149 -27.62 33.91 39.07
N VAL L 150 -26.74 34.49 38.25
CA VAL L 150 -25.32 34.37 38.55
C VAL L 150 -24.98 35.15 39.81
N ILE L 151 -25.75 36.22 40.12
CA ILE L 151 -25.45 36.97 41.33
C ILE L 151 -25.57 36.08 42.57
N GLU L 152 -26.66 35.31 42.64
CA GLU L 152 -26.82 34.39 43.77
C GLU L 152 -25.83 33.24 43.68
N SER L 153 -25.51 32.80 42.45
CA SER L 153 -24.55 31.71 42.29
C SER L 153 -23.18 32.10 42.84
N MET L 154 -22.72 33.32 42.57
CA MET L 154 -21.40 33.73 43.04
C MET L 154 -21.44 34.25 44.47
N ASN L 155 -22.63 34.62 44.97
CA ASN L 155 -22.80 34.73 46.41
C ASN L 155 -22.55 33.39 47.08
N LYS L 156 -23.10 32.31 46.51
CA LYS L 156 -22.82 30.98 47.02
C LYS L 156 -21.34 30.64 46.90
N GLU L 157 -20.72 31.07 45.80
CA GLU L 157 -19.28 30.86 45.64
C GLU L 157 -18.50 31.48 46.79
N LEU L 158 -18.84 32.72 47.16
CA LEU L 158 -18.10 33.38 48.23
C LEU L 158 -18.40 32.76 49.59
N LYS L 159 -19.65 32.32 49.79
CA LYS L 159 -19.96 31.58 51.02
C LYS L 159 -19.10 30.32 51.11
N LYS L 160 -18.94 29.60 49.99
CA LYS L 160 -18.12 28.41 49.97
C LYS L 160 -16.65 28.74 50.25
N ILE L 161 -16.15 29.84 49.67
CA ILE L 161 -14.76 30.22 49.91
C ILE L 161 -14.53 30.54 51.38
N ILE L 162 -15.47 31.27 51.99
CA ILE L 162 -15.36 31.54 53.43
C ILE L 162 -15.41 30.24 54.21
N GLY L 163 -16.20 29.27 53.73
CA GLY L 163 -16.30 27.98 54.42
C GLY L 163 -14.96 27.30 54.60
N GLN L 164 -13.99 27.60 53.74
CA GLN L 164 -12.62 27.10 53.90
C GLN L 164 -11.69 28.11 54.53
N VAL L 165 -11.93 29.41 54.30
CA VAL L 165 -11.05 30.44 54.84
C VAL L 165 -11.14 30.49 56.36
N ARG L 166 -12.34 30.25 56.90
CA ARG L 166 -12.61 30.56 58.31
C ARG L 166 -11.68 29.82 59.25
N ASP L 167 -11.12 28.68 58.82
CA ASP L 167 -10.21 27.92 59.68
C ASP L 167 -8.92 28.68 59.98
N GLN L 168 -8.63 29.76 59.27
CA GLN L 168 -7.43 30.55 59.50
C GLN L 168 -7.75 31.97 59.98
N ALA L 169 -8.85 32.15 60.69
CA ALA L 169 -9.23 33.46 61.19
C ALA L 169 -10.31 33.30 62.25
N GLU L 170 -10.21 34.11 63.31
CA GLU L 170 -11.21 34.07 64.37
C GLU L 170 -12.33 35.09 64.19
N HIS L 171 -12.11 36.13 63.39
CA HIS L 171 -13.12 37.15 63.14
C HIS L 171 -13.41 37.26 61.66
N LEU L 172 -14.68 37.48 61.32
CA LEU L 172 -15.08 37.57 59.93
C LEU L 172 -14.45 38.76 59.21
N LYS L 173 -14.12 39.83 59.94
CA LYS L 173 -13.72 41.06 59.26
C LYS L 173 -12.46 40.85 58.43
N THR L 174 -11.60 39.92 58.83
CA THR L 174 -10.41 39.59 58.03
C THR L 174 -10.69 38.46 57.06
N ALA L 175 -11.48 37.48 57.48
CA ALA L 175 -11.75 36.34 56.61
C ALA L 175 -12.45 36.79 55.34
N VAL L 176 -13.28 37.83 55.43
CA VAL L 176 -13.96 38.31 54.24
C VAL L 176 -12.96 38.84 53.22
N GLN L 177 -11.98 39.61 53.67
CA GLN L 177 -10.99 40.10 52.73
C GLN L 177 -10.12 38.97 52.20
N MET L 178 -9.86 37.97 53.03
CA MET L 178 -9.12 36.81 52.55
C MET L 178 -9.86 36.16 51.38
N ALA L 179 -11.15 35.91 51.57
CA ALA L 179 -11.93 35.32 50.50
C ALA L 179 -11.96 36.22 49.28
N VAL L 180 -12.01 37.54 49.49
CA VAL L 180 -12.10 38.45 48.35
C VAL L 180 -10.84 38.39 47.52
N PHE L 181 -9.68 38.34 48.17
CA PHE L 181 -8.46 38.24 47.38
C PHE L 181 -8.38 36.90 46.66
N ILE L 182 -8.82 35.83 47.31
CA ILE L 182 -8.80 34.55 46.64
C ILE L 182 -9.64 34.61 45.37
N HIS L 183 -10.88 35.11 45.48
CA HIS L 183 -11.78 35.13 44.34
C HIS L 183 -11.41 36.19 43.32
N ASN L 184 -10.59 37.16 43.70
CA ASN L 184 -10.16 38.13 42.71
C ASN L 184 -8.94 37.64 41.94
N PHE L 185 -8.07 36.90 42.55
CA PHE L 185 -6.94 36.59 41.70
C PHE L 185 -6.55 35.13 41.70
N LYS L 186 -6.66 34.44 42.84
CA LYS L 186 -6.12 33.11 42.93
C LYS L 186 -7.06 32.04 42.39
N ARG L 187 -8.21 32.45 41.85
CA ARG L 187 -9.09 31.54 41.13
C ARG L 187 -9.17 32.05 39.69
N LYS L 188 -8.51 31.35 38.78
CA LYS L 188 -8.38 31.75 37.39
C LYS L 188 -9.13 30.76 36.51
N GLY L 189 -10.11 31.26 35.76
CA GLY L 189 -10.91 30.40 34.93
C GLY L 189 -11.79 31.19 34.00
N GLY L 190 -12.80 30.52 33.46
CA GLY L 190 -13.73 31.17 32.55
C GLY L 190 -13.48 30.83 31.10
N ILE L 191 -13.03 31.80 30.32
CA ILE L 191 -12.76 31.57 28.90
C ILE L 191 -11.44 30.83 28.72
N GLY L 192 -10.34 31.46 29.09
CA GLY L 192 -9.02 30.88 28.94
C GLY L 192 -8.26 30.67 30.23
N GLY L 193 -8.90 30.79 31.38
CA GLY L 193 -8.20 30.70 32.65
C GLY L 193 -7.78 32.06 33.17
N TYR L 194 -8.62 33.05 32.95
CA TYR L 194 -8.34 34.42 33.37
C TYR L 194 -9.10 34.72 34.66
N SER L 195 -8.36 35.03 35.71
CA SER L 195 -8.99 35.42 36.96
C SER L 195 -9.63 36.79 36.82
N ALA L 196 -10.66 37.03 37.63
CA ALA L 196 -11.53 38.17 37.42
C ALA L 196 -10.75 39.47 37.34
N GLY L 197 -9.67 39.60 38.10
CA GLY L 197 -8.91 40.83 38.06
C GLY L 197 -8.36 41.12 36.68
N GLU L 198 -7.76 40.11 36.05
CA GLU L 198 -7.21 40.33 34.72
C GLU L 198 -8.29 40.74 33.74
N ARG L 199 -9.42 40.03 33.77
CA ARG L 199 -10.49 40.36 32.84
C ARG L 199 -10.96 41.79 33.04
N ILE L 200 -11.04 42.25 34.28
CA ILE L 200 -11.52 43.61 34.48
C ILE L 200 -10.49 44.61 34.05
N VAL L 201 -9.21 44.27 34.14
CA VAL L 201 -8.21 45.14 33.53
C VAL L 201 -8.55 45.32 32.06
N ASP L 202 -8.81 44.21 31.41
CA ASP L 202 -9.09 44.17 29.97
C ASP L 202 -10.36 44.96 29.66
N ILE L 203 -11.39 44.77 30.48
CA ILE L 203 -12.67 45.44 30.23
C ILE L 203 -12.49 46.94 30.32
N ILE L 204 -11.73 47.43 31.29
CA ILE L 204 -11.67 48.88 31.46
C ILE L 204 -10.78 49.52 30.40
N ALA L 205 -9.74 48.81 29.95
CA ALA L 205 -8.96 49.32 28.82
C ALA L 205 -9.81 49.36 27.55
N THR L 206 -10.58 48.31 27.30
CA THR L 206 -11.54 48.33 26.22
C THR L 206 -12.48 49.51 26.35
N ASP L 207 -12.91 49.81 27.58
CA ASP L 207 -13.84 50.90 27.80
C ASP L 207 -13.23 52.25 27.42
N ILE L 208 -11.97 52.49 27.80
CA ILE L 208 -11.37 53.79 27.47
C ILE L 208 -11.12 53.90 25.96
N GLN L 209 -10.66 52.82 25.34
CA GLN L 209 -10.51 52.85 23.89
C GLN L 209 -11.85 53.04 23.19
N THR L 210 -12.95 52.53 23.78
CA THR L 210 -14.25 52.76 23.17
C THR L 210 -14.77 54.18 23.42
N LYS L 211 -14.37 54.82 24.52
CA LYS L 211 -14.66 56.25 24.63
C LYS L 211 -13.98 57.03 23.50
N GLU L 212 -12.71 56.71 23.23
CA GLU L 212 -12.02 57.37 22.12
C GLU L 212 -12.70 57.05 20.78
N PHE L 223 -21.06 68.69 16.33
CA PHE L 223 -20.72 68.95 14.93
C PHE L 223 -21.80 68.42 14.01
N ARG L 224 -22.22 69.26 13.07
CA ARG L 224 -23.17 68.91 12.03
C ARG L 224 -22.57 69.23 10.68
N VAL L 225 -22.98 68.48 9.66
CA VAL L 225 -22.36 68.54 8.35
C VAL L 225 -23.41 68.88 7.31
N TYR L 226 -23.02 69.71 6.34
CA TYR L 226 -23.82 69.94 5.13
C TYR L 226 -23.19 69.12 4.01
N TYR L 227 -23.82 67.99 3.67
CA TYR L 227 -23.28 67.17 2.60
C TYR L 227 -23.42 67.96 1.31
N ARG L 228 -22.32 68.09 0.58
CA ARG L 228 -22.26 68.94 -0.61
C ARG L 228 -22.54 68.10 -1.84
N ASP L 229 -23.81 68.07 -2.24
CA ASP L 229 -24.22 67.28 -3.39
C ASP L 229 -23.81 68.02 -4.66
N SER L 230 -22.57 67.82 -5.11
CA SER L 230 -22.05 68.51 -6.27
C SER L 230 -22.73 68.10 -7.57
N ARG L 231 -23.49 67.01 -7.57
CA ARG L 231 -24.18 66.59 -8.79
C ARG L 231 -25.23 67.61 -9.23
N ASP L 232 -25.78 68.37 -8.30
CA ASP L 232 -26.79 69.35 -8.68
C ASP L 232 -26.16 70.58 -9.33
N PRO L 233 -25.18 71.27 -8.70
CA PRO L 233 -24.59 71.11 -7.35
C PRO L 233 -25.44 71.78 -6.28
N VAL L 234 -25.45 71.21 -5.06
CA VAL L 234 -26.27 71.74 -3.97
C VAL L 234 -25.72 71.15 -2.69
N TRP L 235 -26.07 71.76 -1.56
CA TRP L 235 -25.69 71.24 -0.26
C TRP L 235 -26.91 70.78 0.52
N LYS L 236 -26.74 69.72 1.30
CA LYS L 236 -27.80 69.21 2.15
C LYS L 236 -27.94 70.05 3.42
N GLY L 237 -28.96 69.72 4.19
CA GLY L 237 -29.29 70.49 5.37
C GLY L 237 -28.51 70.05 6.59
N PRO L 238 -29.01 70.40 7.77
CA PRO L 238 -28.28 70.09 9.01
C PRO L 238 -28.21 68.60 9.29
N ALA L 239 -27.31 67.92 8.58
CA ALA L 239 -27.06 66.52 8.87
C ALA L 239 -26.24 66.37 10.14
N LYS L 240 -26.44 65.27 10.85
CA LYS L 240 -25.65 64.97 12.04
C LYS L 240 -24.56 63.97 11.69
N LEU L 241 -23.36 64.23 12.21
CA LEU L 241 -22.16 63.45 11.91
C LEU L 241 -22.10 62.27 12.87
N LEU L 242 -22.61 61.12 12.42
CA LEU L 242 -22.64 59.95 13.28
C LEU L 242 -21.26 59.35 13.45
N TRP L 243 -20.35 59.63 12.52
CA TRP L 243 -18.95 59.29 12.69
C TRP L 243 -18.13 60.03 11.66
N LYS L 244 -16.90 60.38 12.04
CA LYS L 244 -15.92 60.95 11.13
C LYS L 244 -14.76 59.97 11.05
N GLY L 245 -14.89 58.99 10.18
CA GLY L 245 -13.83 58.01 9.95
C GLY L 245 -12.64 58.63 9.27
N GLU L 246 -11.87 57.77 8.59
CA GLU L 246 -10.70 58.23 7.87
C GLU L 246 -11.00 58.41 6.38
N GLY L 247 -11.71 57.47 5.77
CA GLY L 247 -12.05 57.56 4.37
C GLY L 247 -13.46 58.01 4.06
N ALA L 248 -14.30 58.19 5.07
CA ALA L 248 -15.68 58.63 4.86
C ALA L 248 -16.22 59.14 6.18
N VAL L 249 -17.32 59.89 6.11
CA VAL L 249 -17.94 60.49 7.29
C VAL L 249 -19.44 60.17 7.28
N VAL L 250 -19.85 59.18 8.05
CA VAL L 250 -21.23 58.74 8.09
C VAL L 250 -22.09 59.92 8.50
N ILE L 251 -23.30 60.01 7.96
CA ILE L 251 -24.23 61.07 8.35
C ILE L 251 -25.63 60.49 8.46
N GLN L 252 -26.48 61.23 9.17
CA GLN L 252 -27.88 60.86 9.34
C GLN L 252 -28.76 61.83 8.58
N ASP L 253 -29.94 61.35 8.20
CA ASP L 253 -30.87 62.16 7.43
C ASP L 253 -32.26 61.61 7.73
N ASN L 254 -32.91 62.19 8.73
CA ASN L 254 -34.13 61.60 9.26
C ASN L 254 -33.91 60.13 9.58
N SER L 255 -34.52 59.23 8.79
CA SER L 255 -34.39 57.79 8.99
C SER L 255 -33.42 57.13 8.01
N ASP L 256 -32.70 57.91 7.22
CA ASP L 256 -31.77 57.37 6.24
C ASP L 256 -30.35 57.81 6.58
N ILE L 257 -29.42 56.87 6.45
CA ILE L 257 -28.05 57.04 6.92
C ILE L 257 -27.13 56.93 5.73
N LYS L 258 -26.61 58.06 5.26
CA LYS L 258 -25.87 58.12 4.01
C LYS L 258 -24.40 58.41 4.28
N VAL L 259 -23.55 57.42 4.09
CA VAL L 259 -22.11 57.60 4.27
C VAL L 259 -21.63 58.57 3.22
N VAL L 260 -20.77 59.50 3.62
CA VAL L 260 -20.57 60.72 2.84
C VAL L 260 -19.10 60.86 2.45
N PRO L 261 -18.79 61.41 1.28
CA PRO L 261 -17.40 61.58 0.86
C PRO L 261 -16.64 62.61 1.69
N ARG L 262 -15.49 62.20 2.22
CA ARG L 262 -14.87 62.98 3.28
C ARG L 262 -14.42 64.36 2.81
N ARG L 263 -14.07 64.50 1.53
CA ARG L 263 -13.71 65.83 1.05
C ARG L 263 -14.90 66.59 0.47
N LYS L 264 -16.11 66.06 0.60
CA LYS L 264 -17.32 66.77 0.24
C LYS L 264 -18.35 66.71 1.37
N ALA L 265 -17.93 67.17 2.55
CA ALA L 265 -18.83 67.29 3.70
C ALA L 265 -18.46 68.56 4.46
N LYS L 266 -19.38 69.52 4.49
CA LYS L 266 -19.16 70.75 5.24
C LYS L 266 -19.14 70.43 6.74
N ILE L 267 -18.48 71.29 7.52
CA ILE L 267 -18.38 71.11 8.97
C ILE L 267 -18.93 72.36 9.65
N ILE L 268 -19.99 72.18 10.43
CA ILE L 268 -20.57 73.24 11.25
C ILE L 268 -20.34 72.88 12.72
N ARG L 269 -19.80 73.81 13.49
CA ARG L 269 -19.55 73.61 14.90
C ARG L 269 -20.67 74.24 15.72
N ASP L 270 -21.27 73.45 16.61
CA ASP L 270 -22.38 73.93 17.42
C ASP L 270 -21.95 74.09 18.89
N PHE M 1 -8.98 36.95 -20.34
CA PHE M 1 -7.75 37.74 -20.39
C PHE M 1 -7.59 38.63 -19.16
N LEU M 2 -6.49 39.35 -19.11
CA LEU M 2 -6.25 40.32 -18.04
C LEU M 2 -7.22 41.48 -18.18
N ASP M 3 -7.48 42.15 -17.05
CA ASP M 3 -8.37 43.31 -17.04
C ASP M 3 -7.94 44.36 -18.07
N GLY M 4 -6.62 44.55 -18.21
CA GLY M 4 -6.14 45.45 -19.25
C GLY M 4 -6.47 44.96 -20.64
N ILE M 5 -6.34 43.66 -20.88
CA ILE M 5 -6.64 43.12 -22.21
C ILE M 5 -8.14 43.15 -22.48
N ASP M 6 -8.96 42.87 -21.46
CA ASP M 6 -10.41 43.00 -21.64
C ASP M 6 -10.79 44.45 -21.91
N LYS M 7 -10.16 45.40 -21.21
CA LYS M 7 -10.41 46.81 -21.48
C LYS M 7 -9.98 47.17 -22.90
N ALA M 8 -8.88 46.61 -23.37
CA ALA M 8 -8.44 46.85 -24.74
C ALA M 8 -9.44 46.29 -25.75
N GLN M 9 -10.01 45.11 -25.48
CA GLN M 9 -11.02 44.55 -26.36
C GLN M 9 -12.28 45.41 -26.39
N GLU M 10 -12.70 45.91 -25.21
CA GLU M 10 -13.84 46.80 -25.17
C GLU M 10 -13.55 48.11 -25.90
N GLU M 11 -12.32 48.61 -25.76
CA GLU M 11 -11.93 49.80 -26.53
C GLU M 11 -11.92 49.52 -28.02
N HIS M 12 -11.61 48.28 -28.43
CA HIS M 12 -11.72 47.94 -29.84
C HIS M 12 -13.17 48.01 -30.29
N GLU M 13 -14.06 47.40 -29.51
CA GLU M 13 -15.48 47.45 -29.87
C GLU M 13 -15.99 48.88 -29.91
N LYS M 14 -15.41 49.76 -29.09
CA LYS M 14 -15.75 51.18 -29.12
C LYS M 14 -15.11 51.92 -30.28
N TYR M 15 -13.93 51.49 -30.75
CA TYR M 15 -13.12 52.29 -31.66
C TYR M 15 -12.64 51.55 -32.90
N HIS M 16 -12.96 50.26 -33.06
CA HIS M 16 -12.70 49.52 -34.30
C HIS M 16 -11.22 49.55 -34.69
N SER M 17 -10.35 49.45 -33.68
CA SER M 17 -8.92 49.31 -33.93
C SER M 17 -8.36 48.30 -32.94
N ASN M 18 -7.54 47.37 -33.44
CA ASN M 18 -7.01 46.30 -32.61
C ASN M 18 -5.50 46.38 -32.42
N TRP M 19 -4.73 46.35 -33.50
CA TRP M 19 -3.28 46.27 -33.36
C TRP M 19 -2.66 47.61 -32.99
N ARG M 20 -3.21 48.71 -33.49
CA ARG M 20 -2.58 50.01 -33.32
C ARG M 20 -2.57 50.48 -31.87
N ALA M 21 -3.37 49.86 -31.00
CA ALA M 21 -3.46 50.31 -29.62
C ALA M 21 -2.94 49.26 -28.63
N MET M 22 -3.45 48.03 -28.65
CA MET M 22 -3.06 47.08 -27.61
C MET M 22 -1.65 46.54 -27.83
N ALA M 23 -1.21 46.43 -29.09
CA ALA M 23 0.15 45.99 -29.34
C ALA M 23 1.17 47.03 -28.92
N SER M 24 0.82 48.31 -29.03
CA SER M 24 1.73 49.39 -28.67
C SER M 24 1.49 49.90 -27.25
N ASP M 25 0.29 50.41 -26.97
CA ASP M 25 0.04 51.05 -25.68
C ASP M 25 -0.10 50.02 -24.56
N PHE M 26 -0.83 48.93 -24.82
CA PHE M 26 -1.13 47.96 -23.79
C PHE M 26 -0.08 46.86 -23.68
N ASN M 27 0.97 46.92 -24.49
CA ASN M 27 2.10 45.98 -24.41
C ASN M 27 1.65 44.53 -24.61
N LEU M 28 0.61 44.33 -25.39
CA LEU M 28 0.15 42.97 -25.66
C LEU M 28 1.13 42.26 -26.59
N PRO M 29 1.39 40.97 -26.36
CA PRO M 29 2.26 40.24 -27.28
C PRO M 29 1.66 40.21 -28.67
N PRO M 30 2.50 40.21 -29.70
CA PRO M 30 1.96 40.25 -31.08
C PRO M 30 1.10 39.06 -31.44
N VAL M 31 1.34 37.89 -30.84
CA VAL M 31 0.54 36.72 -31.16
C VAL M 31 -0.91 36.91 -30.74
N VAL M 32 -1.13 37.46 -29.54
CA VAL M 32 -2.50 37.68 -29.07
C VAL M 32 -3.21 38.72 -29.93
N ALA M 33 -2.50 39.79 -30.31
CA ALA M 33 -3.09 40.80 -31.18
C ALA M 33 -3.45 40.21 -32.54
N LYS M 34 -2.57 39.36 -33.09
CA LYS M 34 -2.87 38.72 -34.36
C LYS M 34 -4.09 37.80 -34.25
N GLU M 35 -4.19 37.06 -33.15
CA GLU M 35 -5.37 36.21 -32.95
C GLU M 35 -6.63 37.06 -32.85
N ILE M 36 -6.54 38.19 -32.15
CA ILE M 36 -7.71 39.06 -31.99
C ILE M 36 -8.14 39.64 -33.34
N VAL M 37 -7.18 40.12 -34.14
CA VAL M 37 -7.54 40.67 -35.44
C VAL M 37 -8.06 39.58 -36.36
N ALA M 38 -7.59 38.35 -36.20
CA ALA M 38 -8.15 37.23 -36.97
C ALA M 38 -9.60 36.98 -36.58
N SER M 39 -9.88 36.97 -35.28
CA SER M 39 -11.26 36.78 -34.83
C SER M 39 -12.13 37.99 -35.13
N CYS M 40 -11.55 39.19 -35.08
CA CYS M 40 -12.29 40.43 -35.31
C CYS M 40 -12.80 40.50 -36.75
N ASP M 41 -14.12 40.45 -36.92
CA ASP M 41 -14.71 40.60 -38.25
C ASP M 41 -14.57 42.02 -38.78
N LYS M 42 -14.37 42.99 -37.89
CA LYS M 42 -14.22 44.40 -38.27
C LYS M 42 -12.78 44.76 -38.59
N CYS M 43 -11.86 43.80 -38.53
CA CYS M 43 -10.43 44.03 -38.76
C CYS M 43 -10.01 43.22 -39.98
N GLN M 44 -10.15 43.82 -41.16
CA GLN M 44 -9.73 43.17 -42.40
C GLN M 44 -8.25 43.32 -42.68
N LEU M 45 -7.53 44.11 -41.88
CA LEU M 45 -6.09 44.31 -42.04
C LEU M 45 -5.73 44.79 -43.44
N PRO M 58 8.36 43.93 -34.73
CA PRO M 58 9.77 44.29 -35.01
C PRO M 58 10.32 43.67 -36.27
N GLY M 59 9.70 42.60 -36.78
CA GLY M 59 10.16 41.90 -37.95
C GLY M 59 9.63 42.41 -39.26
N ILE M 60 9.18 43.65 -39.33
CA ILE M 60 8.65 44.23 -40.55
C ILE M 60 9.69 45.18 -41.15
N TRP M 61 9.88 45.05 -42.46
CA TRP M 61 10.78 45.91 -43.20
C TRP M 61 10.18 46.12 -44.58
N GLN M 62 10.61 47.18 -45.26
CA GLN M 62 10.18 47.40 -46.63
C GLN M 62 11.38 47.76 -47.51
N LEU M 63 11.28 47.40 -48.78
CA LEU M 63 12.34 47.62 -49.75
C LEU M 63 11.78 48.43 -50.91
N ASP M 64 12.56 49.37 -51.41
CA ASP M 64 12.11 50.21 -52.51
C ASP M 64 13.32 50.62 -53.34
N CYS M 65 13.07 51.42 -54.38
CA CYS M 65 14.11 51.83 -55.30
C CYS M 65 13.93 53.30 -55.67
N THR M 66 15.01 53.93 -56.11
CA THR M 66 14.98 55.27 -56.66
C THR M 66 16.08 55.43 -57.69
N HIS M 67 15.94 56.44 -58.54
CA HIS M 67 16.76 56.59 -59.74
C HIS M 67 17.44 57.96 -59.76
N LEU M 68 18.05 58.33 -58.63
CA LEU M 68 18.77 59.60 -58.56
C LEU M 68 19.95 59.59 -59.53
N GLU M 69 20.07 60.68 -60.30
CA GLU M 69 21.22 60.92 -61.17
C GLU M 69 21.47 59.77 -62.14
N GLY M 70 20.41 59.09 -62.58
CA GLY M 70 20.53 58.03 -63.54
C GLY M 70 21.04 56.71 -62.98
N LYS M 71 21.25 56.62 -61.68
CA LYS M 71 21.74 55.42 -61.03
C LYS M 71 20.64 54.83 -60.16
N VAL M 72 20.73 53.52 -59.92
CA VAL M 72 19.70 52.80 -59.18
C VAL M 72 20.12 52.71 -57.72
N ILE M 73 19.27 53.21 -56.83
CA ILE M 73 19.50 53.16 -55.39
C ILE M 73 18.34 52.42 -54.75
N LEU M 74 18.66 51.33 -54.06
CA LEU M 74 17.65 50.51 -53.40
C LEU M 74 17.78 50.74 -51.90
N VAL M 75 16.67 51.09 -51.26
CA VAL M 75 16.67 51.56 -49.88
C VAL M 75 15.72 50.71 -49.06
N ALA M 76 16.15 50.33 -47.86
CA ALA M 76 15.31 49.62 -46.90
C ALA M 76 15.09 50.47 -45.67
N VAL M 77 13.94 50.31 -45.03
CA VAL M 77 13.58 51.10 -43.86
C VAL M 77 12.91 50.18 -42.85
N HIS M 78 13.30 50.29 -41.59
CA HIS M 78 12.54 49.66 -40.52
C HIS M 78 11.39 50.58 -40.14
N VAL M 79 10.17 50.08 -40.29
CA VAL M 79 8.98 50.92 -40.26
C VAL M 79 8.83 51.58 -38.90
N ALA M 80 9.17 50.86 -37.83
CA ALA M 80 8.82 51.29 -36.48
C ALA M 80 9.78 52.32 -35.90
N SER M 81 10.85 52.69 -36.60
CA SER M 81 11.86 53.53 -35.98
C SER M 81 12.59 54.49 -36.91
N GLY M 82 12.30 54.50 -38.21
CA GLY M 82 13.00 55.38 -39.12
C GLY M 82 14.46 55.02 -39.33
N TYR M 83 14.78 53.74 -39.37
CA TYR M 83 16.12 53.25 -39.66
C TYR M 83 16.30 53.15 -41.16
N ILE M 84 17.55 53.15 -41.61
CA ILE M 84 17.87 53.11 -43.04
C ILE M 84 18.91 52.03 -43.29
N GLU M 85 18.70 51.22 -44.32
CA GLU M 85 19.73 50.38 -44.91
C GLU M 85 19.67 50.52 -46.42
N ALA M 86 20.75 51.04 -47.01
CA ALA M 86 20.71 51.35 -48.44
C ALA M 86 22.05 51.01 -49.07
N GLU M 87 22.00 50.83 -50.39
CA GLU M 87 23.19 50.54 -51.18
C GLU M 87 22.91 50.87 -52.63
N VAL M 88 23.87 51.53 -53.27
CA VAL M 88 23.80 51.74 -54.70
C VAL M 88 24.00 50.41 -55.41
N ILE M 89 22.99 49.98 -56.16
CA ILE M 89 23.00 48.68 -56.82
C ILE M 89 23.45 48.88 -58.26
N PRO M 90 24.37 48.04 -58.76
CA PRO M 90 24.81 48.21 -60.16
C PRO M 90 23.69 48.09 -61.18
N ALA M 91 22.72 47.22 -60.94
CA ALA M 91 21.66 46.99 -61.91
C ALA M 91 20.39 46.58 -61.18
N GLU M 92 19.26 46.65 -61.89
CA GLU M 92 17.96 46.33 -61.32
C GLU M 92 17.65 44.84 -61.34
N THR M 93 18.59 43.99 -61.75
CA THR M 93 18.34 42.56 -61.81
C THR M 93 18.04 42.01 -60.43
N GLY M 94 17.17 40.99 -60.38
CA GLY M 94 16.82 40.37 -59.12
C GLY M 94 17.97 39.66 -58.45
N GLN M 95 19.03 39.34 -59.21
CA GLN M 95 20.16 38.64 -58.63
C GLN M 95 20.86 39.47 -57.57
N GLU M 96 21.11 40.75 -57.85
CA GLU M 96 21.77 41.62 -56.89
C GLU M 96 20.86 42.03 -55.74
N THR M 97 19.57 42.23 -56.02
CA THR M 97 18.63 42.44 -54.93
C THR M 97 18.58 41.24 -54.01
N ALA M 98 18.75 40.03 -54.55
CA ALA M 98 18.81 38.86 -53.71
C ALA M 98 19.98 38.91 -52.76
N TYR M 99 21.16 39.31 -53.26
CA TYR M 99 22.33 39.45 -52.41
C TYR M 99 22.08 40.48 -51.32
N PHE M 100 21.50 41.62 -51.67
CA PHE M 100 21.30 42.65 -50.66
C PHE M 100 20.25 42.24 -49.64
N LEU M 101 19.21 41.55 -50.07
CA LEU M 101 18.24 41.03 -49.12
C LEU M 101 18.88 39.98 -48.22
N LEU M 102 19.82 39.21 -48.74
CA LEU M 102 20.58 38.32 -47.90
C LEU M 102 21.29 39.10 -46.81
N LYS M 103 21.86 40.25 -47.17
CA LYS M 103 22.53 41.08 -46.18
C LYS M 103 21.56 41.54 -45.09
N LEU M 104 20.40 42.09 -45.49
CA LEU M 104 19.44 42.53 -44.49
C LEU M 104 19.05 41.38 -43.56
N ALA M 105 18.82 40.20 -44.13
CA ALA M 105 18.37 39.09 -43.31
C ALA M 105 19.44 38.64 -42.34
N GLY M 106 20.70 38.63 -42.77
CA GLY M 106 21.76 38.22 -41.88
C GLY M 106 21.97 39.20 -40.75
N ARG M 107 21.91 40.51 -41.02
CA ARG M 107 22.31 41.51 -40.05
C ARG M 107 21.29 41.71 -38.93
N TRP M 108 20.01 41.52 -39.19
CA TRP M 108 18.97 41.73 -38.20
C TRP M 108 17.94 40.63 -38.35
N PRO M 109 17.19 40.32 -37.29
CA PRO M 109 16.13 39.31 -37.43
C PRO M 109 14.88 39.85 -38.14
N VAL M 110 14.92 39.79 -39.47
CA VAL M 110 13.85 40.34 -40.30
C VAL M 110 12.84 39.23 -40.60
N LYS M 111 11.56 39.53 -40.40
CA LYS M 111 10.49 38.55 -40.51
C LYS M 111 9.61 38.72 -41.73
N THR M 112 9.20 39.95 -42.06
CA THR M 112 8.34 40.18 -43.22
C THR M 112 8.81 41.42 -43.96
N VAL M 113 8.64 41.41 -45.29
CA VAL M 113 9.11 42.48 -46.15
C VAL M 113 7.97 42.90 -47.08
N HIS M 114 7.77 44.21 -47.23
CA HIS M 114 6.70 44.77 -48.04
C HIS M 114 7.29 45.45 -49.27
N THR M 115 7.15 44.82 -50.43
CA THR M 115 7.55 45.45 -51.69
C THR M 115 6.39 45.42 -52.69
N ASP M 116 6.66 45.77 -53.94
CA ASP M 116 5.63 45.75 -54.97
C ASP M 116 5.64 44.39 -55.65
N ASN M 117 4.79 44.24 -56.67
CA ASN M 117 4.67 42.99 -57.41
C ASN M 117 5.69 42.88 -58.54
N GLY M 118 6.50 43.91 -58.76
CA GLY M 118 7.36 43.95 -59.93
C GLY M 118 8.35 42.80 -59.98
N SER M 119 8.84 42.54 -61.19
CA SER M 119 9.80 41.47 -61.41
C SER M 119 11.12 41.72 -60.70
N ASN M 120 11.36 42.96 -60.25
CA ASN M 120 12.51 43.24 -59.42
C ASN M 120 12.42 42.54 -58.07
N PHE M 121 11.24 42.04 -57.72
CA PHE M 121 11.06 41.29 -56.48
C PHE M 121 10.44 39.91 -56.67
N THR M 122 9.72 39.66 -57.76
CA THR M 122 9.11 38.36 -57.99
C THR M 122 10.03 37.38 -58.69
N SER M 123 11.28 37.76 -58.96
CA SER M 123 12.19 36.86 -59.64
C SER M 123 12.53 35.66 -58.76
N THR M 124 13.04 34.61 -59.41
CA THR M 124 13.33 33.37 -58.70
C THR M 124 14.37 33.56 -57.60
N THR M 125 15.38 34.39 -57.87
CA THR M 125 16.46 34.56 -56.90
C THR M 125 15.95 35.15 -55.60
N VAL M 126 15.03 36.12 -55.68
CA VAL M 126 14.49 36.72 -54.47
C VAL M 126 13.72 35.68 -53.68
N LYS M 127 12.98 34.81 -54.38
CA LYS M 127 12.24 33.77 -53.71
C LYS M 127 13.18 32.81 -52.99
N ALA M 128 14.29 32.46 -53.64
CA ALA M 128 15.27 31.63 -52.96
C ALA M 128 15.86 32.34 -51.74
N ALA M 129 16.10 33.64 -51.84
CA ALA M 129 16.65 34.38 -50.71
C ALA M 129 15.70 34.31 -49.52
N CYS M 130 14.42 34.56 -49.77
CA CYS M 130 13.44 34.45 -48.70
C CYS M 130 13.36 33.04 -48.17
N TRP M 131 13.49 32.05 -49.05
CA TRP M 131 13.38 30.65 -48.64
C TRP M 131 14.51 30.28 -47.71
N TRP M 132 15.73 30.71 -48.03
CA TRP M 132 16.89 30.36 -47.22
C TRP M 132 16.85 31.10 -45.89
N ALA M 133 16.64 32.41 -45.94
CA ALA M 133 16.74 33.20 -44.72
C ALA M 133 15.52 33.07 -43.83
N GLY M 134 14.36 32.77 -44.40
CA GLY M 134 13.15 32.74 -43.61
C GLY M 134 12.49 34.10 -43.52
N ILE M 135 12.11 34.65 -44.67
CA ILE M 135 11.48 35.96 -44.74
C ILE M 135 10.23 35.83 -45.61
N LYS M 136 9.15 36.49 -45.19
CA LYS M 136 7.95 36.61 -46.00
C LYS M 136 7.93 37.95 -46.73
N GLN M 137 7.40 37.93 -47.96
CA GLN M 137 7.39 39.11 -48.79
C GLN M 137 6.00 39.37 -49.34
N GLU M 138 5.61 40.64 -49.40
CA GLU M 138 4.36 41.06 -49.99
C GLU M 138 4.62 41.68 -51.35
N PHE M 139 3.78 41.33 -52.33
CA PHE M 139 3.98 41.76 -53.71
C PHE M 139 2.74 42.53 -54.16
N GLY M 140 2.88 43.85 -54.30
CA GLY M 140 1.82 44.68 -54.81
C GLY M 140 1.68 45.95 -53.99
N ILE M 141 0.46 46.46 -53.97
CA ILE M 141 0.13 47.66 -53.19
C ILE M 141 -0.26 47.26 -51.78
N PRO M 142 0.44 47.77 -50.76
CA PRO M 142 0.02 47.49 -49.38
C PRO M 142 -1.32 48.13 -49.06
N TYR M 143 -1.97 47.60 -48.03
CA TYR M 143 -3.27 48.13 -47.62
C TYR M 143 -3.17 49.59 -47.17
N ASN M 144 -1.99 50.02 -46.74
CA ASN M 144 -1.75 51.39 -46.28
C ASN M 144 -0.58 51.95 -47.06
N PRO M 145 -0.83 52.44 -48.28
CA PRO M 145 0.26 53.04 -49.07
C PRO M 145 0.77 54.35 -48.51
N GLN M 146 0.19 54.85 -47.42
CA GLN M 146 0.73 56.05 -46.79
C GLN M 146 2.11 55.78 -46.20
N SER M 147 2.37 54.54 -45.80
CA SER M 147 3.73 54.17 -45.39
C SER M 147 4.70 54.29 -46.55
N GLN M 148 4.27 53.87 -47.74
CA GLN M 148 5.08 54.04 -48.94
C GLN M 148 5.29 55.52 -49.26
N GLY M 149 4.26 56.33 -49.05
CA GLY M 149 4.41 57.76 -49.21
C GLY M 149 5.41 58.35 -48.22
N VAL M 150 5.39 57.84 -46.99
CA VAL M 150 6.32 58.32 -45.96
C VAL M 150 7.75 57.96 -46.34
N ILE M 151 7.96 56.73 -46.81
CA ILE M 151 9.32 56.33 -47.19
C ILE M 151 9.75 57.05 -48.46
N GLU M 152 8.81 57.43 -49.31
CA GLU M 152 9.16 58.24 -50.48
C GLU M 152 9.54 59.65 -50.07
N SER M 153 8.85 60.19 -49.06
CA SER M 153 9.23 61.48 -48.51
C SER M 153 10.61 61.41 -47.86
N MET M 154 10.89 60.30 -47.18
CA MET M 154 12.23 60.09 -46.65
C MET M 154 13.24 60.00 -47.79
N ASN M 155 12.86 59.38 -48.91
CA ASN M 155 13.73 59.35 -50.07
C ASN M 155 14.03 60.76 -50.57
N LYS M 156 13.01 61.61 -50.62
CA LYS M 156 13.22 62.99 -51.04
C LYS M 156 14.11 63.74 -50.06
N GLU M 157 13.95 63.49 -48.76
CA GLU M 157 14.81 64.14 -47.78
C GLU M 157 16.24 63.64 -47.88
N LEU M 158 16.42 62.36 -48.15
CA LEU M 158 17.75 61.84 -48.42
C LEU M 158 18.33 62.52 -49.67
N LYS M 159 17.47 62.83 -50.64
CA LYS M 159 17.93 63.47 -51.86
C LYS M 159 18.38 64.91 -51.60
N LYS M 160 17.64 65.64 -50.77
CA LYS M 160 18.08 66.97 -50.34
C LYS M 160 19.39 66.87 -49.55
N ILE M 161 19.47 65.88 -48.66
CA ILE M 161 20.70 65.61 -47.94
C ILE M 161 21.84 65.44 -48.92
N ILE M 162 21.61 64.63 -49.95
CA ILE M 162 22.66 64.38 -50.94
C ILE M 162 23.02 65.67 -51.65
N GLY M 163 22.03 66.47 -52.01
CA GLY M 163 22.27 67.74 -52.66
C GLY M 163 23.17 68.64 -51.83
N GLN M 164 23.16 68.43 -50.52
CA GLN M 164 24.12 69.11 -49.63
C GLN M 164 25.44 68.37 -49.47
N VAL M 165 25.43 67.06 -49.22
CA VAL M 165 26.67 66.35 -48.90
C VAL M 165 27.58 66.26 -50.12
N ARG M 166 27.02 66.16 -51.31
CA ARG M 166 27.82 65.99 -52.52
C ARG M 166 28.90 67.04 -52.66
N ASP M 167 28.84 68.11 -51.85
CA ASP M 167 29.98 68.99 -51.70
C ASP M 167 31.13 68.33 -50.97
N GLN M 168 30.91 67.15 -50.36
CA GLN M 168 31.89 66.54 -49.50
C GLN M 168 32.39 65.18 -49.98
N ALA M 169 31.75 64.56 -50.97
CA ALA M 169 32.12 63.22 -51.39
C ALA M 169 32.39 63.20 -52.89
N GLU M 170 33.55 62.65 -53.28
CA GLU M 170 33.93 62.52 -54.69
C GLU M 170 33.08 61.52 -55.45
N HIS M 171 32.37 60.63 -54.77
CA HIS M 171 31.60 59.62 -55.46
C HIS M 171 30.22 59.56 -54.84
N LEU M 172 29.19 59.74 -55.68
CA LEU M 172 27.84 59.91 -55.16
C LEU M 172 27.38 58.69 -54.37
N LYS M 173 27.89 57.51 -54.70
CA LYS M 173 27.55 56.33 -53.91
C LYS M 173 27.99 56.52 -52.46
N THR M 174 29.20 57.02 -52.26
CA THR M 174 29.66 57.22 -50.91
C THR M 174 28.79 58.24 -50.19
N ALA M 175 28.31 59.25 -50.90
CA ALA M 175 27.39 60.20 -50.27
C ALA M 175 26.08 59.54 -49.93
N VAL M 176 25.66 58.55 -50.71
CA VAL M 176 24.45 57.81 -50.36
C VAL M 176 24.65 57.10 -49.03
N GLN M 177 25.80 56.45 -48.86
CA GLN M 177 26.06 55.84 -47.56
C GLN M 177 26.15 56.88 -46.46
N MET M 178 26.83 57.99 -46.72
CA MET M 178 26.95 59.01 -45.70
C MET M 178 25.57 59.41 -45.21
N ALA M 179 24.65 59.57 -46.13
CA ALA M 179 23.29 59.92 -45.73
C ALA M 179 22.69 58.82 -44.89
N VAL M 180 22.92 57.57 -45.26
CA VAL M 180 22.34 56.48 -44.49
C VAL M 180 22.72 56.64 -43.03
N PHE M 181 24.00 56.87 -42.79
CA PHE M 181 24.47 57.00 -41.40
C PHE M 181 23.94 58.27 -40.74
N ILE M 182 23.94 59.39 -41.48
CA ILE M 182 23.47 60.62 -40.86
C ILE M 182 22.08 60.42 -40.33
N HIS M 183 21.23 59.76 -41.11
CA HIS M 183 19.85 59.57 -40.68
C HIS M 183 19.75 58.52 -39.59
N ASN M 184 20.62 57.52 -39.61
CA ASN M 184 20.57 56.53 -38.54
C ASN M 184 20.84 57.18 -37.19
N PHE M 185 21.86 58.01 -37.11
CA PHE M 185 22.37 58.42 -35.80
C PHE M 185 22.34 59.92 -35.55
N LYS M 186 22.82 60.73 -36.48
CA LYS M 186 22.96 62.15 -36.17
C LYS M 186 21.61 62.86 -36.18
N ARG M 187 20.73 62.53 -37.12
CA ARG M 187 19.43 63.19 -37.23
C ARG M 187 18.48 62.54 -36.24
N LYS M 188 18.63 62.90 -34.97
CA LYS M 188 17.72 62.44 -33.94
C LYS M 188 16.57 63.43 -33.79
N GLY M 189 15.36 62.88 -33.69
CA GLY M 189 14.17 63.70 -33.63
C GLY M 189 12.95 62.83 -33.44
N GLY M 190 11.84 63.49 -33.15
CA GLY M 190 10.60 62.77 -32.87
C GLY M 190 10.50 62.37 -31.42
N ILE M 191 9.30 62.55 -30.85
CA ILE M 191 9.03 62.21 -29.46
C ILE M 191 9.97 62.98 -28.54
N GLY M 192 11.20 62.49 -28.39
CA GLY M 192 12.16 63.12 -27.51
C GLY M 192 13.53 63.31 -28.14
N GLY M 193 13.58 63.49 -29.45
CA GLY M 193 14.82 63.68 -30.15
C GLY M 193 15.74 62.47 -30.07
N TYR M 194 15.30 61.36 -30.65
CA TYR M 194 16.02 60.10 -30.58
C TYR M 194 16.49 59.68 -31.97
N SER M 195 17.71 59.17 -32.04
CA SER M 195 18.24 58.68 -33.30
C SER M 195 17.57 57.37 -33.69
N ALA M 196 17.65 57.06 -34.98
CA ALA M 196 17.09 55.79 -35.44
C ALA M 196 17.73 54.63 -34.69
N GLY M 197 19.01 54.77 -34.35
CA GLY M 197 19.67 53.71 -33.60
C GLY M 197 19.04 53.49 -32.24
N GLU M 198 18.74 54.56 -31.52
CA GLU M 198 18.17 54.41 -30.19
C GLU M 198 16.82 53.72 -30.25
N ARG M 199 15.97 54.14 -31.18
CA ARG M 199 14.66 53.52 -31.31
C ARG M 199 14.78 52.06 -31.72
N ILE M 200 15.68 51.76 -32.66
CA ILE M 200 15.91 50.38 -33.07
C ILE M 200 16.29 49.53 -31.89
N VAL M 201 17.24 49.99 -31.10
CA VAL M 201 17.74 49.14 -30.02
C VAL M 201 16.67 48.94 -28.96
N ASP M 202 15.95 50.02 -28.61
CA ASP M 202 14.87 49.89 -27.64
C ASP M 202 13.82 48.90 -28.12
N ILE M 203 13.45 49.00 -29.39
CA ILE M 203 12.42 48.12 -29.93
C ILE M 203 12.86 46.67 -29.86
N ILE M 204 14.13 46.39 -30.18
CA ILE M 204 14.51 44.99 -30.25
C ILE M 204 14.69 44.40 -28.86
N ALA M 205 15.17 45.20 -27.90
CA ALA M 205 15.23 44.69 -26.52
C ALA M 205 13.83 44.45 -25.97
N THR M 206 12.91 45.39 -26.21
CA THR M 206 11.51 45.17 -25.85
C THR M 206 10.98 43.90 -26.50
N ASP M 207 11.40 43.64 -27.74
CA ASP M 207 10.96 42.42 -28.42
C ASP M 207 11.45 41.17 -27.70
N ILE M 208 12.70 41.19 -27.23
CA ILE M 208 13.22 40.03 -26.48
C ILE M 208 12.39 39.82 -25.22
N GLN M 209 12.14 40.91 -24.49
CA GLN M 209 11.36 40.79 -23.26
C GLN M 209 9.93 40.35 -23.56
N THR M 210 9.40 40.71 -24.72
CA THR M 210 8.05 40.25 -25.07
C THR M 210 8.02 38.79 -25.48
N LYS M 211 9.10 38.27 -26.09
CA LYS M 211 9.17 36.83 -26.27
C LYS M 211 9.14 36.11 -24.93
N GLU M 212 9.92 36.61 -23.96
CA GLU M 212 9.90 35.99 -22.64
C GLU M 212 8.52 36.11 -21.98
N LEU M 213 7.89 37.27 -22.11
CA LEU M 213 6.56 37.48 -21.56
C LEU M 213 5.52 36.60 -22.24
N GLN M 214 5.64 36.38 -23.55
CA GLN M 214 4.73 35.48 -24.25
C GLN M 214 4.91 34.06 -23.77
N LYS M 215 6.16 33.65 -23.51
CA LYS M 215 6.39 32.32 -22.93
C LYS M 215 5.68 32.19 -21.58
N GLN M 216 5.90 33.16 -20.69
CA GLN M 216 5.28 33.05 -19.36
C GLN M 216 3.77 33.18 -19.41
N ILE M 217 3.24 33.91 -20.41
CA ILE M 217 1.79 34.02 -20.56
C ILE M 217 1.20 32.71 -21.05
N THR M 218 1.79 32.12 -22.08
CA THR M 218 1.30 30.85 -22.60
C THR M 218 1.50 29.71 -21.61
N LYS M 219 2.40 29.87 -20.64
CA LYS M 219 2.56 28.85 -19.62
C LYS M 219 1.27 28.63 -18.83
N ILE M 220 0.54 29.69 -18.55
CA ILE M 220 -0.59 29.64 -17.62
C ILE M 220 -1.93 29.86 -18.31
N ASN M 222 2.65 24.55 -22.65
CA ASN M 222 1.22 24.35 -22.48
C ASN M 222 0.89 22.98 -21.92
N PHE M 223 -0.39 22.63 -21.91
CA PHE M 223 -0.81 21.38 -21.32
C PHE M 223 -2.00 20.82 -22.06
N ARG M 224 -1.83 19.61 -22.58
CA ARG M 224 -2.93 18.77 -23.01
C ARG M 224 -3.39 17.94 -21.84
N VAL M 225 -4.70 17.92 -21.59
CA VAL M 225 -5.26 17.06 -20.56
C VAL M 225 -6.22 16.08 -21.20
N TYR M 226 -5.99 14.80 -20.94
CA TYR M 226 -6.93 13.75 -21.29
C TYR M 226 -7.64 13.32 -20.01
N TYR M 227 -8.94 13.10 -20.09
CA TYR M 227 -9.69 12.86 -18.87
C TYR M 227 -10.82 11.87 -19.12
N ARG M 228 -11.16 11.17 -18.06
CA ARG M 228 -12.34 10.34 -18.01
C ARG M 228 -13.50 11.24 -17.60
N ASP M 229 -14.48 11.39 -18.48
CA ASP M 229 -15.63 12.20 -18.10
C ASP M 229 -16.48 11.45 -17.08
N SER M 230 -17.50 12.14 -16.61
CA SER M 230 -18.18 11.71 -15.42
C SER M 230 -19.32 10.77 -15.76
N ARG M 231 -19.29 9.56 -15.20
CA ARG M 231 -20.17 8.44 -15.50
C ARG M 231 -19.90 7.82 -16.87
N ASP M 232 -19.02 8.41 -17.67
CA ASP M 232 -18.69 7.92 -19.00
C ASP M 232 -17.53 6.95 -18.93
N PRO M 233 -17.64 5.74 -19.50
CA PRO M 233 -16.47 4.85 -19.53
C PRO M 233 -15.36 5.32 -20.45
N VAL M 234 -15.70 6.08 -21.49
CA VAL M 234 -14.73 6.51 -22.49
C VAL M 234 -13.84 7.61 -21.92
N TRP M 235 -12.57 7.60 -22.33
CA TRP M 235 -11.67 8.71 -22.06
C TRP M 235 -11.77 9.74 -23.18
N LYS M 236 -11.74 11.01 -22.83
CA LYS M 236 -11.74 12.05 -23.86
C LYS M 236 -10.56 13.00 -23.68
N GLY M 237 -10.49 13.97 -24.57
CA GLY M 237 -9.39 14.90 -24.63
C GLY M 237 -8.79 14.98 -26.03
N PRO M 238 -7.84 15.89 -26.22
CA PRO M 238 -7.19 16.74 -25.23
C PRO M 238 -8.03 17.96 -24.87
N ALA M 239 -7.98 18.35 -23.60
CA ALA M 239 -8.57 19.61 -23.15
C ALA M 239 -7.44 20.52 -22.70
N LYS M 240 -7.71 21.83 -22.70
CA LYS M 240 -6.78 22.79 -22.15
C LYS M 240 -6.87 22.80 -20.62
N LEU M 241 -5.72 22.72 -19.96
CA LEU M 241 -5.65 22.86 -18.51
C LEU M 241 -5.78 24.32 -18.10
N LEU M 242 -6.63 24.60 -17.11
CA LEU M 242 -6.79 25.95 -16.56
C LEU M 242 -6.15 26.12 -15.19
N TRP M 243 -6.37 25.18 -14.29
CA TRP M 243 -5.93 25.29 -12.91
C TRP M 243 -5.68 23.88 -12.40
N LYS M 244 -4.63 23.72 -11.61
CA LYS M 244 -4.27 22.42 -11.08
C LYS M 244 -4.09 22.49 -9.56
N GLY M 245 -5.03 21.91 -8.82
CA GLY M 245 -4.88 21.74 -7.41
C GLY M 245 -4.26 20.40 -7.06
N GLU M 246 -4.42 20.02 -5.80
CA GLU M 246 -4.10 18.67 -5.35
C GLU M 246 -5.39 17.87 -5.39
N GLY M 247 -5.43 16.82 -6.18
CA GLY M 247 -6.62 16.02 -6.26
C GLY M 247 -7.58 16.33 -7.39
N ALA M 248 -7.57 17.56 -7.91
CA ALA M 248 -8.49 17.92 -9.00
C ALA M 248 -7.85 18.92 -9.95
N VAL M 249 -8.39 18.97 -11.18
CA VAL M 249 -8.03 20.00 -12.15
C VAL M 249 -9.29 20.64 -12.70
N VAL M 250 -9.13 21.80 -13.33
CA VAL M 250 -10.16 22.43 -14.14
C VAL M 250 -9.67 22.44 -15.58
N ILE M 251 -10.56 22.09 -16.50
CA ILE M 251 -10.18 21.89 -17.89
C ILE M 251 -11.18 22.56 -18.81
N GLN M 252 -10.67 23.06 -19.92
CA GLN M 252 -11.44 23.66 -20.99
C GLN M 252 -11.53 22.66 -22.14
N ASP M 253 -12.70 22.07 -22.33
CA ASP M 253 -12.93 21.13 -23.44
C ASP M 253 -13.99 21.74 -24.36
N ASN M 254 -13.52 22.46 -25.39
CA ASN M 254 -14.40 23.14 -26.35
C ASN M 254 -15.37 24.08 -25.63
N SER M 255 -14.81 25.13 -25.03
CA SER M 255 -15.58 26.14 -24.29
C SER M 255 -16.57 25.51 -23.30
N ASP M 256 -16.13 24.53 -22.52
CA ASP M 256 -16.98 23.78 -21.60
C ASP M 256 -16.16 23.42 -20.36
N ILE M 257 -16.15 24.31 -19.38
CA ILE M 257 -15.28 24.16 -18.21
C ILE M 257 -15.74 22.97 -17.38
N LYS M 258 -14.82 22.04 -17.14
CA LYS M 258 -15.10 20.86 -16.34
C LYS M 258 -14.10 20.78 -15.20
N VAL M 259 -14.50 20.13 -14.12
CA VAL M 259 -13.64 19.89 -12.98
C VAL M 259 -13.44 18.39 -12.88
N VAL M 260 -12.19 17.95 -12.86
CA VAL M 260 -11.93 16.51 -12.91
C VAL M 260 -10.98 16.13 -11.78
N PRO M 261 -11.28 15.10 -11.01
CA PRO M 261 -10.28 14.59 -10.06
C PRO M 261 -9.02 14.13 -10.77
N ARG M 262 -7.89 14.34 -10.11
CA ARG M 262 -6.61 14.03 -10.74
C ARG M 262 -6.44 12.53 -11.00
N ARG M 263 -7.20 11.69 -10.29
CA ARG M 263 -7.24 10.26 -10.59
C ARG M 263 -7.84 9.98 -11.96
N LYS M 264 -8.68 10.88 -12.46
CA LYS M 264 -9.40 10.68 -13.70
C LYS M 264 -8.88 11.57 -14.83
N ALA M 265 -7.65 12.06 -14.72
CA ALA M 265 -7.10 12.96 -15.70
C ALA M 265 -5.66 12.55 -16.03
N LYS M 266 -5.18 13.02 -17.16
CA LYS M 266 -3.77 12.85 -17.53
C LYS M 266 -3.29 14.14 -18.18
N ILE M 267 -2.21 14.69 -17.64
CA ILE M 267 -1.67 15.97 -18.10
C ILE M 267 -0.38 15.70 -18.86
N ILE M 268 -0.38 16.03 -20.14
CA ILE M 268 0.81 15.89 -20.96
C ILE M 268 1.38 17.28 -21.24
N PHE N 1 9.77 11.79 -37.02
CA PHE N 1 9.72 12.68 -35.88
C PHE N 1 8.50 13.59 -35.92
N LEU N 2 8.36 14.43 -34.89
CA LEU N 2 7.30 15.41 -34.85
C LEU N 2 7.53 16.49 -35.91
N ASP N 3 6.44 17.14 -36.33
CA ASP N 3 6.55 18.20 -37.33
C ASP N 3 7.54 19.28 -36.90
N GLY N 4 7.57 19.59 -35.60
CA GLY N 4 8.58 20.52 -35.12
C GLY N 4 10.00 20.00 -35.28
N ILE N 5 10.20 18.70 -35.00
CA ILE N 5 11.53 18.12 -35.13
C ILE N 5 11.94 18.01 -36.59
N ASP N 6 10.99 17.66 -37.47
CA ASP N 6 11.30 17.65 -38.90
C ASP N 6 11.63 19.05 -39.40
N LYS N 7 10.90 20.06 -38.92
CA LYS N 7 11.22 21.44 -39.28
C LYS N 7 12.60 21.82 -38.77
N ALA N 8 12.96 21.37 -37.57
CA ALA N 8 14.30 21.64 -37.04
C ALA N 8 15.37 20.97 -37.89
N GLN N 9 15.12 19.75 -38.36
CA GLN N 9 16.09 19.08 -39.22
C GLN N 9 16.24 19.82 -40.55
N GLU N 10 15.13 20.28 -41.11
CA GLU N 10 15.21 21.06 -42.35
C GLU N 10 15.93 22.38 -42.12
N GLU N 11 15.69 23.00 -40.96
CA GLU N 11 16.43 24.21 -40.62
C GLU N 11 17.92 23.92 -40.44
N HIS N 12 18.27 22.72 -39.97
CA HIS N 12 19.69 22.35 -39.92
C HIS N 12 20.26 22.27 -41.33
N GLU N 13 19.55 21.59 -42.23
CA GLU N 13 20.04 21.49 -43.60
C GLU N 13 20.15 22.87 -44.24
N LYS N 14 19.30 23.80 -43.83
CA LYS N 14 19.39 25.19 -44.29
C LYS N 14 20.51 25.98 -43.62
N TYR N 15 20.85 25.66 -42.38
CA TYR N 15 21.71 26.52 -41.57
C TYR N 15 22.88 25.82 -40.90
N HIS N 16 23.05 24.50 -41.08
CA HIS N 16 24.24 23.78 -40.64
C HIS N 16 24.49 23.95 -39.14
N SER N 17 23.42 23.95 -38.36
CA SER N 17 23.53 23.94 -36.91
C SER N 17 22.47 23.00 -36.35
N ASN N 18 22.87 22.16 -35.40
CA ASN N 18 21.99 21.13 -34.85
C ASN N 18 21.66 21.37 -33.38
N TRP N 19 22.67 21.40 -32.51
CA TRP N 19 22.40 21.47 -31.07
C TRP N 19 22.00 22.87 -30.63
N ARG N 20 22.57 23.90 -31.24
CA ARG N 20 22.37 25.27 -30.75
C ARG N 20 20.93 25.74 -30.91
N ALA N 21 20.12 25.06 -31.72
CA ALA N 21 18.76 25.51 -31.99
C ALA N 21 17.71 24.54 -31.46
N MET N 22 17.75 23.26 -31.84
CA MET N 22 16.67 22.35 -31.46
C MET N 22 16.76 21.95 -30.00
N ALA N 23 17.97 21.88 -29.44
CA ALA N 23 18.09 21.55 -28.02
C ALA N 23 17.59 22.70 -27.14
N SER N 24 17.75 23.94 -27.59
CA SER N 24 17.33 25.11 -26.84
C SER N 24 15.95 25.61 -27.25
N ASP N 25 15.79 26.01 -28.52
CA ASP N 25 14.55 26.62 -28.94
C ASP N 25 13.43 25.60 -29.10
N PHE N 26 13.72 24.45 -29.68
CA PHE N 26 12.70 23.46 -29.98
C PHE N 26 12.48 22.47 -28.85
N ASN N 27 13.20 22.62 -27.73
CA ASN N 27 13.01 21.80 -26.54
C ASN N 27 13.21 20.32 -26.82
N LEU N 28 14.07 20.00 -27.77
CA LEU N 28 14.36 18.60 -28.07
C LEU N 28 15.18 17.98 -26.94
N PRO N 29 14.91 16.72 -26.57
CA PRO N 29 15.73 16.07 -25.57
C PRO N 29 17.17 15.96 -26.04
N PRO N 30 18.13 16.04 -25.11
CA PRO N 30 19.54 16.01 -25.51
C PRO N 30 19.95 14.74 -26.23
N VAL N 31 19.31 13.60 -25.93
CA VAL N 31 19.68 12.35 -26.58
C VAL N 31 19.39 12.41 -28.07
N VAL N 32 18.24 12.95 -28.46
CA VAL N 32 17.89 13.04 -29.86
C VAL N 32 18.83 14.00 -30.59
N ALA N 33 19.16 15.12 -29.96
CA ALA N 33 20.11 16.06 -30.57
C ALA N 33 21.48 15.43 -30.74
N LYS N 34 21.93 14.66 -29.74
CA LYS N 34 23.21 13.98 -29.86
C LYS N 34 23.19 12.96 -30.98
N GLU N 35 22.09 12.21 -31.12
CA GLU N 35 21.98 11.26 -32.22
C GLU N 35 22.00 11.98 -33.56
N ILE N 36 21.33 13.13 -33.65
CA ILE N 36 21.29 13.88 -34.90
C ILE N 36 22.69 14.40 -35.26
N VAL N 37 23.40 14.96 -34.29
CA VAL N 37 24.74 15.47 -34.58
C VAL N 37 25.68 14.32 -34.91
N ALA N 38 25.46 13.13 -34.33
CA ALA N 38 26.26 11.97 -34.71
C ALA N 38 25.99 11.57 -36.16
N SER N 39 24.72 11.55 -36.56
CA SER N 39 24.39 11.23 -37.94
C SER N 39 24.79 12.35 -38.89
N CYS N 40 24.71 13.60 -38.45
CA CYS N 40 25.04 14.76 -39.27
C CYS N 40 26.51 14.77 -39.65
N ASP N 41 26.80 14.58 -40.94
CA ASP N 41 28.18 14.66 -41.41
C ASP N 41 28.72 16.09 -41.37
N LYS N 42 27.84 17.08 -41.35
CA LYS N 42 28.23 18.49 -41.29
C LYS N 42 28.43 18.99 -39.87
N CYS N 43 28.26 18.12 -38.88
CA CYS N 43 28.37 18.49 -37.46
C CYS N 43 29.54 17.70 -36.86
N GLN N 44 30.73 18.29 -36.94
CA GLN N 44 31.92 17.66 -36.35
C GLN N 44 32.07 17.96 -34.86
N LEU N 45 31.22 18.82 -34.31
CA LEU N 45 31.25 19.16 -32.88
C LEU N 45 32.63 19.66 -32.45
N CYS N 56 34.29 44.55 -21.88
CA CYS N 56 35.49 45.22 -22.37
C CYS N 56 35.24 46.71 -22.53
N SER N 57 34.46 47.10 -23.54
CA SER N 57 34.08 48.50 -23.69
C SER N 57 33.04 48.64 -24.79
N PRO N 58 31.79 48.35 -24.58
CA PRO N 58 30.89 48.12 -25.72
C PRO N 58 30.87 49.27 -26.71
N GLY N 59 31.10 48.95 -27.98
CA GLY N 59 31.47 49.92 -28.99
C GLY N 59 32.90 49.65 -29.43
N ILE N 60 33.39 48.46 -29.14
CA ILE N 60 34.73 48.03 -29.49
C ILE N 60 34.65 46.87 -30.46
N TRP N 61 35.15 47.07 -31.67
CA TRP N 61 35.08 46.09 -32.73
C TRP N 61 36.48 45.82 -33.25
N GLN N 62 36.69 44.62 -33.75
CA GLN N 62 37.90 44.28 -34.48
C GLN N 62 37.62 44.37 -35.97
N LEU N 63 38.66 44.62 -36.75
CA LEU N 63 38.60 44.45 -38.20
C LEU N 63 39.83 43.70 -38.65
N ASP N 64 39.69 42.92 -39.72
CA ASP N 64 40.79 42.10 -40.20
C ASP N 64 40.54 41.75 -41.65
N CYS N 65 41.59 41.24 -42.30
CA CYS N 65 41.52 40.83 -43.70
C CYS N 65 41.83 39.34 -43.80
N THR N 66 41.06 38.63 -44.61
CA THR N 66 41.24 37.21 -44.82
C THR N 66 41.19 36.88 -46.30
N HIS N 67 41.80 35.75 -46.66
CA HIS N 67 41.82 35.27 -48.04
C HIS N 67 41.27 33.86 -48.09
N LEU N 68 40.56 33.56 -49.18
CA LEU N 68 40.01 32.21 -49.37
C LEU N 68 39.79 31.99 -50.85
N GLU N 69 40.42 30.95 -51.40
CA GLU N 69 40.26 30.56 -52.80
C GLU N 69 40.54 31.74 -53.75
N GLY N 70 41.58 32.51 -53.42
CA GLY N 70 41.96 33.64 -54.24
C GLY N 70 41.09 34.86 -54.08
N LYS N 71 40.18 34.88 -53.12
CA LYS N 71 39.29 36.00 -52.87
C LYS N 71 39.57 36.60 -51.50
N VAL N 72 39.39 37.91 -51.39
CA VAL N 72 39.70 38.65 -50.17
C VAL N 72 38.41 38.96 -49.43
N ILE N 73 38.40 38.71 -48.12
CA ILE N 73 37.23 38.92 -47.27
C ILE N 73 37.64 39.75 -46.06
N LEU N 74 36.97 40.88 -45.86
CA LEU N 74 37.17 41.75 -44.71
C LEU N 74 36.10 41.43 -43.68
N VAL N 75 36.52 41.20 -42.43
CA VAL N 75 35.62 40.71 -41.39
C VAL N 75 35.63 41.68 -40.22
N ALA N 76 34.43 42.10 -39.81
CA ALA N 76 34.25 42.92 -38.62
C ALA N 76 33.65 42.08 -37.51
N VAL N 77 34.25 42.15 -36.33
CA VAL N 77 33.84 41.34 -35.19
C VAL N 77 33.43 42.28 -34.07
N HIS N 78 32.64 41.78 -33.13
CA HIS N 78 32.42 42.51 -31.88
C HIS N 78 33.04 41.72 -30.73
N VAL N 79 33.84 42.40 -29.91
CA VAL N 79 34.45 41.76 -28.75
C VAL N 79 33.40 41.31 -27.76
N ALA N 80 32.42 42.17 -27.47
CA ALA N 80 31.57 41.95 -26.31
C ALA N 80 30.55 40.84 -26.51
N SER N 81 30.29 40.39 -27.73
CA SER N 81 29.48 39.19 -27.87
C SER N 81 29.86 38.28 -29.02
N GLY N 82 30.89 38.60 -29.81
CA GLY N 82 31.15 37.81 -31.00
C GLY N 82 30.05 37.88 -32.03
N TYR N 83 29.48 39.06 -32.23
CA TYR N 83 28.59 39.30 -33.35
C TYR N 83 29.43 39.75 -34.55
N ILE N 84 29.42 38.96 -35.61
CA ILE N 84 30.39 39.09 -36.68
C ILE N 84 29.70 39.60 -37.94
N GLU N 85 30.21 40.70 -38.49
CA GLU N 85 29.79 41.18 -39.80
C GLU N 85 30.88 40.86 -40.80
N ALA N 86 30.51 40.70 -42.06
CA ALA N 86 31.49 40.40 -43.09
C ALA N 86 30.92 40.71 -44.46
N GLU N 87 31.81 40.93 -45.41
CA GLU N 87 31.44 41.04 -46.81
C GLU N 87 32.66 40.82 -47.68
N VAL N 88 32.44 40.22 -48.85
CA VAL N 88 33.54 39.96 -49.77
C VAL N 88 34.00 41.27 -50.39
N ILE N 89 35.30 41.40 -50.58
CA ILE N 89 35.90 42.64 -51.07
C ILE N 89 36.41 42.42 -52.49
N PRO N 90 36.17 43.36 -53.42
CA PRO N 90 36.73 43.20 -54.77
C PRO N 90 38.25 43.12 -54.79
N ALA N 91 38.93 43.87 -53.94
CA ALA N 91 40.39 43.88 -53.93
C ALA N 91 40.88 44.33 -52.57
N GLU N 92 42.14 44.02 -52.28
CA GLU N 92 42.72 44.33 -50.98
C GLU N 92 43.04 45.81 -50.79
N THR N 93 42.73 46.66 -51.78
CA THR N 93 43.14 48.06 -51.72
C THR N 93 42.51 48.76 -50.52
N GLY N 94 43.11 49.87 -50.12
CA GLY N 94 42.62 50.62 -48.98
C GLY N 94 41.26 51.25 -49.20
N GLN N 95 40.99 51.71 -50.43
CA GLN N 95 39.74 52.42 -50.69
C GLN N 95 38.53 51.53 -50.41
N GLU N 96 38.59 50.27 -50.83
CA GLU N 96 37.51 49.35 -50.52
C GLU N 96 37.36 49.19 -49.01
N THR N 97 38.48 49.14 -48.30
CA THR N 97 38.41 49.02 -46.84
C THR N 97 37.71 50.21 -46.23
N ALA N 98 38.03 51.41 -46.72
CA ALA N 98 37.37 52.59 -46.21
C ALA N 98 35.88 52.53 -46.49
N TYR N 99 35.50 52.06 -47.67
CA TYR N 99 34.07 51.98 -47.96
C TYR N 99 33.38 51.00 -47.02
N PHE N 100 34.02 49.87 -46.74
CA PHE N 100 33.40 48.91 -45.83
C PHE N 100 33.26 49.49 -44.44
N LEU N 101 34.30 50.20 -43.97
CA LEU N 101 34.21 50.78 -42.64
C LEU N 101 33.13 51.84 -42.59
N LEU N 102 32.99 52.61 -43.67
CA LEU N 102 31.84 53.50 -43.78
C LEU N 102 30.56 52.73 -43.57
N LYS N 103 30.36 51.69 -44.37
CA LYS N 103 29.10 50.95 -44.28
C LYS N 103 28.87 50.47 -42.86
N LEU N 104 29.96 50.14 -42.16
CA LEU N 104 29.85 49.78 -40.76
C LEU N 104 29.29 50.92 -39.92
N ALA N 105 29.76 52.15 -40.16
CA ALA N 105 29.48 53.21 -39.21
C ALA N 105 27.99 53.42 -39.03
N GLY N 106 27.22 53.25 -40.09
CA GLY N 106 25.81 53.57 -40.01
C GLY N 106 24.93 52.50 -39.41
N ARG N 107 25.48 51.31 -39.19
CA ARG N 107 24.68 50.23 -38.63
C ARG N 107 24.76 50.15 -37.11
N TRP N 108 25.88 50.54 -36.51
CA TRP N 108 26.03 50.50 -35.06
C TRP N 108 26.94 51.63 -34.65
N PRO N 109 26.79 52.12 -33.45
CA PRO N 109 27.69 53.21 -33.01
C PRO N 109 29.10 52.72 -32.74
N VAL N 110 29.82 52.38 -33.82
CA VAL N 110 31.21 51.99 -33.70
C VAL N 110 32.01 53.17 -33.15
N LYS N 111 32.85 52.91 -32.16
CA LYS N 111 33.63 53.96 -31.52
C LYS N 111 35.12 53.78 -31.63
N THR N 112 35.62 52.55 -31.59
CA THR N 112 37.05 52.32 -31.69
C THR N 112 37.30 50.92 -32.23
N VAL N 113 38.18 50.81 -33.23
CA VAL N 113 38.48 49.55 -33.87
C VAL N 113 39.99 49.30 -33.78
N HIS N 114 40.38 48.04 -33.96
CA HIS N 114 41.78 47.67 -33.93
C HIS N 114 42.11 46.81 -35.14
N THR N 115 43.26 47.08 -35.76
CA THR N 115 43.66 46.40 -36.98
C THR N 115 45.03 45.73 -36.81
N ASP N 116 45.60 45.27 -37.91
CA ASP N 116 46.92 44.62 -37.90
C ASP N 116 48.00 45.48 -38.53
N ASN N 117 47.80 46.80 -38.59
CA ASN N 117 48.84 47.74 -39.05
C ASN N 117 49.23 47.49 -40.50
N GLY N 118 48.35 46.86 -41.27
CA GLY N 118 48.67 46.56 -42.66
C GLY N 118 48.73 47.81 -43.52
N SER N 119 49.42 47.68 -44.65
CA SER N 119 49.55 48.81 -45.57
C SER N 119 48.19 49.24 -46.10
N ASN N 120 47.33 48.27 -46.43
CA ASN N 120 45.98 48.59 -46.89
C ASN N 120 45.13 49.24 -45.81
N PHE N 121 45.51 49.08 -44.55
CA PHE N 121 44.77 49.69 -43.44
C PHE N 121 45.42 50.98 -42.96
N THR N 122 46.75 51.08 -43.02
CA THR N 122 47.43 52.34 -42.76
C THR N 122 47.28 53.33 -43.91
N SER N 123 46.53 52.97 -44.94
CA SER N 123 46.26 53.89 -46.04
C SER N 123 45.51 55.11 -45.53
N THR N 124 45.80 56.26 -46.14
CA THR N 124 45.26 57.51 -45.62
C THR N 124 43.74 57.53 -45.67
N THR N 125 43.15 57.01 -46.75
CA THR N 125 41.71 57.07 -46.91
C THR N 125 41.00 56.38 -45.75
N VAL N 126 41.62 55.36 -45.18
CA VAL N 126 41.06 54.72 -43.99
C VAL N 126 40.98 55.74 -42.85
N LYS N 127 42.06 56.51 -42.66
CA LYS N 127 42.03 57.55 -41.63
C LYS N 127 40.93 58.57 -41.93
N ALA N 128 40.80 58.95 -43.20
CA ALA N 128 39.80 59.93 -43.56
C ALA N 128 38.40 59.44 -43.20
N ALA N 129 38.10 58.19 -43.55
CA ALA N 129 36.78 57.65 -43.21
C ALA N 129 36.59 57.59 -41.71
N CYS N 130 37.62 57.14 -40.99
CA CYS N 130 37.49 57.07 -39.54
C CYS N 130 37.22 58.44 -38.96
N TRP N 131 37.73 59.49 -39.61
CA TRP N 131 37.43 60.82 -39.11
C TRP N 131 35.99 61.18 -39.39
N TRP N 132 35.64 61.32 -40.66
CA TRP N 132 34.36 61.94 -40.98
C TRP N 132 33.19 61.11 -40.45
N ALA N 133 33.44 59.86 -40.09
CA ALA N 133 32.40 59.11 -39.40
C ALA N 133 32.51 59.27 -37.89
N GLY N 134 33.73 59.47 -37.38
CA GLY N 134 33.93 59.46 -35.94
C GLY N 134 34.21 58.08 -35.42
N ILE N 135 35.27 57.45 -35.94
CA ILE N 135 35.71 56.13 -35.52
C ILE N 135 37.18 56.24 -35.15
N LYS N 136 37.55 55.73 -33.98
CA LYS N 136 38.93 55.79 -33.53
C LYS N 136 39.66 54.49 -33.84
N GLN N 137 40.93 54.60 -34.21
CA GLN N 137 41.75 53.46 -34.57
C GLN N 137 42.79 53.22 -33.48
N GLU N 138 42.83 52.00 -32.97
CA GLU N 138 43.80 51.59 -31.96
C GLU N 138 44.56 50.42 -32.56
N PHE N 139 45.65 50.71 -33.26
CA PHE N 139 46.37 49.69 -34.01
C PHE N 139 47.14 48.77 -33.06
N GLY N 140 47.81 47.79 -33.66
CA GLY N 140 48.63 46.85 -32.90
C GLY N 140 47.86 45.59 -32.57
N ILE N 141 47.91 45.20 -31.30
CA ILE N 141 47.07 44.10 -30.82
C ILE N 141 46.23 44.64 -29.66
N PRO N 142 45.01 44.13 -29.47
CA PRO N 142 44.16 44.66 -28.39
C PRO N 142 44.80 44.46 -27.03
N TYR N 143 44.52 45.40 -26.14
CA TYR N 143 45.14 45.45 -24.82
C TYR N 143 44.32 44.73 -23.75
N ASN N 144 43.54 43.73 -24.15
CA ASN N 144 42.82 42.90 -23.20
C ASN N 144 43.06 41.44 -23.56
N PRO N 145 43.54 40.63 -22.62
CA PRO N 145 43.96 39.26 -22.97
C PRO N 145 42.80 38.29 -23.15
N GLN N 146 41.73 38.73 -23.82
CA GLN N 146 40.68 37.83 -24.28
C GLN N 146 40.57 37.87 -25.80
N SER N 147 40.37 39.06 -26.39
CA SER N 147 40.17 39.17 -27.83
C SER N 147 41.42 38.83 -28.63
N GLN N 148 42.58 38.80 -27.98
CA GLN N 148 43.84 38.61 -28.69
C GLN N 148 43.86 37.29 -29.44
N GLY N 149 43.38 36.22 -28.81
CA GLY N 149 43.23 34.95 -29.49
C GLY N 149 41.81 34.76 -30.00
N VAL N 150 40.87 35.55 -29.46
CA VAL N 150 39.47 35.42 -29.86
C VAL N 150 39.26 35.83 -31.31
N ILE N 151 39.98 36.85 -31.78
CA ILE N 151 39.80 37.27 -33.18
C ILE N 151 40.16 36.13 -34.13
N GLU N 152 41.29 35.47 -33.87
CA GLU N 152 41.67 34.33 -34.70
C GLU N 152 40.74 33.14 -34.49
N SER N 153 40.24 32.94 -33.27
CA SER N 153 39.32 31.84 -33.02
C SER N 153 38.02 32.01 -33.81
N MET N 154 37.47 33.23 -33.84
CA MET N 154 36.28 33.47 -34.63
C MET N 154 36.57 33.48 -36.13
N ASN N 155 37.79 33.87 -36.53
CA ASN N 155 38.17 33.66 -37.92
C ASN N 155 38.12 32.18 -38.29
N LYS N 156 38.65 31.32 -37.41
CA LYS N 156 38.59 29.88 -37.64
C LYS N 156 37.14 29.40 -37.66
N GLU N 157 36.30 29.96 -36.80
CA GLU N 157 34.89 29.58 -36.79
C GLU N 157 34.22 29.91 -38.13
N LEU N 158 34.49 31.11 -38.66
CA LEU N 158 33.93 31.48 -39.95
C LEU N 158 34.45 30.59 -41.07
N LYS N 159 35.74 30.26 -41.04
CA LYS N 159 36.30 29.37 -42.05
C LYS N 159 35.63 28.00 -41.99
N LYS N 160 35.41 27.49 -40.78
CA LYS N 160 34.75 26.20 -40.62
C LYS N 160 33.31 26.25 -41.11
N ILE N 161 32.59 27.33 -40.83
CA ILE N 161 31.21 27.45 -41.29
C ILE N 161 31.17 27.48 -42.80
N ILE N 162 32.08 28.23 -43.43
CA ILE N 162 32.14 28.24 -44.89
C ILE N 162 32.48 26.84 -45.41
N GLY N 163 33.30 26.09 -44.68
CA GLY N 163 33.65 24.75 -45.12
C GLY N 163 32.45 23.85 -45.32
N GLN N 164 31.34 24.13 -44.65
CA GLN N 164 30.10 23.41 -44.87
C GLN N 164 29.13 24.16 -45.77
N VAL N 165 29.16 25.49 -45.75
CA VAL N 165 28.24 26.27 -46.57
C VAL N 165 28.56 26.11 -48.05
N ARG N 166 29.85 25.90 -48.38
CA ARG N 166 30.30 26.01 -49.78
C ARG N 166 29.55 25.07 -50.71
N ASP N 167 29.00 23.96 -50.18
CA ASP N 167 28.27 23.02 -51.03
C ASP N 167 26.97 23.62 -51.57
N GLN N 168 26.54 24.77 -51.06
CA GLN N 168 25.30 25.40 -51.48
C GLN N 168 25.51 26.79 -52.07
N ALA N 169 26.73 27.09 -52.53
CA ALA N 169 27.01 28.37 -53.17
C ALA N 169 28.28 28.23 -54.00
N GLU N 170 28.18 28.50 -55.31
CA GLU N 170 29.33 28.39 -56.19
C GLU N 170 30.20 29.64 -56.18
N HIS N 171 29.67 30.76 -55.71
CA HIS N 171 30.43 31.99 -55.57
C HIS N 171 30.57 32.34 -54.10
N LEU N 172 31.78 32.72 -53.70
CA LEU N 172 32.02 33.07 -52.31
C LEU N 172 31.20 34.27 -51.88
N LYS N 173 30.81 35.13 -52.82
CA LYS N 173 30.13 36.37 -52.44
C LYS N 173 28.81 36.09 -51.74
N THR N 174 28.16 34.98 -52.07
CA THR N 174 26.93 34.61 -51.39
C THR N 174 27.19 33.70 -50.20
N ALA N 175 28.14 32.77 -50.35
CA ALA N 175 28.46 31.86 -49.26
C ALA N 175 28.90 32.61 -48.01
N VAL N 176 29.58 33.74 -48.19
CA VAL N 176 30.04 34.50 -47.04
C VAL N 176 28.84 35.02 -46.26
N GLN N 177 27.84 35.56 -46.95
CA GLN N 177 26.66 36.04 -46.24
C GLN N 177 25.89 34.89 -45.61
N MET N 178 25.87 33.74 -46.28
CA MET N 178 25.23 32.58 -45.67
C MET N 178 25.88 32.25 -44.34
N ALA N 179 27.21 32.16 -44.32
CA ALA N 179 27.92 31.88 -43.09
C ALA N 179 27.65 32.97 -42.05
N VAL N 180 27.55 34.23 -42.49
CA VAL N 180 27.36 35.31 -41.54
C VAL N 180 26.01 35.18 -40.86
N PHE N 181 24.97 34.86 -41.61
CA PHE N 181 23.67 34.71 -40.96
C PHE N 181 23.69 33.52 -40.02
N ILE N 182 24.34 32.44 -40.41
CA ILE N 182 24.41 31.30 -39.51
C ILE N 182 25.07 31.71 -38.20
N HIS N 183 26.24 32.34 -38.28
CA HIS N 183 26.99 32.71 -37.08
C HIS N 183 26.33 33.83 -36.30
N ASN N 184 25.44 34.57 -36.93
CA ASN N 184 24.74 35.62 -36.18
C ASN N 184 23.52 35.09 -35.47
N PHE N 185 22.83 34.15 -36.04
CA PHE N 185 21.65 33.81 -35.25
C PHE N 185 21.47 32.31 -35.06
N LYS N 186 21.81 31.50 -36.06
CA LYS N 186 21.46 30.09 -35.98
C LYS N 186 22.47 29.28 -35.16
N ARG N 187 23.44 29.94 -34.54
CA ARG N 187 24.34 29.30 -33.60
C ARG N 187 24.17 30.03 -32.26
N LYS N 188 23.46 29.38 -31.35
CA LYS N 188 23.10 29.97 -30.06
C LYS N 188 23.85 29.26 -28.94
N GLY N 189 24.66 30.01 -28.21
CA GLY N 189 25.45 29.44 -27.14
C GLY N 189 26.07 30.51 -26.29
N GLY N 190 27.06 30.09 -25.50
CA GLY N 190 27.77 31.03 -24.64
C GLY N 190 27.40 30.88 -23.19
N ILE N 191 26.64 31.83 -22.66
CA ILE N 191 26.25 31.78 -21.25
C ILE N 191 25.04 30.87 -21.06
N GLY N 192 23.91 31.23 -21.66
CA GLY N 192 22.70 30.46 -21.51
C GLY N 192 22.16 29.94 -22.83
N GLY N 193 22.94 30.08 -23.89
CA GLY N 193 22.51 29.69 -25.21
C GLY N 193 21.94 30.86 -25.99
N TYR N 194 22.58 32.02 -25.89
CA TYR N 194 22.15 33.22 -26.56
C TYR N 194 22.96 33.45 -27.82
N SER N 195 22.28 33.53 -28.96
CA SER N 195 22.96 33.81 -30.21
C SER N 195 23.50 35.23 -30.21
N ALA N 196 24.61 35.42 -30.92
CA ALA N 196 25.35 36.67 -30.82
C ALA N 196 24.46 37.87 -31.07
N GLY N 197 23.52 37.76 -31.99
CA GLY N 197 22.63 38.87 -32.23
C GLY N 197 21.85 39.26 -31.00
N GLU N 198 21.32 38.28 -30.27
CA GLU N 198 20.57 38.61 -29.07
C GLU N 198 21.45 39.35 -28.08
N ARG N 199 22.65 38.82 -27.82
CA ARG N 199 23.52 39.45 -26.85
C ARG N 199 23.84 40.88 -27.25
N ILE N 200 24.02 41.14 -28.54
CA ILE N 200 24.34 42.50 -28.92
C ILE N 200 23.13 43.40 -28.80
N VAL N 201 21.94 42.86 -28.97
CA VAL N 201 20.77 43.66 -28.65
C VAL N 201 20.87 44.13 -27.20
N ASP N 202 21.17 43.17 -26.31
CA ASP N 202 21.25 43.48 -24.89
C ASP N 202 22.33 44.51 -24.59
N ILE N 203 23.51 44.34 -25.20
CA ILE N 203 24.64 45.20 -24.92
C ILE N 203 24.37 46.62 -25.36
N ILE N 204 23.76 46.80 -26.54
CA ILE N 204 23.53 48.17 -26.97
C ILE N 204 22.49 48.82 -26.09
N ALA N 205 21.47 48.07 -25.68
CA ALA N 205 20.48 48.67 -24.80
C ALA N 205 21.10 49.10 -23.47
N GLN N 214 20.90 60.67 -21.80
CA GLN N 214 20.76 61.89 -22.58
C GLN N 214 19.42 61.93 -23.29
N LYS N 215 18.95 60.78 -23.78
CA LYS N 215 17.60 60.72 -24.35
C LYS N 215 16.56 61.14 -23.32
N GLN N 216 16.61 60.54 -22.13
CA GLN N 216 15.59 60.87 -21.13
C GLN N 216 15.73 62.29 -20.61
N ILE N 217 16.96 62.83 -20.61
CA ILE N 217 17.16 64.22 -20.19
C ILE N 217 16.57 65.18 -21.22
N THR N 218 16.86 64.95 -22.51
CA THR N 218 16.32 65.81 -23.55
C THR N 218 14.82 65.67 -23.69
N LYS N 219 14.24 64.56 -23.22
CA LYS N 219 12.79 64.42 -23.27
C LYS N 219 12.08 65.51 -22.48
N ILE N 220 12.65 65.96 -21.37
CA ILE N 220 11.98 66.86 -20.44
C ILE N 220 12.66 68.21 -20.34
N GLN N 221 13.55 68.55 -21.27
CA GLN N 221 14.27 69.82 -21.18
C GLN N 221 13.34 71.02 -21.31
N ASN N 222 12.41 70.96 -22.26
CA ASN N 222 11.54 72.10 -22.58
C ASN N 222 10.15 71.98 -21.97
N PHE N 223 10.05 71.39 -20.79
CA PHE N 223 8.75 71.14 -20.16
C PHE N 223 8.36 72.34 -19.30
N ARG N 224 7.41 73.13 -19.78
CA ARG N 224 6.80 74.20 -19.01
C ARG N 224 5.47 73.74 -18.44
N VAL N 225 5.03 74.42 -17.38
CA VAL N 225 3.90 74.00 -16.58
C VAL N 225 2.92 75.16 -16.42
N TYR N 226 1.64 74.87 -16.56
CA TYR N 226 0.57 75.82 -16.29
C TYR N 226 0.35 75.88 -14.78
N TYR N 227 0.80 76.96 -14.17
CA TYR N 227 0.81 77.05 -12.71
C TYR N 227 -0.60 77.09 -12.12
N ARG N 228 -0.85 76.20 -11.18
CA ARG N 228 -2.05 76.24 -10.34
C ARG N 228 -1.61 75.99 -8.90
N ASP N 229 -2.57 75.92 -7.97
CA ASP N 229 -2.24 75.74 -6.57
C ASP N 229 -3.35 74.91 -5.91
N SER N 230 -3.31 74.84 -4.57
CA SER N 230 -4.28 74.04 -3.83
C SER N 230 -5.70 74.56 -3.95
N ARG N 231 -5.87 75.85 -4.29
CA ARG N 231 -7.19 76.42 -4.47
C ARG N 231 -7.85 75.97 -5.78
N ASP N 232 -7.14 75.19 -6.60
CA ASP N 232 -7.62 74.75 -7.90
C ASP N 232 -8.02 75.93 -8.79
N PRO N 233 -7.07 76.79 -9.16
CA PRO N 233 -7.39 77.96 -9.99
C PRO N 233 -7.20 77.66 -11.47
N VAL N 234 -7.56 78.64 -12.28
CA VAL N 234 -7.35 78.59 -13.72
C VAL N 234 -6.30 79.60 -14.16
N TRP N 235 -5.42 80.02 -13.24
CA TRP N 235 -4.41 81.02 -13.56
C TRP N 235 -3.46 80.54 -14.65
N LYS N 236 -2.95 79.31 -14.50
CA LYS N 236 -2.06 78.70 -15.47
C LYS N 236 -0.85 79.58 -15.74
N GLY N 237 -0.06 79.82 -14.69
CA GLY N 237 1.13 80.62 -14.78
C GLY N 237 2.23 79.95 -15.57
N PRO N 238 3.21 80.73 -16.02
CA PRO N 238 4.27 80.23 -16.90
C PRO N 238 5.40 79.53 -16.15
N ALA N 239 5.09 78.34 -15.62
CA ALA N 239 6.07 77.62 -14.82
C ALA N 239 7.04 76.83 -15.69
N LYS N 240 8.09 76.33 -15.04
CA LYS N 240 9.00 75.36 -15.63
C LYS N 240 8.97 74.08 -14.78
N LEU N 241 8.80 72.95 -15.45
CA LEU N 241 8.72 71.68 -14.73
C LEU N 241 10.09 71.31 -14.16
N LEU N 242 10.16 71.14 -12.85
CA LEU N 242 11.40 70.73 -12.20
C LEU N 242 11.40 69.27 -11.75
N TRP N 243 10.29 68.76 -11.23
CA TRP N 243 10.24 67.35 -10.86
C TRP N 243 8.78 66.88 -10.79
N LYS N 244 8.59 65.62 -11.15
CA LYS N 244 7.29 64.96 -11.27
C LYS N 244 7.30 63.67 -10.47
N GLY N 245 6.22 63.39 -9.76
CA GLY N 245 6.05 62.10 -9.11
C GLY N 245 5.67 62.25 -7.66
N GLU N 246 5.43 61.11 -7.03
CA GLU N 246 5.13 61.01 -5.60
C GLU N 246 3.95 61.91 -5.21
N GLY N 247 2.90 61.88 -6.02
CA GLY N 247 1.64 62.50 -5.66
C GLY N 247 1.52 63.98 -5.97
N ALA N 248 2.57 64.61 -6.48
CA ALA N 248 2.55 66.04 -6.73
C ALA N 248 3.66 66.38 -7.71
N VAL N 249 3.90 67.68 -7.89
CA VAL N 249 4.94 68.16 -8.77
C VAL N 249 5.87 69.07 -7.97
N VAL N 250 7.03 69.35 -8.55
CA VAL N 250 7.92 70.40 -8.08
C VAL N 250 8.21 71.31 -9.26
N ILE N 251 7.75 72.56 -9.16
CA ILE N 251 7.85 73.52 -10.26
C ILE N 251 8.26 74.87 -9.69
N GLN N 252 9.08 75.59 -10.43
CA GLN N 252 9.48 76.94 -10.05
C GLN N 252 8.40 77.93 -10.46
N ASP N 253 8.14 78.91 -9.60
CA ASP N 253 7.21 79.99 -9.89
C ASP N 253 8.01 81.27 -9.96
N ASN N 254 8.40 81.65 -11.19
CA ASN N 254 9.19 82.85 -11.40
C ASN N 254 10.46 82.83 -10.56
N SER N 255 10.42 83.49 -9.39
CA SER N 255 11.58 83.60 -8.54
C SER N 255 11.53 82.69 -7.32
N ASP N 256 10.51 81.84 -7.18
CA ASP N 256 10.39 80.98 -6.02
C ASP N 256 10.05 79.55 -6.46
N ILE N 257 10.00 78.66 -5.47
CA ILE N 257 9.78 77.23 -5.68
C ILE N 257 8.60 76.79 -4.84
N LYS N 258 7.72 75.97 -5.42
CA LYS N 258 6.55 75.45 -4.72
C LYS N 258 6.28 74.03 -5.22
N VAL N 259 5.19 73.43 -4.70
CA VAL N 259 4.74 72.11 -5.12
C VAL N 259 3.25 72.19 -5.45
N VAL N 260 2.83 71.35 -6.41
CA VAL N 260 1.44 71.30 -6.85
C VAL N 260 1.03 69.85 -7.05
N PRO N 261 -0.15 69.43 -6.58
CA PRO N 261 -0.59 68.05 -6.82
C PRO N 261 -0.78 67.77 -8.30
N ARG N 262 -0.78 66.48 -8.65
CA ARG N 262 -0.90 66.08 -10.04
C ARG N 262 -2.23 66.48 -10.67
N ARG N 263 -3.25 66.74 -9.85
CA ARG N 263 -4.55 67.16 -10.39
C ARG N 263 -4.45 68.46 -11.18
N LYS N 264 -3.43 69.26 -10.92
CA LYS N 264 -3.21 70.53 -11.62
C LYS N 264 -1.81 70.56 -12.21
N ALA N 265 -1.37 71.74 -12.65
CA ALA N 265 -0.03 71.95 -13.20
C ALA N 265 0.19 71.13 -14.47
N LYS N 266 -0.60 71.45 -15.49
CA LYS N 266 -0.46 70.82 -16.79
C LYS N 266 0.92 71.11 -17.38
N ILE N 267 1.55 70.07 -17.92
CA ILE N 267 2.91 70.16 -18.45
C ILE N 267 2.86 70.23 -19.97
N ILE N 268 3.52 71.24 -20.53
CA ILE N 268 3.55 71.43 -21.98
C ILE N 268 4.99 71.75 -22.40
N ARG N 269 5.24 71.58 -23.70
CA ARG N 269 6.54 71.93 -24.27
C ARG N 269 6.64 73.43 -24.49
N ASP N 270 7.83 73.97 -24.27
CA ASP N 270 8.06 75.40 -24.46
C ASP N 270 8.10 75.74 -25.95
N PHE O 1 30.80 79.37 -24.73
CA PHE O 1 30.09 78.67 -25.80
C PHE O 1 30.91 78.66 -27.09
N LEU O 2 32.14 79.17 -27.02
CA LEU O 2 33.00 79.18 -28.20
C LEU O 2 33.29 77.76 -28.66
N ASP O 3 33.45 76.82 -27.71
CA ASP O 3 33.54 75.42 -28.09
C ASP O 3 32.26 74.97 -28.77
N GLY O 4 31.11 75.35 -28.23
CA GLY O 4 29.84 75.01 -28.88
C GLY O 4 29.70 75.63 -30.25
N ILE O 5 30.16 76.88 -30.40
CA ILE O 5 30.09 77.54 -31.68
C ILE O 5 30.97 76.83 -32.71
N ASP O 6 32.21 76.49 -32.31
CA ASP O 6 33.09 75.76 -33.21
C ASP O 6 32.51 74.41 -33.58
N LYS O 7 31.92 73.71 -32.60
CA LYS O 7 31.35 72.40 -32.88
C LYS O 7 30.19 72.51 -33.86
N ALA O 8 29.32 73.50 -33.68
CA ALA O 8 28.21 73.66 -34.62
C ALA O 8 28.72 74.01 -36.02
N GLN O 9 29.75 74.87 -36.10
CA GLN O 9 30.28 75.23 -37.41
C GLN O 9 30.90 74.03 -38.11
N GLU O 10 31.65 73.20 -37.37
CA GLU O 10 32.18 71.98 -37.97
C GLU O 10 31.03 71.08 -38.42
N GLU O 11 30.00 70.94 -37.60
CA GLU O 11 28.85 70.13 -37.97
C GLU O 11 28.25 70.60 -39.28
N HIS O 12 28.16 71.91 -39.48
CA HIS O 12 27.66 72.36 -40.78
C HIS O 12 28.66 72.11 -41.89
N GLU O 13 29.96 72.16 -41.59
CA GLU O 13 30.92 71.82 -42.63
C GLU O 13 30.75 70.38 -43.08
N LYS O 14 30.29 69.50 -42.19
CA LYS O 14 30.08 68.09 -42.50
C LYS O 14 28.66 67.78 -42.95
N TYR O 15 27.66 68.35 -42.31
CA TYR O 15 26.29 67.91 -42.48
C TYR O 15 25.36 68.93 -43.10
N HIS O 16 25.56 70.23 -42.86
CA HIS O 16 24.60 71.26 -43.26
C HIS O 16 23.21 70.95 -42.71
N SER O 17 23.14 70.34 -41.53
CA SER O 17 21.85 69.94 -40.96
C SER O 17 20.97 71.13 -40.68
N ASN O 18 19.75 70.88 -40.20
CA ASN O 18 18.87 71.97 -39.86
C ASN O 18 19.46 72.84 -38.74
N TRP O 19 19.30 74.14 -38.89
CA TRP O 19 19.63 75.07 -37.83
C TRP O 19 18.93 74.75 -36.51
N ARG O 20 17.77 74.12 -36.56
CA ARG O 20 17.13 73.69 -35.31
C ARG O 20 18.01 72.69 -34.57
N ALA O 21 18.65 71.78 -35.30
CA ALA O 21 19.63 70.90 -34.68
C ALA O 21 20.81 71.68 -34.14
N MET O 22 21.34 72.62 -34.93
CA MET O 22 22.56 73.31 -34.55
C MET O 22 22.37 74.24 -33.37
N ALA O 23 21.13 74.63 -33.07
CA ALA O 23 20.88 75.36 -31.83
C ALA O 23 21.30 74.54 -30.61
N SER O 24 21.26 73.21 -30.73
CA SER O 24 21.69 72.35 -29.62
C SER O 24 23.20 72.37 -29.45
N ASP O 25 23.96 72.27 -30.55
CA ASP O 25 25.41 72.35 -30.45
C ASP O 25 25.85 73.72 -29.97
N PHE O 26 25.21 74.78 -30.45
CA PHE O 26 25.52 76.12 -29.96
C PHE O 26 25.20 76.24 -28.47
N ASN O 27 24.13 75.58 -28.01
CA ASN O 27 23.61 75.76 -26.66
C ASN O 27 23.31 77.24 -26.40
N LEU O 28 22.78 77.91 -27.42
CA LEU O 28 22.57 79.35 -27.41
C LEU O 28 21.20 79.64 -28.00
N PRO O 29 20.63 80.80 -27.68
CA PRO O 29 19.33 81.18 -28.25
C PRO O 29 19.38 81.26 -29.76
N PRO O 30 18.21 81.27 -30.41
CA PRO O 30 18.17 81.08 -31.87
C PRO O 30 18.88 82.16 -32.68
N VAL O 31 19.08 83.34 -32.10
CA VAL O 31 19.57 84.47 -32.88
C VAL O 31 20.93 84.17 -33.50
N VAL O 32 21.85 83.61 -32.71
CA VAL O 32 23.14 83.19 -33.26
C VAL O 32 22.98 81.95 -34.13
N ALA O 33 22.08 81.03 -33.75
CA ALA O 33 21.95 79.76 -34.47
C ALA O 33 21.55 80.00 -35.92
N LYS O 34 20.81 81.06 -36.21
CA LYS O 34 20.47 81.35 -37.60
C LYS O 34 21.71 81.74 -38.42
N GLU O 35 22.78 82.19 -37.75
CA GLU O 35 23.93 82.72 -38.49
C GLU O 35 24.69 81.62 -39.22
N ILE O 36 24.73 80.40 -38.67
CA ILE O 36 25.43 79.32 -39.35
C ILE O 36 24.76 79.01 -40.69
N VAL O 37 23.43 79.01 -40.73
CA VAL O 37 22.73 78.81 -42.00
C VAL O 37 22.91 80.03 -42.90
N ALA O 38 22.84 81.24 -42.31
CA ALA O 38 22.94 82.45 -43.12
C ALA O 38 24.27 82.53 -43.84
N SER O 39 25.36 82.20 -43.14
CA SER O 39 26.69 82.24 -43.74
C SER O 39 26.95 81.05 -44.65
N CYS O 40 26.16 80.00 -44.54
CA CYS O 40 26.41 78.78 -45.29
C CYS O 40 26.07 78.99 -46.77
N ASP O 41 27.05 78.74 -47.64
CA ASP O 41 26.86 78.97 -49.06
C ASP O 41 25.80 78.06 -49.65
N LYS O 42 25.80 76.79 -49.25
CA LYS O 42 24.79 75.83 -49.68
C LYS O 42 23.49 75.97 -48.91
N CYS O 43 23.39 77.00 -48.06
CA CYS O 43 22.27 77.17 -47.14
C CYS O 43 21.69 78.55 -47.40
N GLN O 44 20.95 79.06 -46.42
CA GLN O 44 20.23 80.33 -46.48
C GLN O 44 18.98 80.15 -47.34
N LEU O 45 18.40 78.97 -47.26
CA LEU O 45 17.08 78.68 -47.79
C LEU O 45 16.09 78.60 -46.63
N SER O 57 5.60 71.29 -45.79
CA SER O 57 5.62 72.69 -45.38
C SER O 57 4.63 72.93 -44.25
N PRO O 58 4.93 72.57 -43.02
CA PRO O 58 3.86 72.44 -42.02
C PRO O 58 2.99 73.68 -41.90
N GLY O 59 1.68 73.49 -42.02
CA GLY O 59 0.74 74.56 -42.28
C GLY O 59 0.15 74.36 -43.67
N ILE O 60 0.28 73.15 -44.19
CA ILE O 60 -0.23 72.79 -45.51
C ILE O 60 -1.31 71.72 -45.34
N TRP O 61 -2.52 72.05 -45.73
CA TRP O 61 -3.67 71.17 -45.58
C TRP O 61 -4.33 70.98 -46.93
N GLN O 62 -4.96 69.84 -47.11
CA GLN O 62 -5.83 69.60 -48.25
C GLN O 62 -7.27 69.82 -47.83
N LEU O 63 -8.11 70.17 -48.79
CA LEU O 63 -9.56 70.13 -48.60
C LEU O 63 -10.18 69.46 -49.80
N ASP O 64 -11.31 68.78 -49.57
CA ASP O 64 -11.96 68.03 -50.63
C ASP O 64 -13.42 67.81 -50.25
N CYS O 65 -14.20 67.40 -51.24
CA CYS O 65 -15.62 67.13 -51.05
C CYS O 65 -15.89 65.66 -51.37
N THR O 66 -16.70 65.01 -50.53
CA THR O 66 -17.06 63.61 -50.71
C THR O 66 -18.56 63.44 -50.53
N HIS O 67 -19.08 62.36 -51.11
CA HIS O 67 -20.48 62.01 -51.01
C HIS O 67 -20.63 60.60 -50.47
N LEU O 68 -21.68 60.39 -49.67
CA LEU O 68 -21.94 59.06 -49.12
C LEU O 68 -23.42 58.97 -48.76
N GLU O 69 -24.12 58.00 -49.35
CA GLU O 69 -25.53 57.75 -49.07
C GLU O 69 -26.37 59.01 -49.25
N GLY O 70 -26.08 59.76 -50.32
CA GLY O 70 -26.81 60.98 -50.60
C GLY O 70 -26.46 62.17 -49.73
N LYS O 71 -25.42 62.07 -48.92
CA LYS O 71 -24.98 63.16 -48.05
C LYS O 71 -23.59 63.61 -48.44
N VAL O 72 -23.34 64.90 -48.25
CA VAL O 72 -22.08 65.54 -48.67
C VAL O 72 -21.21 65.74 -47.45
N ILE O 73 -19.93 65.37 -47.56
CA ILE O 73 -18.97 65.47 -46.47
C ILE O 73 -17.72 66.19 -46.98
N LEU O 74 -17.36 67.28 -46.31
CA LEU O 74 -16.14 68.03 -46.61
C LEU O 74 -15.05 67.60 -45.65
N VAL O 75 -13.88 67.26 -46.18
CA VAL O 75 -12.82 66.65 -45.39
C VAL O 75 -11.56 67.51 -45.48
N ALA O 76 -11.00 67.87 -44.34
CA ALA O 76 -9.74 68.58 -44.26
C ALA O 76 -8.67 67.61 -43.76
N VAL O 77 -7.54 67.58 -44.47
CA VAL O 77 -6.44 66.67 -44.18
C VAL O 77 -5.22 67.48 -43.85
N HIS O 78 -4.26 66.88 -43.16
CA HIS O 78 -2.92 67.47 -43.05
C HIS O 78 -1.92 66.59 -43.77
N VAL O 79 -1.11 67.21 -44.64
CA VAL O 79 -0.09 66.48 -45.37
C VAL O 79 0.96 65.91 -44.41
N ALA O 80 1.41 66.72 -43.45
CA ALA O 80 2.61 66.37 -42.71
C ALA O 80 2.40 65.26 -41.69
N SER O 81 1.17 64.93 -41.33
CA SER O 81 0.99 63.74 -40.52
C SER O 81 -0.28 62.96 -40.80
N GLY O 82 -1.11 63.36 -41.75
CA GLY O 82 -2.39 62.70 -41.91
C GLY O 82 -3.31 62.84 -40.72
N TYR O 83 -3.35 64.03 -40.12
CA TYR O 83 -4.36 64.36 -39.13
C TYR O 83 -5.57 64.92 -39.85
N ILE O 84 -6.71 64.24 -39.75
CA ILE O 84 -7.84 64.50 -40.62
C ILE O 84 -8.97 65.11 -39.82
N GLU O 85 -9.46 66.26 -40.25
CA GLU O 85 -10.67 66.86 -39.72
C GLU O 85 -11.79 66.67 -40.73
N ALA O 86 -13.03 66.62 -40.23
CA ALA O 86 -14.16 66.44 -41.12
C ALA O 86 -15.44 66.87 -40.42
N GLU O 87 -16.45 67.19 -41.23
CA GLU O 87 -17.79 67.43 -40.71
C GLU O 87 -18.78 67.32 -41.87
N VAL O 88 -19.97 66.83 -41.55
CA VAL O 88 -21.01 66.68 -42.56
C VAL O 88 -21.54 68.05 -42.95
N ILE O 89 -21.82 68.23 -44.23
CA ILE O 89 -22.24 69.52 -44.76
C ILE O 89 -23.72 69.46 -45.14
N PRO O 90 -24.53 70.46 -44.81
CA PRO O 90 -25.93 70.45 -45.25
C PRO O 90 -26.09 70.39 -46.76
N ALA O 91 -25.24 71.07 -47.51
CA ALA O 91 -25.36 71.11 -48.95
C ALA O 91 -24.02 71.44 -49.56
N GLU O 92 -23.88 71.13 -50.85
CA GLU O 92 -22.60 71.32 -51.53
C GLU O 92 -22.31 72.78 -51.86
N THR O 93 -23.17 73.71 -51.46
CA THR O 93 -23.01 75.10 -51.84
C THR O 93 -21.71 75.67 -51.33
N GLY O 94 -21.26 76.76 -51.95
CA GLY O 94 -20.01 77.38 -51.56
C GLY O 94 -20.04 78.01 -50.17
N GLN O 95 -21.19 78.57 -49.79
CA GLN O 95 -21.26 79.28 -48.52
C GLN O 95 -20.97 78.34 -47.35
N GLU O 96 -21.52 77.14 -47.38
CA GLU O 96 -21.19 76.17 -46.34
C GLU O 96 -19.70 75.87 -46.34
N THR O 97 -19.10 75.77 -47.52
CA THR O 97 -17.66 75.51 -47.59
C THR O 97 -16.88 76.63 -46.92
N ALA O 98 -17.27 77.86 -47.19
CA ALA O 98 -16.59 78.99 -46.56
C ALA O 98 -16.74 78.92 -45.06
N TYR O 99 -17.92 78.55 -44.57
CA TYR O 99 -18.10 78.48 -43.13
C TYR O 99 -17.20 77.40 -42.53
N PHE O 100 -17.09 76.26 -43.21
CA PHE O 100 -16.22 75.21 -42.68
C PHE O 100 -14.77 75.65 -42.67
N LEU O 101 -14.34 76.33 -43.73
CA LEU O 101 -12.95 76.78 -43.76
C LEU O 101 -12.71 77.81 -42.68
N LEU O 102 -13.68 78.67 -42.43
CA LEU O 102 -13.60 79.55 -41.28
C LEU O 102 -13.36 78.74 -40.02
N LYS O 103 -14.23 77.77 -39.76
CA LYS O 103 -14.11 77.01 -38.52
C LYS O 103 -12.73 76.38 -38.43
N LEU O 104 -12.16 76.02 -39.58
CA LEU O 104 -10.79 75.51 -39.60
C LEU O 104 -9.80 76.56 -39.11
N ALA O 105 -9.97 77.81 -39.55
CA ALA O 105 -8.89 78.78 -39.34
C ALA O 105 -8.56 78.93 -37.87
N GLY O 106 -9.56 78.85 -37.01
CA GLY O 106 -9.33 79.14 -35.61
C GLY O 106 -8.75 78.00 -34.81
N ARG O 107 -8.69 76.81 -35.37
CA ARG O 107 -8.18 75.66 -34.64
C ARG O 107 -6.68 75.44 -34.87
N TRP O 108 -6.15 75.78 -36.02
CA TRP O 108 -4.74 75.61 -36.31
C TRP O 108 -4.29 76.72 -37.24
N PRO O 109 -3.04 77.09 -37.20
CA PRO O 109 -2.58 78.15 -38.12
C PRO O 109 -2.49 77.65 -39.55
N VAL O 110 -3.65 77.44 -40.16
CA VAL O 110 -3.70 77.07 -41.58
C VAL O 110 -3.11 78.21 -42.40
N LYS O 111 -2.24 77.86 -43.34
CA LYS O 111 -1.56 78.87 -44.15
C LYS O 111 -1.83 78.73 -45.64
N THR O 112 -1.95 77.51 -46.16
CA THR O 112 -2.20 77.31 -47.57
C THR O 112 -2.90 75.97 -47.79
N VAL O 113 -3.97 75.98 -48.57
CA VAL O 113 -4.76 74.79 -48.84
C VAL O 113 -4.83 74.57 -50.34
N HIS O 114 -5.15 73.34 -50.73
CA HIS O 114 -5.29 72.99 -52.13
C HIS O 114 -6.62 72.26 -52.35
N THR O 115 -7.29 72.62 -53.43
CA THR O 115 -8.60 72.06 -53.74
C THR O 115 -8.63 71.40 -55.11
N ASP O 116 -9.83 71.05 -55.60
CA ASP O 116 -9.99 70.44 -56.91
C ASP O 116 -10.63 71.38 -57.92
N ASN O 117 -10.54 72.68 -57.71
CA ASN O 117 -10.99 73.68 -58.68
C ASN O 117 -12.50 73.59 -58.95
N GLY O 118 -13.25 73.02 -58.01
CA GLY O 118 -14.67 72.86 -58.20
C GLY O 118 -15.41 74.19 -58.18
N SER O 119 -16.61 74.18 -58.75
CA SER O 119 -17.42 75.39 -58.78
C SER O 119 -17.78 75.84 -57.38
N ASN O 120 -18.12 74.90 -56.50
CA ASN O 120 -18.44 75.24 -55.12
C ASN O 120 -17.22 75.75 -54.37
N PHE O 121 -16.01 75.49 -54.85
CA PHE O 121 -14.80 75.98 -54.22
C PHE O 121 -14.25 77.22 -54.89
N THR O 122 -14.43 77.35 -56.22
CA THR O 122 -14.11 78.59 -56.90
C THR O 122 -15.12 79.68 -56.63
N SER O 123 -16.12 79.41 -55.80
CA SER O 123 -17.10 80.42 -55.43
C SER O 123 -16.41 81.58 -54.71
N THR O 124 -16.92 82.78 -54.93
CA THR O 124 -16.25 83.97 -54.42
C THR O 124 -16.15 83.97 -52.90
N THR O 125 -17.22 83.54 -52.23
CA THR O 125 -17.24 83.59 -50.77
C THR O 125 -16.10 82.78 -50.18
N VAL O 126 -15.69 81.71 -50.86
CA VAL O 126 -14.52 80.96 -50.42
C VAL O 126 -13.28 81.85 -50.43
N LYS O 127 -13.10 82.63 -51.51
CA LYS O 127 -11.99 83.57 -51.57
C LYS O 127 -12.09 84.59 -50.44
N ALA O 128 -13.30 85.08 -50.19
CA ALA O 128 -13.47 86.07 -49.14
C ALA O 128 -13.04 85.53 -47.79
N ALA O 129 -13.47 84.31 -47.47
CA ALA O 129 -13.08 83.72 -46.20
C ALA O 129 -11.58 83.52 -46.14
N CYS O 130 -11.00 83.01 -47.23
CA CYS O 130 -9.56 82.80 -47.25
C CYS O 130 -8.82 84.11 -47.02
N TRP O 131 -9.41 85.22 -47.44
CA TRP O 131 -8.75 86.50 -47.19
C TRP O 131 -8.88 86.85 -45.72
N TRP O 132 -10.10 87.11 -45.26
CA TRP O 132 -10.23 87.73 -43.94
C TRP O 132 -9.69 86.83 -42.84
N ALA O 133 -9.47 85.55 -43.14
CA ALA O 133 -8.76 84.73 -42.17
C ALA O 133 -7.27 84.73 -42.42
N GLY O 134 -6.85 84.91 -43.66
CA GLY O 134 -5.45 84.77 -44.00
C GLY O 134 -5.09 83.34 -44.34
N ILE O 135 -5.76 82.79 -45.35
CA ILE O 135 -5.51 81.45 -45.84
C ILE O 135 -5.27 81.55 -47.34
N LYS O 136 -4.18 80.93 -47.83
CA LYS O 136 -3.86 80.98 -49.25
C LYS O 136 -4.35 79.73 -49.95
N GLN O 137 -4.82 79.91 -51.18
CA GLN O 137 -5.37 78.81 -51.98
C GLN O 137 -4.40 78.49 -53.11
N GLU O 138 -4.01 77.23 -53.22
CA GLU O 138 -3.15 76.74 -54.28
C GLU O 138 -3.92 75.65 -55.00
N PHE O 139 -4.69 76.03 -56.01
CA PHE O 139 -5.58 75.10 -56.66
C PHE O 139 -4.81 74.11 -57.53
N GLY O 140 -5.56 73.20 -58.15
CA GLY O 140 -4.97 72.21 -59.04
C GLY O 140 -4.69 70.91 -58.33
N ILE O 141 -3.49 70.39 -58.49
CA ILE O 141 -3.04 69.24 -57.71
C ILE O 141 -1.76 69.64 -56.98
N PRO O 142 -1.52 69.10 -55.78
CA PRO O 142 -0.33 69.51 -55.04
C PRO O 142 0.96 69.20 -55.79
N TYR O 143 1.97 70.04 -55.59
CA TYR O 143 3.22 69.98 -56.33
C TYR O 143 4.27 69.13 -55.62
N ASN O 144 3.85 68.18 -54.81
CA ASN O 144 4.78 67.23 -54.18
C ASN O 144 4.26 65.82 -54.42
N PRO O 145 5.06 64.93 -54.98
CA PRO O 145 4.54 63.61 -55.38
C PRO O 145 4.39 62.64 -54.22
N GLN O 146 3.86 63.12 -53.10
CA GLN O 146 3.40 62.26 -52.02
C GLN O 146 1.91 62.43 -51.76
N SER O 147 1.47 63.66 -51.51
CA SER O 147 0.07 63.92 -51.17
C SER O 147 -0.87 63.69 -52.34
N GLN O 148 -0.33 63.62 -53.57
CA GLN O 148 -1.18 63.51 -54.75
C GLN O 148 -2.05 62.26 -54.71
N GLY O 149 -1.47 61.14 -54.31
CA GLY O 149 -2.27 59.94 -54.10
C GLY O 149 -2.66 59.76 -52.65
N VAL O 150 -1.96 60.48 -51.76
CA VAL O 150 -2.24 60.37 -50.33
C VAL O 150 -3.62 60.92 -49.99
N ILE O 151 -4.06 61.99 -50.65
CA ILE O 151 -5.38 62.54 -50.33
C ILE O 151 -6.46 61.49 -50.61
N GLU O 152 -6.38 60.83 -51.77
CA GLU O 152 -7.35 59.79 -52.08
C GLU O 152 -7.18 58.56 -51.19
N SER O 153 -5.94 58.24 -50.81
CA SER O 153 -5.72 57.10 -49.92
C SER O 153 -6.37 57.33 -48.56
N MET O 154 -6.22 58.52 -48.00
CA MET O 154 -6.88 58.83 -46.73
C MET O 154 -8.38 58.98 -46.89
N ASN O 155 -8.86 59.42 -48.05
CA ASN O 155 -10.29 59.36 -48.32
C ASN O 155 -10.80 57.92 -48.25
N LYS O 156 -10.06 56.99 -48.86
CA LYS O 156 -10.42 55.59 -48.79
C LYS O 156 -10.36 55.07 -47.36
N GLU O 157 -9.37 55.53 -46.60
CA GLU O 157 -9.28 55.13 -45.20
C GLU O 157 -10.51 55.58 -44.42
N LEU O 158 -10.95 56.82 -44.61
CA LEU O 158 -12.13 57.31 -43.93
C LEU O 158 -13.37 56.53 -44.35
N LYS O 159 -13.49 56.24 -45.65
CA LYS O 159 -14.64 55.45 -46.12
C LYS O 159 -14.64 54.08 -45.47
N LYS O 160 -13.48 53.45 -45.38
CA LYS O 160 -13.38 52.13 -44.75
C LYS O 160 -13.74 52.19 -43.26
N ILE O 161 -13.28 53.24 -42.56
CA ILE O 161 -13.61 53.37 -41.15
C ILE O 161 -15.11 53.54 -40.96
N ILE O 162 -15.73 54.37 -41.81
CA ILE O 162 -17.18 54.52 -41.74
C ILE O 162 -17.87 53.19 -42.04
N GLY O 163 -17.29 52.38 -42.93
CA GLY O 163 -17.89 51.10 -43.26
C GLY O 163 -18.07 50.19 -42.05
N GLN O 164 -17.27 50.39 -41.01
CA GLN O 164 -17.46 49.67 -39.74
C GLN O 164 -18.19 50.48 -38.69
N VAL O 165 -18.03 51.81 -38.70
CA VAL O 165 -18.70 52.65 -37.73
C VAL O 165 -20.21 52.63 -37.91
N ARG O 166 -20.67 52.49 -39.16
CA ARG O 166 -22.08 52.74 -39.47
C ARG O 166 -23.03 51.87 -38.66
N ASP O 167 -22.56 50.71 -38.18
CA ASP O 167 -23.43 49.85 -37.37
C ASP O 167 -23.79 50.46 -36.03
N GLN O 168 -23.14 51.55 -35.63
CA GLN O 168 -23.38 52.20 -34.34
C GLN O 168 -23.85 53.64 -34.49
N ALA O 169 -24.39 54.00 -35.65
CA ALA O 169 -24.92 55.34 -35.88
C ALA O 169 -25.87 55.31 -37.07
N GLU O 170 -27.14 55.70 -36.83
CA GLU O 170 -28.12 55.69 -37.89
C GLU O 170 -28.07 56.95 -38.76
N HIS O 171 -27.45 58.02 -38.26
CA HIS O 171 -27.26 59.24 -39.02
C HIS O 171 -25.77 59.45 -39.28
N LEU O 172 -25.45 59.82 -40.52
CA LEU O 172 -24.06 60.03 -40.89
C LEU O 172 -23.45 61.18 -40.09
N LYS O 173 -24.25 62.12 -39.61
CA LYS O 173 -23.70 63.29 -38.96
C LYS O 173 -22.92 62.92 -37.71
N THR O 174 -23.29 61.84 -37.04
CA THR O 174 -22.53 61.38 -35.87
C THR O 174 -21.48 60.36 -36.26
N ALA O 175 -21.80 59.48 -37.21
CA ALA O 175 -20.84 58.47 -37.62
C ALA O 175 -19.56 59.11 -38.17
N VAL O 176 -19.69 60.27 -38.83
CA VAL O 176 -18.52 60.92 -39.37
C VAL O 176 -17.59 61.34 -38.25
N GLN O 177 -18.14 61.92 -37.18
CA GLN O 177 -17.27 62.31 -36.07
C GLN O 177 -16.70 61.08 -35.38
N MET O 178 -17.46 60.00 -35.31
CA MET O 178 -16.92 58.77 -34.73
C MET O 178 -15.68 58.34 -35.51
N ALA O 179 -15.80 58.28 -36.84
CA ALA O 179 -14.67 57.90 -37.65
C ALA O 179 -13.51 58.87 -37.47
N VAL O 180 -13.81 60.16 -37.32
CA VAL O 180 -12.74 61.14 -37.21
C VAL O 180 -11.96 60.93 -35.92
N PHE O 181 -12.65 60.66 -34.82
CA PHE O 181 -11.90 60.41 -33.59
C PHE O 181 -11.08 59.15 -33.70
N ILE O 182 -11.64 58.12 -34.33
CA ILE O 182 -10.86 56.90 -34.49
C ILE O 182 -9.58 57.20 -35.27
N HIS O 183 -9.72 57.86 -36.41
CA HIS O 183 -8.55 58.12 -37.27
C HIS O 183 -7.61 59.14 -36.67
N ASN O 184 -8.07 59.93 -35.71
CA ASN O 184 -7.18 60.89 -35.09
C ASN O 184 -6.40 60.27 -33.93
N PHE O 185 -7.00 59.38 -33.20
CA PHE O 185 -6.16 58.94 -32.12
C PHE O 185 -6.09 57.43 -31.97
N LYS O 186 -7.18 56.72 -32.21
CA LYS O 186 -7.21 55.30 -31.90
C LYS O 186 -6.57 54.44 -32.97
N ARG O 187 -5.99 55.05 -33.99
CA ARG O 187 -5.19 54.35 -34.99
C ARG O 187 -3.78 54.93 -34.93
N LYS O 188 -2.87 54.19 -34.31
CA LYS O 188 -1.51 54.65 -34.07
C LYS O 188 -0.54 53.85 -34.93
N GLY O 189 0.18 54.54 -35.78
CA GLY O 189 1.12 53.88 -36.67
C GLY O 189 2.02 54.88 -37.36
N GLY O 190 2.66 54.41 -38.44
CA GLY O 190 3.54 55.27 -39.19
C GLY O 190 5.01 54.97 -38.96
N ILE O 191 5.69 55.86 -38.24
CA ILE O 191 7.12 55.66 -37.98
C ILE O 191 7.32 54.72 -36.81
N GLY O 192 6.86 55.12 -35.62
CA GLY O 192 7.05 54.31 -34.44
C GLY O 192 5.74 53.90 -33.79
N GLY O 193 4.63 54.17 -34.47
CA GLY O 193 3.32 53.89 -33.92
C GLY O 193 2.71 55.11 -33.27
N TYR O 194 2.88 56.27 -33.91
CA TYR O 194 2.36 57.53 -33.40
C TYR O 194 1.07 57.89 -34.10
N SER O 195 0.01 58.07 -33.31
CA SER O 195 -1.27 58.48 -33.87
C SER O 195 -1.19 59.91 -34.39
N ALA O 196 -1.97 60.18 -35.43
CA ALA O 196 -1.82 61.43 -36.18
C ALA O 196 -1.86 62.64 -35.25
N GLY O 197 -2.70 62.59 -34.22
CA GLY O 197 -2.75 63.70 -33.30
C GLY O 197 -1.42 63.96 -32.63
N GLU O 198 -0.76 62.91 -32.19
CA GLU O 198 0.54 63.09 -31.55
C GLU O 198 1.52 63.76 -32.51
N ARG O 199 1.61 63.23 -33.73
CA ARG O 199 2.56 63.78 -34.68
C ARG O 199 2.27 65.25 -34.95
N ILE O 200 1.01 65.63 -35.00
CA ILE O 200 0.72 67.03 -35.27
C ILE O 200 1.05 67.90 -34.07
N GLU O 212 10.64 83.56 -31.30
CA GLU O 212 11.50 84.21 -30.32
C GLU O 212 12.82 84.66 -30.95
N LEU O 213 13.44 83.77 -31.73
CA LEU O 213 14.68 84.11 -32.42
C LEU O 213 14.47 85.27 -33.38
N GLN O 214 13.41 85.21 -34.18
CA GLN O 214 13.17 86.29 -35.13
C GLN O 214 12.92 87.60 -34.40
N LYS O 215 12.32 87.54 -33.22
CA LYS O 215 12.07 88.76 -32.45
C LYS O 215 13.36 89.36 -31.94
N GLN O 216 14.30 88.50 -31.54
CA GLN O 216 15.60 88.96 -31.08
C GLN O 216 16.37 89.59 -32.25
N ILE O 217 16.37 88.91 -33.40
CA ILE O 217 17.06 89.42 -34.57
C ILE O 217 16.49 90.78 -34.95
N THR O 218 15.16 90.92 -34.90
CA THR O 218 14.54 92.19 -35.23
C THR O 218 14.85 93.25 -34.17
N LYS O 219 15.10 92.82 -32.93
CA LYS O 219 15.40 93.77 -31.88
C LYS O 219 16.81 94.33 -32.03
N ILE O 220 17.76 93.49 -32.43
CA ILE O 220 19.15 93.94 -32.52
C ILE O 220 19.53 94.48 -33.90
N GLN O 221 18.80 94.14 -34.96
CA GLN O 221 19.25 94.51 -36.30
C GLN O 221 19.16 96.00 -36.57
N ASN O 222 18.82 96.82 -35.58
CA ASN O 222 18.83 98.27 -35.74
C ASN O 222 20.01 98.92 -35.03
N PHE O 223 20.97 98.14 -34.55
CA PHE O 223 22.15 98.64 -33.86
C PHE O 223 23.36 98.53 -34.77
N ARG O 224 24.27 99.51 -34.67
CA ARG O 224 25.54 99.50 -35.38
C ARG O 224 26.68 99.65 -34.38
N VAL O 225 27.71 98.84 -34.55
CA VAL O 225 28.82 98.77 -33.62
C VAL O 225 30.07 99.29 -34.29
N TYR O 226 30.82 100.14 -33.59
CA TYR O 226 32.14 100.58 -34.01
C TYR O 226 33.17 100.00 -33.05
N TYR O 227 34.12 99.24 -33.58
CA TYR O 227 35.09 98.53 -32.78
C TYR O 227 36.50 98.92 -33.19
N ARG O 228 37.40 98.90 -32.20
CA ARG O 228 38.82 99.20 -32.41
C ARG O 228 39.02 100.53 -33.11
N TRP O 235 38.68 104.11 -35.17
CA TRP O 235 37.63 103.11 -35.08
C TRP O 235 37.29 102.57 -36.47
N LYS O 236 36.90 101.30 -36.52
CA LYS O 236 36.57 100.68 -37.79
C LYS O 236 35.16 101.07 -38.23
N GLY O 237 34.80 100.64 -39.44
CA GLY O 237 33.51 100.94 -40.01
C GLY O 237 32.38 100.30 -39.23
N PRO O 238 31.13 100.67 -39.56
CA PRO O 238 29.98 100.12 -38.84
C PRO O 238 29.84 98.63 -39.07
N ALA O 239 29.44 97.93 -38.00
CA ALA O 239 29.29 96.48 -38.03
C ALA O 239 27.89 96.08 -37.60
N LYS O 240 27.39 95.03 -38.21
CA LYS O 240 26.13 94.43 -37.79
C LYS O 240 26.32 93.71 -36.47
N LEU O 241 25.62 94.14 -35.43
CA LEU O 241 25.71 93.53 -34.12
C LEU O 241 24.96 92.21 -34.11
N LEU O 242 25.49 91.22 -33.40
CA LEU O 242 24.86 89.91 -33.30
C LEU O 242 24.53 89.52 -31.88
N TRP O 243 25.45 89.70 -30.95
CA TRP O 243 25.23 89.26 -29.58
C TRP O 243 25.86 90.28 -28.66
N LYS O 244 25.41 90.30 -27.41
CA LYS O 244 25.90 91.26 -26.41
C LYS O 244 25.97 90.50 -25.09
N GLY O 245 26.88 89.54 -25.01
CA GLY O 245 27.00 88.69 -23.85
C GLY O 245 27.50 89.44 -22.63
N GLU O 246 28.02 88.65 -21.67
CA GLU O 246 28.54 89.23 -20.44
C GLU O 246 30.02 89.57 -20.55
N GLY O 247 30.74 88.90 -21.45
CA GLY O 247 32.17 89.10 -21.55
C GLY O 247 32.68 89.38 -22.95
N ALA O 248 31.77 89.59 -23.90
CA ALA O 248 32.17 89.84 -25.27
C ALA O 248 31.04 90.52 -26.03
N VAL O 249 31.33 90.85 -27.29
CA VAL O 249 30.36 91.44 -28.21
C VAL O 249 30.66 90.88 -29.60
N VAL O 250 29.84 89.95 -30.06
CA VAL O 250 30.01 89.32 -31.36
C VAL O 250 29.42 90.22 -32.42
N ILE O 251 30.14 90.43 -33.53
CA ILE O 251 29.68 91.27 -34.62
C ILE O 251 29.93 90.55 -35.94
N GLN O 252 29.51 91.20 -37.02
CA GLN O 252 29.69 90.69 -38.37
C GLN O 252 30.02 91.85 -39.30
N ASP O 253 31.22 91.83 -39.86
CA ASP O 253 31.70 92.90 -40.73
C ASP O 253 32.26 92.29 -42.00
N ASN O 254 31.87 92.87 -43.15
CA ASN O 254 32.33 92.42 -44.46
C ASN O 254 32.12 90.91 -44.63
N SER O 255 30.92 90.45 -44.30
CA SER O 255 30.54 89.05 -44.43
C SER O 255 31.47 88.14 -43.61
N ASP O 256 32.00 88.66 -42.51
CA ASP O 256 32.88 87.89 -41.65
C ASP O 256 32.60 88.23 -40.19
N ILE O 257 32.66 87.22 -39.33
CA ILE O 257 32.25 87.31 -37.93
C ILE O 257 33.49 87.45 -37.06
N LYS O 258 33.53 88.50 -36.25
CA LYS O 258 34.66 88.77 -35.38
C LYS O 258 34.18 89.02 -33.96
N VAL O 259 34.87 88.40 -33.00
CA VAL O 259 34.57 88.57 -31.58
C VAL O 259 35.47 89.68 -31.04
N VAL O 260 34.88 90.62 -30.31
CA VAL O 260 35.65 91.68 -29.68
C VAL O 260 35.26 91.78 -28.21
N PRO O 261 36.17 92.16 -27.32
CA PRO O 261 35.77 92.43 -25.94
C PRO O 261 34.88 93.66 -25.85
N ARG O 262 34.05 93.69 -24.80
CA ARG O 262 32.98 94.68 -24.72
C ARG O 262 33.53 96.10 -24.68
N ARG O 263 34.56 96.34 -23.86
CA ARG O 263 35.12 97.66 -23.71
C ARG O 263 35.81 98.16 -24.96
N LYS O 264 36.16 97.28 -25.89
CA LYS O 264 36.86 97.65 -27.11
C LYS O 264 35.94 98.11 -28.21
N ALA O 265 34.62 98.13 -27.97
CA ALA O 265 33.66 98.55 -28.98
C ALA O 265 32.56 99.37 -28.35
N LYS O 266 31.86 100.13 -29.19
CA LYS O 266 30.78 101.01 -28.76
C LYS O 266 29.52 100.67 -29.54
N ILE O 267 28.41 100.51 -28.83
CA ILE O 267 27.13 100.13 -29.43
C ILE O 267 26.22 101.35 -29.45
N ILE O 268 25.75 101.72 -30.64
CA ILE O 268 24.78 102.80 -30.78
C ILE O 268 23.59 102.26 -31.58
N ARG O 269 22.46 102.93 -31.42
CA ARG O 269 21.24 102.57 -32.15
C ARG O 269 21.04 103.52 -33.33
N ASP O 270 20.78 102.94 -34.49
CA ASP O 270 20.57 103.73 -35.71
C ASP O 270 19.10 103.76 -36.11
N PHE P 1 10.92 100.03 -42.27
CA PHE P 1 9.84 99.42 -41.51
C PHE P 1 8.48 99.93 -41.97
N LEU P 2 8.48 100.75 -43.04
CA LEU P 2 7.23 101.26 -43.58
C LEU P 2 6.34 100.12 -44.06
N ASP P 3 6.94 99.09 -44.66
CA ASP P 3 6.18 97.89 -44.98
C ASP P 3 5.62 97.26 -43.72
N GLY P 4 6.44 97.16 -42.66
CA GLY P 4 5.95 96.63 -41.40
C GLY P 4 4.84 97.47 -40.80
N ILE P 5 4.97 98.80 -40.91
CA ILE P 5 3.95 99.70 -40.39
C ILE P 5 2.64 99.52 -41.15
N ASP P 6 2.72 99.46 -42.48
CA ASP P 6 1.52 99.24 -43.28
C ASP P 6 0.89 97.90 -42.95
N LYS P 7 1.71 96.86 -42.78
CA LYS P 7 1.17 95.54 -42.48
C LYS P 7 0.47 95.53 -41.14
N ALA P 8 1.06 96.16 -40.12
CA ALA P 8 0.40 96.22 -38.82
C ALA P 8 -0.90 97.00 -38.90
N GLN P 9 -0.91 98.11 -39.65
CA GLN P 9 -2.13 98.89 -39.76
C GLN P 9 -3.24 98.10 -40.45
N GLU P 10 -2.90 97.39 -41.52
CA GLU P 10 -3.89 96.52 -42.16
C GLU P 10 -4.39 95.47 -41.20
N GLU P 11 -3.47 94.86 -40.44
CA GLU P 11 -3.86 93.87 -39.46
C GLU P 11 -4.87 94.43 -38.48
N HIS P 12 -4.67 95.67 -38.03
CA HIS P 12 -5.69 96.23 -37.15
C HIS P 12 -6.98 96.54 -37.90
N GLU P 13 -6.89 96.89 -39.18
CA GLU P 13 -8.14 97.08 -39.93
C GLU P 13 -8.94 95.79 -40.00
N LYS P 14 -8.26 94.64 -39.97
CA LYS P 14 -8.92 93.33 -40.03
C LYS P 14 -9.20 92.74 -38.65
N TYR P 15 -8.26 92.85 -37.72
CA TYR P 15 -8.32 92.08 -36.49
C TYR P 15 -8.46 92.91 -35.22
N HIS P 16 -7.91 94.12 -35.18
CA HIS P 16 -7.83 94.89 -33.93
C HIS P 16 -7.17 94.08 -32.82
N SER P 17 -6.21 93.24 -33.17
CA SER P 17 -5.59 92.36 -32.19
C SER P 17 -4.83 93.17 -31.14
N ASN P 18 -4.24 92.47 -30.18
CA ASN P 18 -3.46 93.16 -29.16
C ASN P 18 -2.26 93.88 -29.78
N TRP P 19 -2.01 95.09 -29.29
CA TRP P 19 -0.79 95.81 -29.65
C TRP P 19 0.47 95.01 -29.37
N ARG P 20 0.45 94.10 -28.39
CA ARG P 20 1.59 93.23 -28.19
C ARG P 20 1.88 92.39 -29.43
N ALA P 21 0.82 91.89 -30.07
CA ALA P 21 1.00 91.20 -31.34
C ALA P 21 1.54 92.15 -32.41
N MET P 22 0.97 93.35 -32.50
CA MET P 22 1.31 94.26 -33.58
C MET P 22 2.72 94.79 -33.47
N ALA P 23 3.33 94.73 -32.28
CA ALA P 23 4.73 95.07 -32.16
C ALA P 23 5.59 94.15 -33.03
N SER P 24 5.12 92.93 -33.29
CA SER P 24 5.85 92.00 -34.14
C SER P 24 5.77 92.42 -35.60
N ASP P 25 4.57 92.78 -36.09
CA ASP P 25 4.44 93.24 -37.46
C ASP P 25 5.21 94.54 -37.68
N PHE P 26 5.16 95.46 -36.70
CA PHE P 26 5.95 96.68 -36.81
C PHE P 26 7.44 96.37 -36.83
N ASN P 27 7.87 95.34 -36.08
CA ASN P 27 9.29 95.06 -35.86
C ASN P 27 9.99 96.29 -35.29
N LEU P 28 9.30 97.00 -34.41
CA LEU P 28 9.76 98.27 -33.88
C LEU P 28 9.52 98.28 -32.38
N PRO P 29 10.23 99.13 -31.65
CA PRO P 29 10.02 99.24 -30.20
C PRO P 29 8.60 99.68 -29.86
N PRO P 30 8.18 99.50 -28.61
CA PRO P 30 6.75 99.64 -28.28
C PRO P 30 6.18 101.02 -28.51
N VAL P 31 7.01 102.06 -28.56
CA VAL P 31 6.52 103.43 -28.57
C VAL P 31 5.62 103.67 -29.78
N VAL P 32 6.06 103.23 -30.96
CA VAL P 32 5.20 103.33 -32.15
C VAL P 32 4.07 102.33 -32.08
N ALA P 33 4.32 101.14 -31.54
CA ALA P 33 3.31 100.08 -31.52
C ALA P 33 2.06 100.51 -30.76
N LYS P 34 2.21 101.35 -29.74
CA LYS P 34 1.03 101.85 -29.04
C LYS P 34 0.16 102.74 -29.93
N GLU P 35 0.74 103.32 -30.98
CA GLU P 35 0.00 104.30 -31.77
C GLU P 35 -1.12 103.66 -32.57
N ILE P 36 -0.95 102.41 -33.02
CA ILE P 36 -2.02 101.76 -33.77
C ILE P 36 -3.26 101.58 -32.90
N VAL P 37 -3.07 101.22 -31.63
CA VAL P 37 -4.21 101.12 -30.73
C VAL P 37 -4.74 102.51 -30.40
N ALA P 38 -3.85 103.48 -30.19
CA ALA P 38 -4.29 104.82 -29.82
C ALA P 38 -5.17 105.43 -30.89
N SER P 39 -4.78 105.29 -32.15
CA SER P 39 -5.55 105.83 -33.26
C SER P 39 -6.79 105.01 -33.57
N CYS P 40 -6.85 103.78 -33.08
CA CYS P 40 -7.95 102.88 -33.43
C CYS P 40 -9.23 103.30 -32.71
N ASP P 41 -10.29 103.55 -33.49
CA ASP P 41 -11.54 104.04 -32.92
C ASP P 41 -12.17 103.01 -31.99
N LYS P 42 -12.15 101.74 -32.39
CA LYS P 42 -12.66 100.67 -31.55
C LYS P 42 -11.67 100.25 -30.47
N CYS P 43 -10.57 100.99 -30.34
CA CYS P 43 -9.46 100.61 -29.46
C CYS P 43 -9.22 101.80 -28.53
N GLN P 44 -8.02 101.85 -27.94
CA GLN P 44 -7.61 102.83 -26.95
C GLN P 44 -8.27 102.50 -25.62
N CYS P 56 -2.18 72.37 -14.00
CA CYS P 56 -3.44 71.73 -14.34
C CYS P 56 -3.21 70.70 -15.43
N SER P 57 -4.01 69.64 -15.40
CA SER P 57 -3.87 68.59 -16.40
C SER P 57 -4.20 69.12 -17.78
N PRO P 58 -3.47 68.70 -18.81
CA PRO P 58 -3.83 69.12 -20.18
C PRO P 58 -5.18 68.63 -20.62
N GLY P 59 -5.73 67.61 -19.98
CA GLY P 59 -7.01 67.03 -20.34
C GLY P 59 -8.22 67.66 -19.68
N ILE P 60 -8.11 68.89 -19.21
CA ILE P 60 -9.22 69.57 -18.57
C ILE P 60 -9.82 70.58 -19.54
N TRP P 61 -11.15 70.59 -19.61
CA TRP P 61 -11.88 71.53 -20.44
C TRP P 61 -13.17 71.86 -19.71
N GLN P 62 -13.79 72.99 -20.07
CA GLN P 62 -15.08 73.34 -19.51
C GLN P 62 -16.01 73.80 -20.62
N LEU P 63 -17.31 73.56 -20.41
CA LEU P 63 -18.34 73.90 -21.37
C LEU P 63 -19.37 74.79 -20.69
N ASP P 64 -19.85 75.80 -21.42
CA ASP P 64 -20.81 76.73 -20.87
C ASP P 64 -21.70 77.24 -21.99
N CYS P 65 -22.63 78.13 -21.63
CA CYS P 65 -23.59 78.65 -22.59
C CYS P 65 -23.81 80.14 -22.35
N THR P 66 -24.28 80.83 -23.39
CA THR P 66 -24.68 82.22 -23.29
C THR P 66 -25.79 82.50 -24.29
N HIS P 67 -26.52 83.59 -24.06
CA HIS P 67 -27.76 83.87 -24.77
C HIS P 67 -27.71 85.24 -25.42
N LEU P 68 -26.62 85.51 -26.14
CA LEU P 68 -26.49 86.78 -26.85
C LEU P 68 -27.55 86.90 -27.93
N GLU P 69 -28.22 88.04 -27.97
CA GLU P 69 -29.17 88.40 -29.03
C GLU P 69 -30.26 87.34 -29.21
N GLY P 70 -30.67 86.70 -28.11
CA GLY P 70 -31.74 85.73 -28.16
C GLY P 70 -31.35 84.38 -28.73
N LYS P 71 -30.09 84.17 -29.06
CA LYS P 71 -29.61 82.92 -29.62
C LYS P 71 -28.71 82.22 -28.61
N VAL P 72 -28.60 80.90 -28.73
CA VAL P 72 -27.85 80.10 -27.78
C VAL P 72 -26.45 79.87 -28.33
N ILE P 73 -25.44 80.27 -27.56
CA ILE P 73 -24.04 80.09 -27.93
C ILE P 73 -23.37 79.26 -26.84
N LEU P 74 -22.82 78.11 -27.22
CA LEU P 74 -22.15 77.22 -26.29
C LEU P 74 -20.66 77.31 -26.55
N VAL P 75 -19.89 77.57 -25.50
CA VAL P 75 -18.48 77.90 -25.63
C VAL P 75 -17.66 76.96 -24.76
N ALA P 76 -16.55 76.48 -25.30
CA ALA P 76 -15.59 75.66 -24.56
C ALA P 76 -14.27 76.39 -24.45
N VAL P 77 -13.55 76.15 -23.37
CA VAL P 77 -12.28 76.82 -23.10
C VAL P 77 -11.30 75.79 -22.54
N HIS P 78 -10.07 75.78 -23.05
CA HIS P 78 -9.01 75.03 -22.39
C HIS P 78 -8.44 75.89 -21.27
N VAL P 79 -8.53 75.38 -20.04
CA VAL P 79 -8.31 76.20 -18.86
C VAL P 79 -6.88 76.73 -18.82
N ALA P 80 -5.93 75.91 -19.26
CA ALA P 80 -4.52 76.21 -19.03
C ALA P 80 -3.92 77.19 -20.03
N SER P 81 -4.68 77.64 -21.03
CA SER P 81 -4.07 78.44 -22.09
C SER P 81 -4.97 79.50 -22.71
N GLY P 82 -6.22 79.63 -22.30
CA GLY P 82 -7.11 80.61 -22.91
C GLY P 82 -7.48 80.31 -24.35
N TYR P 83 -7.69 79.03 -24.67
CA TYR P 83 -8.12 78.60 -26.00
C TYR P 83 -9.64 78.65 -26.05
N ILE P 84 -10.21 78.72 -27.25
CA ILE P 84 -11.65 78.81 -27.43
C ILE P 84 -12.10 77.78 -28.46
N GLU P 85 -13.19 77.08 -28.15
CA GLU P 85 -13.94 76.31 -29.14
C GLU P 85 -15.41 76.60 -28.95
N ALA P 86 -16.04 77.21 -29.95
CA ALA P 86 -17.42 77.64 -29.78
C ALA P 86 -18.21 77.39 -31.05
N GLU P 87 -19.53 77.33 -30.89
CA GLU P 87 -20.44 77.14 -32.01
C GLU P 87 -21.82 77.61 -31.59
N VAL P 88 -22.49 78.34 -32.49
CA VAL P 88 -23.88 78.70 -32.29
C VAL P 88 -24.73 77.44 -32.43
N ILE P 89 -25.42 77.06 -31.37
CA ILE P 89 -26.20 75.83 -31.33
C ILE P 89 -27.65 76.17 -31.64
N PRO P 90 -28.32 75.42 -32.52
CA PRO P 90 -29.72 75.72 -32.83
C PRO P 90 -30.65 75.68 -31.63
N ALA P 91 -30.41 74.76 -30.69
CA ALA P 91 -31.29 74.60 -29.54
C ALA P 91 -30.49 74.10 -28.35
N GLU P 92 -31.09 74.22 -27.17
CA GLU P 92 -30.44 73.83 -25.93
C GLU P 92 -30.58 72.34 -25.63
N THR P 93 -31.15 71.56 -26.55
CA THR P 93 -31.33 70.13 -26.29
C THR P 93 -29.99 69.44 -26.13
N GLY P 94 -29.96 68.41 -25.28
CA GLY P 94 -28.74 67.67 -25.05
C GLY P 94 -28.24 66.92 -26.27
N GLN P 95 -29.12 66.68 -27.25
CA GLN P 95 -28.72 65.95 -28.45
C GLN P 95 -27.64 66.69 -29.23
N GLU P 96 -27.82 68.00 -29.44
CA GLU P 96 -26.85 68.78 -30.18
C GLU P 96 -25.59 69.07 -29.36
N THR P 97 -25.73 69.27 -28.05
CA THR P 97 -24.54 69.36 -27.21
C THR P 97 -23.74 68.08 -27.25
N ALA P 98 -24.42 66.93 -27.39
CA ALA P 98 -23.70 65.67 -27.54
C ALA P 98 -22.85 65.66 -28.81
N TYR P 99 -23.43 66.12 -29.92
CA TYR P 99 -22.67 66.21 -31.16
C TYR P 99 -21.46 67.12 -31.00
N PHE P 100 -21.66 68.29 -30.37
CA PHE P 100 -20.53 69.21 -30.27
C PHE P 100 -19.46 68.68 -29.32
N LEU P 101 -19.87 68.01 -28.25
CA LEU P 101 -18.89 67.38 -27.37
C LEU P 101 -18.16 66.27 -28.10
N LEU P 102 -18.84 65.57 -29.00
CA LEU P 102 -18.15 64.62 -29.84
C LEU P 102 -17.06 65.30 -30.64
N LYS P 103 -17.36 66.49 -31.17
CA LYS P 103 -16.36 67.24 -31.91
C LYS P 103 -15.14 67.57 -31.04
N LEU P 104 -15.39 68.14 -29.85
CA LEU P 104 -14.26 68.45 -28.97
C LEU P 104 -13.43 67.22 -28.69
N ALA P 105 -14.07 66.09 -28.42
CA ALA P 105 -13.33 64.89 -28.04
C ALA P 105 -12.50 64.37 -29.21
N GLY P 106 -13.06 64.43 -30.42
CA GLY P 106 -12.30 63.97 -31.56
C GLY P 106 -11.10 64.84 -31.87
N ARG P 107 -11.25 66.16 -31.77
CA ARG P 107 -10.22 67.07 -32.24
C ARG P 107 -9.00 67.16 -31.33
N TRP P 108 -9.16 66.97 -30.03
CA TRP P 108 -8.06 67.05 -29.09
C TRP P 108 -8.23 65.95 -28.06
N PRO P 109 -7.14 65.52 -27.41
CA PRO P 109 -7.28 64.51 -26.34
C PRO P 109 -7.82 65.10 -25.04
N VAL P 110 -9.15 65.16 -24.96
CA VAL P 110 -9.82 65.77 -23.81
C VAL P 110 -10.14 64.68 -22.79
N LYS P 111 -9.79 64.93 -21.53
CA LYS P 111 -9.91 63.94 -20.46
C LYS P 111 -11.02 64.22 -19.48
N THR P 112 -11.18 65.46 -19.02
CA THR P 112 -12.24 65.79 -18.06
C THR P 112 -12.90 67.10 -18.45
N VAL P 113 -14.19 67.20 -18.16
CA VAL P 113 -14.98 68.37 -18.53
C VAL P 113 -15.77 68.85 -17.31
N HIS P 114 -15.77 70.17 -17.09
CA HIS P 114 -16.42 70.78 -15.94
C HIS P 114 -17.62 71.59 -16.41
N THR P 115 -18.83 71.08 -16.16
CA THR P 115 -20.05 71.83 -16.45
C THR P 115 -20.93 71.87 -15.21
N ASP P 116 -22.17 72.34 -15.35
CA ASP P 116 -23.09 72.40 -14.23
C ASP P 116 -23.91 71.12 -14.19
N ASN P 117 -24.86 71.05 -13.26
CA ASN P 117 -25.70 69.87 -13.09
C ASN P 117 -26.93 69.89 -14.00
N GLY P 118 -27.11 70.96 -14.77
CA GLY P 118 -28.35 71.12 -15.52
C GLY P 118 -28.59 70.00 -16.51
N SER P 119 -29.87 69.86 -16.90
CA SER P 119 -30.27 68.84 -17.84
C SER P 119 -29.66 69.05 -19.22
N ASN P 120 -29.13 70.24 -19.48
CA ASN P 120 -28.37 70.47 -20.71
C ASN P 120 -27.09 69.63 -20.74
N PHE P 121 -26.68 69.07 -19.60
CA PHE P 121 -25.51 68.21 -19.54
C PHE P 121 -25.77 66.84 -18.92
N THR P 122 -26.82 66.69 -18.11
CA THR P 122 -27.12 65.40 -17.50
C THR P 122 -28.00 64.51 -18.37
N SER P 123 -28.33 64.94 -19.59
CA SER P 123 -29.18 64.14 -20.44
C SER P 123 -28.46 62.86 -20.86
N THR P 124 -29.25 61.89 -21.33
CA THR P 124 -28.68 60.59 -21.69
C THR P 124 -27.67 60.70 -22.82
N THR P 125 -27.95 61.56 -23.80
CA THR P 125 -27.06 61.66 -24.96
C THR P 125 -25.67 62.12 -24.55
N VAL P 126 -25.58 63.07 -23.63
CA VAL P 126 -24.28 63.53 -23.19
C VAL P 126 -23.52 62.41 -22.51
N LYS P 127 -24.24 61.60 -21.72
CA LYS P 127 -23.60 60.49 -21.05
C LYS P 127 -23.07 59.48 -22.07
N ALA P 128 -23.84 59.22 -23.11
CA ALA P 128 -23.35 58.34 -24.17
C ALA P 128 -22.12 58.94 -24.85
N ALA P 129 -22.12 60.25 -25.08
CA ALA P 129 -20.97 60.88 -25.72
C ALA P 129 -19.71 60.69 -24.88
N CYS P 130 -19.82 60.94 -23.58
CA CYS P 130 -18.68 60.71 -22.70
C CYS P 130 -18.29 59.24 -22.69
N TRP P 131 -19.27 58.35 -22.74
CA TRP P 131 -18.98 56.93 -22.69
C TRP P 131 -18.19 56.48 -23.91
N TRP P 132 -18.59 56.95 -25.08
CA TRP P 132 -17.92 56.55 -26.30
C TRP P 132 -16.53 57.16 -26.38
N ALA P 133 -16.43 58.47 -26.15
CA ALA P 133 -15.16 59.15 -26.36
C ALA P 133 -14.18 58.90 -25.23
N GLY P 134 -14.67 58.64 -24.03
CA GLY P 134 -13.78 58.51 -22.89
C GLY P 134 -13.50 59.84 -22.22
N ILE P 135 -14.55 60.49 -21.74
CA ILE P 135 -14.44 61.78 -21.09
C ILE P 135 -15.19 61.72 -19.77
N LYS P 136 -14.62 62.32 -18.73
CA LYS P 136 -15.31 62.49 -17.45
C LYS P 136 -15.90 63.89 -17.35
N GLN P 137 -17.06 63.98 -16.72
CA GLN P 137 -17.78 65.24 -16.62
C GLN P 137 -18.17 65.51 -15.18
N GLU P 138 -18.07 66.78 -14.78
CA GLU P 138 -18.49 67.23 -13.47
C GLU P 138 -19.82 67.99 -13.59
N PHE P 139 -20.74 67.71 -12.68
CA PHE P 139 -22.09 68.28 -12.74
C PHE P 139 -22.34 69.07 -11.45
N GLY P 140 -22.37 70.39 -11.58
CA GLY P 140 -22.71 71.25 -10.46
C GLY P 140 -21.76 72.43 -10.39
N ILE P 141 -21.57 72.91 -9.17
CA ILE P 141 -20.66 74.02 -8.89
C ILE P 141 -19.25 73.48 -8.65
N PRO P 142 -18.26 73.90 -9.42
CA PRO P 142 -16.88 73.48 -9.13
C PRO P 142 -16.39 74.08 -7.83
N TYR P 143 -15.35 73.43 -7.27
CA TYR P 143 -14.78 73.89 -6.01
C TYR P 143 -14.19 75.30 -6.14
N ASN P 144 -13.84 75.71 -7.35
CA ASN P 144 -13.27 77.03 -7.62
C ASN P 144 -14.10 77.70 -8.70
N PRO P 145 -15.24 78.30 -8.34
CA PRO P 145 -16.06 78.98 -9.34
C PRO P 145 -15.42 80.25 -9.90
N GLN P 146 -14.23 80.63 -9.40
CA GLN P 146 -13.55 81.78 -9.99
C GLN P 146 -13.11 81.48 -11.42
N SER P 147 -12.85 80.21 -11.73
CA SER P 147 -12.61 79.82 -13.12
C SER P 147 -13.85 80.09 -13.98
N GLN P 148 -15.03 79.77 -13.44
CA GLN P 148 -16.26 80.06 -14.15
C GLN P 148 -16.46 81.57 -14.31
N GLY P 149 -16.08 82.33 -13.29
CA GLY P 149 -16.11 83.78 -13.42
C GLY P 149 -15.16 84.29 -14.49
N VAL P 150 -13.98 83.67 -14.59
CA VAL P 150 -13.00 84.06 -15.61
C VAL P 150 -13.54 83.77 -17.00
N ILE P 151 -14.15 82.59 -17.18
CA ILE P 151 -14.68 82.26 -18.50
C ILE P 151 -15.91 83.10 -18.81
N GLU P 152 -16.64 83.55 -17.78
CA GLU P 152 -17.75 84.46 -18.03
C GLU P 152 -17.23 85.85 -18.42
N SER P 153 -16.13 86.27 -17.82
CA SER P 153 -15.48 87.52 -18.23
C SER P 153 -14.97 87.41 -19.67
N MET P 154 -14.44 86.24 -20.02
CA MET P 154 -14.05 86.00 -21.41
C MET P 154 -15.27 86.04 -22.32
N ASN P 155 -16.41 85.53 -21.83
CA ASN P 155 -17.64 85.62 -22.61
C ASN P 155 -18.03 87.07 -22.85
N LYS P 156 -17.91 87.90 -21.81
CA LYS P 156 -18.21 89.32 -21.97
C LYS P 156 -17.25 90.00 -22.94
N GLU P 157 -15.97 89.62 -22.90
CA GLU P 157 -15.00 90.19 -23.83
C GLU P 157 -15.29 89.73 -25.26
N LEU P 158 -15.69 88.48 -25.42
CA LEU P 158 -16.13 88.02 -26.73
C LEU P 158 -17.34 88.82 -27.18
N LYS P 159 -18.21 89.21 -26.24
CA LYS P 159 -19.40 89.99 -26.58
C LYS P 159 -19.04 91.40 -27.03
N LYS P 160 -18.08 92.03 -26.36
CA LYS P 160 -17.56 93.32 -26.83
C LYS P 160 -16.91 93.16 -28.21
N ILE P 161 -16.13 92.09 -28.38
CA ILE P 161 -15.54 91.78 -29.67
C ILE P 161 -16.64 91.73 -30.71
N ILE P 162 -17.72 91.02 -30.41
CA ILE P 162 -18.83 90.89 -31.36
C ILE P 162 -19.44 92.24 -31.65
N GLY P 163 -19.62 93.06 -30.61
CA GLY P 163 -20.16 94.39 -30.79
C GLY P 163 -19.33 95.21 -31.75
N GLN P 164 -18.05 94.87 -31.85
CA GLN P 164 -17.19 95.48 -32.88
C GLN P 164 -17.22 94.77 -34.22
N VAL P 165 -17.11 93.44 -34.25
CA VAL P 165 -16.96 92.73 -35.52
C VAL P 165 -18.26 92.77 -36.32
N ARG P 166 -19.40 92.78 -35.64
CA ARG P 166 -20.70 92.73 -36.33
C ARG P 166 -20.82 93.82 -37.39
N ASP P 167 -19.91 94.79 -37.39
CA ASP P 167 -19.78 95.69 -38.53
C ASP P 167 -19.22 94.98 -39.75
N GLN P 168 -18.72 93.75 -39.59
CA GLN P 168 -18.01 93.07 -40.67
C GLN P 168 -18.66 91.77 -41.13
N ALA P 169 -19.64 91.24 -40.41
CA ALA P 169 -20.24 89.94 -40.75
C ALA P 169 -21.75 90.08 -40.88
N GLU P 170 -22.29 89.60 -42.02
CA GLU P 170 -23.72 89.61 -42.26
C GLU P 170 -24.50 88.67 -41.36
N HIS P 171 -23.85 87.70 -40.72
CA HIS P 171 -24.58 86.75 -39.90
C HIS P 171 -23.84 86.60 -38.58
N LEU P 172 -24.55 86.85 -37.49
CA LEU P 172 -23.90 86.94 -36.18
C LEU P 172 -23.20 85.64 -35.81
N LYS P 173 -23.68 84.50 -36.29
CA LYS P 173 -22.98 83.24 -36.05
C LYS P 173 -21.56 83.31 -36.61
N THR P 174 -21.43 83.81 -37.83
CA THR P 174 -20.11 83.90 -38.42
C THR P 174 -19.22 84.81 -37.60
N ALA P 175 -19.78 85.89 -37.04
CA ALA P 175 -18.99 86.75 -36.19
C ALA P 175 -18.59 86.03 -34.91
N VAL P 176 -19.43 85.12 -34.43
CA VAL P 176 -19.04 84.32 -33.27
C VAL P 176 -17.81 83.50 -33.60
N GLN P 177 -17.80 82.86 -34.76
CA GLN P 177 -16.60 82.13 -35.15
C GLN P 177 -15.41 83.06 -35.33
N MET P 178 -15.63 84.21 -35.96
CA MET P 178 -14.52 85.12 -36.16
C MET P 178 -13.88 85.45 -34.84
N ALA P 179 -14.70 85.67 -33.82
CA ALA P 179 -14.14 85.95 -32.51
C ALA P 179 -13.36 84.77 -32.00
N VAL P 180 -13.88 83.56 -32.22
CA VAL P 180 -13.16 82.40 -31.71
C VAL P 180 -11.74 82.42 -32.22
N PHE P 181 -11.58 82.66 -33.52
CA PHE P 181 -10.24 82.66 -34.11
C PHE P 181 -9.42 83.85 -33.63
N ILE P 182 -10.03 85.03 -33.55
CA ILE P 182 -9.27 86.20 -33.13
C ILE P 182 -8.64 85.91 -31.79
N HIS P 183 -9.40 85.32 -30.88
CA HIS P 183 -8.86 85.06 -29.55
C HIS P 183 -7.88 83.91 -29.55
N ASN P 184 -8.07 82.93 -30.44
CA ASN P 184 -7.11 81.84 -30.50
C ASN P 184 -5.73 82.36 -30.87
N PHE P 185 -5.66 83.21 -31.90
CA PHE P 185 -4.37 83.50 -32.51
C PHE P 185 -3.97 84.96 -32.49
N LYS P 186 -4.85 85.87 -32.88
CA LYS P 186 -4.42 87.25 -33.03
C LYS P 186 -4.23 87.94 -31.68
N ARG P 187 -5.12 87.68 -30.72
CA ARG P 187 -5.05 88.32 -29.40
C ARG P 187 -4.05 87.57 -28.55
N LYS P 188 -2.78 87.80 -28.82
CA LYS P 188 -1.71 87.23 -28.01
C LYS P 188 -1.37 88.17 -26.87
N GLY P 189 -1.21 87.60 -25.68
CA GLY P 189 -0.96 88.39 -24.49
C GLY P 189 -0.76 87.48 -23.30
N GLY P 190 -0.30 88.08 -22.22
CA GLY P 190 0.01 87.32 -21.02
C GLY P 190 1.42 86.78 -21.05
N ILE P 191 2.12 86.88 -19.92
CA ILE P 191 3.49 86.40 -19.77
C ILE P 191 4.38 87.10 -20.79
N GLY P 192 4.38 86.62 -22.03
CA GLY P 192 5.22 87.18 -23.06
C GLY P 192 4.50 87.46 -24.36
N GLY P 193 3.22 87.76 -24.28
CA GLY P 193 2.42 88.05 -25.47
C GLY P 193 2.31 86.85 -26.39
N TYR P 194 1.66 85.78 -25.91
CA TYR P 194 1.54 84.55 -26.65
C TYR P 194 0.09 84.28 -27.00
N SER P 195 -0.15 83.78 -28.21
CA SER P 195 -1.49 83.43 -28.63
C SER P 195 -1.95 82.16 -27.94
N ALA P 196 -3.26 81.96 -27.90
CA ALA P 196 -3.79 80.74 -27.33
C ALA P 196 -3.22 79.52 -28.03
N GLY P 197 -2.98 79.65 -29.34
CA GLY P 197 -2.40 78.54 -30.07
C GLY P 197 -1.02 78.18 -29.58
N GLU P 198 -0.18 79.18 -29.33
CA GLU P 198 1.18 78.89 -28.88
C GLU P 198 1.17 78.18 -27.54
N ARG P 199 0.38 78.67 -26.60
CA ARG P 199 0.31 78.04 -25.29
C ARG P 199 -0.27 76.63 -25.39
N ILE P 200 -1.29 76.48 -26.18
CA ILE P 200 -1.81 75.14 -26.39
C ILE P 200 -0.72 74.20 -26.86
N VAL P 201 0.03 74.61 -27.87
CA VAL P 201 0.99 73.69 -28.45
C VAL P 201 2.10 73.40 -27.47
N ASP P 202 2.59 74.44 -26.78
CA ASP P 202 3.64 74.23 -25.78
C ASP P 202 3.16 73.26 -24.70
N ILE P 203 1.93 73.45 -24.23
CA ILE P 203 1.40 72.61 -23.17
C ILE P 203 1.33 71.16 -23.63
N ILE P 204 0.90 70.93 -24.86
CA ILE P 204 0.70 69.53 -25.24
C ILE P 204 2.04 68.85 -25.53
N ALA P 205 3.02 69.59 -26.03
CA ALA P 205 4.36 69.01 -26.17
C ALA P 205 4.96 68.69 -24.80
N THR P 206 4.81 69.62 -23.85
CA THR P 206 5.19 69.33 -22.48
C THR P 206 4.49 68.07 -21.98
N ASP P 207 3.22 67.91 -22.32
CA ASP P 207 2.46 66.76 -21.86
C ASP P 207 3.02 65.46 -22.40
N ILE P 208 3.38 65.41 -23.68
CA ILE P 208 3.91 64.16 -24.22
C ILE P 208 5.29 63.86 -23.65
N GLN P 209 6.13 64.89 -23.51
CA GLN P 209 7.42 64.66 -22.88
C GLN P 209 7.26 64.22 -21.42
N THR P 210 6.20 64.68 -20.75
CA THR P 210 5.98 64.22 -19.38
C THR P 210 5.40 62.81 -19.33
N LYS P 211 4.67 62.37 -20.35
CA LYS P 211 4.33 60.95 -20.41
C LYS P 211 5.59 60.11 -20.52
N GLU P 212 6.53 60.52 -21.37
CA GLU P 212 7.79 59.79 -21.47
C GLU P 212 8.57 59.83 -20.14
N LEU P 213 8.58 61.00 -19.50
CA LEU P 213 9.27 61.15 -18.22
C LEU P 213 8.62 60.29 -17.13
N GLN P 214 7.29 60.19 -17.15
CA GLN P 214 6.60 59.33 -16.19
C GLN P 214 6.93 57.87 -16.44
N ASN P 222 16.62 54.84 -12.95
CA ASN P 222 17.28 53.67 -12.36
C ASN P 222 17.78 53.94 -10.94
N PHE P 223 16.99 54.63 -10.12
CA PHE P 223 17.40 54.89 -8.74
C PHE P 223 16.21 54.83 -7.81
N ARG P 224 16.39 54.10 -6.70
CA ARG P 224 15.41 53.99 -5.64
C ARG P 224 16.07 54.35 -4.32
N VAL P 225 15.26 54.84 -3.39
CA VAL P 225 15.77 55.40 -2.14
C VAL P 225 15.17 54.64 -0.96
N TYR P 226 15.99 54.40 0.05
CA TYR P 226 15.53 53.96 1.37
C TYR P 226 15.51 55.16 2.28
N TYR P 227 14.33 55.74 2.51
CA TYR P 227 14.25 56.90 3.39
C TYR P 227 14.62 56.45 4.79
N ARG P 228 15.60 57.13 5.37
CA ARG P 228 16.17 56.73 6.67
C ARG P 228 15.43 57.47 7.78
N ASP P 229 14.39 56.85 8.31
CA ASP P 229 13.59 57.44 9.37
C ASP P 229 14.37 57.33 10.68
N SER P 230 15.19 58.34 10.97
CA SER P 230 16.01 58.32 12.18
C SER P 230 15.20 58.43 13.46
N ARG P 231 13.93 58.80 13.38
CA ARG P 231 13.12 58.94 14.59
C ARG P 231 12.90 57.60 15.28
N ASP P 232 12.93 56.49 14.54
CA ASP P 232 12.71 55.20 15.17
C ASP P 232 13.97 54.74 15.91
N PRO P 233 15.17 54.68 15.29
CA PRO P 233 15.54 54.90 13.88
C PRO P 233 15.28 53.68 13.01
N VAL P 234 14.92 53.88 11.75
CA VAL P 234 14.59 52.79 10.84
C VAL P 234 14.67 53.34 9.43
N TRP P 235 14.79 52.46 8.45
CA TRP P 235 14.78 52.86 7.05
C TRP P 235 13.54 52.32 6.34
N LYS P 236 13.04 53.12 5.40
CA LYS P 236 11.89 52.73 4.60
C LYS P 236 12.29 51.75 3.51
N GLY P 237 11.29 51.24 2.80
CA GLY P 237 11.49 50.22 1.81
C GLY P 237 11.85 50.80 0.45
N PRO P 238 11.66 49.99 -0.60
CA PRO P 238 12.06 50.44 -1.93
C PRO P 238 11.21 51.59 -2.44
N ALA P 239 11.48 52.79 -1.93
CA ALA P 239 10.80 53.98 -2.42
C ALA P 239 11.34 54.37 -3.79
N LYS P 240 10.48 54.97 -4.60
CA LYS P 240 10.90 55.51 -5.89
C LYS P 240 11.39 56.95 -5.72
N LEU P 241 12.18 57.39 -6.70
CA LEU P 241 12.78 58.72 -6.66
C LEU P 241 12.12 59.57 -7.74
N LEU P 242 11.13 60.35 -7.33
CA LEU P 242 10.40 61.17 -8.29
C LEU P 242 11.20 62.41 -8.69
N TRP P 243 12.10 62.85 -7.81
CA TRP P 243 13.03 63.92 -8.15
C TRP P 243 14.12 63.98 -7.10
N LYS P 244 15.32 64.35 -7.53
CA LYS P 244 16.43 64.63 -6.63
C LYS P 244 16.76 66.10 -6.79
N GLY P 245 16.06 66.96 -6.05
CA GLY P 245 16.30 68.38 -6.07
C GLY P 245 17.62 68.74 -5.42
N GLU P 246 17.71 69.99 -4.97
CA GLU P 246 18.93 70.45 -4.31
C GLU P 246 18.80 70.39 -2.80
N GLY P 247 17.66 70.83 -2.26
CA GLY P 247 17.46 70.83 -0.83
C GLY P 247 16.61 69.70 -0.30
N ALA P 248 16.03 68.92 -1.21
CA ALA P 248 15.13 67.84 -0.81
C ALA P 248 15.02 66.84 -1.95
N VAL P 249 14.51 65.65 -1.63
CA VAL P 249 14.46 64.53 -2.57
C VAL P 249 13.07 63.92 -2.51
N VAL P 250 12.22 64.31 -3.45
CA VAL P 250 10.84 63.84 -3.44
C VAL P 250 10.85 62.34 -3.62
N ILE P 251 9.91 61.65 -2.98
CA ILE P 251 9.74 60.22 -3.15
C ILE P 251 8.25 59.90 -3.13
N GLN P 252 7.91 58.75 -3.69
CA GLN P 252 6.54 58.26 -3.67
C GLN P 252 6.49 56.89 -3.02
N ASP P 253 5.48 56.69 -2.17
CA ASP P 253 5.34 55.50 -1.36
C ASP P 253 3.89 55.07 -1.54
N ASN P 254 3.66 54.12 -2.45
CA ASN P 254 2.30 53.81 -2.87
C ASN P 254 1.60 55.07 -3.37
N SER P 255 0.56 55.51 -2.66
CA SER P 255 -0.22 56.68 -3.05
C SER P 255 0.17 57.94 -2.30
N ASP P 256 1.20 57.89 -1.45
CA ASP P 256 1.64 59.02 -0.67
C ASP P 256 3.03 59.46 -1.13
N ILE P 257 3.22 60.77 -1.22
CA ILE P 257 4.45 61.35 -1.74
C ILE P 257 5.11 62.14 -0.63
N LYS P 258 6.21 61.65 -0.11
CA LYS P 258 6.88 62.24 1.04
C LYS P 258 8.23 62.81 0.63
N VAL P 259 8.40 64.11 0.75
CA VAL P 259 9.62 64.78 0.34
C VAL P 259 10.63 64.59 1.45
N VAL P 260 11.60 63.71 1.24
CA VAL P 260 12.51 63.26 2.28
C VAL P 260 13.69 64.21 2.41
N PRO P 261 14.45 64.15 3.51
CA PRO P 261 15.62 65.04 3.66
C PRO P 261 16.86 64.54 2.94
N ARG P 262 17.53 65.45 2.24
CA ARG P 262 18.52 65.03 1.25
C ARG P 262 19.69 64.29 1.88
N ARG P 263 19.99 64.57 3.14
CA ARG P 263 21.06 63.82 3.80
C ARG P 263 20.56 62.62 4.58
N LYS P 264 19.26 62.32 4.50
CA LYS P 264 18.67 61.15 5.14
C LYS P 264 17.88 60.33 4.14
N ALA P 265 18.47 60.08 2.97
CA ALA P 265 17.84 59.27 1.93
C ALA P 265 18.90 58.38 1.30
N LYS P 266 18.76 57.07 1.49
CA LYS P 266 19.68 56.12 0.89
C LYS P 266 19.48 56.11 -0.62
N ILE P 267 20.53 55.73 -1.35
CA ILE P 267 20.50 55.70 -2.82
C ILE P 267 20.85 54.28 -3.26
N ILE P 268 19.93 53.65 -3.99
CA ILE P 268 20.14 52.34 -4.58
C ILE P 268 20.06 52.47 -6.09
N ARG P 269 21.13 52.06 -6.77
CA ARG P 269 21.17 52.08 -8.22
C ARG P 269 20.63 50.76 -8.78
N ASP P 270 19.68 50.85 -9.70
CA ASP P 270 19.08 49.67 -10.28
C ASP P 270 19.50 49.48 -11.73
#